data_6ZO7
#
_entry.id   6ZO7
#
_cell.length_a   144.732
_cell.length_b   157.683
_cell.length_c   244.044
_cell.angle_alpha   90.000
_cell.angle_beta   90.000
_cell.angle_gamma   90.000
#
_symmetry.space_group_name_H-M   'P 21 21 21'
#
loop_
_entity.id
_entity.type
_entity.pdbx_description
1 polymer 'Multidrug efflux pump subunit AcrB'
2 polymer DARPIN
3 non-polymer DODECYL-BETA-D-MALTOSIDE
4 non-polymer DECANE
5 non-polymer 1,2-ETHANEDIOL
6 non-polymer '(2S,12Z,14E,16S,17S,18R,19R,20R,21S,22R,23S,24E)-8-formyl-5,6,9,17,19-pentahydroxy-23-methoxy-2,4,12,16,18,20,22-heptam ethyl-1,11-dioxo-1,2-dihydro-2,7-(epoxypentadeca[1,11,13]trienoimino)naphtho[2,1-b]furan-21-yl acetate'
7 non-polymer GLYCEROL
8 non-polymer HEXANE
9 non-polymer 'SULFATE ION'
10 non-polymer PHOSPHATIDYLETHANOLAMINE
11 non-polymer DODECANE
12 non-polymer HEXADECANE
13 non-polymer 'CHLORIDE ION'
14 non-polymer DECYLAMINE-N,N-DIMETHYL-N-OXIDE
15 non-polymer 'SODIUM ION'
16 water water
#
loop_
_entity_poly.entity_id
_entity_poly.type
_entity_poly.pdbx_seq_one_letter_code
_entity_poly.pdbx_strand_id
1 'polypeptide(L)'
;MPNFFIDRPIFAWVIAIIIMLAGGLAILKLPVAQYPTIAPPAVTISASYPGADAKTVQDTVTQVIEQNMNGIDNLMYMSS
NSDSTGTVQITLTFESGTDADIAQVQVQNKLQLAMPLLPQEVQQQGVSVEKSSSSFLMVVGVINTDGTMTQEDISDYVAA
NMKDAISRTSGVGDVQLFGSQYAMRIWMNPNELNKFQLTPVDVITAIKAQNAQVAAGQLGGTPPVKGQQLNASIIAQTRL
TSTEEFGKILLKVNQDGSRVLLRDVAKIELGGENYDIIAEFNGQPASGLGIKLATGANALDTAAAIRAELAKMEPFFPSG
LKIVYPYDTTPFVKISIHEVVKTLVEAIILVFLVMYLFLQNFRATLIPTIAVPVVLLGTFAVLAAFGFSINTLTMFGMVL
AIGLLVDDAIVVVENVERVMAEEGLPPKEATRKSMGQIQGALVGIAMVLSAVFVPMAFFGGSTGAIYRQFSITIVSAMAL
SVLVALILTPALCATMLKPIAKGDHGEGKKGFFGWFNRMFEKSTHHYTDSVGGILRSTGRYLVLYLIIVVGMAYLFVRLP
SSFLPDEDQGVFMTMVQLPAGATQERTQKVLNEVTHYYLTKEKNNVESVFAVNGFGFAPRGQNTGIAFVSLKDWADRPGE
ENKVEAITMRATRAFSQIKDAMVFAFNLPAIVELGTATGFDFELIDQAGLGHEKLTQARNQLLAEAAKHPDMLTSVRPNG
LEDTPQFKIDIDQEKAQALGVSINDINTTLGAAWGGSYVNDFIDRGRVKKVYVMSEAKYRMLPDDIGDWYVRAADGQMVP
FSAFSSSRWEYGSPRLERYNGLPSMEILGQAAPGKSTGEAMELMEQLASKLPTGVGYDWTGMSYQERLSGNQAPSLYAIS
LIVVFLCLAALYESWSIPFSVMLVVPLGVIGALLAATFRGLTNDVYFQVGLLTTIGLSAKNAILIVEFAKDLMDKEGKGL
IEATLDAVRMRLRPILMTSLAFILGVMPLVISTGAGSGAQNAVGTGVMGGMVTATVLAIFFVPVFFVVVRRRFSRKNEDI
EHSHTVDHHLEHHHHHH
;
A,B,C
2 'polypeptide(L)'
;MRGSHHHHHHGSDLGKKLLEAARAGRDDEVRILMANGADVNAADVVGWTPLHLAAYWGHLEIVEVLLKNGADVNAYDTLG
STPLHLAAHFGHLEIVEVLLKNGADVNAKDDNGITPLHLAANRGHLEIVEVLLKYGADVNAQDKFGKTAFDISINNGNED
LAEILQKLN
;
D,E
#
loop_
_chem_comp.id
_chem_comp.type
_chem_comp.name
_chem_comp.formula
3YI non-polymer '(2S,12Z,14E,16S,17S,18R,19R,20R,21S,22R,23S,24E)-8-formyl-5,6,9,17,19-pentahydroxy-23-methoxy-2,4,12,16,18,20,22-heptam ethyl-1,11-dioxo-1,2-dihydro-2,7-(epoxypentadeca[1,11,13]trienoimino)naphtho[2,1-b]furan-21-yl acetate' 'C38 H47 N O13'
CL non-polymer 'CHLORIDE ION' 'Cl -1'
D10 non-polymer DECANE 'C10 H22'
D12 non-polymer DODECANE 'C12 H26'
DDQ non-polymer DECYLAMINE-N,N-DIMETHYL-N-OXIDE 'C12 H27 N O'
EDO non-polymer 1,2-ETHANEDIOL 'C2 H6 O2'
GOL non-polymer GLYCEROL 'C3 H8 O3'
HEX non-polymer HEXANE 'C6 H14'
LMT D-saccharide DODECYL-BETA-D-MALTOSIDE 'C24 H46 O11'
NA non-polymer 'SODIUM ION' 'Na 1'
PTY non-polymer PHOSPHATIDYLETHANOLAMINE 'C40 H80 N O8 P'
R16 non-polymer HEXADECANE 'C16 H34'
SO4 non-polymer 'SULFATE ION' 'O4 S -2'
#
# COMPACT_ATOMS: atom_id res chain seq x y z
N MET A 1 -28.02 38.43 -8.75
CA MET A 1 -28.20 37.24 -7.85
C MET A 1 -28.91 37.67 -6.56
N PRO A 2 -28.48 38.75 -5.87
CA PRO A 2 -29.20 39.23 -4.68
C PRO A 2 -30.66 39.61 -5.00
N ASN A 3 -30.89 40.23 -6.17
CA ASN A 3 -32.23 40.66 -6.66
C ASN A 3 -33.09 39.42 -6.93
N PHE A 4 -32.48 38.33 -7.42
CA PHE A 4 -33.14 37.04 -7.73
C PHE A 4 -33.71 36.43 -6.44
N PHE A 5 -32.92 36.42 -5.36
CA PHE A 5 -33.22 35.73 -4.07
C PHE A 5 -34.01 36.64 -3.13
N ILE A 6 -34.05 37.95 -3.40
CA ILE A 6 -34.95 38.93 -2.71
C ILE A 6 -36.41 38.61 -3.11
N ASP A 7 -36.61 38.17 -4.37
CA ASP A 7 -37.94 37.80 -4.93
C ASP A 7 -38.24 36.33 -4.66
N ARG A 8 -37.25 35.55 -4.20
CA ARG A 8 -37.39 34.09 -3.89
C ARG A 8 -36.68 33.78 -2.57
N PRO A 9 -37.27 34.15 -1.41
CA PRO A 9 -36.70 33.82 -0.11
C PRO A 9 -36.65 32.30 0.19
N ILE A 10 -37.67 31.55 -0.24
CA ILE A 10 -37.80 30.08 0.02
C ILE A 10 -36.65 29.36 -0.70
N PHE A 11 -36.31 29.77 -1.93
CA PHE A 11 -35.14 29.27 -2.69
C PHE A 11 -33.88 29.51 -1.86
N ALA A 12 -33.69 30.74 -1.37
CA ALA A 12 -32.53 31.17 -0.55
C ALA A 12 -32.42 30.27 0.69
N TRP A 13 -33.55 29.97 1.34
CA TRP A 13 -33.63 29.07 2.52
C TRP A 13 -33.24 27.65 2.13
N VAL A 14 -33.78 27.13 1.02
CA VAL A 14 -33.52 25.76 0.49
C VAL A 14 -32.01 25.57 0.30
N ILE A 15 -31.33 26.56 -0.30
CA ILE A 15 -29.86 26.56 -0.52
C ILE A 15 -29.15 26.52 0.84
N ALA A 16 -29.56 27.37 1.78
CA ALA A 16 -28.98 27.49 3.14
C ALA A 16 -29.14 26.18 3.91
N ILE A 17 -30.31 25.56 3.83
CA ILE A 17 -30.65 24.27 4.53
C ILE A 17 -29.76 23.15 3.97
N ILE A 18 -29.64 23.05 2.65
CA ILE A 18 -28.84 22.01 1.94
C ILE A 18 -27.36 22.19 2.33
N ILE A 19 -26.88 23.43 2.45
CA ILE A 19 -25.50 23.76 2.92
C ILE A 19 -25.31 23.23 4.35
N MET A 20 -26.26 23.53 5.24
CA MET A 20 -26.25 23.07 6.66
C MET A 20 -26.40 21.54 6.72
N LEU A 21 -27.16 20.96 5.78
CA LEU A 21 -27.37 19.49 5.67
C LEU A 21 -26.04 18.82 5.34
N ALA A 22 -25.36 19.30 4.29
CA ALA A 22 -24.03 18.83 3.83
C ALA A 22 -23.01 18.98 4.95
N GLY A 23 -23.00 20.15 5.61
CA GLY A 23 -22.14 20.46 6.77
C GLY A 23 -22.42 19.53 7.94
N GLY A 24 -23.70 19.32 8.27
CA GLY A 24 -24.16 18.41 9.33
C GLY A 24 -23.69 16.99 9.08
N LEU A 25 -23.90 16.48 7.86
CA LEU A 25 -23.50 15.12 7.43
C LEU A 25 -21.96 14.97 7.54
N ALA A 26 -21.21 15.99 7.13
CA ALA A 26 -19.73 16.03 7.17
C ALA A 26 -19.25 15.81 8.61
N ILE A 27 -19.79 16.58 9.56
CA ILE A 27 -19.45 16.54 11.02
C ILE A 27 -19.52 15.10 11.53
N LEU A 28 -20.52 14.33 11.10
CA LEU A 28 -20.76 12.93 11.56
C LEU A 28 -19.70 11.99 10.96
N LYS A 29 -19.31 12.22 9.70
CA LYS A 29 -18.41 11.32 8.91
C LYS A 29 -16.95 11.80 9.00
N LEU A 30 -16.72 13.10 9.20
CA LEU A 30 -15.36 13.71 9.22
C LEU A 30 -14.51 13.06 10.31
N PRO A 31 -13.21 12.77 10.05
CA PRO A 31 -12.31 12.30 11.09
C PRO A 31 -12.03 13.43 12.11
N VAL A 32 -11.77 13.06 13.36
CA VAL A 32 -11.43 14.02 14.46
C VAL A 32 -10.06 13.64 15.01
N ALA A 33 -9.17 14.64 15.16
CA ALA A 33 -7.80 14.51 15.71
C ALA A 33 -7.42 15.81 16.42
N GLN A 34 -6.25 15.84 17.07
CA GLN A 34 -5.70 17.03 17.77
C GLN A 34 -5.09 17.98 16.73
N TYR A 35 -4.21 17.44 15.88
CA TYR A 35 -3.51 18.16 14.78
C TYR A 35 -3.47 17.28 13.54
N PRO A 36 -3.18 17.82 12.33
CA PRO A 36 -2.93 17.00 11.16
C PRO A 36 -1.68 16.11 11.32
N THR A 37 -1.63 14.99 10.58
CA THR A 37 -0.51 14.00 10.61
C THR A 37 0.72 14.62 9.94
N ILE A 38 1.66 15.14 10.74
CA ILE A 38 2.91 15.79 10.27
C ILE A 38 4.12 14.87 10.56
N ALA A 39 4.04 14.04 11.61
CA ALA A 39 5.09 13.09 12.03
C ALA A 39 5.49 12.20 10.86
N PRO A 40 6.80 12.01 10.60
CA PRO A 40 7.25 11.17 9.50
C PRO A 40 7.07 9.68 9.79
N PRO A 41 6.58 8.87 8.82
CA PRO A 41 6.46 7.42 9.01
C PRO A 41 7.77 6.75 9.46
N ALA A 42 7.66 5.70 10.28
CA ALA A 42 8.78 4.90 10.80
C ALA A 42 8.39 3.41 10.84
N VAL A 43 9.09 2.58 10.05
CA VAL A 43 8.95 1.09 10.06
C VAL A 43 10.03 0.53 10.99
N THR A 44 9.63 -0.26 11.99
CA THR A 44 10.52 -0.84 13.03
C THR A 44 10.60 -2.36 12.84
N ILE A 45 11.82 -2.88 12.63
CA ILE A 45 12.14 -4.34 12.60
C ILE A 45 12.56 -4.76 14.01
N SER A 46 11.78 -5.61 14.67
CA SER A 46 12.04 -6.13 16.04
C SER A 46 12.31 -7.64 15.98
N ALA A 47 13.55 -8.04 16.29
CA ALA A 47 14.00 -9.45 16.40
C ALA A 47 14.45 -9.71 17.85
N SER A 48 14.44 -10.99 18.26
CA SER A 48 14.80 -11.46 19.62
C SER A 48 15.71 -12.68 19.53
N TYR A 49 16.86 -12.65 20.20
CA TYR A 49 17.86 -13.75 20.30
C TYR A 49 17.98 -14.15 21.77
N PRO A 50 17.14 -15.10 22.26
CA PRO A 50 17.12 -15.48 23.67
C PRO A 50 18.51 -15.85 24.22
N GLY A 51 18.94 -15.15 25.29
CA GLY A 51 20.17 -15.45 26.05
C GLY A 51 21.43 -14.88 25.40
N ALA A 52 21.28 -13.96 24.44
CA ALA A 52 22.39 -13.35 23.68
C ALA A 52 22.74 -11.99 24.28
N ASP A 53 24.04 -11.66 24.29
CA ASP A 53 24.57 -10.33 24.71
C ASP A 53 24.41 -9.34 23.56
N ALA A 54 24.59 -8.04 23.83
CA ALA A 54 24.40 -6.91 22.89
C ALA A 54 25.19 -7.16 21.60
N LYS A 55 26.42 -7.68 21.70
CA LYS A 55 27.36 -7.81 20.54
C LYS A 55 26.94 -9.01 19.69
N THR A 56 26.70 -10.18 20.29
CA THR A 56 26.20 -11.40 19.61
C THR A 56 24.97 -11.04 18.77
N VAL A 57 24.03 -10.33 19.38
CA VAL A 57 22.77 -9.82 18.76
C VAL A 57 23.14 -8.94 17.55
N GLN A 58 24.00 -7.94 17.77
CA GLN A 58 24.43 -6.95 16.75
C GLN A 58 25.09 -7.66 15.57
N ASP A 59 26.05 -8.54 15.85
CA ASP A 59 27.00 -9.11 14.86
C ASP A 59 26.33 -10.25 14.07
N THR A 60 25.32 -10.93 14.63
CA THR A 60 24.65 -12.10 14.01
C THR A 60 23.29 -11.72 13.43
N VAL A 61 22.73 -10.56 13.78
CA VAL A 61 21.35 -10.14 13.36
C VAL A 61 21.37 -8.70 12.83
N THR A 62 21.57 -7.71 13.70
CA THR A 62 21.41 -6.26 13.40
C THR A 62 22.17 -5.92 12.11
N GLN A 63 23.49 -6.20 12.09
CA GLN A 63 24.38 -5.91 10.94
C GLN A 63 23.88 -6.65 9.70
N VAL A 64 23.57 -7.95 9.83
CA VAL A 64 23.10 -8.83 8.72
C VAL A 64 21.84 -8.22 8.11
N ILE A 65 20.93 -7.70 8.94
CA ILE A 65 19.65 -7.05 8.50
C ILE A 65 19.98 -5.70 7.85
N GLU A 66 20.75 -4.85 8.54
CA GLU A 66 21.13 -3.47 8.11
C GLU A 66 21.74 -3.50 6.70
N GLN A 67 22.60 -4.50 6.42
CA GLN A 67 23.37 -4.61 5.15
C GLN A 67 22.41 -4.90 3.98
N ASN A 68 21.23 -5.48 4.26
CA ASN A 68 20.21 -5.83 3.23
C ASN A 68 19.27 -4.64 2.98
N MET A 69 19.15 -3.71 3.93
CA MET A 69 18.32 -2.48 3.81
C MET A 69 18.98 -1.55 2.77
N ASN A 70 18.53 -1.63 1.52
CA ASN A 70 19.03 -0.82 0.37
C ASN A 70 17.93 -0.67 -0.67
N GLY A 71 18.00 0.38 -1.49
CA GLY A 71 17.04 0.67 -2.57
C GLY A 71 15.62 0.88 -2.05
N ILE A 72 15.49 1.42 -0.84
CA ILE A 72 14.18 1.72 -0.17
C ILE A 72 13.86 3.21 -0.39
N ASP A 73 12.71 3.50 -0.99
CA ASP A 73 12.31 4.86 -1.43
C ASP A 73 11.99 5.74 -0.21
N ASN A 74 12.34 7.02 -0.28
CA ASN A 74 11.93 8.09 0.67
C ASN A 74 12.48 7.81 2.08
N LEU A 75 13.60 7.09 2.19
CA LEU A 75 14.27 6.80 3.49
C LEU A 75 15.15 7.99 3.88
N MET A 76 14.90 8.58 5.04
CA MET A 76 15.66 9.75 5.58
C MET A 76 16.93 9.24 6.28
N TYR A 77 16.77 8.31 7.22
CA TYR A 77 17.87 7.69 8.00
C TYR A 77 17.39 6.38 8.64
N MET A 78 18.32 5.63 9.22
CA MET A 78 18.09 4.33 9.91
C MET A 78 18.87 4.32 11.23
N SER A 79 18.22 3.89 12.32
CA SER A 79 18.83 3.75 13.67
C SER A 79 18.47 2.38 14.26
N SER A 80 19.45 1.66 14.80
CA SER A 80 19.29 0.31 15.40
C SER A 80 19.83 0.30 16.84
N ASN A 81 19.26 -0.56 17.69
CA ASN A 81 19.69 -0.80 19.10
C ASN A 81 19.80 -2.31 19.34
N SER A 82 21.02 -2.79 19.61
CA SER A 82 21.33 -4.20 19.98
C SER A 82 21.73 -4.25 21.46
N ASP A 83 20.90 -4.87 22.31
CA ASP A 83 21.07 -4.87 23.79
C ASP A 83 21.13 -6.31 24.32
N SER A 84 21.51 -6.47 25.59
CA SER A 84 21.88 -7.75 26.25
C SER A 84 20.65 -8.55 26.67
N THR A 85 19.44 -8.04 26.42
CA THR A 85 18.15 -8.78 26.61
C THR A 85 17.93 -9.73 25.43
N GLY A 86 18.71 -9.58 24.35
CA GLY A 86 18.60 -10.38 23.12
C GLY A 86 17.83 -9.65 22.03
N THR A 87 17.39 -8.41 22.32
CA THR A 87 16.43 -7.63 21.49
C THR A 87 17.20 -6.78 20.46
N VAL A 88 16.75 -6.80 19.21
CA VAL A 88 17.14 -5.85 18.13
C VAL A 88 15.93 -4.95 17.85
N GLN A 89 16.16 -3.67 17.57
CA GLN A 89 15.10 -2.71 17.12
C GLN A 89 15.72 -1.74 16.10
N ILE A 90 15.51 -2.00 14.81
CA ILE A 90 15.97 -1.14 13.67
C ILE A 90 14.77 -0.29 13.22
N THR A 91 14.79 1.01 13.53
CA THR A 91 13.78 2.01 13.09
C THR A 91 14.27 2.68 11.80
N LEU A 92 13.51 2.53 10.71
CA LEU A 92 13.74 3.21 9.41
C LEU A 92 12.72 4.35 9.27
N THR A 93 13.15 5.59 9.42
CA THR A 93 12.31 6.82 9.36
C THR A 93 12.26 7.33 7.91
N PHE A 94 11.04 7.59 7.40
CA PHE A 94 10.76 7.96 5.99
C PHE A 94 10.35 9.44 5.90
N GLU A 95 10.36 9.98 4.68
CA GLU A 95 9.95 11.39 4.36
C GLU A 95 8.45 11.55 4.64
N SER A 96 8.03 12.74 5.06
CA SER A 96 6.61 13.09 5.35
C SER A 96 5.82 13.05 4.03
N GLY A 97 4.81 12.18 3.95
CA GLY A 97 4.01 11.95 2.73
C GLY A 97 4.17 10.53 2.20
N THR A 98 5.21 9.82 2.64
CA THR A 98 5.51 8.42 2.26
C THR A 98 4.34 7.51 2.68
N ASP A 99 3.90 6.64 1.77
CA ASP A 99 2.85 5.61 2.04
C ASP A 99 3.45 4.54 2.96
N ALA A 100 3.02 4.52 4.23
CA ALA A 100 3.53 3.62 5.29
C ALA A 100 3.32 2.16 4.90
N ASP A 101 2.25 1.86 4.15
CA ASP A 101 1.93 0.51 3.62
C ASP A 101 3.07 0.03 2.72
N ILE A 102 3.50 0.87 1.78
CA ILE A 102 4.56 0.56 0.77
C ILE A 102 5.92 0.55 1.47
N ALA A 103 6.15 1.51 2.39
CA ALA A 103 7.38 1.61 3.21
C ALA A 103 7.60 0.29 3.97
N GLN A 104 6.53 -0.27 4.56
CA GLN A 104 6.54 -1.57 5.28
C GLN A 104 6.84 -2.69 4.28
N VAL A 105 6.12 -2.71 3.15
CA VAL A 105 6.25 -3.74 2.07
C VAL A 105 7.69 -3.76 1.57
N GLN A 106 8.29 -2.59 1.34
CA GLN A 106 9.67 -2.44 0.80
C GLN A 106 10.69 -2.91 1.86
N VAL A 107 10.52 -2.47 3.11
CA VAL A 107 11.45 -2.80 4.25
C VAL A 107 11.47 -4.32 4.45
N GLN A 108 10.31 -4.98 4.42
CA GLN A 108 10.17 -6.44 4.67
C GLN A 108 10.73 -7.23 3.47
N ASN A 109 10.54 -6.73 2.25
CA ASN A 109 11.07 -7.35 0.99
C ASN A 109 12.58 -7.55 1.14
N LYS A 110 13.27 -6.60 1.79
CA LYS A 110 14.74 -6.62 2.04
C LYS A 110 15.06 -7.50 3.24
N LEU A 111 14.24 -7.43 4.30
CA LEU A 111 14.39 -8.26 5.53
C LEU A 111 14.32 -9.75 5.15
N GLN A 112 13.42 -10.11 4.22
CA GLN A 112 13.15 -11.51 3.82
C GLN A 112 14.38 -12.10 3.12
N LEU A 113 15.26 -11.25 2.57
CA LEU A 113 16.57 -11.64 1.98
C LEU A 113 17.58 -11.93 3.11
N ALA A 114 17.46 -11.22 4.24
CA ALA A 114 18.35 -11.35 5.43
C ALA A 114 17.88 -12.51 6.32
N MET A 115 16.58 -12.83 6.30
CA MET A 115 15.93 -13.83 7.21
C MET A 115 16.72 -15.14 7.24
N PRO A 116 17.04 -15.76 6.09
CA PRO A 116 17.73 -17.06 6.08
C PRO A 116 19.15 -17.02 6.67
N LEU A 117 19.79 -15.84 6.68
CA LEU A 117 21.17 -15.62 7.19
C LEU A 117 21.15 -15.49 8.72
N LEU A 118 19.98 -15.29 9.32
CA LEU A 118 19.83 -15.11 10.80
C LEU A 118 19.83 -16.46 11.49
N PRO A 119 20.19 -16.53 12.80
CA PRO A 119 20.15 -17.79 13.54
C PRO A 119 18.73 -18.38 13.65
N GLN A 120 18.63 -19.70 13.72
CA GLN A 120 17.34 -20.45 13.77
C GLN A 120 16.57 -20.06 15.03
N GLU A 121 17.29 -19.74 16.12
CA GLU A 121 16.71 -19.31 17.42
C GLU A 121 15.99 -17.97 17.24
N VAL A 122 16.55 -17.07 16.40
CA VAL A 122 16.03 -15.69 16.17
C VAL A 122 14.79 -15.76 15.26
N GLN A 123 14.83 -16.61 14.23
CA GLN A 123 13.72 -16.82 13.27
C GLN A 123 12.51 -17.43 14.01
N GLN A 124 12.76 -18.44 14.85
CA GLN A 124 11.72 -19.20 15.60
C GLN A 124 11.08 -18.31 16.68
N GLN A 125 11.72 -17.20 17.04
CA GLN A 125 11.15 -16.19 17.99
C GLN A 125 10.17 -15.27 17.26
N GLY A 126 10.19 -15.27 15.92
CA GLY A 126 9.32 -14.44 15.07
C GLY A 126 9.83 -13.00 15.00
N VAL A 127 10.34 -12.61 13.83
CA VAL A 127 10.75 -11.21 13.52
C VAL A 127 9.49 -10.45 13.08
N SER A 128 9.31 -9.22 13.56
CA SER A 128 8.12 -8.37 13.30
C SER A 128 8.53 -7.07 12.61
N VAL A 129 7.88 -6.75 11.48
CA VAL A 129 7.97 -5.45 10.76
C VAL A 129 6.70 -4.67 11.05
N GLU A 130 6.79 -3.52 11.73
CA GLU A 130 5.64 -2.72 12.21
C GLU A 130 5.81 -1.25 11.80
N LYS A 131 4.70 -0.60 11.45
CA LYS A 131 4.64 0.81 10.97
C LYS A 131 3.74 1.61 11.91
N SER A 132 4.20 1.83 13.15
CA SER A 132 3.43 2.49 14.24
C SER A 132 4.20 3.71 14.77
N SER A 133 3.53 4.53 15.59
CA SER A 133 4.14 5.62 16.39
C SER A 133 5.05 5.01 17.46
N SER A 134 6.03 5.77 17.94
CA SER A 134 6.99 5.36 18.99
C SER A 134 6.33 5.45 20.37
N SER A 135 5.41 6.41 20.55
CA SER A 135 4.65 6.65 21.81
C SER A 135 3.45 5.70 21.88
N PHE A 136 2.75 5.68 23.03
CA PHE A 136 1.57 4.82 23.31
C PHE A 136 0.28 5.65 23.13
N LEU A 137 -0.61 5.19 22.23
CA LEU A 137 -1.98 5.73 22.05
C LEU A 137 -2.70 5.70 23.40
N MET A 138 -2.74 4.52 24.03
CA MET A 138 -3.37 4.29 25.36
C MET A 138 -2.70 3.08 26.04
N VAL A 139 -3.05 2.84 27.30
CA VAL A 139 -2.71 1.61 28.07
C VAL A 139 -4.00 1.01 28.61
N VAL A 140 -4.29 -0.25 28.26
CA VAL A 140 -5.48 -1.01 28.73
C VAL A 140 -5.04 -1.91 29.90
N GLY A 141 -5.13 -1.40 31.13
CA GLY A 141 -4.79 -2.13 32.36
C GLY A 141 -5.82 -3.20 32.69
N VAL A 142 -5.38 -4.32 33.27
CA VAL A 142 -6.25 -5.45 33.70
C VAL A 142 -5.83 -5.86 35.12
N ILE A 143 -6.76 -5.77 36.08
CA ILE A 143 -6.56 -6.14 37.51
C ILE A 143 -7.61 -7.19 37.90
N ASN A 144 -7.37 -7.91 39.00
CA ASN A 144 -8.34 -8.84 39.63
C ASN A 144 -8.73 -8.27 41.00
N THR A 145 -9.93 -7.69 41.11
CA THR A 145 -10.45 -7.00 42.32
C THR A 145 -10.64 -8.02 43.45
N ASP A 146 -11.08 -9.24 43.14
CA ASP A 146 -11.30 -10.35 44.10
C ASP A 146 -9.95 -10.79 44.69
N GLY A 147 -8.87 -10.72 43.90
CA GLY A 147 -7.53 -11.20 44.27
C GLY A 147 -7.44 -12.71 44.14
N THR A 148 -8.25 -13.30 43.25
CA THR A 148 -8.29 -14.75 42.95
C THR A 148 -7.13 -15.12 42.01
N MET A 149 -6.77 -14.20 41.10
CA MET A 149 -5.70 -14.37 40.08
C MET A 149 -4.49 -13.49 40.45
N THR A 150 -3.28 -14.04 40.28
CA THR A 150 -1.98 -13.36 40.54
C THR A 150 -1.57 -12.53 39.31
N GLN A 151 -0.52 -11.73 39.45
CA GLN A 151 0.06 -10.88 38.37
C GLN A 151 0.39 -11.75 37.14
N GLU A 152 0.89 -12.97 37.38
CA GLU A 152 1.32 -13.93 36.32
C GLU A 152 0.08 -14.54 35.64
N ASP A 153 -0.94 -14.90 36.44
CA ASP A 153 -2.21 -15.49 35.94
C ASP A 153 -2.95 -14.47 35.07
N ILE A 154 -2.96 -13.19 35.47
CA ILE A 154 -3.64 -12.09 34.74
C ILE A 154 -2.94 -11.88 33.39
N SER A 155 -1.62 -11.73 33.40
CA SER A 155 -0.77 -11.53 32.20
C SER A 155 -1.05 -12.63 31.17
N ASP A 156 -1.12 -13.89 31.62
CA ASP A 156 -1.37 -15.08 30.76
C ASP A 156 -2.75 -14.96 30.09
N TYR A 157 -3.77 -14.59 30.86
CA TYR A 157 -5.17 -14.44 30.37
C TYR A 157 -5.23 -13.37 29.28
N VAL A 158 -4.69 -12.18 29.57
CA VAL A 158 -4.65 -11.01 28.62
C VAL A 158 -3.98 -11.46 27.32
N ALA A 159 -2.86 -12.19 27.43
CA ALA A 159 -2.05 -12.68 26.29
C ALA A 159 -2.87 -13.69 25.46
N ALA A 160 -3.62 -14.56 26.14
CA ALA A 160 -4.27 -15.76 25.54
C ALA A 160 -5.69 -15.43 25.07
N ASN A 161 -6.36 -14.45 25.69
CA ASN A 161 -7.83 -14.21 25.53
C ASN A 161 -8.12 -12.81 24.96
N MET A 162 -7.23 -11.83 25.13
CA MET A 162 -7.49 -10.41 24.80
C MET A 162 -6.51 -9.88 23.74
N LYS A 163 -5.19 -10.06 23.96
CA LYS A 163 -4.09 -9.43 23.18
C LYS A 163 -4.32 -9.59 21.67
N ASP A 164 -4.45 -10.83 21.19
CA ASP A 164 -4.50 -11.18 19.74
C ASP A 164 -5.57 -10.34 19.04
N ALA A 165 -6.81 -10.36 19.55
CA ALA A 165 -7.98 -9.65 18.98
C ALA A 165 -7.71 -8.14 18.89
N ILE A 166 -7.01 -7.58 19.88
CA ILE A 166 -6.64 -6.13 19.93
C ILE A 166 -5.57 -5.85 18.87
N SER A 167 -4.63 -6.77 18.69
CA SER A 167 -3.49 -6.66 17.74
C SER A 167 -3.99 -6.70 16.28
N ARG A 168 -5.14 -7.36 16.04
CA ARG A 168 -5.76 -7.49 14.69
C ARG A 168 -6.63 -6.27 14.37
N THR A 169 -7.07 -5.53 15.40
CA THR A 169 -7.91 -4.31 15.27
C THR A 169 -7.20 -3.29 14.37
N SER A 170 -7.90 -2.78 13.35
CA SER A 170 -7.39 -1.78 12.38
C SER A 170 -7.03 -0.49 13.12
N GLY A 171 -5.84 0.07 12.85
CA GLY A 171 -5.30 1.27 13.50
C GLY A 171 -4.26 0.92 14.55
N VAL A 172 -4.33 -0.27 15.13
CA VAL A 172 -3.37 -0.79 16.15
C VAL A 172 -2.08 -1.23 15.44
N GLY A 173 -1.05 -0.37 15.47
CA GLY A 173 0.25 -0.63 14.83
C GLY A 173 1.07 -1.66 15.60
N ASP A 174 1.08 -1.57 16.93
CA ASP A 174 1.87 -2.44 17.83
C ASP A 174 1.16 -2.55 19.18
N VAL A 175 0.98 -3.78 19.68
CA VAL A 175 0.48 -4.09 21.05
C VAL A 175 1.65 -4.65 21.87
N GLN A 176 1.83 -4.14 23.09
CA GLN A 176 2.94 -4.54 24.00
C GLN A 176 2.34 -5.03 25.32
N LEU A 177 2.40 -6.34 25.57
CA LEU A 177 1.89 -6.99 26.80
C LEU A 177 2.77 -6.60 27.99
N PHE A 178 2.18 -5.93 28.99
CA PHE A 178 2.82 -5.59 30.28
C PHE A 178 2.80 -6.83 31.17
N GLY A 179 3.62 -7.82 30.81
CA GLY A 179 3.63 -9.18 31.37
C GLY A 179 4.16 -10.18 30.35
N SER A 180 3.89 -11.47 30.55
CA SER A 180 4.33 -12.57 29.67
C SER A 180 3.30 -13.70 29.65
N GLN A 181 2.94 -14.18 28.46
CA GLN A 181 2.09 -15.39 28.27
C GLN A 181 2.79 -16.59 28.90
N TYR A 182 2.02 -17.55 29.42
CA TYR A 182 2.56 -18.79 30.05
C TYR A 182 3.28 -19.63 28.98
N ALA A 183 4.35 -20.29 29.40
CA ALA A 183 5.07 -21.35 28.65
C ALA A 183 5.24 -22.56 29.59
N MET A 184 5.51 -23.73 29.03
CA MET A 184 5.87 -24.94 29.81
C MET A 184 7.34 -24.80 30.25
N ARG A 185 7.55 -24.24 31.45
CA ARG A 185 8.90 -23.97 32.02
C ARG A 185 9.47 -25.26 32.61
N ILE A 186 10.50 -25.81 31.96
CA ILE A 186 11.27 -26.99 32.47
C ILE A 186 12.51 -26.47 33.19
N TRP A 187 12.40 -26.22 34.50
CA TRP A 187 13.50 -25.70 35.36
C TRP A 187 14.45 -26.85 35.72
N MET A 188 15.56 -26.97 34.98
CA MET A 188 16.53 -28.09 35.08
C MET A 188 17.33 -27.99 36.37
N ASN A 189 17.70 -29.15 36.93
CA ASN A 189 18.59 -29.30 38.11
C ASN A 189 19.88 -29.97 37.65
N PRO A 190 21.05 -29.29 37.72
CA PRO A 190 22.30 -29.85 37.21
C PRO A 190 22.82 -31.02 38.05
N ASN A 191 22.49 -31.04 39.34
CA ASN A 191 22.87 -32.11 40.30
C ASN A 191 22.16 -33.42 39.90
N GLU A 192 20.87 -33.33 39.59
CA GLU A 192 20.00 -34.48 39.21
C GLU A 192 20.32 -34.91 37.76
N LEU A 193 20.70 -33.97 36.90
CA LEU A 193 21.07 -34.24 35.48
C LEU A 193 22.38 -35.03 35.44
N ASN A 194 23.40 -34.58 36.16
CA ASN A 194 24.74 -35.23 36.26
C ASN A 194 24.59 -36.60 36.93
N LYS A 195 23.70 -36.72 37.91
CA LYS A 195 23.45 -37.95 38.71
C LYS A 195 23.08 -39.12 37.78
N PHE A 196 22.13 -38.89 36.85
CA PHE A 196 21.64 -39.90 35.89
C PHE A 196 22.39 -39.78 34.56
N GLN A 197 23.44 -38.97 34.51
CA GLN A 197 24.38 -38.82 33.37
C GLN A 197 23.60 -38.32 32.14
N LEU A 198 22.89 -37.21 32.30
CA LEU A 198 22.08 -36.55 31.23
C LEU A 198 22.48 -35.07 31.17
N THR A 199 22.19 -34.42 30.03
CA THR A 199 22.51 -32.99 29.76
C THR A 199 21.24 -32.26 29.32
N PRO A 200 21.22 -30.91 29.33
CA PRO A 200 20.14 -30.15 28.69
C PRO A 200 19.87 -30.57 27.24
N VAL A 201 20.89 -31.08 26.55
CA VAL A 201 20.81 -31.61 25.16
C VAL A 201 19.82 -32.79 25.14
N ASP A 202 19.97 -33.73 26.09
CA ASP A 202 19.10 -34.92 26.24
C ASP A 202 17.68 -34.49 26.58
N VAL A 203 17.53 -33.51 27.48
CA VAL A 203 16.23 -32.94 27.92
C VAL A 203 15.49 -32.38 26.70
N ILE A 204 16.19 -31.62 25.85
CA ILE A 204 15.63 -30.96 24.63
C ILE A 204 15.27 -32.04 23.60
N THR A 205 16.12 -33.05 23.43
CA THR A 205 15.93 -34.20 22.50
C THR A 205 14.64 -34.94 22.88
N ALA A 206 14.44 -35.21 24.17
CA ALA A 206 13.30 -35.96 24.73
C ALA A 206 11.99 -35.19 24.51
N ILE A 207 11.99 -33.88 24.79
CA ILE A 207 10.77 -33.01 24.72
C ILE A 207 10.28 -32.94 23.26
N LYS A 208 11.17 -32.64 22.31
CA LYS A 208 10.84 -32.56 20.85
C LYS A 208 10.32 -33.92 20.36
N ALA A 209 10.81 -35.01 20.94
CA ALA A 209 10.52 -36.40 20.54
C ALA A 209 9.21 -36.90 21.16
N GLN A 210 8.91 -36.50 22.40
CA GLN A 210 7.76 -37.01 23.20
C GLN A 210 6.61 -35.98 23.23
N ASN A 211 6.91 -34.68 23.21
CA ASN A 211 5.91 -33.59 23.03
C ASN A 211 5.81 -33.27 21.53
N ALA A 212 5.42 -34.27 20.73
CA ALA A 212 5.32 -34.20 19.26
C ALA A 212 3.84 -34.27 18.83
N GLN A 213 3.50 -33.58 17.74
CA GLN A 213 2.18 -33.69 17.04
C GLN A 213 2.42 -34.35 15.69
N VAL A 214 2.07 -35.64 15.58
CA VAL A 214 2.46 -36.53 14.43
C VAL A 214 1.29 -36.61 13.44
N ALA A 215 1.60 -36.45 12.15
CA ALA A 215 0.70 -36.72 11.01
C ALA A 215 0.88 -38.18 10.57
N ALA A 216 0.01 -39.08 11.07
CA ALA A 216 0.16 -40.55 11.00
C ALA A 216 -0.68 -41.14 9.87
N GLY A 217 -1.43 -40.32 9.13
CA GLY A 217 -2.22 -40.74 7.96
C GLY A 217 -3.61 -41.20 8.35
N GLN A 218 -4.17 -42.16 7.61
CA GLN A 218 -5.57 -42.66 7.76
C GLN A 218 -5.63 -44.16 7.49
N LEU A 219 -6.57 -44.86 8.13
CA LEU A 219 -7.01 -46.23 7.76
C LEU A 219 -7.86 -46.12 6.50
N GLY A 220 -7.73 -47.07 5.57
CA GLY A 220 -8.42 -47.06 4.26
C GLY A 220 -8.20 -45.77 3.51
N GLY A 221 -6.98 -45.22 3.58
CA GLY A 221 -6.59 -43.94 2.95
C GLY A 221 -6.49 -44.08 1.43
N THR A 222 -6.34 -42.96 0.72
CA THR A 222 -6.28 -42.90 -0.76
C THR A 222 -4.81 -42.94 -1.20
N PRO A 223 -4.46 -43.67 -2.29
CA PRO A 223 -5.40 -44.53 -3.02
C PRO A 223 -5.69 -45.82 -2.26
N PRO A 224 -6.98 -46.21 -2.08
CA PRO A 224 -7.32 -47.41 -1.31
C PRO A 224 -7.37 -48.67 -2.18
N VAL A 225 -7.43 -49.84 -1.54
CA VAL A 225 -7.69 -51.15 -2.21
C VAL A 225 -9.20 -51.25 -2.48
N LYS A 226 -9.58 -52.00 -3.53
CA LYS A 226 -11.00 -52.25 -3.88
C LYS A 226 -11.64 -53.14 -2.81
N GLY A 227 -12.78 -52.74 -2.27
CA GLY A 227 -13.53 -53.48 -1.24
C GLY A 227 -13.24 -52.96 0.17
N GLN A 228 -12.52 -51.84 0.29
CA GLN A 228 -12.26 -51.15 1.59
C GLN A 228 -13.57 -50.53 2.08
N GLN A 229 -13.98 -50.87 3.30
CA GLN A 229 -15.27 -50.45 3.92
C GLN A 229 -15.03 -49.39 4.99
N LEU A 230 -13.88 -49.44 5.69
CA LEU A 230 -13.52 -48.54 6.81
C LEU A 230 -12.59 -47.43 6.31
N ASN A 231 -12.85 -46.18 6.74
CA ASN A 231 -11.96 -45.01 6.55
C ASN A 231 -11.95 -44.19 7.85
N ALA A 232 -10.82 -44.15 8.55
CA ALA A 232 -10.65 -43.47 9.86
C ALA A 232 -9.26 -42.84 9.93
N SER A 233 -9.19 -41.61 10.46
CA SER A 233 -7.93 -40.87 10.74
C SER A 233 -7.10 -41.65 11.77
N ILE A 234 -5.79 -41.78 11.56
CA ILE A 234 -4.84 -42.39 12.53
C ILE A 234 -4.29 -41.26 13.41
N ILE A 235 -4.49 -41.34 14.72
CA ILE A 235 -4.06 -40.34 15.74
C ILE A 235 -2.93 -40.97 16.58
N ALA A 236 -1.70 -40.48 16.40
CA ALA A 236 -0.50 -40.95 17.13
C ALA A 236 -0.24 -39.98 18.30
N GLN A 237 1.00 -39.49 18.45
CA GLN A 237 1.39 -38.52 19.51
C GLN A 237 0.70 -37.18 19.26
N THR A 238 0.21 -36.54 20.32
CA THR A 238 -0.36 -35.17 20.34
C THR A 238 0.45 -34.31 21.31
N ARG A 239 0.36 -32.98 21.19
CA ARG A 239 1.05 -32.01 22.07
C ARG A 239 0.63 -32.27 23.53
N LEU A 240 1.60 -32.27 24.45
CA LEU A 240 1.35 -32.43 25.91
C LEU A 240 0.66 -31.16 26.42
N THR A 241 -0.35 -31.30 27.29
CA THR A 241 -1.30 -30.21 27.66
C THR A 241 -1.02 -29.69 29.07
N SER A 242 -0.59 -30.56 30.01
CA SER A 242 -0.40 -30.24 31.44
C SER A 242 1.05 -30.54 31.87
N THR A 243 1.46 -29.96 33.01
CA THR A 243 2.81 -30.14 33.62
C THR A 243 3.05 -31.63 33.95
N GLU A 244 1.97 -32.35 34.32
CA GLU A 244 2.03 -33.79 34.67
C GLU A 244 2.55 -34.59 33.47
N GLU A 245 1.97 -34.36 32.28
CA GLU A 245 2.29 -35.10 31.02
C GLU A 245 3.76 -34.89 30.66
N PHE A 246 4.29 -33.68 30.89
CA PHE A 246 5.72 -33.32 30.72
C PHE A 246 6.55 -34.04 31.80
N GLY A 247 6.05 -34.05 33.04
CA GLY A 247 6.67 -34.71 34.20
C GLY A 247 7.02 -36.16 33.92
N LYS A 248 6.13 -36.89 33.23
CA LYS A 248 6.29 -38.34 32.95
C LYS A 248 6.85 -38.55 31.53
N ILE A 249 7.67 -37.61 31.05
CA ILE A 249 8.53 -37.79 29.83
C ILE A 249 9.71 -38.68 30.24
N LEU A 250 9.90 -39.80 29.55
CA LEU A 250 10.97 -40.79 29.83
C LEU A 250 12.27 -40.35 29.17
N LEU A 251 13.28 -39.99 29.96
CA LEU A 251 14.62 -39.53 29.48
C LEU A 251 15.51 -40.75 29.20
N LYS A 252 15.51 -41.74 30.09
CA LYS A 252 16.24 -43.02 29.90
C LYS A 252 15.69 -44.09 30.84
N VAL A 253 15.83 -45.36 30.43
CA VAL A 253 15.63 -46.58 31.28
C VAL A 253 17.01 -47.03 31.76
N ASN A 254 17.25 -47.02 33.08
CA ASN A 254 18.54 -47.43 33.71
C ASN A 254 18.80 -48.93 33.43
N GLN A 255 20.02 -49.38 33.70
CA GLN A 255 20.49 -50.78 33.45
C GLN A 255 19.61 -51.76 34.23
N ASP A 256 19.22 -51.41 35.47
CA ASP A 256 18.43 -52.29 36.38
C ASP A 256 16.96 -52.30 35.96
N GLY A 257 16.51 -51.30 35.19
CA GLY A 257 15.14 -51.22 34.64
C GLY A 257 14.38 -50.01 35.14
N SER A 258 14.92 -49.30 36.16
CA SER A 258 14.32 -48.08 36.76
C SER A 258 14.29 -46.95 35.72
N ARG A 259 13.21 -46.17 35.70
CA ARG A 259 12.95 -45.08 34.72
C ARG A 259 13.41 -43.74 35.30
N VAL A 260 14.08 -42.91 34.49
CA VAL A 260 14.44 -41.50 34.82
C VAL A 260 13.51 -40.58 34.01
N LEU A 261 12.53 -39.97 34.67
CA LEU A 261 11.52 -39.06 34.04
C LEU A 261 12.04 -37.62 34.12
N LEU A 262 11.38 -36.69 33.43
CA LEU A 262 11.78 -35.26 33.32
C LEU A 262 11.63 -34.59 34.70
N ARG A 263 10.62 -34.98 35.47
CA ARG A 263 10.32 -34.40 36.82
C ARG A 263 11.43 -34.77 37.81
N ASP A 264 12.21 -35.82 37.53
CA ASP A 264 13.33 -36.29 38.39
C ASP A 264 14.55 -35.39 38.21
N VAL A 265 14.70 -34.74 37.04
CA VAL A 265 15.89 -33.90 36.69
C VAL A 265 15.50 -32.41 36.56
N ALA A 266 14.20 -32.08 36.66
CA ALA A 266 13.70 -30.70 36.44
C ALA A 266 12.42 -30.45 37.24
N LYS A 267 12.23 -29.20 37.68
CA LYS A 267 10.94 -28.68 38.23
C LYS A 267 10.11 -28.16 37.05
N ILE A 268 8.85 -28.59 36.96
CA ILE A 268 7.95 -28.35 35.79
C ILE A 268 6.73 -27.56 36.27
N GLU A 269 6.58 -26.31 35.81
CA GLU A 269 5.46 -25.41 36.17
C GLU A 269 5.05 -24.57 34.96
N LEU A 270 3.87 -23.96 35.02
CA LEU A 270 3.32 -23.04 33.99
C LEU A 270 3.74 -21.62 34.36
N GLY A 271 4.64 -21.01 33.57
CA GLY A 271 5.24 -19.69 33.86
C GLY A 271 5.54 -18.93 32.59
N GLY A 272 5.73 -17.60 32.71
CA GLY A 272 5.89 -16.67 31.58
C GLY A 272 7.02 -17.05 30.65
N GLU A 273 6.87 -16.76 29.35
CA GLU A 273 7.93 -16.90 28.30
C GLU A 273 9.18 -16.15 28.77
N ASN A 274 8.99 -14.95 29.34
CA ASN A 274 10.03 -14.15 30.03
C ASN A 274 9.50 -13.76 31.42
N TYR A 275 10.40 -13.34 32.32
CA TYR A 275 10.08 -12.87 33.69
C TYR A 275 10.63 -11.45 33.88
N ASP A 276 10.66 -10.67 32.80
CA ASP A 276 11.27 -9.30 32.75
C ASP A 276 10.22 -8.25 33.13
N ILE A 277 9.02 -8.37 32.56
CA ILE A 277 7.94 -7.33 32.63
C ILE A 277 6.98 -7.69 33.79
N ILE A 278 6.94 -6.84 34.83
CA ILE A 278 6.03 -6.94 36.00
C ILE A 278 5.37 -5.58 36.20
N ALA A 279 4.04 -5.52 36.07
CA ALA A 279 3.23 -4.27 36.12
C ALA A 279 2.45 -4.19 37.43
N GLU A 280 2.16 -2.96 37.89
CA GLU A 280 1.33 -2.66 39.08
C GLU A 280 0.43 -1.46 38.78
N PHE A 281 -0.84 -1.52 39.19
CA PHE A 281 -1.85 -0.43 39.05
C PHE A 281 -2.30 0.03 40.44
N ASN A 282 -1.85 1.23 40.86
CA ASN A 282 -2.09 1.81 42.21
C ASN A 282 -1.51 0.86 43.27
N GLY A 283 -0.30 0.33 43.02
CA GLY A 283 0.41 -0.60 43.92
C GLY A 283 -0.28 -1.95 44.05
N GLN A 284 -1.10 -2.33 43.07
CA GLN A 284 -1.88 -3.60 43.05
C GLN A 284 -1.40 -4.44 41.88
N PRO A 285 -1.28 -5.79 42.02
CA PRO A 285 -0.83 -6.64 40.92
C PRO A 285 -1.72 -6.46 39.68
N ALA A 286 -1.11 -6.25 38.52
CA ALA A 286 -1.81 -5.92 37.25
C ALA A 286 -1.00 -6.40 36.04
N SER A 287 -1.68 -6.54 34.91
CA SER A 287 -1.10 -6.65 33.54
C SER A 287 -1.77 -5.60 32.66
N GLY A 288 -1.62 -5.70 31.34
CA GLY A 288 -2.32 -4.81 30.37
C GLY A 288 -1.65 -4.80 29.01
N LEU A 289 -2.16 -3.93 28.12
CA LEU A 289 -1.69 -3.81 26.71
C LEU A 289 -1.29 -2.36 26.44
N GLY A 290 0.00 -2.13 26.18
CA GLY A 290 0.53 -0.86 25.64
C GLY A 290 0.29 -0.77 24.14
N ILE A 291 -0.83 -0.17 23.74
CA ILE A 291 -1.28 -0.06 22.32
C ILE A 291 -0.60 1.17 21.70
N LYS A 292 0.02 1.00 20.52
CA LYS A 292 0.65 2.07 19.72
C LYS A 292 -0.14 2.25 18.41
N LEU A 293 -0.43 3.50 18.05
CA LEU A 293 -1.26 3.87 16.87
C LEU A 293 -0.44 3.66 15.60
N ALA A 294 -1.01 2.95 14.61
CA ALA A 294 -0.42 2.72 13.27
C ALA A 294 -0.25 4.07 12.56
N THR A 295 0.75 4.18 11.68
CA THR A 295 1.10 5.42 10.93
C THR A 295 -0.11 5.85 10.08
N GLY A 296 -0.60 7.07 10.29
CA GLY A 296 -1.70 7.67 9.53
C GLY A 296 -3.06 7.43 10.17
N ALA A 297 -3.20 6.34 10.93
CA ALA A 297 -4.47 5.89 11.56
C ALA A 297 -5.01 7.00 12.49
N ASN A 298 -6.33 7.05 12.65
CA ASN A 298 -7.05 8.06 13.49
C ASN A 298 -7.11 7.54 14.93
N ALA A 299 -6.62 8.34 15.88
CA ALA A 299 -6.50 7.99 17.33
C ALA A 299 -7.89 7.68 17.91
N LEU A 300 -8.83 8.63 17.79
CA LEU A 300 -10.21 8.53 18.34
C LEU A 300 -10.94 7.32 17.73
N ASP A 301 -10.83 7.14 16.41
CA ASP A 301 -11.48 6.02 15.66
C ASP A 301 -10.90 4.68 16.12
N THR A 302 -9.57 4.59 16.26
CA THR A 302 -8.83 3.36 16.68
C THR A 302 -9.19 3.05 18.13
N ALA A 303 -9.14 4.05 19.01
CA ALA A 303 -9.47 3.93 20.46
C ALA A 303 -10.90 3.41 20.63
N ALA A 304 -11.83 3.92 19.83
CA ALA A 304 -13.26 3.53 19.81
C ALA A 304 -13.40 2.04 19.45
N ALA A 305 -12.59 1.57 18.50
CA ALA A 305 -12.58 0.18 17.99
C ALA A 305 -12.01 -0.76 19.05
N ILE A 306 -11.02 -0.31 19.83
CA ILE A 306 -10.38 -1.08 20.93
C ILE A 306 -11.41 -1.30 22.04
N ARG A 307 -12.10 -0.23 22.47
CA ARG A 307 -13.16 -0.26 23.52
C ARG A 307 -14.28 -1.21 23.08
N ALA A 308 -14.66 -1.17 21.80
CA ALA A 308 -15.71 -2.01 21.18
C ALA A 308 -15.31 -3.50 21.25
N GLU A 309 -14.03 -3.80 21.01
CA GLU A 309 -13.47 -5.18 21.01
C GLU A 309 -13.34 -5.68 22.46
N LEU A 310 -12.96 -4.79 23.39
CA LEU A 310 -12.84 -5.10 24.84
C LEU A 310 -14.23 -5.35 25.44
N ALA A 311 -15.25 -4.67 24.91
CA ALA A 311 -16.67 -4.79 25.34
C ALA A 311 -17.19 -6.20 25.03
N LYS A 312 -16.67 -6.84 23.97
CA LYS A 312 -17.04 -8.21 23.52
C LYS A 312 -16.34 -9.26 24.40
N MET A 313 -15.27 -8.88 25.11
CA MET A 313 -14.45 -9.79 25.96
C MET A 313 -14.99 -9.81 27.39
N GLU A 314 -15.33 -8.63 27.94
CA GLU A 314 -15.70 -8.43 29.36
C GLU A 314 -16.69 -9.49 29.85
N PRO A 315 -17.79 -9.77 29.12
CA PRO A 315 -18.78 -10.74 29.58
C PRO A 315 -18.22 -12.13 29.97
N PHE A 316 -17.14 -12.57 29.31
CA PHE A 316 -16.57 -13.94 29.46
C PHE A 316 -15.29 -13.90 30.31
N PHE A 317 -15.08 -12.84 31.11
CA PHE A 317 -13.97 -12.71 32.08
C PHE A 317 -14.16 -13.71 33.22
N PRO A 318 -13.07 -14.21 33.84
CA PRO A 318 -13.18 -14.94 35.11
C PRO A 318 -13.65 -13.99 36.23
N SER A 319 -14.12 -14.55 37.34
CA SER A 319 -14.59 -13.82 38.54
C SER A 319 -13.44 -12.98 39.10
N GLY A 320 -13.63 -11.66 39.23
CA GLY A 320 -12.66 -10.73 39.81
C GLY A 320 -11.99 -9.86 38.76
N LEU A 321 -11.68 -10.44 37.59
CA LEU A 321 -10.95 -9.74 36.49
C LEU A 321 -11.76 -8.53 36.02
N LYS A 322 -11.08 -7.40 35.79
CA LYS A 322 -11.70 -6.08 35.50
C LYS A 322 -10.71 -5.21 34.72
N ILE A 323 -11.20 -4.51 33.70
CA ILE A 323 -10.39 -3.54 32.88
C ILE A 323 -10.30 -2.21 33.63
N VAL A 324 -9.13 -1.56 33.57
CA VAL A 324 -8.88 -0.18 34.07
C VAL A 324 -8.16 0.59 32.97
N TYR A 325 -8.33 1.92 32.93
CA TYR A 325 -7.79 2.82 31.87
C TYR A 325 -6.82 3.82 32.52
N PRO A 326 -5.60 3.39 32.88
CA PRO A 326 -4.65 4.25 33.59
C PRO A 326 -3.90 5.28 32.72
N TYR A 327 -4.02 5.19 31.39
CA TYR A 327 -3.33 6.08 30.42
C TYR A 327 -4.08 6.05 29.08
N ASP A 328 -4.64 7.21 28.69
CA ASP A 328 -5.35 7.41 27.39
C ASP A 328 -5.14 8.86 26.95
N THR A 329 -4.62 9.06 25.74
CA THR A 329 -4.32 10.40 25.16
C THR A 329 -5.54 10.90 24.37
N THR A 330 -6.53 10.04 24.14
CA THR A 330 -7.71 10.33 23.28
C THR A 330 -8.73 11.21 24.01
N PRO A 331 -9.03 11.00 25.32
CA PRO A 331 -10.03 11.81 26.02
C PRO A 331 -9.77 13.32 25.89
N PHE A 332 -8.50 13.74 25.98
CA PHE A 332 -8.07 15.16 25.81
C PHE A 332 -8.53 15.67 24.45
N VAL A 333 -8.29 14.90 23.39
CA VAL A 333 -8.63 15.26 21.98
C VAL A 333 -10.15 15.50 21.90
N LYS A 334 -10.95 14.57 22.45
CA LYS A 334 -12.44 14.64 22.47
C LYS A 334 -12.90 15.90 23.21
N ILE A 335 -12.40 16.10 24.44
CA ILE A 335 -12.85 17.18 25.37
C ILE A 335 -12.35 18.54 24.86
N SER A 336 -11.06 18.65 24.53
CA SER A 336 -10.39 19.89 24.06
C SER A 336 -11.08 20.40 22.78
N ILE A 337 -11.52 19.49 21.90
CA ILE A 337 -12.27 19.81 20.65
C ILE A 337 -13.67 20.30 21.03
N HIS A 338 -14.38 19.56 21.89
CA HIS A 338 -15.76 19.90 22.34
CA HIS A 338 -15.76 19.90 22.34
C HIS A 338 -15.75 21.25 23.08
N GLU A 339 -14.65 21.55 23.79
CA GLU A 339 -14.46 22.84 24.52
C GLU A 339 -14.48 24.00 23.51
N VAL A 340 -13.97 23.77 22.29
CA VAL A 340 -13.97 24.78 21.18
C VAL A 340 -15.36 24.82 20.54
N VAL A 341 -16.07 23.69 20.52
CA VAL A 341 -17.49 23.59 20.02
C VAL A 341 -18.38 24.44 20.95
N LYS A 342 -18.15 24.38 22.26
CA LYS A 342 -18.88 25.16 23.29
C LYS A 342 -18.71 26.66 23.00
N THR A 343 -17.48 27.11 22.73
CA THR A 343 -17.11 28.54 22.50
C THR A 343 -17.70 29.02 21.17
N LEU A 344 -17.94 28.10 20.22
CA LEU A 344 -18.63 28.40 18.93
C LEU A 344 -20.10 28.73 19.20
N VAL A 345 -20.76 27.95 20.06
CA VAL A 345 -22.20 28.13 20.44
C VAL A 345 -22.33 29.34 21.36
N GLU A 346 -21.37 29.54 22.27
CA GLU A 346 -21.32 30.69 23.21
C GLU A 346 -21.10 31.99 22.43
N ALA A 347 -20.28 31.95 21.38
CA ALA A 347 -19.97 33.11 20.50
C ALA A 347 -21.25 33.57 19.78
N ILE A 348 -21.98 32.64 19.16
CA ILE A 348 -23.23 32.90 18.39
C ILE A 348 -24.28 33.51 19.33
N ILE A 349 -24.32 33.06 20.59
CA ILE A 349 -25.23 33.59 21.65
C ILE A 349 -24.82 35.04 21.97
N LEU A 350 -23.53 35.27 22.25
CA LEU A 350 -22.98 36.60 22.60
C LEU A 350 -23.05 37.54 21.39
N VAL A 351 -23.05 36.99 20.17
CA VAL A 351 -23.28 37.75 18.90
C VAL A 351 -24.75 38.22 18.90
N PHE A 352 -25.69 37.28 19.09
CA PHE A 352 -27.15 37.53 19.12
C PHE A 352 -27.48 38.66 20.10
N LEU A 353 -26.86 38.65 21.28
CA LEU A 353 -27.08 39.65 22.36
C LEU A 353 -26.61 41.04 21.90
N VAL A 354 -25.38 41.13 21.36
CA VAL A 354 -24.77 42.42 20.90
C VAL A 354 -25.53 42.89 19.65
N MET A 355 -26.00 41.97 18.81
CA MET A 355 -26.82 42.28 17.60
C MET A 355 -28.18 42.85 18.04
N TYR A 356 -28.76 42.33 19.12
CA TYR A 356 -30.07 42.76 19.67
C TYR A 356 -29.96 44.17 20.26
N LEU A 357 -28.77 44.57 20.73
CA LEU A 357 -28.51 45.89 21.36
C LEU A 357 -28.64 47.01 20.30
N PHE A 358 -28.17 46.75 19.08
CA PHE A 358 -28.04 47.77 18.00
C PHE A 358 -29.30 47.76 17.10
N LEU A 359 -29.75 46.57 16.68
CA LEU A 359 -30.92 46.40 15.78
C LEU A 359 -32.22 46.57 16.60
N GLN A 360 -32.24 46.05 17.83
CA GLN A 360 -33.35 46.23 18.81
C GLN A 360 -34.65 45.62 18.27
N ASN A 361 -34.53 44.51 17.54
CA ASN A 361 -35.68 43.73 16.98
C ASN A 361 -35.22 42.28 16.83
N PHE A 362 -35.93 41.34 17.47
CA PHE A 362 -35.59 39.90 17.59
C PHE A 362 -35.43 39.27 16.19
N ARG A 363 -36.27 39.66 15.22
CA ARG A 363 -36.26 39.11 13.83
C ARG A 363 -35.01 39.59 13.08
N ALA A 364 -34.72 40.89 13.11
CA ALA A 364 -33.55 41.53 12.48
C ALA A 364 -32.26 40.99 13.09
N THR A 365 -32.30 40.64 14.39
CA THR A 365 -31.18 40.12 15.20
C THR A 365 -30.81 38.70 14.75
N LEU A 366 -31.77 37.95 14.19
CA LEU A 366 -31.58 36.53 13.76
C LEU A 366 -30.77 36.49 12.45
N ILE A 367 -30.86 37.53 11.60
CA ILE A 367 -30.26 37.53 10.23
C ILE A 367 -28.77 37.24 10.33
N PRO A 368 -27.98 37.99 11.13
CA PRO A 368 -26.57 37.67 11.34
C PRO A 368 -26.36 36.36 12.11
N THR A 369 -27.21 36.10 13.11
CA THR A 369 -27.16 34.90 14.00
C THR A 369 -27.44 33.63 13.19
N ILE A 370 -28.18 33.75 12.08
CA ILE A 370 -28.51 32.63 11.14
C ILE A 370 -27.34 32.43 10.17
N ALA A 371 -26.77 33.53 9.66
CA ALA A 371 -25.70 33.55 8.62
C ALA A 371 -24.49 32.74 9.08
N VAL A 372 -24.11 32.84 10.36
CA VAL A 372 -22.85 32.25 10.91
C VAL A 372 -22.95 30.72 10.91
N PRO A 373 -23.95 30.10 11.59
CA PRO A 373 -24.15 28.66 11.52
C PRO A 373 -24.14 28.09 10.09
N VAL A 374 -24.84 28.75 9.16
CA VAL A 374 -24.99 28.31 7.74
C VAL A 374 -23.60 28.21 7.08
N VAL A 375 -22.77 29.25 7.24
CA VAL A 375 -21.41 29.34 6.62
C VAL A 375 -20.48 28.34 7.32
N LEU A 376 -20.44 28.34 8.65
CA LEU A 376 -19.57 27.46 9.47
C LEU A 376 -19.84 25.99 9.12
N LEU A 377 -21.10 25.55 9.20
CA LEU A 377 -21.55 24.19 8.78
C LEU A 377 -21.09 23.95 7.34
N GLY A 378 -21.35 24.90 6.44
CA GLY A 378 -20.90 24.87 5.04
C GLY A 378 -19.40 24.64 4.93
N THR A 379 -18.61 25.31 5.79
CA THR A 379 -17.13 25.25 5.81
C THR A 379 -16.68 23.82 6.13
N PHE A 380 -17.35 23.13 7.06
CA PHE A 380 -17.10 21.71 7.44
C PHE A 380 -17.25 20.82 6.20
N ALA A 381 -18.26 21.12 5.36
CA ALA A 381 -18.54 20.38 4.10
C ALA A 381 -17.40 20.61 3.10
N VAL A 382 -16.80 21.80 3.09
CA VAL A 382 -15.65 22.17 2.19
C VAL A 382 -14.40 21.43 2.66
N LEU A 383 -14.18 21.33 3.99
CA LEU A 383 -13.04 20.60 4.60
C LEU A 383 -13.10 19.12 4.17
N ALA A 384 -14.28 18.51 4.31
CA ALA A 384 -14.56 17.10 3.96
C ALA A 384 -14.24 16.86 2.48
N ALA A 385 -14.64 17.80 1.60
CA ALA A 385 -14.39 17.76 0.14
C ALA A 385 -12.89 17.86 -0.14
N PHE A 386 -12.18 18.72 0.59
CA PHE A 386 -10.72 18.99 0.43
C PHE A 386 -9.90 17.90 1.13
N GLY A 387 -10.55 17.04 1.93
CA GLY A 387 -9.92 15.87 2.59
C GLY A 387 -9.32 16.22 3.93
N PHE A 388 -9.66 17.39 4.49
CA PHE A 388 -9.20 17.88 5.81
C PHE A 388 -10.05 17.24 6.92
N SER A 389 -9.60 17.32 8.16
CA SER A 389 -10.25 16.71 9.36
C SER A 389 -10.62 17.80 10.37
N ILE A 390 -11.55 17.48 11.27
CA ILE A 390 -11.93 18.35 12.43
C ILE A 390 -10.84 18.22 13.49
N ASN A 391 -10.01 19.24 13.65
CA ASN A 391 -8.89 19.26 14.62
C ASN A 391 -8.79 20.65 15.27
N THR A 392 -7.93 20.78 16.29
CA THR A 392 -7.73 22.02 17.10
C THR A 392 -7.64 23.23 16.17
N LEU A 393 -6.83 23.14 15.11
CA LEU A 393 -6.46 24.28 14.23
C LEU A 393 -7.64 24.66 13.33
N THR A 394 -8.32 23.66 12.75
CA THR A 394 -9.54 23.83 11.92
C THR A 394 -10.69 24.34 12.78
N MET A 395 -10.81 23.83 14.02
CA MET A 395 -11.89 24.21 14.98
C MET A 395 -11.67 25.64 15.49
N PHE A 396 -10.42 26.09 15.60
CA PHE A 396 -10.05 27.48 15.96
C PHE A 396 -10.23 28.39 14.73
N GLY A 397 -9.94 27.85 13.54
CA GLY A 397 -10.23 28.51 12.25
C GLY A 397 -11.69 28.92 12.15
N MET A 398 -12.60 28.05 12.60
CA MET A 398 -14.07 28.29 12.63
C MET A 398 -14.36 29.48 13.55
N VAL A 399 -13.73 29.52 14.73
CA VAL A 399 -13.94 30.56 15.77
C VAL A 399 -13.44 31.91 15.24
N LEU A 400 -12.22 31.94 14.69
CA LEU A 400 -11.60 33.16 14.10
C LEU A 400 -12.44 33.63 12.91
N ALA A 401 -12.94 32.68 12.11
CA ALA A 401 -13.77 32.95 10.90
C ALA A 401 -15.05 33.72 11.28
N ILE A 402 -15.67 33.38 12.42
CA ILE A 402 -16.94 33.99 12.93
C ILE A 402 -16.86 35.51 12.76
N GLY A 403 -15.74 36.13 13.16
CA GLY A 403 -15.50 37.57 13.03
C GLY A 403 -15.68 38.05 11.60
N LEU A 404 -15.17 37.29 10.63
CA LEU A 404 -15.27 37.59 9.17
C LEU A 404 -16.70 37.35 8.67
N LEU A 405 -17.42 36.39 9.29
CA LEU A 405 -18.78 35.96 8.86
C LEU A 405 -19.82 37.03 9.24
N VAL A 406 -19.84 37.45 10.51
CA VAL A 406 -20.83 38.45 11.04
C VAL A 406 -20.58 39.82 10.41
N ASP A 407 -19.33 40.15 10.08
CA ASP A 407 -18.97 41.43 9.42
C ASP A 407 -19.67 41.50 8.06
N ASP A 408 -19.63 40.42 7.28
CA ASP A 408 -20.35 40.28 5.98
C ASP A 408 -21.86 40.46 6.22
N ALA A 409 -22.40 39.87 7.29
CA ALA A 409 -23.82 39.95 7.68
C ALA A 409 -24.15 41.38 8.15
N ILE A 410 -23.42 41.88 9.17
CA ILE A 410 -23.58 43.24 9.75
C ILE A 410 -23.55 44.29 8.62
N VAL A 411 -22.51 44.26 7.79
CA VAL A 411 -22.31 45.23 6.66
C VAL A 411 -23.56 45.23 5.77
N VAL A 412 -24.12 44.05 5.47
CA VAL A 412 -25.31 43.88 4.60
C VAL A 412 -26.55 44.41 5.33
N VAL A 413 -26.80 43.93 6.55
CA VAL A 413 -28.02 44.22 7.36
C VAL A 413 -28.03 45.70 7.75
N GLU A 414 -26.95 46.18 8.39
CA GLU A 414 -26.81 47.58 8.90
C GLU A 414 -27.03 48.57 7.75
N ASN A 415 -26.42 48.31 6.59
CA ASN A 415 -26.47 49.21 5.40
C ASN A 415 -27.91 49.33 4.90
N VAL A 416 -28.71 48.26 5.00
CA VAL A 416 -30.16 48.24 4.65
C VAL A 416 -30.91 49.11 5.67
N GLU A 417 -30.61 48.94 6.97
CA GLU A 417 -31.21 49.71 8.08
C GLU A 417 -30.93 51.20 7.89
N ARG A 418 -29.70 51.54 7.50
CA ARG A 418 -29.24 52.93 7.24
C ARG A 418 -30.06 53.53 6.09
N VAL A 419 -30.13 52.83 4.95
CA VAL A 419 -30.87 53.25 3.73
C VAL A 419 -32.34 53.52 4.08
N MET A 420 -32.96 52.65 4.88
CA MET A 420 -34.39 52.74 5.29
C MET A 420 -34.61 53.96 6.20
N ALA A 421 -33.56 54.47 6.84
CA ALA A 421 -33.62 55.55 7.86
C ALA A 421 -33.43 56.92 7.22
N GLU A 422 -32.58 57.05 6.19
CA GLU A 422 -32.22 58.35 5.56
C GLU A 422 -32.90 58.52 4.20
N GLU A 423 -33.65 57.51 3.72
CA GLU A 423 -34.42 57.57 2.45
C GLU A 423 -35.89 57.20 2.70
N GLY A 424 -36.15 56.20 3.55
CA GLY A 424 -37.51 55.80 3.95
C GLY A 424 -38.13 54.81 2.97
N LEU A 425 -37.31 53.93 2.38
CA LEU A 425 -37.74 52.89 1.41
C LEU A 425 -38.26 51.69 2.17
N PRO A 426 -39.16 50.86 1.59
CA PRO A 426 -39.58 49.61 2.22
C PRO A 426 -38.44 48.59 2.26
N PRO A 427 -38.49 47.57 3.15
CA PRO A 427 -37.42 46.58 3.27
C PRO A 427 -36.95 45.97 1.94
N LYS A 428 -37.88 45.68 1.03
CA LYS A 428 -37.60 44.96 -0.24
C LYS A 428 -36.73 45.85 -1.15
N GLU A 429 -37.15 47.09 -1.40
CA GLU A 429 -36.45 48.07 -2.28
C GLU A 429 -35.17 48.56 -1.60
N ALA A 430 -35.21 48.75 -0.28
CA ALA A 430 -34.07 49.18 0.56
C ALA A 430 -32.89 48.21 0.35
N THR A 431 -33.16 46.90 0.38
CA THR A 431 -32.17 45.81 0.20
C THR A 431 -31.58 45.87 -1.22
N ARG A 432 -32.44 45.95 -2.23
CA ARG A 432 -32.04 45.98 -3.67
C ARG A 432 -31.01 47.09 -3.89
N LYS A 433 -31.27 48.29 -3.35
CA LYS A 433 -30.37 49.47 -3.42
C LYS A 433 -29.13 49.21 -2.54
N SER A 434 -29.34 48.89 -1.26
CA SER A 434 -28.29 48.66 -0.23
C SER A 434 -27.26 47.64 -0.74
N MET A 435 -27.72 46.52 -1.31
CA MET A 435 -26.87 45.48 -1.92
C MET A 435 -26.11 46.10 -3.12
N GLY A 436 -26.82 46.83 -3.98
CA GLY A 436 -26.33 47.40 -5.25
C GLY A 436 -25.04 48.20 -5.10
N GLN A 437 -24.72 48.69 -3.89
CA GLN A 437 -23.53 49.55 -3.63
C GLN A 437 -22.42 48.76 -2.95
N ILE A 438 -22.77 47.80 -2.08
CA ILE A 438 -21.78 46.99 -1.29
C ILE A 438 -21.68 45.56 -1.86
N GLN A 439 -22.37 45.28 -2.97
CA GLN A 439 -22.34 43.94 -3.65
C GLN A 439 -20.93 43.67 -4.18
N GLY A 440 -20.36 44.63 -4.92
CA GLY A 440 -19.04 44.54 -5.54
C GLY A 440 -17.91 44.61 -4.52
N ALA A 441 -18.11 45.38 -3.44
CA ALA A 441 -17.12 45.59 -2.36
C ALA A 441 -16.87 44.27 -1.61
N LEU A 442 -17.94 43.58 -1.22
CA LEU A 442 -17.89 42.26 -0.52
C LEU A 442 -17.04 41.27 -1.32
N VAL A 443 -17.38 41.09 -2.61
CA VAL A 443 -16.69 40.17 -3.56
C VAL A 443 -15.21 40.57 -3.64
N GLY A 444 -14.94 41.86 -3.81
CA GLY A 444 -13.58 42.43 -3.90
C GLY A 444 -12.77 42.21 -2.63
N ILE A 445 -13.38 42.51 -1.47
CA ILE A 445 -12.76 42.38 -0.12
C ILE A 445 -12.29 40.93 0.08
N ALA A 446 -13.14 39.96 -0.22
CA ALA A 446 -12.89 38.50 -0.05
C ALA A 446 -11.57 38.11 -0.74
N MET A 447 -11.29 38.70 -1.91
CA MET A 447 -10.05 38.42 -2.70
C MET A 447 -8.85 39.14 -2.07
N VAL A 448 -9.07 40.31 -1.46
CA VAL A 448 -8.01 41.09 -0.73
C VAL A 448 -7.64 40.31 0.54
N LEU A 449 -8.64 39.81 1.27
CA LEU A 449 -8.45 39.00 2.50
C LEU A 449 -7.83 37.65 2.14
N SER A 450 -8.22 37.07 1.00
CA SER A 450 -7.64 35.82 0.44
C SER A 450 -6.11 35.95 0.37
N ALA A 451 -5.62 37.12 -0.04
CA ALA A 451 -4.17 37.44 -0.19
C ALA A 451 -3.49 37.58 1.18
N VAL A 452 -4.25 37.52 2.27
CA VAL A 452 -3.72 37.59 3.68
C VAL A 452 -3.56 36.15 4.21
N PHE A 453 -4.55 35.28 3.98
CA PHE A 453 -4.67 33.94 4.62
C PHE A 453 -4.11 32.84 3.70
N VAL A 454 -4.17 33.00 2.38
CA VAL A 454 -3.71 31.98 1.39
C VAL A 454 -2.18 31.82 1.47
N PRO A 455 -1.38 32.92 1.44
CA PRO A 455 0.08 32.80 1.42
C PRO A 455 0.69 31.88 2.50
N MET A 456 0.12 31.84 3.70
CA MET A 456 0.60 31.00 4.83
C MET A 456 0.11 29.56 4.69
N ALA A 457 -0.51 29.21 3.56
CA ALA A 457 -0.88 27.82 3.18
C ALA A 457 0.27 27.18 2.37
N PHE A 458 1.34 27.95 2.09
CA PHE A 458 2.51 27.52 1.28
C PHE A 458 3.78 27.58 2.13
N PHE A 459 3.68 27.29 3.43
CA PHE A 459 4.82 27.24 4.38
C PHE A 459 5.54 25.89 4.25
N GLY A 460 6.82 25.85 4.63
CA GLY A 460 7.73 24.72 4.38
C GLY A 460 7.54 23.58 5.38
N GLY A 461 7.50 22.34 4.87
CA GLY A 461 7.60 21.10 5.66
C GLY A 461 6.41 20.87 6.58
N SER A 462 6.67 20.22 7.72
CA SER A 462 5.67 19.77 8.72
C SER A 462 4.97 20.97 9.38
N THR A 463 5.72 22.03 9.70
CA THR A 463 5.22 23.25 10.37
C THR A 463 4.21 23.97 9.48
N GLY A 464 4.36 23.86 8.15
CA GLY A 464 3.48 24.48 7.15
C GLY A 464 2.11 23.81 7.07
N ALA A 465 2.04 22.51 7.39
CA ALA A 465 0.80 21.70 7.41
C ALA A 465 -0.16 22.24 8.48
N ILE A 466 0.38 22.74 9.60
CA ILE A 466 -0.40 23.35 10.72
C ILE A 466 -1.07 24.63 10.23
N TYR A 467 -0.29 25.53 9.61
CA TYR A 467 -0.74 26.85 9.09
C TYR A 467 -1.78 26.64 7.98
N ARG A 468 -1.60 25.62 7.14
CA ARG A 468 -2.48 25.33 5.97
C ARG A 468 -3.88 24.97 6.46
N GLN A 469 -4.01 24.34 7.64
CA GLN A 469 -5.32 23.96 8.24
C GLN A 469 -6.16 25.22 8.47
N PHE A 470 -5.54 26.29 8.99
CA PHE A 470 -6.19 27.61 9.26
C PHE A 470 -6.58 28.27 7.94
N SER A 471 -5.60 28.48 7.05
CA SER A 471 -5.76 29.14 5.73
C SER A 471 -7.00 28.62 5.01
N ILE A 472 -7.05 27.31 4.75
CA ILE A 472 -8.09 26.62 3.94
C ILE A 472 -9.44 26.74 4.64
N THR A 473 -9.46 26.71 5.98
CA THR A 473 -10.69 26.83 6.82
C THR A 473 -11.21 28.26 6.76
N ILE A 474 -10.34 29.26 7.01
CA ILE A 474 -10.69 30.71 7.07
C ILE A 474 -11.13 31.18 5.67
N VAL A 475 -10.42 30.76 4.62
CA VAL A 475 -10.67 31.18 3.20
C VAL A 475 -11.96 30.54 2.70
N SER A 476 -12.19 29.25 2.99
CA SER A 476 -13.43 28.50 2.64
C SER A 476 -14.65 29.17 3.26
N ALA A 477 -14.51 29.66 4.51
CA ALA A 477 -15.56 30.35 5.29
C ALA A 477 -15.90 31.69 4.62
N MET A 478 -14.89 32.50 4.30
CA MET A 478 -15.03 33.82 3.63
C MET A 478 -15.74 33.66 2.28
N ALA A 479 -15.36 32.63 1.51
CA ALA A 479 -15.93 32.30 0.18
C ALA A 479 -17.42 32.01 0.32
N LEU A 480 -17.81 31.19 1.29
CA LEU A 480 -19.23 30.83 1.58
C LEU A 480 -19.97 32.03 2.18
N SER A 481 -19.29 32.84 3.00
CA SER A 481 -19.85 34.06 3.64
C SER A 481 -20.34 35.03 2.56
N VAL A 482 -19.52 35.27 1.54
CA VAL A 482 -19.86 36.09 0.33
C VAL A 482 -21.07 35.46 -0.35
N LEU A 483 -20.99 34.17 -0.69
CA LEU A 483 -22.05 33.39 -1.38
C LEU A 483 -23.36 33.49 -0.59
N VAL A 484 -23.29 33.39 0.75
CA VAL A 484 -24.46 33.47 1.67
C VAL A 484 -24.95 34.92 1.74
N ALA A 485 -24.03 35.89 1.71
CA ALA A 485 -24.32 37.34 1.78
C ALA A 485 -24.83 37.87 0.44
N LEU A 486 -24.74 37.06 -0.64
CA LEU A 486 -25.26 37.39 -1.99
C LEU A 486 -26.61 36.69 -2.24
N ILE A 487 -27.00 35.76 -1.36
CA ILE A 487 -28.19 34.86 -1.57
C ILE A 487 -29.17 35.02 -0.40
N LEU A 488 -28.80 34.56 0.79
CA LEU A 488 -29.70 34.44 1.97
C LEU A 488 -29.85 35.80 2.66
N THR A 489 -28.73 36.38 3.12
CA THR A 489 -28.70 37.64 3.92
C THR A 489 -29.55 38.72 3.24
N PRO A 490 -29.45 38.93 1.90
CA PRO A 490 -30.36 39.82 1.20
C PRO A 490 -31.84 39.38 1.29
N ALA A 491 -32.11 38.10 1.08
CA ALA A 491 -33.47 37.49 1.10
C ALA A 491 -34.12 37.71 2.46
N LEU A 492 -33.35 37.57 3.55
CA LEU A 492 -33.83 37.75 4.95
C LEU A 492 -34.05 39.24 5.22
N CYS A 493 -33.17 40.11 4.71
CA CYS A 493 -33.26 41.59 4.81
C CYS A 493 -34.54 42.10 4.15
N ALA A 494 -34.98 41.45 3.07
CA ALA A 494 -36.18 41.82 2.29
C ALA A 494 -37.46 41.42 3.05
N THR A 495 -37.41 40.31 3.80
CA THR A 495 -38.59 39.67 4.43
C THR A 495 -38.63 39.94 5.94
N MET A 496 -37.55 39.60 6.65
CA MET A 496 -37.51 39.55 8.15
C MET A 496 -37.41 40.95 8.73
N LEU A 497 -36.69 41.87 8.07
CA LEU A 497 -36.50 43.28 8.55
C LEU A 497 -37.85 44.00 8.57
N LYS A 498 -38.15 44.68 9.67
CA LYS A 498 -39.38 45.49 9.88
C LYS A 498 -39.17 46.87 9.24
N PRO A 499 -40.17 47.43 8.51
CA PRO A 499 -40.02 48.75 7.89
C PRO A 499 -39.66 49.86 8.87
N ILE A 500 -38.85 50.84 8.42
CA ILE A 500 -38.41 52.04 9.20
C ILE A 500 -38.73 53.28 8.37
N ALA A 501 -39.40 54.27 8.97
CA ALA A 501 -39.75 55.58 8.37
C ALA A 501 -38.51 56.47 8.32
N LYS A 502 -38.51 57.45 7.41
CA LYS A 502 -37.36 58.38 7.19
C LYS A 502 -37.12 59.21 8.46
N GLY A 503 -35.85 59.42 8.82
CA GLY A 503 -35.41 60.28 9.94
C GLY A 503 -35.52 59.58 11.30
N ASP A 504 -35.98 58.33 11.32
CA ASP A 504 -36.20 57.53 12.56
C ASP A 504 -34.93 56.72 12.85
N HIS A 505 -34.17 57.14 13.87
CA HIS A 505 -32.97 56.42 14.40
C HIS A 505 -33.30 55.79 15.76
N GLY A 506 -34.57 55.45 15.99
CA GLY A 506 -35.07 54.78 17.20
C GLY A 506 -34.85 55.59 18.46
N GLU A 507 -34.84 56.93 18.34
CA GLU A 507 -34.62 57.88 19.48
C GLU A 507 -35.88 57.90 20.37
N GLY A 508 -37.06 57.97 19.75
CA GLY A 508 -38.37 57.94 20.45
C GLY A 508 -38.78 56.52 20.82
N LYS A 509 -38.21 56.01 21.91
CA LYS A 509 -38.47 54.64 22.46
C LYS A 509 -38.36 54.68 23.99
N LYS A 510 -39.47 54.48 24.70
CA LYS A 510 -39.52 54.50 26.19
C LYS A 510 -39.07 53.12 26.71
N GLY A 511 -37.84 53.04 27.22
CA GLY A 511 -37.20 51.82 27.73
C GLY A 511 -35.70 52.02 27.92
N PHE A 512 -34.90 50.97 27.68
CA PHE A 512 -33.42 51.00 27.69
C PHE A 512 -32.90 51.43 26.32
N PHE A 513 -33.61 51.05 25.25
CA PHE A 513 -33.20 51.24 23.84
C PHE A 513 -33.17 52.73 23.48
N GLY A 514 -34.24 53.47 23.82
CA GLY A 514 -34.36 54.92 23.54
C GLY A 514 -33.11 55.67 23.96
N TRP A 515 -32.73 55.55 25.23
CA TRP A 515 -31.52 56.18 25.84
C TRP A 515 -30.28 55.78 25.05
N PHE A 516 -30.11 54.49 24.76
CA PHE A 516 -28.97 53.91 23.99
C PHE A 516 -28.87 54.58 22.62
N ASN A 517 -30.02 54.73 21.94
CA ASN A 517 -30.12 55.28 20.56
C ASN A 517 -29.78 56.78 20.59
N ARG A 518 -30.37 57.54 21.52
CA ARG A 518 -30.12 58.99 21.70
C ARG A 518 -28.66 59.22 22.10
N MET A 519 -28.06 58.27 22.83
CA MET A 519 -26.63 58.31 23.26
C MET A 519 -25.73 58.05 22.04
N PHE A 520 -26.07 57.07 21.20
CA PHE A 520 -25.29 56.67 20.00
C PHE A 520 -25.34 57.79 18.95
N GLU A 521 -26.53 58.38 18.75
CA GLU A 521 -26.76 59.50 17.81
C GLU A 521 -25.90 60.71 18.22
N LYS A 522 -25.79 60.97 19.54
CA LYS A 522 -24.95 62.05 20.10
C LYS A 522 -23.47 61.66 19.99
N SER A 523 -23.13 60.40 20.29
CA SER A 523 -21.77 59.82 20.19
C SER A 523 -21.27 59.91 18.75
N THR A 524 -22.16 59.67 17.78
CA THR A 524 -21.91 59.80 16.32
C THR A 524 -21.54 61.26 16.00
N HIS A 525 -22.28 62.22 16.57
CA HIS A 525 -22.08 63.68 16.38
C HIS A 525 -20.75 64.12 17.01
N HIS A 526 -20.41 63.57 18.18
CA HIS A 526 -19.11 63.82 18.88
C HIS A 526 -17.96 63.30 18.01
N TYR A 527 -18.12 62.09 17.44
CA TYR A 527 -17.11 61.38 16.62
C TYR A 527 -16.81 62.19 15.35
N THR A 528 -17.83 62.64 14.63
CA THR A 528 -17.73 63.45 13.39
C THR A 528 -16.98 64.76 13.69
N ASP A 529 -17.38 65.46 14.75
CA ASP A 529 -16.76 66.73 15.21
C ASP A 529 -15.30 66.47 15.61
N SER A 530 -15.04 65.35 16.28
CA SER A 530 -13.70 64.91 16.75
C SER A 530 -12.78 64.66 15.53
N VAL A 531 -13.23 63.83 14.59
CA VAL A 531 -12.50 63.49 13.33
C VAL A 531 -12.26 64.78 12.53
N GLY A 532 -13.26 65.66 12.46
CA GLY A 532 -13.17 66.99 11.83
C GLY A 532 -11.96 67.76 12.33
N GLY A 533 -11.81 67.86 13.66
CA GLY A 533 -10.68 68.53 14.33
C GLY A 533 -9.35 67.86 14.05
N ILE A 534 -9.34 66.53 13.91
CA ILE A 534 -8.12 65.71 13.60
C ILE A 534 -7.68 66.01 12.17
N LEU A 535 -8.63 66.25 11.26
CA LEU A 535 -8.36 66.46 9.80
C LEU A 535 -7.81 67.88 9.54
N ARG A 536 -7.90 68.79 10.53
CA ARG A 536 -7.26 70.13 10.45
C ARG A 536 -5.79 70.02 10.87
N SER A 537 -5.50 69.31 11.96
CA SER A 537 -4.13 69.11 12.51
C SER A 537 -3.36 68.10 11.64
N THR A 538 -3.78 66.83 11.63
CA THR A 538 -3.23 65.70 10.83
C THR A 538 -1.74 65.48 11.12
N GLY A 539 -0.89 66.45 10.76
CA GLY A 539 0.58 66.38 10.85
C GLY A 539 1.08 65.63 12.07
N ARG A 540 0.50 65.88 13.25
CA ARG A 540 0.98 65.36 14.56
C ARG A 540 0.36 63.99 14.88
N TYR A 541 -0.65 63.56 14.11
CA TYR A 541 -1.26 62.20 14.21
C TYR A 541 -0.43 61.21 13.40
N LEU A 542 0.29 61.70 12.38
CA LEU A 542 1.29 60.92 11.61
C LEU A 542 2.54 60.74 12.47
N VAL A 543 2.84 61.72 13.33
CA VAL A 543 3.90 61.66 14.38
C VAL A 543 3.46 60.62 15.43
N LEU A 544 2.20 60.67 15.85
CA LEU A 544 1.59 59.72 16.81
C LEU A 544 1.55 58.31 16.20
N TYR A 545 1.34 58.22 14.88
CA TYR A 545 1.32 56.95 14.12
C TYR A 545 2.73 56.34 14.09
N LEU A 546 3.73 57.14 13.74
CA LEU A 546 5.16 56.74 13.74
C LEU A 546 5.56 56.20 15.12
N ILE A 547 5.03 56.80 16.19
CA ILE A 547 5.25 56.38 17.60
C ILE A 547 4.66 54.98 17.82
N ILE A 548 3.45 54.74 17.30
CA ILE A 548 2.72 53.43 17.41
C ILE A 548 3.53 52.34 16.70
N VAL A 549 4.10 52.65 15.53
CA VAL A 549 4.90 51.69 14.71
C VAL A 549 6.20 51.36 15.46
N VAL A 550 6.84 52.37 16.06
CA VAL A 550 8.06 52.21 16.91
C VAL A 550 7.71 51.34 18.12
N GLY A 551 6.57 51.63 18.77
CA GLY A 551 6.04 50.86 19.91
C GLY A 551 5.78 49.41 19.54
N MET A 552 5.13 49.18 18.39
CA MET A 552 4.85 47.84 17.83
C MET A 552 6.19 47.09 17.63
N ALA A 553 7.08 47.67 16.84
CA ALA A 553 8.41 47.11 16.48
C ALA A 553 9.20 46.74 17.74
N TYR A 554 9.10 47.56 18.79
CA TYR A 554 9.78 47.34 20.09
C TYR A 554 9.19 46.09 20.77
N LEU A 555 7.87 46.08 21.00
CA LEU A 555 7.12 44.97 21.65
C LEU A 555 7.31 43.67 20.86
N PHE A 556 7.38 43.77 19.52
CA PHE A 556 7.48 42.64 18.57
C PHE A 556 8.76 41.84 18.84
N VAL A 557 9.91 42.51 18.84
CA VAL A 557 11.26 41.89 19.01
C VAL A 557 11.44 41.48 20.49
N ARG A 558 10.87 42.26 21.42
CA ARG A 558 10.95 42.03 22.89
C ARG A 558 10.23 40.71 23.24
N LEU A 559 9.06 40.46 22.63
CA LEU A 559 8.20 39.28 22.91
C LEU A 559 8.88 38.01 22.42
N PRO A 560 9.01 36.97 23.28
CA PRO A 560 9.50 35.65 22.83
C PRO A 560 8.56 35.00 21.79
N SER A 561 9.02 33.93 21.13
CA SER A 561 8.28 33.20 20.08
C SER A 561 8.43 31.68 20.28
N SER A 562 7.32 30.96 20.42
CA SER A 562 7.23 29.48 20.46
C SER A 562 6.46 29.00 19.22
N PHE A 563 6.18 27.70 19.11
CA PHE A 563 5.45 27.08 17.98
C PHE A 563 4.00 26.76 18.40
N LEU A 564 3.83 25.70 19.22
CA LEU A 564 2.51 25.28 19.76
C LEU A 564 2.62 25.13 21.28
N PRO A 565 1.85 25.92 22.06
CA PRO A 565 1.84 25.80 23.52
C PRO A 565 1.74 24.36 24.04
N ASP A 566 2.54 24.04 25.07
CA ASP A 566 2.48 22.75 25.81
C ASP A 566 1.14 22.68 26.57
N GLU A 567 0.33 21.66 26.28
CA GLU A 567 -1.03 21.48 26.87
C GLU A 567 -0.98 20.42 27.97
N ASP A 568 -1.73 20.65 29.05
CA ASP A 568 -2.08 19.61 30.05
C ASP A 568 -3.12 18.68 29.39
N GLN A 569 -2.73 17.42 29.12
CA GLN A 569 -3.56 16.44 28.38
C GLN A 569 -4.10 15.37 29.34
N GLY A 570 -4.08 15.67 30.65
CA GLY A 570 -4.65 14.81 31.71
C GLY A 570 -3.82 13.55 31.95
N VAL A 571 -2.66 13.44 31.30
CA VAL A 571 -1.75 12.26 31.40
C VAL A 571 -0.29 12.74 31.23
N PHE A 572 0.65 12.00 31.81
CA PHE A 572 2.11 12.18 31.65
C PHE A 572 2.81 10.88 32.04
N MET A 573 4.08 10.71 31.63
CA MET A 573 4.88 9.49 31.88
C MET A 573 6.09 9.84 32.76
N THR A 574 6.60 8.84 33.48
CA THR A 574 7.83 8.92 34.32
C THR A 574 8.76 7.78 33.92
N MET A 575 9.96 8.10 33.43
CA MET A 575 10.98 7.13 32.96
C MET A 575 11.97 6.88 34.10
N VAL A 576 12.14 5.61 34.51
CA VAL A 576 13.12 5.15 35.53
C VAL A 576 14.23 4.38 34.81
N GLN A 577 15.47 4.88 34.87
CA GLN A 577 16.66 4.25 34.23
C GLN A 577 17.79 4.15 35.25
N LEU A 578 18.04 2.93 35.75
CA LEU A 578 19.17 2.61 36.65
C LEU A 578 20.39 2.23 35.81
N PRO A 579 21.62 2.25 36.36
CA PRO A 579 22.80 1.80 35.63
C PRO A 579 22.69 0.30 35.32
N ALA A 580 22.94 -0.11 34.08
CA ALA A 580 22.92 -1.53 33.63
C ALA A 580 23.80 -2.35 34.58
N GLY A 581 23.35 -3.57 34.89
CA GLY A 581 23.89 -4.39 36.00
C GLY A 581 23.02 -4.30 37.23
N ALA A 582 22.23 -3.22 37.34
CA ALA A 582 21.18 -3.03 38.37
C ALA A 582 20.11 -4.12 38.20
N THR A 583 19.55 -4.61 39.31
CA THR A 583 18.67 -5.80 39.38
C THR A 583 17.20 -5.37 39.27
N GLN A 584 16.32 -6.34 38.98
CA GLN A 584 14.84 -6.20 38.95
C GLN A 584 14.34 -5.68 40.29
N GLU A 585 14.96 -6.14 41.39
CA GLU A 585 14.58 -5.81 42.79
C GLU A 585 14.84 -4.32 43.08
N ARG A 586 15.96 -3.78 42.58
CA ARG A 586 16.36 -2.36 42.79
C ARG A 586 15.48 -1.43 41.94
N THR A 587 15.21 -1.81 40.68
CA THR A 587 14.33 -1.06 39.74
C THR A 587 12.92 -0.99 40.34
N GLN A 588 12.45 -2.09 40.95
CA GLN A 588 11.12 -2.18 41.61
C GLN A 588 11.09 -1.24 42.82
N LYS A 589 12.20 -1.16 43.58
CA LYS A 589 12.34 -0.27 44.76
C LYS A 589 12.20 1.20 44.32
N VAL A 590 12.81 1.56 43.19
CA VAL A 590 12.78 2.94 42.62
C VAL A 590 11.38 3.24 42.11
N LEU A 591 10.75 2.27 41.41
CA LEU A 591 9.36 2.35 40.90
C LEU A 591 8.39 2.54 42.08
N ASN A 592 8.65 1.86 43.21
CA ASN A 592 7.84 1.94 44.45
C ASN A 592 7.88 3.38 44.99
N GLU A 593 9.08 3.99 45.05
CA GLU A 593 9.29 5.39 45.50
C GLU A 593 8.54 6.34 44.56
N VAL A 594 8.65 6.12 43.24
CA VAL A 594 7.98 6.93 42.18
C VAL A 594 6.46 6.81 42.35
N THR A 595 5.95 5.57 42.41
CA THR A 595 4.51 5.24 42.64
C THR A 595 4.05 5.90 43.95
N HIS A 596 4.84 5.79 45.02
CA HIS A 596 4.53 6.30 46.38
C HIS A 596 4.29 7.81 46.34
N TYR A 597 5.18 8.56 45.70
CA TYR A 597 5.12 10.04 45.57
C TYR A 597 3.74 10.46 45.05
N TYR A 598 3.29 9.85 43.95
CA TYR A 598 2.05 10.21 43.21
C TYR A 598 0.80 9.86 44.03
N LEU A 599 0.88 8.80 44.85
CA LEU A 599 -0.28 8.29 45.64
C LEU A 599 -0.38 9.00 47.00
N THR A 600 0.66 9.72 47.42
CA THR A 600 0.77 10.37 48.77
C THR A 600 0.91 11.89 48.63
N LYS A 601 1.92 12.37 47.90
CA LYS A 601 2.22 13.82 47.74
C LYS A 601 1.21 14.45 46.77
N GLU A 602 0.87 13.75 45.67
CA GLU A 602 0.03 14.28 44.57
C GLU A 602 -1.28 13.49 44.48
N LYS A 603 -1.84 13.06 45.62
CA LYS A 603 -3.10 12.27 45.70
C LYS A 603 -4.29 13.13 45.25
N ASN A 604 -4.20 14.45 45.41
CA ASN A 604 -5.24 15.43 44.98
C ASN A 604 -5.30 15.48 43.45
N ASN A 605 -4.15 15.43 42.77
CA ASN A 605 -4.02 15.65 41.30
C ASN A 605 -4.02 14.30 40.56
N VAL A 606 -3.22 13.33 41.03
CA VAL A 606 -3.04 12.01 40.37
C VAL A 606 -4.27 11.13 40.65
N GLU A 607 -4.82 10.52 39.60
CA GLU A 607 -5.98 9.58 39.66
C GLU A 607 -5.46 8.16 39.84
N SER A 608 -4.54 7.72 38.99
CA SER A 608 -3.96 6.35 38.97
C SER A 608 -2.50 6.38 38.50
N VAL A 609 -1.72 5.37 38.90
CA VAL A 609 -0.31 5.12 38.46
C VAL A 609 -0.22 3.67 37.97
N PHE A 610 0.07 3.46 36.68
CA PHE A 610 0.40 2.14 36.09
C PHE A 610 1.92 2.06 35.88
N ALA A 611 2.62 1.44 36.83
CA ALA A 611 4.09 1.25 36.82
C ALA A 611 4.41 -0.11 36.20
N VAL A 612 5.45 -0.16 35.35
CA VAL A 612 5.94 -1.40 34.67
C VAL A 612 7.45 -1.52 34.93
N ASN A 613 7.85 -2.64 35.55
CA ASN A 613 9.27 -2.97 35.84
C ASN A 613 9.84 -3.75 34.65
N GLY A 614 11.08 -3.44 34.26
CA GLY A 614 11.78 -4.05 33.11
C GLY A 614 11.12 -3.67 31.80
N PHE A 615 10.84 -2.37 31.61
CA PHE A 615 10.15 -1.82 30.41
C PHE A 615 10.35 -0.31 30.32
N GLY A 616 10.56 0.19 29.10
CA GLY A 616 10.55 1.63 28.74
C GLY A 616 9.45 1.91 27.75
N PHE A 617 9.74 1.77 26.46
CA PHE A 617 8.76 1.83 25.33
C PHE A 617 8.65 0.48 24.62
N ALA A 618 9.65 -0.40 24.81
CA ALA A 618 9.67 -1.80 24.34
C ALA A 618 10.11 -2.71 25.49
N PRO A 619 10.03 -4.05 25.36
CA PRO A 619 10.52 -4.96 26.40
C PRO A 619 12.03 -4.77 26.64
N ARG A 620 12.39 -3.96 27.64
CA ARG A 620 13.78 -3.59 27.99
C ARG A 620 14.27 -4.53 29.10
N GLY A 621 15.46 -4.27 29.67
CA GLY A 621 16.17 -5.17 30.61
C GLY A 621 15.64 -5.08 32.03
N GLN A 622 16.54 -5.19 33.02
CA GLN A 622 16.22 -5.20 34.48
C GLN A 622 16.39 -3.79 35.07
N ASN A 623 17.26 -2.97 34.48
CA ASN A 623 17.76 -1.68 35.05
C ASN A 623 16.88 -0.52 34.60
N THR A 624 15.64 -0.79 34.16
CA THR A 624 14.76 0.20 33.49
C THR A 624 13.29 -0.06 33.86
N GLY A 625 12.53 1.02 34.06
CA GLY A 625 11.09 0.99 34.37
C GLY A 625 10.40 2.25 33.88
N ILE A 626 9.07 2.21 33.81
CA ILE A 626 8.21 3.36 33.39
C ILE A 626 6.95 3.37 34.25
N ALA A 627 6.42 4.57 34.55
CA ALA A 627 5.17 4.79 35.32
C ALA A 627 4.24 5.69 34.52
N PHE A 628 3.15 5.11 33.99
CA PHE A 628 2.05 5.84 33.30
C PHE A 628 1.16 6.48 34.38
N VAL A 629 1.09 7.82 34.39
CA VAL A 629 0.34 8.62 35.39
C VAL A 629 -0.79 9.37 34.66
N SER A 630 -2.04 9.11 35.05
CA SER A 630 -3.25 9.86 34.60
C SER A 630 -3.79 10.67 35.79
N LEU A 631 -4.11 11.94 35.57
CA LEU A 631 -4.56 12.90 36.62
C LEU A 631 -6.08 12.85 36.73
N LYS A 632 -6.63 13.52 37.75
CA LYS A 632 -8.09 13.77 37.91
C LYS A 632 -8.50 14.81 36.86
N ASP A 633 -9.81 15.08 36.74
CA ASP A 633 -10.36 16.04 35.74
C ASP A 633 -9.74 17.43 36.00
N TRP A 634 -9.63 18.23 34.94
CA TRP A 634 -9.04 19.59 34.94
C TRP A 634 -9.79 20.50 35.94
N ALA A 635 -11.10 20.28 36.08
CA ALA A 635 -11.98 21.00 37.04
C ALA A 635 -11.54 20.73 38.47
N ASP A 636 -11.12 19.49 38.78
CA ASP A 636 -10.68 19.05 40.13
C ASP A 636 -9.24 19.49 40.41
N ARG A 637 -8.57 20.10 39.42
CA ARG A 637 -7.16 20.56 39.51
C ARG A 637 -7.06 22.04 39.16
N PRO A 638 -7.55 22.94 40.04
CA PRO A 638 -7.47 24.38 39.79
C PRO A 638 -6.07 24.96 40.04
N GLY A 639 -5.73 26.04 39.33
CA GLY A 639 -4.44 26.76 39.47
C GLY A 639 -3.37 26.18 38.57
N GLU A 640 -2.32 26.95 38.30
CA GLU A 640 -1.19 26.58 37.40
C GLU A 640 -0.36 25.46 38.06
N GLU A 641 -0.29 25.44 39.39
CA GLU A 641 0.59 24.52 40.18
C GLU A 641 0.00 23.10 40.16
N ASN A 642 -1.29 22.93 39.84
CA ASN A 642 -1.99 21.62 39.77
C ASN A 642 -2.06 21.13 38.32
N LYS A 643 -1.35 21.79 37.39
CA LYS A 643 -1.25 21.36 35.96
C LYS A 643 0.08 20.61 35.77
N VAL A 644 0.14 19.77 34.73
CA VAL A 644 1.22 18.75 34.50
C VAL A 644 2.60 19.42 34.57
N GLU A 645 2.74 20.62 33.99
CA GLU A 645 4.01 21.40 33.95
C GLU A 645 4.63 21.45 35.35
N ALA A 646 3.87 21.91 36.35
CA ALA A 646 4.33 22.10 37.75
C ALA A 646 4.45 20.75 38.47
N ILE A 647 3.51 19.83 38.22
CA ILE A 647 3.47 18.47 38.84
C ILE A 647 4.76 17.71 38.48
N THR A 648 5.15 17.76 37.21
CA THR A 648 6.35 17.07 36.66
C THR A 648 7.62 17.77 37.15
N MET A 649 7.63 19.11 37.13
CA MET A 649 8.73 19.96 37.67
C MET A 649 8.99 19.56 39.13
N ARG A 650 7.93 19.48 39.94
CA ARG A 650 7.97 19.08 41.37
C ARG A 650 8.47 17.63 41.50
N ALA A 651 7.88 16.72 40.72
CA ALA A 651 8.15 15.26 40.76
C ALA A 651 9.62 14.98 40.42
N THR A 652 10.10 15.52 39.28
CA THR A 652 11.49 15.35 38.78
C THR A 652 12.49 15.91 39.81
N ARG A 653 12.12 17.00 40.49
CA ARG A 653 12.94 17.66 41.55
C ARG A 653 13.01 16.74 42.78
N ALA A 654 11.93 16.00 43.07
CA ALA A 654 11.82 15.06 44.21
C ALA A 654 12.61 13.78 43.92
N PHE A 655 12.52 13.26 42.69
CA PHE A 655 13.15 11.98 42.26
C PHE A 655 14.66 12.16 42.04
N SER A 656 15.14 13.41 41.97
CA SER A 656 16.58 13.77 41.93
C SER A 656 17.26 13.29 43.22
N GLN A 657 16.49 13.14 44.31
CA GLN A 657 16.95 12.61 45.62
C GLN A 657 16.82 11.08 45.65
N ILE A 658 17.35 10.39 44.63
CA ILE A 658 17.37 8.90 44.53
C ILE A 658 18.79 8.46 44.13
N LYS A 659 19.26 7.37 44.73
CA LYS A 659 20.63 6.80 44.49
C LYS A 659 20.60 5.85 43.30
N ASP A 660 21.64 5.91 42.46
CA ASP A 660 21.93 4.98 41.34
C ASP A 660 20.65 4.79 40.50
N ALA A 661 20.03 5.89 40.06
CA ALA A 661 18.82 5.90 39.22
C ALA A 661 18.60 7.30 38.63
N MET A 662 18.32 7.36 37.33
CA MET A 662 17.93 8.59 36.59
C MET A 662 16.43 8.54 36.33
N VAL A 663 15.64 9.26 37.14
CA VAL A 663 14.14 9.26 37.12
C VAL A 663 13.67 10.63 36.61
N PHE A 664 13.01 10.64 35.46
CA PHE A 664 12.48 11.87 34.79
C PHE A 664 10.97 11.73 34.58
N ALA A 665 10.20 12.70 35.08
CA ALA A 665 8.77 12.92 34.77
C ALA A 665 8.64 14.17 33.89
N PHE A 666 7.99 14.04 32.72
CA PHE A 666 7.86 15.12 31.71
C PHE A 666 6.52 15.01 30.97
N ASN A 667 6.03 16.16 30.51
CA ASN A 667 4.78 16.32 29.71
C ASN A 667 5.11 16.02 28.24
N LEU A 668 4.18 15.38 27.52
CA LEU A 668 4.31 15.08 26.06
C LEU A 668 4.09 16.37 25.28
N PRO A 669 5.03 16.78 24.39
CA PRO A 669 4.87 18.02 23.61
C PRO A 669 3.73 17.92 22.58
N ALA A 670 3.30 19.07 22.05
CA ALA A 670 2.22 19.21 21.05
C ALA A 670 2.36 18.12 19.98
N ILE A 671 3.55 18.02 19.37
CA ILE A 671 3.96 16.92 18.46
C ILE A 671 5.25 16.30 19.02
N VAL A 672 5.19 15.01 19.38
CA VAL A 672 6.31 14.24 20.00
C VAL A 672 7.46 14.12 18.98
N GLU A 673 7.11 13.98 17.69
CA GLU A 673 8.07 13.69 16.58
C GLU A 673 8.68 14.99 16.04
N LEU A 674 8.28 16.16 16.58
CA LEU A 674 8.86 17.49 16.26
C LEU A 674 9.94 17.84 17.30
N GLY A 675 9.85 17.26 18.49
CA GLY A 675 10.86 17.39 19.57
C GLY A 675 10.54 18.54 20.51
N THR A 676 11.53 18.97 21.29
CA THR A 676 11.45 20.10 22.26
C THR A 676 11.96 21.38 21.61
N ALA A 677 11.74 22.53 22.25
CA ALA A 677 12.01 23.89 21.71
C ALA A 677 13.51 24.09 21.47
N THR A 678 14.32 24.00 22.54
CA THR A 678 15.79 24.25 22.53
C THR A 678 16.56 22.96 22.18
N GLY A 679 15.94 21.80 22.42
CA GLY A 679 16.60 20.47 22.31
C GLY A 679 17.17 20.21 20.93
N PHE A 680 18.29 19.47 20.86
CA PHE A 680 18.92 18.95 19.62
C PHE A 680 19.24 17.46 19.81
N ASP A 681 19.31 16.71 18.71
CA ASP A 681 19.55 15.24 18.70
C ASP A 681 20.80 14.95 17.85
N PHE A 682 21.95 14.79 18.50
CA PHE A 682 23.29 14.59 17.88
C PHE A 682 23.63 13.09 17.89
N GLU A 683 24.26 12.61 16.81
CA GLU A 683 24.70 11.20 16.64
C GLU A 683 26.20 11.18 16.33
N LEU A 684 27.01 10.71 17.29
CA LEU A 684 28.48 10.48 17.12
C LEU A 684 28.68 9.15 16.39
N ILE A 685 29.41 9.16 15.27
CA ILE A 685 29.52 8.01 14.31
C ILE A 685 30.96 7.47 14.33
N ASP A 686 31.10 6.14 14.28
CA ASP A 686 32.38 5.42 14.06
C ASP A 686 32.56 5.20 12.55
N GLN A 687 33.44 5.98 11.92
CA GLN A 687 33.57 6.10 10.44
C GLN A 687 34.69 5.17 9.91
N ALA A 688 35.68 4.84 10.73
CA ALA A 688 36.94 4.14 10.33
C ALA A 688 37.05 2.77 11.00
N GLY A 689 35.97 2.27 11.60
CA GLY A 689 35.93 0.97 12.29
C GLY A 689 36.85 0.94 13.51
N LEU A 690 36.81 2.00 14.32
CA LEU A 690 37.67 2.19 15.52
C LEU A 690 37.32 1.15 16.60
N GLY A 691 36.04 0.81 16.73
CA GLY A 691 35.51 -0.08 17.78
C GLY A 691 34.69 0.69 18.81
N HIS A 692 34.10 -0.01 19.78
CA HIS A 692 33.21 0.57 20.82
C HIS A 692 34.03 1.36 21.84
N GLU A 693 35.15 0.79 22.31
CA GLU A 693 36.02 1.36 23.37
C GLU A 693 36.56 2.71 22.92
N LYS A 694 37.01 2.81 21.67
CA LYS A 694 37.56 4.06 21.05
C LYS A 694 36.43 5.10 20.91
N LEU A 695 35.25 4.67 20.43
CA LEU A 695 34.07 5.55 20.22
C LEU A 695 33.60 6.10 21.57
N THR A 696 33.71 5.32 22.65
CA THR A 696 33.38 5.73 24.03
C THR A 696 34.31 6.88 24.45
N GLN A 697 35.63 6.70 24.26
CA GLN A 697 36.67 7.72 24.58
C GLN A 697 36.34 9.02 23.85
N ALA A 698 36.00 8.94 22.57
CA ALA A 698 35.63 10.07 21.69
C ALA A 698 34.39 10.78 22.25
N ARG A 699 33.39 10.00 22.69
CA ARG A 699 32.12 10.50 23.26
C ARG A 699 32.40 11.21 24.58
N ASN A 700 33.12 10.55 25.50
CA ASN A 700 33.49 11.06 26.85
C ASN A 700 34.21 12.40 26.71
N GLN A 701 35.15 12.50 25.75
CA GLN A 701 35.92 13.72 25.42
C GLN A 701 34.95 14.83 24.99
N LEU A 702 34.06 14.54 24.04
CA LEU A 702 33.07 15.51 23.48
C LEU A 702 32.18 16.05 24.59
N LEU A 703 31.66 15.17 25.46
CA LEU A 703 30.78 15.51 26.61
C LEU A 703 31.49 16.50 27.54
N ALA A 704 32.79 16.28 27.79
CA ALA A 704 33.64 17.10 28.68
C ALA A 704 33.80 18.51 28.07
N GLU A 705 34.05 18.60 26.76
CA GLU A 705 34.25 19.88 26.02
C GLU A 705 32.94 20.68 26.02
N ALA A 706 31.80 19.99 25.92
CA ALA A 706 30.43 20.59 25.94
C ALA A 706 30.13 21.15 27.34
N ALA A 707 30.65 20.49 28.38
CA ALA A 707 30.49 20.89 29.81
C ALA A 707 31.28 22.17 30.09
N LYS A 708 32.35 22.42 29.32
CA LYS A 708 33.24 23.62 29.44
C LYS A 708 32.61 24.83 28.75
N HIS A 709 31.45 24.67 28.09
CA HIS A 709 30.69 25.74 27.41
C HIS A 709 29.26 25.80 27.94
N PRO A 710 29.03 26.29 29.19
CA PRO A 710 27.69 26.44 29.73
C PRO A 710 26.91 27.59 29.08
N ASP A 711 27.63 28.57 28.53
CA ASP A 711 27.08 29.80 27.88
C ASP A 711 26.25 29.43 26.66
N MET A 712 26.60 28.35 25.95
CA MET A 712 25.98 27.93 24.67
C MET A 712 25.19 26.62 24.85
N LEU A 713 25.84 25.58 25.39
CA LEU A 713 25.29 24.21 25.52
C LEU A 713 24.86 23.97 26.98
N THR A 714 23.73 23.28 27.17
CA THR A 714 23.15 22.92 28.49
C THR A 714 22.66 21.47 28.45
N SER A 715 23.00 20.68 29.47
CA SER A 715 22.55 19.27 29.68
C SER A 715 22.89 18.43 28.44
N VAL A 716 24.16 18.42 28.03
CA VAL A 716 24.68 17.56 26.92
C VAL A 716 25.06 16.20 27.52
N ARG A 717 24.26 15.17 27.25
CA ARG A 717 24.37 13.82 27.88
C ARG A 717 24.13 12.74 26.85
N PRO A 718 24.66 11.51 27.06
CA PRO A 718 24.39 10.39 26.16
C PRO A 718 22.97 9.82 26.34
N ASN A 719 22.35 9.38 25.24
CA ASN A 719 21.04 8.69 25.23
C ASN A 719 21.29 7.19 25.07
N GLY A 720 22.08 6.62 25.97
CA GLY A 720 22.45 5.19 25.99
C GLY A 720 22.92 4.73 27.35
N LEU A 721 23.50 3.53 27.43
CA LEU A 721 23.94 2.87 28.68
C LEU A 721 25.46 2.73 28.69
N GLU A 722 26.06 2.75 29.88
CA GLU A 722 27.52 2.60 30.11
C GLU A 722 27.86 1.11 30.14
N ASP A 723 29.13 0.77 29.89
CA ASP A 723 29.65 -0.62 29.93
C ASP A 723 29.52 -1.16 31.36
N THR A 724 29.29 -2.47 31.50
CA THR A 724 29.08 -3.17 32.80
C THR A 724 29.98 -4.39 32.85
N PRO A 725 30.40 -4.86 34.05
CA PRO A 725 31.21 -6.06 34.16
C PRO A 725 30.41 -7.29 33.66
N GLN A 726 30.96 -8.00 32.68
CA GLN A 726 30.33 -9.20 32.05
C GLN A 726 31.30 -10.38 32.15
N PHE A 727 30.76 -11.59 32.30
CA PHE A 727 31.50 -12.84 32.59
C PHE A 727 31.96 -13.48 31.26
N LYS A 728 33.25 -13.35 30.94
CA LYS A 728 33.88 -13.99 29.77
C LYS A 728 34.26 -15.43 30.13
N ILE A 729 33.92 -16.40 29.28
CA ILE A 729 34.21 -17.85 29.46
C ILE A 729 34.79 -18.40 28.15
N ASP A 730 36.01 -18.95 28.20
CA ASP A 730 36.76 -19.47 27.03
C ASP A 730 36.69 -21.00 27.01
N ILE A 731 36.16 -21.57 25.94
CA ILE A 731 36.06 -23.05 25.71
C ILE A 731 37.39 -23.52 25.12
N ASP A 732 38.17 -24.31 25.87
CA ASP A 732 39.46 -24.89 25.41
C ASP A 732 39.15 -26.01 24.41
N GLN A 733 39.39 -25.75 23.12
CA GLN A 733 39.08 -26.66 22.00
C GLN A 733 39.92 -27.94 22.11
N GLU A 734 41.18 -27.80 22.55
CA GLU A 734 42.15 -28.92 22.69
C GLU A 734 41.67 -29.88 23.78
N LYS A 735 41.34 -29.35 24.96
CA LYS A 735 40.92 -30.14 26.15
C LYS A 735 39.54 -30.77 25.87
N ALA A 736 38.68 -30.08 25.13
CA ALA A 736 37.34 -30.57 24.71
C ALA A 736 37.50 -31.77 23.78
N GLN A 737 38.42 -31.67 22.80
CA GLN A 737 38.73 -32.73 21.82
C GLN A 737 39.44 -33.90 22.53
N ALA A 738 40.23 -33.61 23.57
CA ALA A 738 41.00 -34.59 24.37
C ALA A 738 40.04 -35.49 25.16
N LEU A 739 39.06 -34.89 25.85
CA LEU A 739 38.07 -35.60 26.69
C LEU A 739 36.96 -36.22 25.82
N GLY A 740 36.84 -35.79 24.56
CA GLY A 740 35.82 -36.26 23.62
C GLY A 740 34.48 -35.58 23.84
N VAL A 741 34.51 -34.30 24.23
CA VAL A 741 33.31 -33.44 24.45
C VAL A 741 33.13 -32.56 23.21
N SER A 742 32.01 -32.74 22.48
CA SER A 742 31.63 -31.93 21.30
C SER A 742 31.31 -30.50 21.75
N ILE A 743 31.61 -29.52 20.90
CA ILE A 743 31.46 -28.06 21.22
C ILE A 743 29.98 -27.68 21.12
N ASN A 744 29.21 -28.40 20.29
CA ASN A 744 27.73 -28.25 20.15
C ASN A 744 27.07 -28.54 21.50
N ASP A 745 27.43 -29.65 22.14
CA ASP A 745 26.89 -30.09 23.46
C ASP A 745 27.24 -29.05 24.53
N ILE A 746 28.48 -28.55 24.52
CA ILE A 746 28.98 -27.50 25.47
C ILE A 746 28.10 -26.25 25.33
N ASN A 747 28.03 -25.68 24.13
CA ASN A 747 27.32 -24.40 23.83
C ASN A 747 25.82 -24.56 24.10
N THR A 748 25.24 -25.71 23.77
CA THR A 748 23.80 -26.04 23.98
C THR A 748 23.53 -26.15 25.49
N THR A 749 24.45 -26.76 26.24
CA THR A 749 24.36 -26.93 27.73
C THR A 749 24.44 -25.56 28.40
N LEU A 750 25.44 -24.74 28.03
CA LEU A 750 25.68 -23.39 28.60
C LEU A 750 24.51 -22.47 28.24
N GLY A 751 24.14 -22.42 26.96
CA GLY A 751 23.09 -21.54 26.42
C GLY A 751 21.72 -21.87 26.99
N ALA A 752 21.33 -23.14 26.97
CA ALA A 752 20.00 -23.63 27.44
C ALA A 752 19.84 -23.35 28.93
N ALA A 753 20.84 -23.73 29.74
CA ALA A 753 20.83 -23.60 31.22
C ALA A 753 20.71 -22.12 31.61
N TRP A 754 21.69 -21.30 31.23
CA TRP A 754 21.86 -19.90 31.72
C TRP A 754 21.00 -18.92 30.90
N GLY A 755 20.83 -19.18 29.59
CA GLY A 755 20.12 -18.29 28.66
C GLY A 755 18.66 -18.66 28.51
N GLY A 756 18.36 -19.95 28.39
CA GLY A 756 17.01 -20.49 28.10
C GLY A 756 16.92 -20.97 26.66
N SER A 757 16.16 -22.04 26.43
CA SER A 757 16.00 -22.70 25.11
C SER A 757 14.51 -22.98 24.82
N TYR A 758 13.95 -22.29 23.82
CA TYR A 758 12.58 -22.50 23.28
C TYR A 758 12.59 -23.77 22.44
N VAL A 759 12.17 -24.90 23.03
CA VAL A 759 12.28 -26.27 22.43
C VAL A 759 11.24 -26.42 21.32
N ASN A 760 9.95 -26.41 21.69
CA ASN A 760 8.81 -26.54 20.74
C ASN A 760 7.55 -25.97 21.41
N ASP A 761 6.38 -26.15 20.82
CA ASP A 761 5.08 -25.64 21.31
C ASP A 761 4.32 -26.75 22.04
N PHE A 762 3.41 -26.36 22.95
CA PHE A 762 2.43 -27.25 23.63
C PHE A 762 1.06 -26.56 23.59
N ILE A 763 0.01 -27.25 24.01
CA ILE A 763 -1.40 -26.73 23.99
C ILE A 763 -1.89 -26.55 25.44
N ASP A 764 -1.93 -25.30 25.90
CA ASP A 764 -2.49 -24.90 27.22
C ASP A 764 -3.95 -24.46 27.01
N ARG A 765 -4.90 -25.20 27.59
CA ARG A 765 -6.37 -24.96 27.49
C ARG A 765 -6.71 -24.55 26.04
N GLY A 766 -6.31 -25.36 25.06
CA GLY A 766 -6.68 -25.23 23.64
C GLY A 766 -6.09 -24.00 22.97
N ARG A 767 -4.88 -23.59 23.37
CA ARG A 767 -4.12 -22.49 22.72
C ARG A 767 -2.64 -22.88 22.63
N VAL A 768 -2.00 -22.59 21.49
CA VAL A 768 -0.56 -22.87 21.22
C VAL A 768 0.27 -21.93 22.09
N LYS A 769 1.06 -22.49 23.02
CA LYS A 769 2.01 -21.78 23.90
C LYS A 769 3.41 -22.38 23.69
N LYS A 770 4.46 -21.70 24.16
CA LYS A 770 5.88 -22.12 23.99
C LYS A 770 6.27 -23.12 25.08
N VAL A 771 7.33 -23.91 24.83
CA VAL A 771 8.00 -24.79 25.83
C VAL A 771 9.45 -24.32 25.98
N TYR A 772 9.80 -23.75 27.14
CA TYR A 772 11.14 -23.21 27.45
C TYR A 772 11.87 -24.15 28.42
N VAL A 773 13.05 -24.63 28.01
CA VAL A 773 14.00 -25.40 28.87
C VAL A 773 15.09 -24.45 29.34
N MET A 774 15.24 -24.30 30.65
CA MET A 774 16.20 -23.36 31.31
C MET A 774 16.58 -23.91 32.67
N SER A 775 17.73 -23.48 33.21
CA SER A 775 18.22 -23.81 34.58
C SER A 775 17.26 -23.20 35.61
N GLU A 776 16.99 -23.92 36.70
CA GLU A 776 16.29 -23.37 37.90
C GLU A 776 17.18 -22.25 38.45
N ALA A 777 16.57 -21.11 38.82
CA ALA A 777 17.25 -19.84 39.16
C ALA A 777 18.53 -20.08 39.97
N LYS A 778 18.44 -20.88 41.03
CA LYS A 778 19.49 -21.04 42.08
C LYS A 778 20.81 -21.58 41.49
N TYR A 779 20.78 -22.21 40.31
CA TYR A 779 21.97 -22.83 39.65
C TYR A 779 22.50 -21.94 38.52
N ARG A 780 22.04 -20.68 38.42
CA ARG A 780 22.53 -19.71 37.40
C ARG A 780 22.54 -18.30 38.01
N MET A 781 23.09 -18.17 39.23
CA MET A 781 23.15 -16.89 40.00
C MET A 781 24.61 -16.48 40.24
N LEU A 782 25.47 -17.43 40.62
CA LEU A 782 26.90 -17.19 40.98
C LEU A 782 27.81 -17.72 39.88
N PRO A 783 29.00 -17.13 39.68
CA PRO A 783 29.98 -17.67 38.72
C PRO A 783 30.49 -19.08 39.05
N ASP A 784 30.48 -19.46 40.34
CA ASP A 784 30.92 -20.81 40.81
C ASP A 784 29.95 -21.89 40.31
N ASP A 785 28.69 -21.53 40.04
CA ASP A 785 27.63 -22.45 39.58
C ASP A 785 27.95 -23.00 38.18
N ILE A 786 28.83 -22.31 37.43
CA ILE A 786 29.29 -22.72 36.07
C ILE A 786 29.81 -24.16 36.14
N GLY A 787 30.68 -24.46 37.11
CA GLY A 787 31.36 -25.77 37.27
C GLY A 787 30.41 -26.89 37.66
N ASP A 788 29.24 -26.56 38.23
CA ASP A 788 28.20 -27.53 38.67
C ASP A 788 27.53 -28.20 37.46
N TRP A 789 27.68 -27.62 36.26
CA TRP A 789 27.10 -28.13 35.00
C TRP A 789 28.07 -29.12 34.33
N TYR A 790 27.58 -30.31 34.00
CA TYR A 790 28.35 -31.42 33.37
C TYR A 790 27.83 -31.66 31.95
N VAL A 791 28.75 -31.96 31.03
CA VAL A 791 28.47 -32.35 29.61
C VAL A 791 29.02 -33.77 29.41
N ARG A 792 28.21 -34.67 28.86
CA ARG A 792 28.61 -36.08 28.61
C ARG A 792 29.52 -36.13 27.37
N ALA A 793 30.66 -36.82 27.49
CA ALA A 793 31.64 -37.04 26.41
C ALA A 793 31.24 -38.27 25.58
N ALA A 794 32.00 -38.57 24.53
CA ALA A 794 31.77 -39.71 23.61
C ALA A 794 31.96 -41.05 24.35
N ASP A 795 32.91 -41.10 25.29
CA ASP A 795 33.24 -42.32 26.08
C ASP A 795 32.18 -42.56 27.17
N GLY A 796 31.32 -41.56 27.43
CA GLY A 796 30.16 -41.67 28.34
C GLY A 796 30.40 -41.02 29.69
N GLN A 797 31.62 -40.52 29.93
CA GLN A 797 32.01 -39.85 31.20
C GLN A 797 31.42 -38.43 31.24
N MET A 798 30.83 -38.05 32.37
CA MET A 798 30.28 -36.69 32.61
C MET A 798 31.44 -35.76 32.97
N VAL A 799 31.61 -34.67 32.21
CA VAL A 799 32.75 -33.71 32.32
C VAL A 799 32.20 -32.36 32.76
N PRO A 800 32.71 -31.77 33.88
CA PRO A 800 32.28 -30.44 34.31
C PRO A 800 32.91 -29.33 33.46
N PHE A 801 32.28 -28.15 33.43
CA PHE A 801 32.74 -26.95 32.69
C PHE A 801 34.11 -26.48 33.23
N SER A 802 34.38 -26.72 34.51
CA SER A 802 35.65 -26.37 35.21
C SER A 802 36.84 -27.11 34.58
N ALA A 803 36.59 -28.20 33.85
CA ALA A 803 37.62 -29.11 33.28
C ALA A 803 38.13 -28.57 31.94
N PHE A 804 37.24 -28.10 31.06
CA PHE A 804 37.54 -27.75 29.65
C PHE A 804 37.36 -26.25 29.37
N SER A 805 37.17 -25.43 30.41
CA SER A 805 36.93 -23.96 30.25
C SER A 805 37.69 -23.17 31.33
N SER A 806 38.03 -21.92 31.00
CA SER A 806 38.50 -20.87 31.92
C SER A 806 37.56 -19.67 31.81
N SER A 807 37.63 -18.72 32.74
CA SER A 807 36.78 -17.51 32.78
C SER A 807 37.51 -16.32 33.42
N ARG A 808 37.06 -15.10 33.11
CA ARG A 808 37.60 -13.83 33.65
C ARG A 808 36.52 -12.74 33.54
N TRP A 809 36.69 -11.64 34.29
CA TRP A 809 35.79 -10.46 34.24
C TRP A 809 36.30 -9.46 33.19
N GLU A 810 35.38 -8.78 32.52
CA GLU A 810 35.68 -7.70 31.53
C GLU A 810 34.45 -6.77 31.43
N TYR A 811 34.58 -5.66 30.71
CA TYR A 811 33.52 -4.64 30.50
C TYR A 811 33.10 -4.65 29.03
N GLY A 812 31.80 -4.90 28.77
CA GLY A 812 31.15 -4.77 27.46
C GLY A 812 29.86 -3.97 27.57
N SER A 813 29.40 -3.40 26.45
CA SER A 813 28.20 -2.53 26.40
C SER A 813 26.93 -3.39 26.51
N PRO A 814 25.96 -3.00 27.38
CA PRO A 814 24.67 -3.69 27.44
C PRO A 814 23.70 -3.26 26.34
N ARG A 815 24.04 -2.21 25.59
CA ARG A 815 23.23 -1.67 24.46
C ARG A 815 24.15 -0.98 23.44
N LEU A 816 24.36 -1.62 22.29
CA LEU A 816 25.18 -1.11 21.16
C LEU A 816 24.28 -0.42 20.13
N GLU A 817 24.51 0.86 19.88
CA GLU A 817 23.71 1.70 18.94
C GLU A 817 24.43 1.76 17.59
N ARG A 818 23.67 1.75 16.49
CA ARG A 818 24.16 1.99 15.11
C ARG A 818 23.25 3.01 14.43
N TYR A 819 23.83 3.97 13.69
CA TYR A 819 23.11 5.00 12.91
C TYR A 819 23.58 4.92 11.44
N ASN A 820 22.65 4.62 10.53
CA ASN A 820 22.88 4.46 9.07
C ASN A 820 23.93 3.37 8.84
N GLY A 821 23.81 2.23 9.53
CA GLY A 821 24.63 1.02 9.31
C GLY A 821 25.92 1.02 10.12
N LEU A 822 26.41 2.19 10.53
CA LEU A 822 27.71 2.36 11.23
C LEU A 822 27.49 2.43 12.74
N PRO A 823 28.46 1.98 13.57
CA PRO A 823 28.36 2.11 15.02
C PRO A 823 28.28 3.59 15.45
N SER A 824 27.41 3.91 16.40
CA SER A 824 27.10 5.31 16.82
C SER A 824 26.81 5.39 18.32
N MET A 825 26.69 6.61 18.83
CA MET A 825 26.26 6.94 20.22
C MET A 825 25.46 8.24 20.19
N GLU A 826 24.16 8.15 20.48
CA GLU A 826 23.21 9.31 20.46
C GLU A 826 23.51 10.22 21.64
N ILE A 827 23.73 11.51 21.37
CA ILE A 827 24.00 12.57 22.38
C ILE A 827 22.87 13.61 22.30
N LEU A 828 22.17 13.84 23.41
CA LEU A 828 21.07 14.83 23.54
C LEU A 828 21.60 16.06 24.28
N GLY A 829 21.05 17.23 23.95
CA GLY A 829 21.37 18.53 24.57
C GLY A 829 20.42 19.61 24.10
N GLN A 830 20.50 20.81 24.70
CA GLN A 830 19.61 21.96 24.38
C GLN A 830 20.42 23.26 24.45
N ALA A 831 20.03 24.24 23.63
CA ALA A 831 20.62 25.60 23.59
C ALA A 831 20.47 26.26 24.97
N ALA A 832 21.53 26.92 25.45
CA ALA A 832 21.60 27.62 26.76
C ALA A 832 20.60 28.77 26.77
N PRO A 833 20.20 29.28 27.96
CA PRO A 833 19.25 30.39 28.05
C PRO A 833 19.72 31.62 27.26
N GLY A 834 18.91 32.07 26.29
CA GLY A 834 19.22 33.22 25.42
C GLY A 834 19.66 32.80 24.03
N LYS A 835 20.53 31.78 23.95
CA LYS A 835 21.10 31.26 22.67
C LYS A 835 20.06 30.41 21.94
N SER A 836 20.11 30.41 20.61
CA SER A 836 19.21 29.65 19.70
C SER A 836 19.78 28.24 19.48
N THR A 837 19.00 27.35 18.85
CA THR A 837 19.38 25.96 18.54
C THR A 837 20.45 25.95 17.43
N GLY A 838 20.32 26.85 16.46
CA GLY A 838 21.28 27.05 15.35
C GLY A 838 22.68 27.34 15.88
N GLU A 839 22.78 28.22 16.87
CA GLU A 839 24.06 28.61 17.54
C GLU A 839 24.63 27.40 18.31
N ALA A 840 23.77 26.70 19.06
CA ALA A 840 24.12 25.53 19.88
C ALA A 840 24.67 24.40 19.00
N MET A 841 23.93 24.04 17.94
CA MET A 841 24.28 22.97 16.99
C MET A 841 25.61 23.30 16.28
N GLU A 842 25.85 24.58 16.00
CA GLU A 842 27.07 25.07 15.31
C GLU A 842 28.31 24.75 16.16
N LEU A 843 28.22 24.89 17.49
CA LEU A 843 29.33 24.65 18.44
C LEU A 843 29.59 23.14 18.55
N MET A 844 28.53 22.33 18.61
CA MET A 844 28.62 20.84 18.66
C MET A 844 29.41 20.34 17.45
N GLU A 845 29.14 20.90 16.26
CA GLU A 845 29.86 20.61 14.99
C GLU A 845 31.34 20.98 15.16
N GLN A 846 31.62 22.16 15.70
CA GLN A 846 32.99 22.70 15.93
C GLN A 846 33.76 21.77 16.89
N LEU A 847 33.12 21.38 18.00
CA LEU A 847 33.71 20.49 19.03
C LEU A 847 33.92 19.09 18.45
N ALA A 848 32.98 18.60 17.64
CA ALA A 848 33.01 17.26 17.01
C ALA A 848 34.16 17.16 16.00
N SER A 849 34.55 18.29 15.39
CA SER A 849 35.64 18.38 14.38
C SER A 849 37.00 18.10 15.04
N LYS A 850 37.13 18.42 16.33
CA LYS A 850 38.41 18.32 17.10
C LYS A 850 38.45 16.99 17.87
N LEU A 851 37.82 15.93 17.34
CA LEU A 851 37.78 14.58 17.95
C LEU A 851 38.81 13.69 17.26
N PRO A 852 39.14 12.50 17.81
CA PRO A 852 40.16 11.62 17.23
C PRO A 852 39.86 11.21 15.77
N THR A 853 40.89 10.75 15.06
CA THR A 853 40.83 10.28 13.65
C THR A 853 39.78 9.16 13.53
N GLY A 854 38.92 9.24 12.51
CA GLY A 854 37.92 8.21 12.17
C GLY A 854 36.63 8.36 12.97
N VAL A 855 36.41 9.53 13.61
CA VAL A 855 35.19 9.84 14.41
C VAL A 855 34.42 10.98 13.72
N GLY A 856 33.32 10.65 13.04
CA GLY A 856 32.42 11.61 12.40
C GLY A 856 31.19 11.86 13.26
N TYR A 857 30.18 12.52 12.69
CA TYR A 857 28.89 12.85 13.36
C TYR A 857 27.78 13.04 12.32
N ASP A 858 26.56 13.24 12.81
CA ASP A 858 25.35 13.52 11.98
C ASP A 858 24.24 14.04 12.90
N TRP A 859 23.19 14.63 12.31
CA TRP A 859 21.98 15.13 13.02
C TRP A 859 20.77 14.27 12.65
N THR A 860 19.92 13.94 13.62
CA THR A 860 18.75 13.03 13.48
C THR A 860 17.53 13.65 14.17
N GLY A 861 16.36 13.03 14.01
CA GLY A 861 15.09 13.42 14.65
C GLY A 861 14.73 14.87 14.34
N MET A 862 14.66 15.71 15.39
CA MET A 862 14.26 17.14 15.30
C MET A 862 15.40 17.97 14.67
N SER A 863 16.65 17.57 14.89
CA SER A 863 17.88 18.26 14.39
C SER A 863 18.06 18.02 12.90
N TYR A 864 17.44 16.97 12.35
CA TYR A 864 17.40 16.66 10.90
C TYR A 864 16.45 17.64 10.20
N GLN A 865 15.26 17.84 10.78
CA GLN A 865 14.12 18.60 10.18
C GLN A 865 14.33 20.11 10.37
N GLU A 866 15.24 20.52 11.26
CA GLU A 866 15.60 21.95 11.50
C GLU A 866 16.45 22.46 10.33
N ARG A 867 17.32 21.61 9.78
CA ARG A 867 18.27 21.96 8.68
C ARG A 867 17.59 21.75 7.32
N LEU A 868 16.36 21.23 7.32
CA LEU A 868 15.54 20.99 6.11
C LEU A 868 15.19 22.32 5.46
N SER A 869 14.66 23.26 6.25
CA SER A 869 14.30 24.65 5.85
C SER A 869 13.98 25.47 7.11
N GLY A 870 13.58 26.74 6.95
CA GLY A 870 13.17 27.60 8.07
C GLY A 870 13.23 29.08 7.72
N ASN A 871 12.43 29.90 8.41
CA ASN A 871 12.37 31.38 8.28
C ASN A 871 11.82 31.74 6.90
N GLN A 872 10.62 31.25 6.58
CA GLN A 872 9.87 31.52 5.32
C GLN A 872 8.91 32.70 5.54
N ALA A 873 8.72 33.12 6.79
CA ALA A 873 7.81 34.21 7.20
C ALA A 873 8.09 35.49 6.41
N PRO A 874 9.32 36.04 6.43
CA PRO A 874 9.61 37.30 5.74
C PRO A 874 9.38 37.21 4.21
N SER A 875 9.52 36.02 3.63
CA SER A 875 9.36 35.74 2.19
C SER A 875 7.87 35.71 1.80
N LEU A 876 7.05 34.98 2.58
CA LEU A 876 5.62 34.69 2.24
C LEU A 876 4.72 35.85 2.69
N TYR A 877 5.09 36.56 3.77
CA TYR A 877 4.33 37.73 4.28
C TYR A 877 4.73 38.99 3.50
N ALA A 878 5.80 38.92 2.70
CA ALA A 878 6.23 39.99 1.77
C ALA A 878 5.30 40.02 0.56
N ILE A 879 5.08 38.86 -0.09
CA ILE A 879 4.17 38.71 -1.26
C ILE A 879 2.72 38.93 -0.78
N SER A 880 2.37 38.45 0.41
CA SER A 880 1.05 38.64 1.08
C SER A 880 0.74 40.14 1.15
N LEU A 881 1.73 40.94 1.51
CA LEU A 881 1.67 42.43 1.56
C LEU A 881 1.52 42.97 0.13
N ILE A 882 2.35 42.48 -0.80
CA ILE A 882 2.42 42.96 -2.22
C ILE A 882 1.12 42.61 -2.96
N VAL A 883 0.59 41.39 -2.77
CA VAL A 883 -0.65 40.92 -3.46
C VAL A 883 -1.85 41.70 -2.91
N VAL A 884 -1.88 41.97 -1.60
CA VAL A 884 -2.93 42.80 -0.92
C VAL A 884 -2.94 44.20 -1.56
N PHE A 885 -1.77 44.81 -1.73
CA PHE A 885 -1.59 46.13 -2.37
C PHE A 885 -2.19 46.12 -3.78
N LEU A 886 -1.80 45.14 -4.58
CA LEU A 886 -2.27 44.97 -5.99
C LEU A 886 -3.79 44.79 -6.00
N CYS A 887 -4.32 43.89 -5.18
CA CYS A 887 -5.78 43.60 -5.07
C CYS A 887 -6.55 44.87 -4.67
N LEU A 888 -5.94 45.74 -3.84
CA LEU A 888 -6.54 47.03 -3.42
C LEU A 888 -6.44 48.05 -4.56
N ALA A 889 -5.32 48.06 -5.29
CA ALA A 889 -5.06 48.98 -6.43
C ALA A 889 -6.09 48.76 -7.53
N ALA A 890 -6.52 47.51 -7.73
CA ALA A 890 -7.58 47.11 -8.69
C ALA A 890 -8.93 47.61 -8.22
N LEU A 891 -9.22 47.46 -6.90
CA LEU A 891 -10.52 47.80 -6.27
C LEU A 891 -10.84 49.29 -6.43
N TYR A 892 -9.85 50.16 -6.19
CA TYR A 892 -10.00 51.64 -6.18
C TYR A 892 -9.59 52.25 -7.53
N GLU A 893 -8.88 51.49 -8.37
CA GLU A 893 -8.31 51.97 -9.66
C GLU A 893 -7.37 53.13 -9.35
N SER A 894 -6.36 52.88 -8.50
CA SER A 894 -5.35 53.87 -8.04
C SER A 894 -4.20 53.13 -7.36
N TRP A 895 -2.95 53.51 -7.67
CA TRP A 895 -1.71 52.95 -7.06
C TRP A 895 -1.48 53.57 -5.68
N SER A 896 -2.10 54.72 -5.41
CA SER A 896 -1.85 55.58 -4.22
C SER A 896 -2.83 55.25 -3.09
N ILE A 897 -4.13 55.18 -3.40
CA ILE A 897 -5.25 55.06 -2.41
C ILE A 897 -5.05 53.83 -1.53
N PRO A 898 -4.65 52.65 -2.08
CA PRO A 898 -4.42 51.45 -1.26
C PRO A 898 -3.65 51.68 0.05
N PHE A 899 -2.66 52.58 0.05
CA PHE A 899 -1.81 52.93 1.24
C PHE A 899 -2.70 53.37 2.40
N SER A 900 -3.79 54.09 2.12
CA SER A 900 -4.77 54.60 3.12
C SER A 900 -5.33 53.45 3.95
N VAL A 901 -5.51 52.27 3.33
CA VAL A 901 -6.05 51.03 3.96
C VAL A 901 -4.91 50.26 4.64
N MET A 902 -3.78 50.09 3.94
CA MET A 902 -2.65 49.22 4.35
C MET A 902 -1.94 49.79 5.60
N LEU A 903 -2.21 51.04 5.97
CA LEU A 903 -1.55 51.74 7.10
C LEU A 903 -2.26 51.42 8.43
N VAL A 904 -3.36 50.65 8.42
CA VAL A 904 -4.11 50.23 9.64
C VAL A 904 -3.51 48.95 10.22
N VAL A 905 -2.59 48.30 9.49
CA VAL A 905 -1.97 47.00 9.89
C VAL A 905 -1.43 47.11 11.32
N PRO A 906 -0.59 48.11 11.66
CA PRO A 906 0.00 48.22 13.00
C PRO A 906 -0.99 48.53 14.13
N LEU A 907 -2.17 49.07 13.82
CA LEU A 907 -3.20 49.48 14.80
C LEU A 907 -3.76 48.24 15.52
N GLY A 908 -3.81 47.10 14.82
CA GLY A 908 -4.27 45.81 15.37
C GLY A 908 -3.13 45.01 15.98
N VAL A 909 -1.90 45.19 15.47
CA VAL A 909 -0.69 44.43 15.91
C VAL A 909 -0.25 44.94 17.28
N ILE A 910 -0.22 46.27 17.47
CA ILE A 910 0.18 46.95 18.74
C ILE A 910 -0.67 46.40 19.90
N GLY A 911 -1.99 46.28 19.69
CA GLY A 911 -2.95 45.82 20.71
C GLY A 911 -2.77 44.35 21.04
N ALA A 912 -2.56 43.52 20.01
CA ALA A 912 -2.31 42.08 20.13
C ALA A 912 -1.02 41.83 20.93
N LEU A 913 0.05 42.56 20.59
CA LEU A 913 1.39 42.46 21.23
C LEU A 913 1.29 42.85 22.71
N LEU A 914 0.63 43.98 23.02
CA LEU A 914 0.43 44.49 24.40
C LEU A 914 -0.26 43.41 25.24
N ALA A 915 -1.33 42.80 24.71
CA ALA A 915 -2.11 41.73 25.36
C ALA A 915 -1.22 40.50 25.58
N ALA A 916 -0.48 40.09 24.55
CA ALA A 916 0.42 38.91 24.56
C ALA A 916 1.52 39.07 25.62
N THR A 917 2.13 40.26 25.70
CA THR A 917 3.23 40.59 26.64
C THR A 917 2.71 40.57 28.09
N PHE A 918 1.60 41.26 28.33
CA PHE A 918 1.00 41.47 29.68
C PHE A 918 0.49 40.14 30.25
N ARG A 919 -0.03 39.26 29.38
CA ARG A 919 -0.65 37.96 29.76
C ARG A 919 0.44 36.88 29.89
N GLY A 920 1.67 37.18 29.46
CA GLY A 920 2.84 36.27 29.53
C GLY A 920 2.85 35.27 28.39
N LEU A 921 2.07 35.51 27.33
CA LEU A 921 1.98 34.65 26.12
C LEU A 921 3.14 34.99 25.18
N THR A 922 3.29 34.22 24.10
CA THR A 922 4.43 34.29 23.15
C THR A 922 3.93 34.38 21.71
N ASN A 923 4.79 34.81 20.78
CA ASN A 923 4.52 34.90 19.33
C ASN A 923 4.52 33.48 18.75
N ASP A 924 3.36 32.83 18.75
CA ASP A 924 3.18 31.41 18.34
C ASP A 924 2.09 31.33 17.25
N VAL A 925 1.86 30.12 16.72
CA VAL A 925 0.84 29.81 15.66
C VAL A 925 -0.47 30.51 16.01
N TYR A 926 -0.99 30.29 17.22
CA TYR A 926 -2.33 30.72 17.68
C TYR A 926 -2.43 32.25 17.73
N PHE A 927 -1.34 32.92 18.13
CA PHE A 927 -1.23 34.40 18.17
C PHE A 927 -1.20 34.96 16.73
N GLN A 928 -0.42 34.30 15.86
CA GLN A 928 -0.17 34.74 14.45
C GLN A 928 -1.45 34.64 13.62
N VAL A 929 -2.21 33.54 13.75
CA VAL A 929 -3.47 33.28 12.99
C VAL A 929 -4.56 34.25 13.48
N GLY A 930 -4.60 34.53 14.79
CA GLY A 930 -5.52 35.51 15.40
C GLY A 930 -5.14 36.93 15.03
N LEU A 931 -3.85 37.17 14.72
CA LEU A 931 -3.31 38.49 14.32
C LEU A 931 -3.78 38.83 12.90
N LEU A 932 -3.78 37.86 11.98
CA LEU A 932 -4.26 38.01 10.58
C LEU A 932 -5.76 38.27 10.58
N THR A 933 -6.51 37.61 11.48
CA THR A 933 -7.97 37.79 11.68
C THR A 933 -8.25 39.24 12.09
N THR A 934 -7.43 39.78 13.00
CA THR A 934 -7.49 41.19 13.48
C THR A 934 -7.18 42.15 12.32
N ILE A 935 -6.07 41.89 11.60
CA ILE A 935 -5.63 42.69 10.42
C ILE A 935 -6.71 42.63 9.34
N GLY A 936 -7.28 41.44 9.10
CA GLY A 936 -8.34 41.21 8.10
C GLY A 936 -9.51 42.16 8.30
N LEU A 937 -10.11 42.16 9.48
CA LEU A 937 -11.30 42.98 9.83
C LEU A 937 -10.93 44.47 9.80
N SER A 938 -9.85 44.86 10.48
CA SER A 938 -9.37 46.26 10.60
C SER A 938 -9.10 46.84 9.21
N ALA A 939 -8.59 46.02 8.28
CA ALA A 939 -8.34 46.38 6.87
C ALA A 939 -9.66 46.45 6.10
N LYS A 940 -10.55 45.46 6.34
CA LYS A 940 -11.90 45.38 5.70
C LYS A 940 -12.74 46.59 6.12
N ASN A 941 -12.66 46.99 7.40
CA ASN A 941 -13.36 48.19 7.96
C ASN A 941 -12.84 49.43 7.23
N ALA A 942 -11.51 49.56 7.09
CA ALA A 942 -10.82 50.69 6.43
C ALA A 942 -11.18 50.72 4.93
N ILE A 943 -11.27 49.55 4.30
CA ILE A 943 -11.64 49.40 2.86
C ILE A 943 -12.99 50.10 2.62
N LEU A 944 -13.99 49.80 3.46
CA LEU A 944 -15.38 50.31 3.33
C LEU A 944 -15.43 51.83 3.60
N ILE A 945 -14.63 52.33 4.54
CA ILE A 945 -14.52 53.79 4.86
C ILE A 945 -14.00 54.52 3.62
N VAL A 946 -12.90 54.03 3.04
CA VAL A 946 -12.23 54.62 1.84
C VAL A 946 -13.13 54.42 0.62
N GLU A 947 -13.84 53.30 0.54
CA GLU A 947 -14.79 52.95 -0.56
C GLU A 947 -15.90 54.01 -0.61
N PHE A 948 -16.53 54.30 0.54
CA PHE A 948 -17.64 55.28 0.70
C PHE A 948 -17.12 56.69 0.39
N ALA A 949 -16.01 57.08 1.02
CA ALA A 949 -15.35 58.40 0.86
C ALA A 949 -15.09 58.68 -0.63
N LYS A 950 -14.61 57.67 -1.36
CA LYS A 950 -14.32 57.76 -2.82
C LYS A 950 -15.64 57.81 -3.60
N ASP A 951 -16.57 56.89 -3.31
CA ASP A 951 -17.88 56.76 -4.00
C ASP A 951 -18.68 58.06 -3.83
N LEU A 952 -18.51 58.76 -2.70
CA LEU A 952 -19.13 60.09 -2.45
C LEU A 952 -18.48 61.13 -3.37
N MET A 953 -17.15 61.19 -3.38
CA MET A 953 -16.35 62.12 -4.22
C MET A 953 -16.55 61.79 -5.71
N ASP A 954 -16.77 60.51 -6.03
CA ASP A 954 -16.98 60.01 -7.43
C ASP A 954 -18.38 60.39 -7.91
N LYS A 955 -19.41 59.89 -7.22
CA LYS A 955 -20.83 59.87 -7.71
C LYS A 955 -21.55 61.15 -7.26
N GLU A 956 -21.63 61.38 -5.94
CA GLU A 956 -22.32 62.56 -5.35
C GLU A 956 -21.54 63.84 -5.67
N GLY A 957 -20.21 63.74 -5.79
CA GLY A 957 -19.31 64.86 -6.16
C GLY A 957 -19.01 65.76 -4.98
N LYS A 958 -18.81 65.17 -3.79
CA LYS A 958 -18.52 65.89 -2.52
C LYS A 958 -17.01 66.13 -2.38
N GLY A 959 -16.60 66.89 -1.38
CA GLY A 959 -15.20 67.24 -1.10
C GLY A 959 -14.49 66.16 -0.31
N LEU A 960 -13.15 66.26 -0.21
CA LEU A 960 -12.28 65.27 0.48
C LEU A 960 -12.73 65.11 1.93
N ILE A 961 -12.85 66.22 2.67
CA ILE A 961 -13.16 66.22 4.14
C ILE A 961 -14.64 65.86 4.34
N GLU A 962 -15.56 66.49 3.60
CA GLU A 962 -17.02 66.29 3.74
C GLU A 962 -17.36 64.82 3.50
N ALA A 963 -16.81 64.22 2.45
CA ALA A 963 -17.00 62.79 2.07
C ALA A 963 -16.38 61.87 3.14
N THR A 964 -15.19 62.23 3.64
CA THR A 964 -14.48 61.50 4.72
C THR A 964 -15.32 61.52 6.00
N LEU A 965 -15.85 62.69 6.37
CA LEU A 965 -16.71 62.89 7.58
C LEU A 965 -18.05 62.16 7.38
N ASP A 966 -18.61 62.19 6.17
CA ASP A 966 -19.89 61.51 5.82
C ASP A 966 -19.65 59.99 5.76
N ALA A 967 -18.45 59.56 5.36
CA ALA A 967 -18.06 58.13 5.25
C ALA A 967 -17.93 57.51 6.66
N VAL A 968 -17.15 58.16 7.53
CA VAL A 968 -16.77 57.62 8.87
C VAL A 968 -18.01 57.41 9.74
N ARG A 969 -18.96 58.37 9.73
CA ARG A 969 -20.21 58.31 10.54
C ARG A 969 -21.12 57.21 9.98
N MET A 970 -21.11 57.01 8.66
CA MET A 970 -21.88 55.94 7.97
C MET A 970 -21.31 54.56 8.33
N ARG A 971 -20.00 54.49 8.60
CA ARG A 971 -19.27 53.21 8.87
C ARG A 971 -19.06 53.00 10.38
N LEU A 972 -19.20 54.03 11.22
CA LEU A 972 -18.98 53.97 12.69
C LEU A 972 -19.79 52.82 13.28
N ARG A 973 -21.10 52.79 13.01
CA ARG A 973 -22.08 51.85 13.63
C ARG A 973 -21.75 50.40 13.26
N PRO A 974 -21.68 50.02 11.97
CA PRO A 974 -21.40 48.63 11.60
C PRO A 974 -20.00 48.14 12.04
N ILE A 975 -19.04 49.07 12.20
CA ILE A 975 -17.66 48.78 12.70
C ILE A 975 -17.75 48.34 14.17
N LEU A 976 -18.38 49.16 15.02
CA LEU A 976 -18.52 48.91 16.48
C LEU A 976 -19.36 47.64 16.71
N MET A 977 -20.39 47.43 15.88
CA MET A 977 -21.27 46.23 15.92
C MET A 977 -20.43 44.96 15.74
N THR A 978 -19.50 44.97 14.78
CA THR A 978 -18.59 43.84 14.46
C THR A 978 -17.58 43.66 15.59
N SER A 979 -16.97 44.75 16.06
CA SER A 979 -15.90 44.78 17.09
C SER A 979 -16.42 44.17 18.40
N LEU A 980 -17.48 44.75 18.97
CA LEU A 980 -18.11 44.29 20.24
C LEU A 980 -18.49 42.80 20.13
N ALA A 981 -19.22 42.43 19.07
CA ALA A 981 -19.73 41.07 18.82
C ALA A 981 -18.60 40.04 18.85
N PHE A 982 -17.45 40.37 18.24
CA PHE A 982 -16.28 39.47 18.07
C PHE A 982 -15.41 39.49 19.34
N ILE A 983 -15.22 40.68 19.94
CA ILE A 983 -14.44 40.87 21.21
C ILE A 983 -15.09 40.04 22.32
N LEU A 984 -16.43 40.08 22.42
CA LEU A 984 -17.21 39.30 23.41
C LEU A 984 -17.28 37.82 22.97
N GLY A 985 -17.35 37.58 21.66
CA GLY A 985 -17.39 36.22 21.06
C GLY A 985 -16.18 35.39 21.47
N VAL A 986 -15.01 36.02 21.59
CA VAL A 986 -13.71 35.36 21.94
C VAL A 986 -13.38 35.61 23.42
N MET A 987 -14.35 36.09 24.22
CA MET A 987 -14.16 36.34 25.67
C MET A 987 -14.11 35.01 26.42
N PRO A 988 -14.92 33.99 26.06
CA PRO A 988 -14.77 32.65 26.65
C PRO A 988 -13.37 32.05 26.48
N LEU A 989 -12.68 32.38 25.37
CA LEU A 989 -11.30 31.90 25.06
C LEU A 989 -10.29 32.58 25.98
N VAL A 990 -10.44 33.89 26.21
CA VAL A 990 -9.56 34.70 27.11
C VAL A 990 -9.73 34.20 28.55
N ILE A 991 -10.99 33.98 28.97
CA ILE A 991 -11.38 33.55 30.34
C ILE A 991 -11.17 32.04 30.50
N SER A 992 -11.10 31.31 29.37
CA SER A 992 -11.03 29.82 29.29
C SER A 992 -10.16 29.24 30.41
N THR A 993 -10.71 28.29 31.17
CA THR A 993 -9.99 27.39 32.12
C THR A 993 -10.49 25.96 31.91
N GLY A 994 -9.58 25.00 31.79
CA GLY A 994 -9.89 23.57 31.58
C GLY A 994 -9.10 22.98 30.43
N ALA A 995 -9.64 21.94 29.80
CA ALA A 995 -9.00 21.15 28.72
C ALA A 995 -8.74 22.04 27.50
N GLY A 996 -7.48 22.16 27.08
CA GLY A 996 -7.06 22.92 25.88
C GLY A 996 -7.17 24.42 26.08
N SER A 997 -7.15 24.89 27.34
CA SER A 997 -7.29 26.31 27.73
C SER A 997 -6.05 27.10 27.26
N GLY A 998 -4.87 26.49 27.31
CA GLY A 998 -3.59 27.07 26.86
C GLY A 998 -3.67 27.58 25.43
N ALA A 999 -4.28 26.78 24.54
CA ALA A 999 -4.52 27.10 23.11
C ALA A 999 -5.57 28.20 23.01
N GLN A 1000 -6.70 28.04 23.71
CA GLN A 1000 -7.83 29.00 23.73
C GLN A 1000 -7.34 30.37 24.21
N ASN A 1001 -6.57 30.40 25.31
CA ASN A 1001 -5.97 31.62 25.91
C ASN A 1001 -5.11 32.33 24.85
N ALA A 1002 -4.29 31.59 24.12
CA ALA A 1002 -3.35 32.09 23.08
C ALA A 1002 -4.13 32.74 21.94
N VAL A 1003 -5.19 32.07 21.45
CA VAL A 1003 -6.06 32.55 20.34
C VAL A 1003 -6.83 33.79 20.84
N GLY A 1004 -7.56 33.65 21.95
CA GLY A 1004 -8.50 34.67 22.48
C GLY A 1004 -7.81 35.98 22.82
N THR A 1005 -6.70 35.93 23.56
CA THR A 1005 -5.96 37.11 24.08
C THR A 1005 -5.46 37.98 22.92
N GLY A 1006 -4.81 37.35 21.92
CA GLY A 1006 -4.23 38.03 20.74
C GLY A 1006 -5.29 38.76 19.92
N VAL A 1007 -6.47 38.15 19.78
CA VAL A 1007 -7.64 38.72 19.02
C VAL A 1007 -8.21 39.89 19.82
N MET A 1008 -8.60 39.66 21.08
CA MET A 1008 -9.25 40.66 21.96
C MET A 1008 -8.39 41.91 22.05
N GLY A 1009 -7.11 41.76 22.42
CA GLY A 1009 -6.14 42.86 22.56
C GLY A 1009 -6.03 43.69 21.29
N GLY A 1010 -5.87 43.02 20.14
CA GLY A 1010 -5.72 43.65 18.81
C GLY A 1010 -6.99 44.34 18.36
N MET A 1011 -8.15 43.68 18.52
CA MET A 1011 -9.49 44.19 18.12
C MET A 1011 -9.79 45.48 18.88
N VAL A 1012 -9.54 45.51 20.20
CA VAL A 1012 -9.82 46.68 21.09
C VAL A 1012 -9.12 47.92 20.52
N THR A 1013 -7.82 47.85 20.27
CA THR A 1013 -6.99 48.97 19.74
C THR A 1013 -7.42 49.27 18.29
N ALA A 1014 -7.40 48.25 17.43
CA ALA A 1014 -7.75 48.34 15.99
C ALA A 1014 -9.07 49.10 15.82
N THR A 1015 -10.08 48.79 16.65
CA THR A 1015 -11.43 49.42 16.62
C THR A 1015 -11.31 50.92 16.94
N VAL A 1016 -10.78 51.26 18.12
CA VAL A 1016 -10.78 52.66 18.66
C VAL A 1016 -9.76 53.53 17.91
N LEU A 1017 -8.69 52.93 17.37
CA LEU A 1017 -7.63 53.68 16.62
C LEU A 1017 -8.07 53.90 15.17
N ALA A 1018 -8.42 52.83 14.44
CA ALA A 1018 -8.75 52.85 13.00
C ALA A 1018 -9.76 53.97 12.71
N ILE A 1019 -10.81 54.10 13.53
CA ILE A 1019 -11.93 55.07 13.34
C ILE A 1019 -11.38 56.51 13.28
N PHE A 1020 -10.21 56.78 13.88
CA PHE A 1020 -9.57 58.12 13.92
C PHE A 1020 -8.42 58.22 12.91
N PHE A 1021 -7.74 57.11 12.59
CA PHE A 1021 -6.50 57.08 11.77
C PHE A 1021 -6.83 56.81 10.29
N VAL A 1022 -7.85 56.00 9.99
CA VAL A 1022 -8.31 55.73 8.59
C VAL A 1022 -8.71 57.05 7.93
N PRO A 1023 -9.47 57.94 8.61
CA PRO A 1023 -9.76 59.27 8.08
C PRO A 1023 -8.48 60.05 7.73
N VAL A 1024 -7.48 60.03 8.61
CA VAL A 1024 -6.17 60.73 8.45
C VAL A 1024 -5.42 60.10 7.27
N PHE A 1025 -5.28 58.77 7.28
CA PHE A 1025 -4.57 57.98 6.23
C PHE A 1025 -5.08 58.39 4.84
N PHE A 1026 -6.40 58.35 4.65
CA PHE A 1026 -7.10 58.66 3.36
C PHE A 1026 -6.79 60.10 2.94
N VAL A 1027 -7.15 61.07 3.81
CA VAL A 1027 -7.05 62.54 3.52
C VAL A 1027 -5.60 62.91 3.20
N VAL A 1028 -4.64 62.39 3.96
CA VAL A 1028 -3.17 62.67 3.79
C VAL A 1028 -2.71 62.05 2.46
N VAL A 1029 -2.96 60.75 2.27
CA VAL A 1029 -2.57 59.99 1.05
C VAL A 1029 -3.19 60.67 -0.18
N ARG A 1030 -4.51 60.91 -0.15
CA ARG A 1030 -5.27 61.53 -1.27
C ARG A 1030 -4.60 62.83 -1.71
N ARG A 1031 -4.42 63.77 -0.78
CA ARG A 1031 -3.78 65.11 -1.02
C ARG A 1031 -2.38 64.94 -1.62
N ARG A 1032 -1.60 63.98 -1.09
CA ARG A 1032 -0.17 63.78 -1.43
C ARG A 1032 -0.01 63.45 -2.93
N PHE A 1033 -0.93 62.66 -3.50
CA PHE A 1033 -0.81 62.08 -4.86
C PHE A 1033 -1.82 62.74 -5.82
N SER A 1034 -2.99 63.18 -5.34
CA SER A 1034 -4.00 63.94 -6.13
C SER A 1034 -3.44 65.33 -6.46
N ARG A 1035 -3.86 65.91 -7.60
CA ARG A 1035 -3.28 67.17 -8.14
C ARG A 1035 -4.37 68.22 -8.44
N LYS A 1036 -5.61 67.83 -8.75
CA LYS A 1036 -6.72 68.78 -9.04
C LYS A 1036 -7.98 68.39 -8.26
N ASN A 1037 -8.58 69.38 -7.56
CA ASN A 1037 -9.90 69.35 -6.88
C ASN A 1037 -9.75 68.78 -5.46
N GLU A 1038 -9.92 69.66 -4.45
CA GLU A 1038 -10.12 69.31 -3.02
C GLU A 1038 -11.47 69.87 -2.54
N ASP A 1039 -12.16 70.65 -3.39
CA ASP A 1039 -13.46 71.31 -3.10
C ASP A 1039 -14.59 70.40 -3.63
N ILE A 1040 -15.68 70.98 -4.14
CA ILE A 1040 -16.93 70.26 -4.52
C ILE A 1040 -17.00 70.14 -6.06
N GLU A 1041 -17.80 69.18 -6.55
CA GLU A 1041 -17.94 68.83 -7.99
C GLU A 1041 -19.41 68.59 -8.33
N HIS A 1042 -19.69 68.21 -9.59
CA HIS A 1042 -21.05 67.90 -10.12
C HIS A 1042 -21.14 66.40 -10.42
N MET B 1 -30.25 29.01 -21.32
CA MET B 1 -29.43 27.97 -22.03
C MET B 1 -30.20 27.41 -23.23
N PRO B 2 -31.50 27.04 -23.11
CA PRO B 2 -32.29 26.66 -24.29
C PRO B 2 -32.30 27.76 -25.36
N ASN B 3 -32.56 29.01 -24.97
CA ASN B 3 -32.56 30.21 -25.86
C ASN B 3 -31.22 30.31 -26.59
N PHE B 4 -30.12 30.03 -25.90
CA PHE B 4 -28.73 30.13 -26.41
C PHE B 4 -28.53 29.15 -27.58
N PHE B 5 -29.02 27.92 -27.45
CA PHE B 5 -28.79 26.80 -28.41
C PHE B 5 -29.90 26.76 -29.48
N ILE B 6 -31.03 27.43 -29.26
CA ILE B 6 -32.10 27.62 -30.29
C ILE B 6 -31.54 28.51 -31.40
N ASP B 7 -30.73 29.52 -31.04
CA ASP B 7 -30.05 30.45 -31.98
C ASP B 7 -28.75 29.83 -32.50
N ARG B 8 -28.22 28.81 -31.80
CA ARG B 8 -26.91 28.17 -32.12
C ARG B 8 -27.09 26.65 -32.25
N PRO B 9 -27.84 26.17 -33.28
CA PRO B 9 -28.06 24.74 -33.47
C PRO B 9 -26.81 23.93 -33.85
N ILE B 10 -25.80 24.57 -34.45
CA ILE B 10 -24.52 23.92 -34.86
C ILE B 10 -23.70 23.58 -33.61
N PHE B 11 -23.60 24.52 -32.66
CA PHE B 11 -22.98 24.30 -31.32
C PHE B 11 -23.66 23.09 -30.67
N ALA B 12 -24.99 23.13 -30.57
CA ALA B 12 -25.84 22.06 -29.99
C ALA B 12 -25.51 20.72 -30.66
N TRP B 13 -25.28 20.72 -31.97
CA TRP B 13 -24.91 19.51 -32.77
C TRP B 13 -23.48 19.07 -32.43
N VAL B 14 -22.55 20.02 -32.25
CA VAL B 14 -21.13 19.74 -31.88
C VAL B 14 -21.10 19.00 -30.54
N ILE B 15 -21.83 19.52 -29.53
CA ILE B 15 -21.94 18.92 -28.18
C ILE B 15 -22.47 17.48 -28.30
N ALA B 16 -23.48 17.26 -29.16
CA ALA B 16 -24.10 15.94 -29.42
C ALA B 16 -23.06 14.97 -30.00
N ILE B 17 -22.22 15.45 -30.92
CA ILE B 17 -21.15 14.64 -31.60
C ILE B 17 -20.07 14.30 -30.57
N ILE B 18 -19.61 15.30 -29.79
CA ILE B 18 -18.59 15.13 -28.71
C ILE B 18 -19.07 14.06 -27.72
N ILE B 19 -20.36 14.10 -27.37
CA ILE B 19 -21.02 13.11 -26.45
C ILE B 19 -21.04 11.73 -27.11
N MET B 20 -21.38 11.67 -28.41
CA MET B 20 -21.50 10.41 -29.18
C MET B 20 -20.12 9.76 -29.37
N LEU B 21 -19.10 10.56 -29.68
CA LEU B 21 -17.70 10.09 -29.84
C LEU B 21 -17.17 9.56 -28.51
N ALA B 22 -17.35 10.33 -27.43
CA ALA B 22 -16.99 9.96 -26.04
C ALA B 22 -17.66 8.65 -25.66
N GLY B 23 -18.95 8.49 -26.01
CA GLY B 23 -19.76 7.29 -25.76
C GLY B 23 -19.31 6.09 -26.58
N GLY B 24 -19.10 6.30 -27.89
CA GLY B 24 -18.60 5.27 -28.83
C GLY B 24 -17.22 4.77 -28.43
N LEU B 25 -16.33 5.70 -28.04
CA LEU B 25 -14.96 5.42 -27.53
C LEU B 25 -15.06 4.62 -26.23
N ALA B 26 -15.98 5.03 -25.34
CA ALA B 26 -16.21 4.40 -24.01
C ALA B 26 -16.67 2.95 -24.19
N ILE B 27 -17.65 2.71 -25.07
CA ILE B 27 -18.23 1.36 -25.36
C ILE B 27 -17.08 0.37 -25.64
N LEU B 28 -16.10 0.77 -26.46
CA LEU B 28 -14.97 -0.10 -26.89
C LEU B 28 -13.99 -0.32 -25.72
N LYS B 29 -13.66 0.73 -24.97
CA LYS B 29 -12.60 0.72 -23.92
C LYS B 29 -13.17 0.24 -22.58
N LEU B 30 -14.51 0.17 -22.43
CA LEU B 30 -15.19 -0.21 -21.16
C LEU B 30 -14.97 -1.69 -20.87
N PRO B 31 -14.79 -2.09 -19.59
CA PRO B 31 -14.81 -3.51 -19.21
C PRO B 31 -16.20 -4.11 -19.40
N VAL B 32 -16.27 -5.45 -19.46
CA VAL B 32 -17.52 -6.23 -19.65
C VAL B 32 -17.45 -7.48 -18.75
N ALA B 33 -18.44 -7.68 -17.88
CA ALA B 33 -18.54 -8.79 -16.91
C ALA B 33 -19.99 -9.03 -16.53
N GLN B 34 -20.32 -10.20 -16.00
CA GLN B 34 -21.69 -10.55 -15.53
C GLN B 34 -22.04 -9.65 -14.35
N TYR B 35 -21.22 -9.65 -13.30
CA TYR B 35 -21.36 -8.82 -12.08
C TYR B 35 -20.04 -8.12 -11.79
N PRO B 36 -20.07 -6.91 -11.19
CA PRO B 36 -18.85 -6.23 -10.74
C PRO B 36 -18.40 -6.75 -9.36
N THR B 37 -17.32 -6.17 -8.82
CA THR B 37 -16.83 -6.46 -7.44
C THR B 37 -17.88 -5.96 -6.44
N ILE B 38 -18.65 -6.88 -5.85
CA ILE B 38 -19.76 -6.59 -4.91
C ILE B 38 -19.35 -7.02 -3.50
N ALA B 39 -18.93 -8.28 -3.33
CA ALA B 39 -18.47 -8.86 -2.05
C ALA B 39 -17.26 -8.09 -1.54
N PRO B 40 -17.06 -7.97 -0.20
CA PRO B 40 -15.89 -7.28 0.34
C PRO B 40 -14.61 -8.07 0.07
N PRO B 41 -13.44 -7.41 -0.05
CA PRO B 41 -12.18 -8.10 -0.34
C PRO B 41 -11.86 -9.17 0.72
N ALA B 42 -11.62 -10.41 0.27
CA ALA B 42 -11.29 -11.56 1.13
C ALA B 42 -10.00 -12.22 0.64
N VAL B 43 -9.08 -12.51 1.57
CA VAL B 43 -7.77 -13.18 1.29
C VAL B 43 -7.75 -14.51 2.06
N THR B 44 -7.67 -15.63 1.33
CA THR B 44 -7.63 -17.01 1.89
C THR B 44 -6.19 -17.50 1.96
N ILE B 45 -5.74 -17.89 3.16
CA ILE B 45 -4.42 -18.56 3.41
C ILE B 45 -4.67 -20.08 3.37
N SER B 46 -4.27 -20.73 2.29
CA SER B 46 -4.41 -22.20 2.07
C SER B 46 -3.08 -22.90 2.34
N ALA B 47 -3.10 -24.06 3.00
CA ALA B 47 -1.93 -24.92 3.28
C ALA B 47 -2.32 -26.39 3.22
N SER B 48 -1.34 -27.28 2.99
CA SER B 48 -1.49 -28.75 2.91
C SER B 48 -0.48 -29.42 3.86
N TYR B 49 -0.95 -30.41 4.63
CA TYR B 49 -0.13 -31.24 5.55
C TYR B 49 -0.44 -32.71 5.28
N PRO B 50 0.28 -33.36 4.34
CA PRO B 50 0.00 -34.75 3.98
C PRO B 50 -0.11 -35.71 5.18
N GLY B 51 -1.28 -36.34 5.35
CA GLY B 51 -1.54 -37.39 6.35
C GLY B 51 -1.89 -36.82 7.72
N ALA B 52 -2.08 -35.50 7.83
CA ALA B 52 -2.38 -34.79 9.09
C ALA B 52 -3.90 -34.79 9.33
N ASP B 53 -4.30 -34.90 10.59
CA ASP B 53 -5.73 -34.83 11.03
C ASP B 53 -6.10 -33.37 11.30
N ALA B 54 -7.39 -33.10 11.51
CA ALA B 54 -7.97 -31.76 11.78
C ALA B 54 -7.18 -31.04 12.88
N LYS B 55 -6.89 -31.75 13.98
CA LYS B 55 -6.31 -31.16 15.21
C LYS B 55 -4.81 -30.90 15.01
N THR B 56 -4.08 -31.87 14.43
CA THR B 56 -2.65 -31.75 14.09
C THR B 56 -2.44 -30.49 13.24
N VAL B 57 -3.26 -30.31 12.20
CA VAL B 57 -3.26 -29.13 11.30
C VAL B 57 -3.55 -27.86 12.13
N GLN B 58 -4.60 -27.89 12.95
CA GLN B 58 -5.07 -26.73 13.75
C GLN B 58 -3.98 -26.30 14.75
N ASP B 59 -3.45 -27.26 15.53
CA ASP B 59 -2.61 -27.00 16.72
C ASP B 59 -1.15 -26.77 16.35
N THR B 60 -0.75 -27.05 15.09
CA THR B 60 0.64 -26.84 14.58
C THR B 60 0.66 -25.68 13.56
N VAL B 61 -0.38 -25.53 12.75
CA VAL B 61 -0.43 -24.56 11.61
C VAL B 61 -1.43 -23.44 11.88
N THR B 62 -2.72 -23.75 11.92
CA THR B 62 -3.85 -22.78 11.89
C THR B 62 -3.68 -21.74 13.01
N GLN B 63 -3.52 -22.20 14.26
CA GLN B 63 -3.39 -21.35 15.46
C GLN B 63 -2.15 -20.45 15.34
N VAL B 64 -1.03 -21.01 14.87
CA VAL B 64 0.28 -20.30 14.71
C VAL B 64 0.10 -19.15 13.71
N ILE B 65 -0.53 -19.42 12.55
CA ILE B 65 -0.79 -18.41 11.48
C ILE B 65 -1.75 -17.34 12.05
N GLU B 66 -2.86 -17.77 12.66
CA GLU B 66 -3.92 -16.88 13.22
C GLU B 66 -3.32 -15.93 14.26
N GLN B 67 -2.36 -16.39 15.06
CA GLN B 67 -1.68 -15.59 16.12
C GLN B 67 -0.83 -14.49 15.47
N ASN B 68 -0.36 -14.71 14.24
CA ASN B 68 0.61 -13.82 13.54
C ASN B 68 -0.10 -12.98 12.47
N MET B 69 -1.43 -12.84 12.52
CA MET B 69 -2.21 -12.02 11.55
C MET B 69 -2.53 -10.65 12.16
N ASN B 70 -1.54 -10.01 12.79
CA ASN B 70 -1.66 -8.68 13.43
C ASN B 70 -1.01 -7.61 12.53
N GLY B 71 -1.29 -6.33 12.79
CA GLY B 71 -0.73 -5.19 12.04
C GLY B 71 -1.24 -5.13 10.61
N ILE B 72 -2.34 -5.84 10.31
CA ILE B 72 -3.01 -5.86 8.97
C ILE B 72 -4.21 -4.91 9.04
N ASP B 73 -4.31 -3.98 8.09
CA ASP B 73 -5.25 -2.83 8.12
C ASP B 73 -6.61 -3.25 7.55
N ASN B 74 -7.69 -2.65 8.08
CA ASN B 74 -9.08 -2.71 7.53
C ASN B 74 -9.62 -4.14 7.56
N LEU B 75 -9.21 -4.96 8.53
CA LEU B 75 -9.72 -6.34 8.72
C LEU B 75 -11.01 -6.28 9.55
N MET B 76 -12.09 -6.87 9.03
CA MET B 76 -13.43 -6.92 9.70
C MET B 76 -13.50 -8.16 10.60
N TYR B 77 -13.20 -9.33 10.04
CA TYR B 77 -13.19 -10.63 10.77
C TYR B 77 -12.28 -11.63 10.05
N MET B 78 -12.01 -12.76 10.71
CA MET B 78 -11.12 -13.85 10.24
C MET B 78 -11.76 -15.20 10.60
N SER B 79 -11.93 -16.08 9.61
CA SER B 79 -12.48 -17.45 9.76
C SER B 79 -11.48 -18.46 9.21
N SER B 80 -11.40 -19.65 9.83
CA SER B 80 -10.44 -20.73 9.46
C SER B 80 -11.10 -22.11 9.60
N ASN B 81 -10.77 -23.02 8.68
CA ASN B 81 -11.15 -24.46 8.72
C ASN B 81 -9.86 -25.29 8.87
N SER B 82 -9.92 -26.36 9.68
CA SER B 82 -8.84 -27.36 9.85
C SER B 82 -9.46 -28.76 9.86
N ASP B 83 -9.28 -29.53 8.78
CA ASP B 83 -9.99 -30.81 8.55
C ASP B 83 -8.97 -31.94 8.32
N SER B 84 -9.45 -33.19 8.31
CA SER B 84 -8.65 -34.44 8.35
C SER B 84 -8.14 -34.84 6.95
N THR B 85 -8.36 -34.01 5.93
CA THR B 85 -7.75 -34.15 4.59
C THR B 85 -6.34 -33.54 4.61
N GLY B 86 -5.92 -32.96 5.74
CA GLY B 86 -4.62 -32.30 5.92
C GLY B 86 -4.62 -30.91 5.33
N THR B 87 -5.77 -30.23 5.35
CA THR B 87 -5.99 -28.90 4.73
C THR B 87 -6.35 -27.88 5.81
N VAL B 88 -5.90 -26.63 5.64
CA VAL B 88 -6.33 -25.44 6.43
C VAL B 88 -6.59 -24.29 5.44
N GLN B 89 -7.71 -23.59 5.61
CA GLN B 89 -8.10 -22.40 4.80
C GLN B 89 -8.53 -21.27 5.74
N ILE B 90 -7.66 -20.28 5.94
CA ILE B 90 -7.91 -19.09 6.81
C ILE B 90 -8.34 -17.93 5.90
N THR B 91 -9.64 -17.63 5.86
CA THR B 91 -10.23 -16.50 5.09
C THR B 91 -10.23 -15.24 5.96
N LEU B 92 -9.55 -14.18 5.49
CA LEU B 92 -9.54 -12.84 6.12
C LEU B 92 -10.36 -11.87 5.25
N THR B 93 -11.56 -11.51 5.71
CA THR B 93 -12.49 -10.56 5.03
C THR B 93 -12.18 -9.13 5.52
N PHE B 94 -12.09 -8.18 4.59
CA PHE B 94 -11.68 -6.77 4.83
C PHE B 94 -12.86 -5.82 4.60
N GLU B 95 -12.74 -4.59 5.08
CA GLU B 95 -13.75 -3.50 4.91
C GLU B 95 -13.94 -3.25 3.42
N SER B 96 -15.19 -3.04 2.98
CA SER B 96 -15.54 -2.71 1.57
C SER B 96 -14.87 -1.39 1.19
N GLY B 97 -14.08 -1.39 0.11
CA GLY B 97 -13.30 -0.23 -0.37
C GLY B 97 -11.82 -0.35 -0.05
N THR B 98 -11.40 -1.49 0.54
CA THR B 98 -9.99 -1.80 0.86
C THR B 98 -9.26 -2.23 -0.43
N ASP B 99 -8.02 -1.78 -0.59
CA ASP B 99 -7.13 -2.19 -1.72
C ASP B 99 -6.77 -3.68 -1.51
N ALA B 100 -7.39 -4.57 -2.29
CA ALA B 100 -7.26 -6.04 -2.18
C ALA B 100 -5.80 -6.47 -2.37
N ASP B 101 -5.04 -5.72 -3.16
CA ASP B 101 -3.58 -5.95 -3.39
C ASP B 101 -2.81 -5.64 -2.11
N ILE B 102 -3.11 -4.51 -1.46
CA ILE B 102 -2.46 -4.05 -0.19
C ILE B 102 -2.87 -5.01 0.94
N ALA B 103 -4.13 -5.42 0.97
CA ALA B 103 -4.70 -6.37 1.96
C ALA B 103 -3.95 -7.71 1.89
N GLN B 104 -3.73 -8.22 0.67
CA GLN B 104 -3.12 -9.55 0.40
C GLN B 104 -1.64 -9.52 0.80
N VAL B 105 -0.89 -8.49 0.39
CA VAL B 105 0.58 -8.37 0.60
C VAL B 105 0.85 -8.26 2.11
N GLN B 106 -0.02 -7.58 2.86
CA GLN B 106 0.09 -7.43 4.34
C GLN B 106 -0.15 -8.78 5.00
N VAL B 107 -1.16 -9.54 4.54
CA VAL B 107 -1.47 -10.92 5.01
C VAL B 107 -0.31 -11.83 4.63
N GLN B 108 0.13 -11.76 3.37
CA GLN B 108 1.26 -12.53 2.79
C GLN B 108 2.52 -12.32 3.62
N ASN B 109 2.83 -11.06 3.95
CA ASN B 109 4.07 -10.63 4.64
C ASN B 109 4.10 -11.17 6.07
N LYS B 110 2.99 -11.03 6.81
CA LYS B 110 2.87 -11.47 8.22
C LYS B 110 2.94 -13.00 8.32
N LEU B 111 2.49 -13.70 7.27
CA LEU B 111 2.56 -15.19 7.17
C LEU B 111 4.02 -15.62 6.97
N GLN B 112 4.73 -14.98 6.04
CA GLN B 112 6.14 -15.31 5.67
C GLN B 112 7.04 -15.24 6.92
N LEU B 113 6.74 -14.33 7.85
CA LEU B 113 7.51 -14.16 9.12
C LEU B 113 7.11 -15.25 10.12
N ALA B 114 5.97 -15.91 9.93
CA ALA B 114 5.42 -16.97 10.80
C ALA B 114 5.73 -18.37 10.22
N MET B 115 6.40 -18.44 9.06
CA MET B 115 6.72 -19.71 8.36
C MET B 115 7.71 -20.56 9.16
N PRO B 116 8.74 -19.97 9.80
CA PRO B 116 9.68 -20.75 10.62
C PRO B 116 9.03 -21.44 11.84
N LEU B 117 7.80 -21.03 12.19
CA LEU B 117 7.03 -21.53 13.36
C LEU B 117 6.16 -22.73 12.95
N LEU B 118 5.96 -22.93 11.65
CA LEU B 118 5.14 -24.04 11.08
C LEU B 118 5.99 -25.31 11.00
N PRO B 119 5.37 -26.50 10.84
CA PRO B 119 6.13 -27.74 10.64
C PRO B 119 6.96 -27.73 9.35
N GLN B 120 8.03 -28.54 9.31
CA GLN B 120 8.95 -28.69 8.15
C GLN B 120 8.15 -29.15 6.92
N GLU B 121 7.19 -30.06 7.13
CA GLU B 121 6.36 -30.68 6.06
C GLU B 121 5.45 -29.62 5.43
N VAL B 122 4.97 -28.66 6.23
CA VAL B 122 4.08 -27.55 5.78
C VAL B 122 4.91 -26.49 5.07
N GLN B 123 6.09 -26.16 5.61
CA GLN B 123 7.08 -25.22 5.02
C GLN B 123 7.47 -25.72 3.62
N GLN B 124 7.68 -27.03 3.48
CA GLN B 124 8.12 -27.69 2.22
C GLN B 124 6.99 -27.61 1.18
N GLN B 125 5.76 -27.95 1.58
CA GLN B 125 4.54 -27.88 0.73
C GLN B 125 4.29 -26.42 0.30
N GLY B 126 4.40 -25.49 1.25
CA GLY B 126 4.13 -24.06 1.03
C GLY B 126 2.72 -23.68 1.44
N VAL B 127 2.52 -22.42 1.85
CA VAL B 127 1.21 -21.85 2.25
C VAL B 127 0.81 -20.80 1.21
N SER B 128 -0.29 -21.02 0.50
CA SER B 128 -0.81 -20.16 -0.60
C SER B 128 -1.63 -19.00 0.00
N VAL B 129 -1.35 -17.77 -0.42
CA VAL B 129 -2.16 -16.55 -0.09
C VAL B 129 -2.71 -15.97 -1.40
N GLU B 130 -4.01 -16.17 -1.64
CA GLU B 130 -4.72 -15.79 -2.88
C GLU B 130 -5.92 -14.89 -2.55
N LYS B 131 -6.40 -14.13 -3.53
CA LYS B 131 -7.64 -13.31 -3.42
C LYS B 131 -8.85 -14.26 -3.45
N SER B 132 -9.52 -14.43 -2.30
CA SER B 132 -10.69 -15.33 -2.12
C SER B 132 -11.86 -14.84 -2.97
N SER B 133 -12.25 -15.64 -3.97
CA SER B 133 -13.36 -15.38 -4.91
C SER B 133 -13.61 -16.63 -5.76
N SER B 134 -14.87 -17.08 -5.83
CA SER B 134 -15.32 -18.23 -6.66
C SER B 134 -16.13 -17.71 -7.86
N SER B 135 -15.96 -16.42 -8.20
CA SER B 135 -16.59 -15.77 -9.38
C SER B 135 -15.73 -16.04 -10.62
N PHE B 136 -15.77 -17.28 -11.11
CA PHE B 136 -15.07 -17.73 -12.35
C PHE B 136 -15.76 -17.12 -13.57
N LEU B 137 -14.97 -16.75 -14.59
CA LEU B 137 -15.47 -16.37 -15.93
C LEU B 137 -16.08 -17.60 -16.59
N MET B 138 -15.38 -18.73 -16.51
CA MET B 138 -15.79 -20.05 -17.06
C MET B 138 -14.91 -21.15 -16.46
N VAL B 139 -15.42 -22.39 -16.43
CA VAL B 139 -14.66 -23.63 -16.08
C VAL B 139 -14.47 -24.44 -17.35
N VAL B 140 -13.22 -24.55 -17.84
CA VAL B 140 -12.85 -25.33 -19.05
C VAL B 140 -12.49 -26.76 -18.62
N GLY B 141 -13.44 -27.69 -18.79
CA GLY B 141 -13.25 -29.11 -18.45
C GLY B 141 -12.47 -29.84 -19.52
N VAL B 142 -11.49 -30.65 -19.12
CA VAL B 142 -10.65 -31.50 -20.01
C VAL B 142 -10.94 -32.97 -19.67
N ILE B 143 -11.47 -33.73 -20.63
CA ILE B 143 -11.96 -35.13 -20.44
C ILE B 143 -11.22 -36.05 -21.41
N ASN B 144 -11.14 -37.34 -21.09
CA ASN B 144 -10.61 -38.42 -21.97
C ASN B 144 -11.73 -39.43 -22.23
N THR B 145 -12.16 -39.55 -23.49
CA THR B 145 -13.39 -40.27 -23.91
C THR B 145 -13.08 -41.75 -24.20
N ASP B 146 -11.89 -42.04 -24.76
CA ASP B 146 -11.50 -43.40 -25.21
C ASP B 146 -10.95 -44.22 -24.03
N GLY B 147 -10.81 -43.61 -22.85
CA GLY B 147 -10.37 -44.28 -21.60
C GLY B 147 -8.93 -44.74 -21.68
N THR B 148 -8.06 -43.98 -22.35
CA THR B 148 -6.60 -44.21 -22.47
C THR B 148 -5.86 -43.47 -21.34
N MET B 149 -6.46 -42.39 -20.83
CA MET B 149 -5.86 -41.49 -19.79
C MET B 149 -6.70 -41.56 -18.51
N THR B 150 -6.05 -41.58 -17.35
CA THR B 150 -6.66 -41.41 -16.00
C THR B 150 -6.80 -39.92 -15.70
N GLN B 151 -7.37 -39.56 -14.55
CA GLN B 151 -7.56 -38.15 -14.10
CA GLN B 151 -7.56 -38.14 -14.13
C GLN B 151 -6.17 -37.53 -13.89
N GLU B 152 -5.21 -38.34 -13.44
CA GLU B 152 -3.79 -37.95 -13.24
C GLU B 152 -3.17 -37.59 -14.60
N ASP B 153 -3.33 -38.48 -15.58
CA ASP B 153 -2.74 -38.37 -16.95
C ASP B 153 -3.21 -37.07 -17.61
N ILE B 154 -4.49 -36.73 -17.48
CA ILE B 154 -5.11 -35.51 -18.08
C ILE B 154 -4.54 -34.27 -17.35
N SER B 155 -4.69 -34.22 -16.03
CA SER B 155 -4.23 -33.10 -15.15
C SER B 155 -2.80 -32.70 -15.51
N ASP B 156 -1.92 -33.69 -15.70
CA ASP B 156 -0.47 -33.49 -16.01
C ASP B 156 -0.33 -32.76 -17.34
N TYR B 157 -1.09 -33.18 -18.36
CA TYR B 157 -1.07 -32.58 -19.73
C TYR B 157 -1.57 -31.13 -19.66
N VAL B 158 -2.71 -30.92 -18.99
CA VAL B 158 -3.36 -29.57 -18.85
C VAL B 158 -2.36 -28.60 -18.23
N ALA B 159 -1.65 -29.03 -17.18
CA ALA B 159 -0.64 -28.24 -16.43
C ALA B 159 0.55 -27.91 -17.34
N ALA B 160 1.09 -28.92 -18.03
CA ALA B 160 2.39 -28.87 -18.74
C ALA B 160 2.25 -28.18 -20.11
N ASN B 161 1.04 -28.09 -20.67
CA ASN B 161 0.81 -27.65 -22.07
C ASN B 161 -0.20 -26.48 -22.12
N MET B 162 -1.37 -26.65 -21.52
CA MET B 162 -2.54 -25.73 -21.70
C MET B 162 -2.49 -24.58 -20.69
N LYS B 163 -2.30 -24.88 -19.39
CA LYS B 163 -2.47 -23.95 -18.26
C LYS B 163 -1.72 -22.63 -18.52
N ASP B 164 -0.44 -22.72 -18.91
CA ASP B 164 0.46 -21.55 -19.14
C ASP B 164 -0.05 -20.73 -20.34
N ALA B 165 -0.62 -21.40 -21.35
CA ALA B 165 -1.14 -20.77 -22.59
C ALA B 165 -2.44 -20.02 -22.30
N ILE B 166 -3.30 -20.57 -21.43
CA ILE B 166 -4.57 -19.91 -20.98
C ILE B 166 -4.20 -18.71 -20.09
N SER B 167 -3.15 -18.85 -19.28
CA SER B 167 -2.57 -17.77 -18.43
C SER B 167 -2.10 -16.60 -19.31
N ARG B 168 -1.48 -16.92 -20.46
CA ARG B 168 -0.94 -15.93 -21.44
C ARG B 168 -2.09 -15.24 -22.20
N THR B 169 -3.21 -15.93 -22.40
CA THR B 169 -4.37 -15.46 -23.20
C THR B 169 -4.83 -14.07 -22.72
N SER B 170 -5.17 -13.20 -23.66
CA SER B 170 -5.53 -11.77 -23.43
C SER B 170 -6.80 -11.67 -22.57
N GLY B 171 -6.69 -11.00 -21.41
CA GLY B 171 -7.82 -10.66 -20.53
C GLY B 171 -8.10 -11.72 -19.48
N VAL B 172 -7.23 -12.73 -19.35
CA VAL B 172 -7.35 -13.83 -18.34
C VAL B 172 -6.66 -13.38 -17.05
N GLY B 173 -7.38 -13.44 -15.93
CA GLY B 173 -6.86 -13.10 -14.59
C GLY B 173 -6.13 -14.28 -13.96
N ASP B 174 -6.87 -15.13 -13.25
CA ASP B 174 -6.33 -16.29 -12.48
C ASP B 174 -6.80 -17.60 -13.13
N VAL B 175 -5.95 -18.63 -13.13
CA VAL B 175 -6.22 -19.97 -13.73
C VAL B 175 -5.86 -21.04 -12.71
N GLN B 176 -6.88 -21.71 -12.14
CA GLN B 176 -6.72 -22.82 -11.16
C GLN B 176 -6.83 -24.16 -11.90
N LEU B 177 -5.84 -25.04 -11.72
CA LEU B 177 -5.84 -26.41 -12.29
C LEU B 177 -6.69 -27.33 -11.39
N PHE B 178 -7.73 -27.94 -11.96
CA PHE B 178 -8.67 -28.86 -11.26
C PHE B 178 -8.00 -30.23 -11.15
N GLY B 179 -6.99 -30.34 -10.28
CA GLY B 179 -6.14 -31.52 -10.09
C GLY B 179 -4.68 -31.14 -9.94
N SER B 180 -3.80 -32.14 -9.74
CA SER B 180 -2.33 -31.99 -9.61
C SER B 180 -1.64 -32.67 -10.80
N GLN B 181 -0.49 -32.13 -11.23
CA GLN B 181 0.38 -32.77 -12.24
C GLN B 181 1.04 -34.01 -11.61
N TYR B 182 1.78 -34.80 -12.39
CA TYR B 182 2.38 -36.08 -11.96
C TYR B 182 3.28 -35.86 -10.74
N ALA B 183 3.50 -36.93 -9.98
CA ALA B 183 4.49 -37.03 -8.88
C ALA B 183 5.13 -38.42 -8.93
N MET B 184 6.42 -38.52 -8.57
CA MET B 184 7.13 -39.82 -8.48
C MET B 184 6.64 -40.56 -7.24
N ARG B 185 5.71 -41.49 -7.42
CA ARG B 185 5.09 -42.29 -6.32
C ARG B 185 5.96 -43.52 -6.06
N ILE B 186 6.52 -43.63 -4.85
CA ILE B 186 7.27 -44.82 -4.35
C ILE B 186 6.35 -45.60 -3.40
N TRP B 187 5.71 -46.66 -3.89
CA TRP B 187 4.77 -47.52 -3.13
C TRP B 187 5.55 -48.65 -2.43
N MET B 188 5.98 -48.40 -1.18
CA MET B 188 6.88 -49.29 -0.40
C MET B 188 6.17 -50.60 -0.06
N ASN B 189 6.95 -51.67 0.13
CA ASN B 189 6.48 -53.02 0.54
C ASN B 189 7.15 -53.36 1.87
N PRO B 190 6.40 -53.48 2.99
CA PRO B 190 6.99 -53.72 4.31
C PRO B 190 7.57 -55.13 4.49
N ASN B 191 7.09 -56.10 3.71
CA ASN B 191 7.60 -57.50 3.68
C ASN B 191 9.01 -57.50 3.08
N GLU B 192 9.21 -56.72 2.01
CA GLU B 192 10.52 -56.59 1.30
C GLU B 192 11.48 -55.79 2.16
N LEU B 193 11.04 -54.65 2.71
CA LEU B 193 11.85 -53.75 3.59
C LEU B 193 12.36 -54.54 4.80
N ASN B 194 11.49 -55.34 5.43
CA ASN B 194 11.80 -56.16 6.62
C ASN B 194 12.80 -57.27 6.25
N LYS B 195 12.61 -57.88 5.07
CA LYS B 195 13.46 -58.98 4.52
C LYS B 195 14.92 -58.51 4.44
N PHE B 196 15.15 -57.25 4.04
CA PHE B 196 16.50 -56.67 3.80
C PHE B 196 16.93 -55.79 4.99
N GLN B 197 16.18 -55.82 6.10
CA GLN B 197 16.46 -55.04 7.34
C GLN B 197 16.49 -53.55 7.00
N LEU B 198 15.42 -53.05 6.37
CA LEU B 198 15.28 -51.63 5.93
C LEU B 198 13.94 -51.06 6.42
N THR B 199 13.83 -49.73 6.41
CA THR B 199 12.64 -48.94 6.83
C THR B 199 12.39 -47.82 5.82
N PRO B 200 11.21 -47.16 5.85
CA PRO B 200 10.98 -45.95 5.06
C PRO B 200 12.02 -44.83 5.30
N VAL B 201 12.63 -44.80 6.50
CA VAL B 201 13.70 -43.84 6.87
C VAL B 201 14.89 -44.01 5.91
N ASP B 202 15.24 -45.26 5.63
CA ASP B 202 16.36 -45.65 4.72
C ASP B 202 16.00 -45.27 3.27
N VAL B 203 14.73 -45.47 2.89
CA VAL B 203 14.20 -45.13 1.54
C VAL B 203 14.30 -43.61 1.33
N ILE B 204 13.90 -42.83 2.34
CA ILE B 204 13.91 -41.33 2.31
C ILE B 204 15.37 -40.84 2.24
N THR B 205 16.24 -41.40 3.08
CA THR B 205 17.69 -41.07 3.16
C THR B 205 18.36 -41.29 1.80
N ALA B 206 18.01 -42.40 1.13
CA ALA B 206 18.61 -42.83 -0.16
C ALA B 206 18.10 -41.95 -1.30
N ILE B 207 16.80 -41.63 -1.31
CA ILE B 207 16.15 -40.75 -2.34
C ILE B 207 16.73 -39.32 -2.20
N LYS B 208 16.87 -38.83 -0.97
CA LYS B 208 17.45 -37.50 -0.65
C LYS B 208 18.90 -37.42 -1.12
N ALA B 209 19.64 -38.54 -1.04
CA ALA B 209 21.08 -38.64 -1.36
C ALA B 209 21.28 -38.75 -2.87
N GLN B 210 20.53 -39.64 -3.54
CA GLN B 210 20.78 -40.09 -4.94
C GLN B 210 19.88 -39.33 -5.93
N ASN B 211 18.93 -38.52 -5.43
CA ASN B 211 18.11 -37.58 -6.25
C ASN B 211 18.26 -36.17 -5.67
N ALA B 212 19.33 -35.47 -6.06
CA ALA B 212 19.69 -34.12 -5.56
C ALA B 212 20.51 -33.37 -6.62
N GLN B 213 20.46 -32.04 -6.56
CA GLN B 213 21.28 -31.10 -7.39
C GLN B 213 22.52 -30.69 -6.57
N VAL B 214 23.67 -31.29 -6.88
CA VAL B 214 24.96 -31.07 -6.16
C VAL B 214 25.76 -29.99 -6.89
N ALA B 215 26.17 -28.94 -6.17
CA ALA B 215 27.06 -27.86 -6.66
C ALA B 215 28.51 -28.35 -6.58
N ALA B 216 29.18 -28.46 -7.74
CA ALA B 216 30.55 -29.02 -7.88
C ALA B 216 31.58 -27.89 -7.93
N GLY B 217 31.38 -26.91 -8.81
CA GLY B 217 32.27 -25.73 -8.96
C GLY B 217 32.66 -25.48 -10.42
N GLN B 218 33.91 -25.07 -10.65
CA GLN B 218 34.43 -24.68 -11.99
C GLN B 218 35.87 -25.18 -12.17
N LEU B 219 36.22 -25.61 -13.39
CA LEU B 219 37.62 -25.72 -13.88
C LEU B 219 38.13 -24.29 -14.14
N GLY B 220 39.40 -24.03 -13.82
CA GLY B 220 40.06 -22.74 -14.07
C GLY B 220 39.23 -21.55 -13.59
N GLY B 221 38.63 -21.67 -12.41
CA GLY B 221 37.85 -20.61 -11.76
C GLY B 221 38.76 -19.59 -11.09
N THR B 222 38.26 -18.36 -10.91
CA THR B 222 39.02 -17.25 -10.25
C THR B 222 39.02 -17.47 -8.74
N PRO B 223 40.14 -17.21 -8.02
CA PRO B 223 41.40 -16.77 -8.64
C PRO B 223 42.14 -17.95 -9.29
N PRO B 224 42.58 -17.84 -10.56
CA PRO B 224 43.23 -18.96 -11.25
C PRO B 224 44.76 -18.86 -11.23
N VAL B 225 45.43 -19.89 -11.77
CA VAL B 225 46.88 -19.84 -12.12
C VAL B 225 46.99 -19.16 -13.49
N LYS B 226 47.54 -17.94 -13.53
CA LYS B 226 47.77 -17.17 -14.78
C LYS B 226 48.40 -18.11 -15.82
N GLY B 227 47.81 -18.19 -17.01
CA GLY B 227 48.21 -19.12 -18.08
C GLY B 227 47.15 -20.17 -18.37
N GLN B 228 46.10 -20.22 -17.54
CA GLN B 228 44.91 -21.10 -17.71
C GLN B 228 44.26 -20.79 -19.07
N GLN B 229 43.94 -21.84 -19.84
CA GLN B 229 43.41 -21.75 -21.23
C GLN B 229 41.88 -21.89 -21.22
N LEU B 230 41.32 -22.62 -20.25
CA LEU B 230 39.88 -22.99 -20.23
C LEU B 230 39.27 -22.66 -18.86
N ASN B 231 38.04 -22.13 -18.86
CA ASN B 231 37.17 -21.96 -17.66
C ASN B 231 35.81 -22.62 -17.96
N ALA B 232 35.62 -23.84 -17.45
CA ALA B 232 34.39 -24.65 -17.63
C ALA B 232 33.69 -24.84 -16.27
N SER B 233 32.36 -24.89 -16.27
CA SER B 233 31.52 -25.22 -15.09
C SER B 233 31.55 -26.73 -14.86
N ILE B 234 31.71 -27.17 -13.61
CA ILE B 234 31.71 -28.62 -13.21
C ILE B 234 30.28 -29.02 -12.87
N ILE B 235 29.84 -30.16 -13.40
CA ILE B 235 28.49 -30.76 -13.15
C ILE B 235 28.70 -32.10 -12.43
N ALA B 236 28.14 -32.25 -11.23
CA ALA B 236 28.14 -33.51 -10.44
C ALA B 236 26.75 -34.15 -10.57
N GLN B 237 26.12 -34.54 -9.46
CA GLN B 237 24.74 -35.09 -9.43
C GLN B 237 23.74 -34.01 -9.87
N THR B 238 22.77 -34.40 -10.69
CA THR B 238 21.53 -33.63 -10.99
C THR B 238 20.33 -34.47 -10.54
N ARG B 239 19.13 -33.89 -10.58
CA ARG B 239 17.86 -34.59 -10.22
C ARG B 239 17.60 -35.71 -11.22
N LEU B 240 16.98 -36.81 -10.76
CA LEU B 240 16.57 -37.96 -11.61
C LEU B 240 15.34 -37.55 -12.44
N THR B 241 15.14 -38.18 -13.60
CA THR B 241 14.16 -37.75 -14.63
C THR B 241 13.25 -38.90 -15.08
N SER B 242 13.35 -40.09 -14.48
CA SER B 242 12.64 -41.31 -14.92
C SER B 242 12.35 -42.23 -13.73
N THR B 243 11.32 -43.07 -13.85
CA THR B 243 10.94 -44.14 -12.89
C THR B 243 12.07 -45.19 -12.85
N GLU B 244 12.77 -45.39 -13.96
CA GLU B 244 13.92 -46.33 -14.08
C GLU B 244 15.03 -45.88 -13.11
N GLU B 245 15.44 -44.61 -13.20
CA GLU B 245 16.52 -44.00 -12.36
C GLU B 245 16.18 -44.16 -10.87
N PHE B 246 14.93 -43.88 -10.49
CA PHE B 246 14.42 -44.02 -9.10
C PHE B 246 14.44 -45.49 -8.70
N GLY B 247 14.09 -46.39 -9.63
CA GLY B 247 14.16 -47.85 -9.45
C GLY B 247 15.51 -48.30 -8.93
N LYS B 248 16.60 -47.70 -9.44
CA LYS B 248 18.00 -48.13 -9.19
C LYS B 248 18.60 -47.38 -7.99
N ILE B 249 17.83 -46.54 -7.30
CA ILE B 249 18.26 -45.88 -6.03
C ILE B 249 18.75 -46.98 -5.09
N LEU B 250 20.07 -47.09 -4.90
CA LEU B 250 20.74 -48.15 -4.10
C LEU B 250 20.51 -47.90 -2.62
N LEU B 251 19.88 -48.85 -1.92
CA LEU B 251 19.53 -48.75 -0.48
C LEU B 251 20.60 -49.44 0.36
N LYS B 252 21.02 -50.65 -0.03
CA LYS B 252 21.84 -51.58 0.79
C LYS B 252 22.61 -52.54 -0.11
N VAL B 253 23.85 -52.87 0.27
CA VAL B 253 24.68 -53.94 -0.34
C VAL B 253 24.96 -55.00 0.73
N ASN B 254 24.69 -56.27 0.42
CA ASN B 254 24.72 -57.42 1.37
C ASN B 254 26.14 -57.98 1.45
N GLN B 255 26.34 -59.04 2.24
CA GLN B 255 27.64 -59.74 2.45
C GLN B 255 28.09 -60.41 1.14
N ASP B 256 27.18 -61.15 0.49
CA ASP B 256 27.44 -61.88 -0.78
C ASP B 256 27.71 -60.90 -1.93
N GLY B 257 27.40 -59.61 -1.73
CA GLY B 257 27.71 -58.52 -2.67
C GLY B 257 26.54 -58.22 -3.60
N SER B 258 25.33 -58.64 -3.22
CA SER B 258 24.07 -58.40 -3.98
C SER B 258 23.56 -56.99 -3.68
N ARG B 259 23.04 -56.30 -4.71
CA ARG B 259 22.53 -54.91 -4.64
C ARG B 259 21.03 -54.94 -4.30
N VAL B 260 20.62 -54.23 -3.24
CA VAL B 260 19.19 -54.00 -2.87
C VAL B 260 18.80 -52.60 -3.35
N LEU B 261 18.04 -52.53 -4.45
CA LEU B 261 17.61 -51.26 -5.10
C LEU B 261 16.21 -50.88 -4.58
N LEU B 262 15.74 -49.68 -4.92
CA LEU B 262 14.42 -49.14 -4.48
C LEU B 262 13.29 -49.93 -5.17
N ARG B 263 13.54 -50.43 -6.40
CA ARG B 263 12.55 -51.22 -7.19
C ARG B 263 12.32 -52.59 -6.54
N ASP B 264 13.24 -53.04 -5.69
CA ASP B 264 13.18 -54.37 -5.00
C ASP B 264 12.23 -54.30 -3.80
N VAL B 265 12.09 -53.13 -3.16
CA VAL B 265 11.31 -52.96 -1.89
C VAL B 265 10.08 -52.06 -2.13
N ALA B 266 9.88 -51.54 -3.35
CA ALA B 266 8.80 -50.59 -3.66
C ALA B 266 8.41 -50.67 -5.15
N LYS B 267 7.12 -50.52 -5.44
CA LYS B 267 6.58 -50.26 -6.80
C LYS B 267 6.74 -48.76 -7.09
N ILE B 268 7.15 -48.41 -8.32
CA ILE B 268 7.52 -47.03 -8.73
C ILE B 268 6.78 -46.69 -10.03
N GLU B 269 6.06 -45.57 -10.04
CA GLU B 269 5.25 -45.08 -11.20
C GLU B 269 5.05 -43.57 -11.11
N LEU B 270 4.73 -42.93 -12.23
CA LEU B 270 4.25 -41.53 -12.29
C LEU B 270 2.76 -41.51 -11.95
N GLY B 271 2.43 -41.20 -10.70
CA GLY B 271 1.05 -41.03 -10.21
C GLY B 271 0.75 -39.58 -9.89
N GLY B 272 -0.36 -39.32 -9.18
CA GLY B 272 -0.79 -37.98 -8.77
C GLY B 272 -0.32 -37.65 -7.36
N GLU B 273 -0.15 -36.35 -7.06
CA GLU B 273 0.21 -35.84 -5.71
C GLU B 273 -0.92 -36.18 -4.73
N ASN B 274 -2.18 -36.08 -5.20
CA ASN B 274 -3.41 -36.29 -4.40
C ASN B 274 -4.26 -37.38 -5.05
N TYR B 275 -4.82 -38.29 -4.23
CA TYR B 275 -5.77 -39.36 -4.64
C TYR B 275 -7.11 -39.21 -3.91
N ASP B 276 -7.27 -38.13 -3.13
CA ASP B 276 -8.48 -37.85 -2.30
C ASP B 276 -9.62 -37.37 -3.21
N ILE B 277 -9.30 -36.61 -4.25
CA ILE B 277 -10.29 -36.09 -5.24
C ILE B 277 -10.33 -37.04 -6.45
N ILE B 278 -11.52 -37.54 -6.79
CA ILE B 278 -11.79 -38.27 -8.07
C ILE B 278 -12.88 -37.48 -8.82
N ALA B 279 -12.48 -36.83 -9.92
CA ALA B 279 -13.35 -36.00 -10.78
C ALA B 279 -13.74 -36.79 -12.04
N GLU B 280 -15.02 -36.76 -12.40
CA GLU B 280 -15.56 -37.46 -13.60
C GLU B 280 -16.57 -36.54 -14.31
N PHE B 281 -16.54 -36.54 -15.65
CA PHE B 281 -17.47 -35.79 -16.54
C PHE B 281 -18.27 -36.79 -17.36
N ASN B 282 -19.49 -37.10 -16.91
CA ASN B 282 -20.40 -38.13 -17.50
C ASN B 282 -19.71 -39.50 -17.45
N GLY B 283 -19.09 -39.84 -16.31
CA GLY B 283 -18.52 -41.16 -16.01
C GLY B 283 -17.11 -41.35 -16.56
N GLN B 284 -16.60 -40.37 -17.33
CA GLN B 284 -15.26 -40.42 -17.98
C GLN B 284 -14.26 -39.65 -17.12
N PRO B 285 -13.01 -40.15 -16.95
CA PRO B 285 -11.97 -39.41 -16.24
C PRO B 285 -11.79 -37.99 -16.80
N ALA B 286 -11.71 -36.99 -15.91
CA ALA B 286 -11.68 -35.55 -16.28
C ALA B 286 -10.80 -34.75 -15.33
N SER B 287 -10.13 -33.72 -15.87
CA SER B 287 -9.52 -32.58 -15.15
C SER B 287 -10.26 -31.30 -15.58
N GLY B 288 -9.64 -30.13 -15.40
CA GLY B 288 -10.21 -28.84 -15.86
C GLY B 288 -9.37 -27.64 -15.45
N LEU B 289 -9.75 -26.46 -15.94
CA LEU B 289 -9.11 -25.16 -15.61
C LEU B 289 -10.19 -24.17 -15.13
N GLY B 290 -10.01 -23.62 -13.93
CA GLY B 290 -10.87 -22.58 -13.34
C GLY B 290 -10.38 -21.19 -13.71
N ILE B 291 -10.87 -20.65 -14.83
CA ILE B 291 -10.44 -19.34 -15.40
C ILE B 291 -11.26 -18.22 -14.74
N LYS B 292 -10.58 -17.14 -14.35
CA LYS B 292 -11.20 -15.88 -13.82
C LYS B 292 -10.90 -14.73 -14.80
N LEU B 293 -11.75 -13.70 -14.80
CA LEU B 293 -11.61 -12.48 -15.63
C LEU B 293 -10.66 -11.51 -14.92
N ALA B 294 -9.68 -10.96 -15.64
CA ALA B 294 -8.71 -9.96 -15.14
C ALA B 294 -9.43 -8.63 -14.89
N THR B 295 -8.88 -7.80 -13.99
CA THR B 295 -9.44 -6.48 -13.60
C THR B 295 -9.55 -5.59 -14.85
N GLY B 296 -10.74 -5.03 -15.10
CA GLY B 296 -11.01 -4.11 -16.22
C GLY B 296 -10.86 -4.78 -17.58
N ALA B 297 -11.20 -6.07 -17.67
CA ALA B 297 -11.11 -6.89 -18.90
C ALA B 297 -12.51 -7.14 -19.46
N ASN B 298 -12.60 -7.46 -20.76
CA ASN B 298 -13.86 -7.74 -21.49
C ASN B 298 -14.12 -9.25 -21.47
N ALA B 299 -15.21 -9.68 -20.82
CA ALA B 299 -15.59 -11.09 -20.62
C ALA B 299 -15.87 -11.78 -21.96
N LEU B 300 -16.48 -11.05 -22.90
CA LEU B 300 -16.86 -11.58 -24.25
C LEU B 300 -15.59 -11.79 -25.09
N ASP B 301 -14.62 -10.88 -24.99
CA ASP B 301 -13.32 -10.94 -25.73
C ASP B 301 -12.45 -12.04 -25.11
N THR B 302 -12.35 -12.07 -23.77
CA THR B 302 -11.55 -13.05 -22.99
C THR B 302 -12.02 -14.46 -23.32
N ALA B 303 -13.34 -14.71 -23.24
CA ALA B 303 -13.98 -16.02 -23.50
C ALA B 303 -13.68 -16.48 -24.93
N ALA B 304 -13.79 -15.56 -25.89
CA ALA B 304 -13.50 -15.79 -27.33
C ALA B 304 -12.01 -16.10 -27.51
N ALA B 305 -11.14 -15.38 -26.81
CA ALA B 305 -9.67 -15.53 -26.84
C ALA B 305 -9.26 -16.88 -26.25
N ILE B 306 -9.91 -17.29 -25.15
CA ILE B 306 -9.68 -18.61 -24.48
C ILE B 306 -10.02 -19.73 -25.46
N ARG B 307 -11.19 -19.64 -26.11
CA ARG B 307 -11.68 -20.63 -27.12
C ARG B 307 -10.77 -20.62 -28.35
N ALA B 308 -10.28 -19.43 -28.73
CA ALA B 308 -9.36 -19.22 -29.87
C ALA B 308 -8.02 -19.92 -29.61
N GLU B 309 -7.51 -19.84 -28.37
CA GLU B 309 -6.22 -20.46 -27.95
C GLU B 309 -6.40 -21.98 -27.82
N LEU B 310 -7.51 -22.43 -27.23
CA LEU B 310 -7.85 -23.87 -27.07
C LEU B 310 -7.94 -24.54 -28.45
N ALA B 311 -8.36 -23.80 -29.48
CA ALA B 311 -8.46 -24.27 -30.88
C ALA B 311 -7.07 -24.51 -31.47
N LYS B 312 -6.09 -23.66 -31.13
CA LYS B 312 -4.68 -23.77 -31.60
C LYS B 312 -3.98 -24.94 -30.89
N MET B 313 -4.47 -25.36 -29.72
CA MET B 313 -3.94 -26.49 -28.92
C MET B 313 -4.55 -27.81 -29.40
N GLU B 314 -5.68 -27.75 -30.13
CA GLU B 314 -6.45 -28.94 -30.61
C GLU B 314 -5.51 -29.93 -31.28
N PRO B 315 -4.66 -29.52 -32.25
CA PRO B 315 -3.79 -30.45 -32.97
C PRO B 315 -2.80 -31.24 -32.10
N PHE B 316 -2.39 -30.69 -30.94
CA PHE B 316 -1.32 -31.25 -30.07
C PHE B 316 -1.90 -32.19 -29.01
N PHE B 317 -3.22 -32.18 -28.78
CA PHE B 317 -3.90 -33.00 -27.75
C PHE B 317 -3.65 -34.48 -27.99
N PRO B 318 -3.49 -35.30 -26.92
CA PRO B 318 -3.44 -36.76 -27.06
C PRO B 318 -4.77 -37.35 -27.56
N SER B 319 -4.74 -38.62 -27.97
CA SER B 319 -5.90 -39.36 -28.52
C SER B 319 -6.96 -39.57 -27.43
N GLY B 320 -8.17 -39.05 -27.65
CA GLY B 320 -9.34 -39.22 -26.77
C GLY B 320 -9.66 -37.96 -25.96
N LEU B 321 -8.70 -37.03 -25.88
CA LEU B 321 -8.85 -35.79 -25.06
C LEU B 321 -9.84 -34.84 -25.76
N LYS B 322 -10.82 -34.32 -25.01
CA LYS B 322 -11.85 -33.36 -25.49
C LYS B 322 -11.95 -32.19 -24.51
N ILE B 323 -12.27 -30.99 -25.03
CA ILE B 323 -12.51 -29.75 -24.24
C ILE B 323 -14.03 -29.55 -24.11
N VAL B 324 -14.51 -29.33 -22.88
CA VAL B 324 -15.96 -29.12 -22.55
C VAL B 324 -16.09 -27.88 -21.64
N TYR B 325 -17.27 -27.28 -21.61
CA TYR B 325 -17.58 -26.01 -20.90
C TYR B 325 -18.80 -26.20 -20.01
N PRO B 326 -18.69 -26.94 -18.89
CA PRO B 326 -19.83 -27.16 -17.99
C PRO B 326 -20.37 -25.87 -17.36
N TYR B 327 -19.49 -24.90 -17.09
CA TYR B 327 -19.81 -23.58 -16.49
C TYR B 327 -19.23 -22.47 -17.38
N ASP B 328 -20.04 -21.47 -17.70
CA ASP B 328 -19.65 -20.29 -18.53
C ASP B 328 -20.64 -19.15 -18.25
N THR B 329 -20.13 -17.97 -17.84
CA THR B 329 -20.92 -16.75 -17.54
C THR B 329 -21.07 -15.90 -18.80
N THR B 330 -20.37 -16.25 -19.88
CA THR B 330 -20.32 -15.50 -21.17
C THR B 330 -21.71 -15.37 -21.77
N PRO B 331 -22.53 -16.45 -21.86
CA PRO B 331 -23.86 -16.37 -22.46
C PRO B 331 -24.79 -15.34 -21.79
N PHE B 332 -24.63 -15.11 -20.49
CA PHE B 332 -25.47 -14.19 -19.67
C PHE B 332 -25.15 -12.73 -20.04
N VAL B 333 -23.87 -12.41 -20.22
CA VAL B 333 -23.39 -11.03 -20.52
C VAL B 333 -23.81 -10.67 -21.96
N LYS B 334 -23.81 -11.67 -22.87
CA LYS B 334 -24.32 -11.53 -24.26
C LYS B 334 -25.79 -11.11 -24.22
N ILE B 335 -26.61 -11.86 -23.49
CA ILE B 335 -28.08 -11.61 -23.32
C ILE B 335 -28.29 -10.25 -22.66
N SER B 336 -27.62 -10.01 -21.52
CA SER B 336 -27.69 -8.74 -20.74
C SER B 336 -27.44 -7.53 -21.67
N ILE B 337 -26.45 -7.64 -22.56
CA ILE B 337 -26.07 -6.58 -23.53
C ILE B 337 -27.08 -6.57 -24.69
N HIS B 338 -27.38 -7.75 -25.25
CA HIS B 338 -28.30 -7.94 -26.41
C HIS B 338 -29.69 -7.37 -26.08
N GLU B 339 -30.19 -7.64 -24.87
CA GLU B 339 -31.57 -7.29 -24.43
C GLU B 339 -31.65 -5.80 -24.05
N VAL B 340 -30.50 -5.14 -23.82
CA VAL B 340 -30.41 -3.66 -23.65
C VAL B 340 -30.57 -3.01 -25.03
N VAL B 341 -29.79 -3.47 -26.02
CA VAL B 341 -29.80 -2.98 -27.42
C VAL B 341 -31.19 -3.22 -28.03
N LYS B 342 -31.83 -4.35 -27.70
CA LYS B 342 -33.19 -4.71 -28.17
C LYS B 342 -34.19 -3.67 -27.65
N THR B 343 -34.20 -3.45 -26.33
CA THR B 343 -35.05 -2.43 -25.63
C THR B 343 -34.76 -1.04 -26.21
N LEU B 344 -33.47 -0.71 -26.38
CA LEU B 344 -32.98 0.58 -26.94
C LEU B 344 -33.62 0.83 -28.32
N VAL B 345 -33.62 -0.18 -29.19
CA VAL B 345 -34.15 -0.10 -30.58
C VAL B 345 -35.68 -0.12 -30.53
N GLU B 346 -36.27 -1.06 -29.77
CA GLU B 346 -37.74 -1.20 -29.60
C GLU B 346 -38.31 0.15 -29.10
N ALA B 347 -37.67 0.76 -28.09
CA ALA B 347 -38.04 2.09 -27.54
C ALA B 347 -38.13 3.11 -28.68
N ILE B 348 -37.03 3.26 -29.43
CA ILE B 348 -36.90 4.22 -30.57
C ILE B 348 -38.00 3.94 -31.61
N ILE B 349 -38.26 2.66 -31.90
CA ILE B 349 -39.31 2.21 -32.88
C ILE B 349 -40.70 2.61 -32.36
N LEU B 350 -40.97 2.36 -31.07
CA LEU B 350 -42.31 2.57 -30.45
C LEU B 350 -42.58 4.07 -30.28
N VAL B 351 -41.56 4.86 -29.88
CA VAL B 351 -41.67 6.34 -29.73
C VAL B 351 -42.08 6.92 -31.09
N PHE B 352 -41.38 6.53 -32.16
CA PHE B 352 -41.64 6.95 -33.56
C PHE B 352 -43.12 6.72 -33.91
N LEU B 353 -43.63 5.51 -33.63
CA LEU B 353 -45.03 5.10 -33.92
C LEU B 353 -46.01 6.00 -33.17
N VAL B 354 -45.79 6.20 -31.87
CA VAL B 354 -46.66 7.02 -30.97
C VAL B 354 -46.51 8.50 -31.36
N MET B 355 -45.26 8.97 -31.55
CA MET B 355 -44.94 10.36 -31.97
C MET B 355 -45.71 10.71 -33.24
N TYR B 356 -45.72 9.80 -34.23
CA TYR B 356 -46.39 10.00 -35.55
C TYR B 356 -47.91 9.87 -35.38
N LEU B 357 -48.36 8.96 -34.52
CA LEU B 357 -49.81 8.68 -34.27
C LEU B 357 -50.51 9.96 -33.77
N PHE B 358 -49.83 10.75 -32.95
CA PHE B 358 -50.38 11.96 -32.26
C PHE B 358 -50.02 13.23 -33.04
N LEU B 359 -48.73 13.43 -33.34
CA LEU B 359 -48.20 14.69 -33.92
C LEU B 359 -48.36 14.67 -35.45
N GLN B 360 -48.27 13.48 -36.06
CA GLN B 360 -48.66 13.22 -37.48
C GLN B 360 -47.75 14.03 -38.42
N ASN B 361 -46.43 13.93 -38.22
CA ASN B 361 -45.39 14.50 -39.12
C ASN B 361 -44.04 13.81 -38.80
N PHE B 362 -43.34 13.32 -39.82
CA PHE B 362 -42.10 12.52 -39.69
C PHE B 362 -40.95 13.37 -39.13
N ARG B 363 -40.94 14.68 -39.39
CA ARG B 363 -39.86 15.62 -38.96
C ARG B 363 -39.76 15.64 -37.43
N ALA B 364 -40.90 15.53 -36.73
CA ALA B 364 -40.97 15.54 -35.25
C ALA B 364 -40.47 14.21 -34.68
N THR B 365 -40.70 13.09 -35.39
CA THR B 365 -40.41 11.71 -34.91
C THR B 365 -38.91 11.45 -34.87
N LEU B 366 -38.10 12.26 -35.56
CA LEU B 366 -36.63 12.10 -35.66
C LEU B 366 -35.93 12.75 -34.46
N ILE B 367 -36.58 13.69 -33.77
CA ILE B 367 -35.97 14.47 -32.65
C ILE B 367 -35.68 13.54 -31.47
N PRO B 368 -36.64 12.67 -31.04
CA PRO B 368 -36.34 11.65 -30.05
C PRO B 368 -35.34 10.59 -30.53
N THR B 369 -35.43 10.19 -31.80
CA THR B 369 -34.58 9.16 -32.46
C THR B 369 -33.10 9.60 -32.44
N ILE B 370 -32.84 10.91 -32.39
CA ILE B 370 -31.47 11.49 -32.26
C ILE B 370 -31.11 11.60 -30.78
N ALA B 371 -32.00 12.16 -29.96
CA ALA B 371 -31.78 12.54 -28.54
C ALA B 371 -31.47 11.30 -27.69
N VAL B 372 -32.28 10.23 -27.83
CA VAL B 372 -32.21 9.02 -26.96
C VAL B 372 -30.84 8.34 -27.14
N PRO B 373 -30.41 7.97 -28.37
CA PRO B 373 -29.08 7.42 -28.58
C PRO B 373 -27.93 8.30 -28.03
N VAL B 374 -28.01 9.61 -28.24
CA VAL B 374 -27.00 10.61 -27.79
C VAL B 374 -26.81 10.49 -26.27
N VAL B 375 -27.92 10.44 -25.52
CA VAL B 375 -27.94 10.38 -24.03
C VAL B 375 -27.39 9.02 -23.58
N LEU B 376 -27.85 7.93 -24.21
CA LEU B 376 -27.44 6.53 -23.90
C LEU B 376 -25.93 6.39 -24.07
N LEU B 377 -25.38 6.87 -25.20
CA LEU B 377 -23.93 6.91 -25.48
C LEU B 377 -23.23 7.75 -24.41
N GLY B 378 -23.79 8.93 -24.10
CA GLY B 378 -23.29 9.81 -23.03
C GLY B 378 -23.18 9.09 -21.70
N THR B 379 -24.15 8.24 -21.36
CA THR B 379 -24.19 7.43 -20.12
C THR B 379 -22.98 6.49 -20.09
N PHE B 380 -22.69 5.81 -21.20
CA PHE B 380 -21.55 4.88 -21.36
C PHE B 380 -20.23 5.62 -21.08
N ALA B 381 -20.14 6.90 -21.48
CA ALA B 381 -18.96 7.76 -21.29
C ALA B 381 -18.79 8.10 -19.80
N VAL B 382 -19.88 8.41 -19.11
CA VAL B 382 -19.88 8.80 -17.67
C VAL B 382 -19.57 7.56 -16.81
N LEU B 383 -20.03 6.38 -17.23
CA LEU B 383 -19.70 5.08 -16.57
C LEU B 383 -18.19 4.86 -16.63
N ALA B 384 -17.59 5.08 -17.80
CA ALA B 384 -16.13 4.94 -18.06
C ALA B 384 -15.34 5.94 -17.21
N ALA B 385 -15.84 7.17 -17.09
CA ALA B 385 -15.22 8.28 -16.32
C ALA B 385 -15.14 7.90 -14.83
N PHE B 386 -16.20 7.29 -14.29
CA PHE B 386 -16.34 6.92 -12.85
C PHE B 386 -15.74 5.53 -12.61
N GLY B 387 -15.29 4.85 -13.65
CA GLY B 387 -14.55 3.57 -13.57
C GLY B 387 -15.48 2.37 -13.42
N PHE B 388 -16.72 2.48 -13.90
CA PHE B 388 -17.75 1.40 -13.88
C PHE B 388 -17.55 0.50 -15.11
N SER B 389 -18.19 -0.67 -15.10
CA SER B 389 -18.11 -1.70 -16.17
C SER B 389 -19.50 -1.98 -16.72
N ILE B 390 -19.57 -2.52 -17.96
CA ILE B 390 -20.81 -3.02 -18.60
C ILE B 390 -21.15 -4.37 -17.96
N ASN B 391 -22.14 -4.39 -17.07
CA ASN B 391 -22.57 -5.60 -16.32
C ASN B 391 -24.10 -5.58 -16.15
N THR B 392 -24.66 -6.72 -15.71
CA THR B 392 -26.11 -6.92 -15.46
C THR B 392 -26.68 -5.68 -14.76
N LEU B 393 -26.09 -5.27 -13.64
CA LEU B 393 -26.62 -4.22 -12.73
C LEU B 393 -26.67 -2.87 -13.48
N THR B 394 -25.61 -2.51 -14.19
CA THR B 394 -25.49 -1.24 -14.95
C THR B 394 -26.32 -1.30 -16.22
N MET B 395 -26.49 -2.50 -16.81
CA MET B 395 -27.22 -2.71 -18.09
C MET B 395 -28.73 -2.64 -17.86
N PHE B 396 -29.25 -3.32 -16.83
CA PHE B 396 -30.68 -3.32 -16.45
C PHE B 396 -31.03 -1.97 -15.79
N GLY B 397 -30.02 -1.26 -15.27
CA GLY B 397 -30.16 0.14 -14.82
C GLY B 397 -30.45 1.08 -15.98
N MET B 398 -29.86 0.80 -17.14
CA MET B 398 -30.06 1.57 -18.40
C MET B 398 -31.43 1.23 -19.01
N VAL B 399 -31.80 -0.05 -19.02
CA VAL B 399 -33.14 -0.53 -19.49
C VAL B 399 -34.22 0.30 -18.79
N LEU B 400 -34.14 0.42 -17.46
CA LEU B 400 -35.09 1.20 -16.61
C LEU B 400 -34.99 2.69 -16.97
N ALA B 401 -33.77 3.18 -17.24
CA ALA B 401 -33.47 4.61 -17.53
C ALA B 401 -34.11 5.05 -18.85
N ILE B 402 -34.15 4.16 -19.85
CA ILE B 402 -34.69 4.46 -21.22
C ILE B 402 -36.07 5.13 -21.08
N GLY B 403 -36.90 4.65 -20.15
CA GLY B 403 -38.21 5.23 -19.81
C GLY B 403 -38.13 6.73 -19.55
N LEU B 404 -37.11 7.16 -18.80
CA LEU B 404 -36.89 8.58 -18.42
C LEU B 404 -36.39 9.37 -19.65
N LEU B 405 -35.56 8.74 -20.48
CA LEU B 405 -34.93 9.36 -21.68
C LEU B 405 -36.01 9.60 -22.75
N VAL B 406 -36.91 8.63 -22.92
CA VAL B 406 -38.06 8.67 -23.88
C VAL B 406 -38.98 9.83 -23.48
N ASP B 407 -39.27 9.99 -22.19
CA ASP B 407 -40.18 11.04 -21.65
C ASP B 407 -39.62 12.42 -22.00
N ASP B 408 -38.39 12.72 -21.58
CA ASP B 408 -37.68 14.00 -21.83
C ASP B 408 -37.80 14.39 -23.31
N ALA B 409 -37.68 13.41 -24.22
CA ALA B 409 -37.78 13.60 -25.69
C ALA B 409 -39.21 14.01 -26.06
N ILE B 410 -40.20 13.21 -25.64
CA ILE B 410 -41.66 13.42 -25.93
C ILE B 410 -42.10 14.75 -25.32
N VAL B 411 -41.72 15.00 -24.05
CA VAL B 411 -42.13 16.19 -23.25
C VAL B 411 -41.79 17.48 -24.01
N VAL B 412 -40.52 17.63 -24.41
CA VAL B 412 -39.97 18.87 -25.04
C VAL B 412 -40.65 19.11 -26.39
N VAL B 413 -40.75 18.08 -27.24
CA VAL B 413 -41.26 18.18 -28.63
C VAL B 413 -42.78 18.44 -28.59
N GLU B 414 -43.52 17.65 -27.82
CA GLU B 414 -45.00 17.74 -27.70
C GLU B 414 -45.40 19.15 -27.26
N ASN B 415 -44.69 19.72 -26.29
CA ASN B 415 -44.96 21.07 -25.71
C ASN B 415 -44.79 22.14 -26.79
N VAL B 416 -43.84 21.95 -27.72
CA VAL B 416 -43.60 22.87 -28.87
C VAL B 416 -44.75 22.71 -29.88
N GLU B 417 -45.13 21.46 -30.18
CA GLU B 417 -46.21 21.11 -31.14
C GLU B 417 -47.55 21.68 -30.65
N ARG B 418 -47.78 21.68 -29.33
CA ARG B 418 -49.00 22.21 -28.68
C ARG B 418 -49.00 23.75 -28.77
N VAL B 419 -47.91 24.38 -28.33
CA VAL B 419 -47.74 25.87 -28.29
C VAL B 419 -47.96 26.43 -29.71
N MET B 420 -47.45 25.74 -30.74
CA MET B 420 -47.66 26.10 -32.16
C MET B 420 -49.14 25.95 -32.52
N ALA B 421 -49.75 24.82 -32.15
CA ALA B 421 -51.15 24.46 -32.49
C ALA B 421 -52.15 25.40 -31.81
N GLU B 422 -51.81 25.93 -30.63
CA GLU B 422 -52.73 26.73 -29.77
C GLU B 422 -52.56 28.23 -30.06
N GLU B 423 -51.32 28.70 -30.31
CA GLU B 423 -51.00 30.14 -30.48
C GLU B 423 -50.78 30.47 -31.97
N GLY B 424 -50.15 29.56 -32.72
CA GLY B 424 -49.84 29.75 -34.15
C GLY B 424 -48.49 30.43 -34.35
N LEU B 425 -47.56 30.25 -33.41
CA LEU B 425 -46.19 30.84 -33.43
C LEU B 425 -45.32 30.04 -34.39
N PRO B 426 -44.37 30.70 -35.11
CA PRO B 426 -43.35 29.98 -35.87
C PRO B 426 -42.50 29.07 -34.97
N PRO B 427 -42.04 27.90 -35.46
CA PRO B 427 -41.29 26.93 -34.66
C PRO B 427 -40.22 27.53 -33.71
N LYS B 428 -39.41 28.47 -34.20
CA LYS B 428 -38.28 29.07 -33.45
C LYS B 428 -38.82 29.86 -32.24
N GLU B 429 -39.85 30.68 -32.46
CA GLU B 429 -40.54 31.48 -31.40
C GLU B 429 -41.32 30.53 -30.48
N ALA B 430 -41.96 29.51 -31.06
CA ALA B 430 -42.76 28.49 -30.35
C ALA B 430 -41.88 27.71 -29.37
N THR B 431 -40.68 27.31 -29.82
CA THR B 431 -39.69 26.56 -29.01
C THR B 431 -39.22 27.43 -27.84
N ARG B 432 -38.90 28.71 -28.11
CA ARG B 432 -38.50 29.71 -27.08
C ARG B 432 -39.54 29.74 -25.95
N LYS B 433 -40.82 29.91 -26.30
CA LYS B 433 -41.95 30.00 -25.35
C LYS B 433 -42.13 28.63 -24.67
N SER B 434 -42.24 27.57 -25.46
CA SER B 434 -42.38 26.15 -25.01
C SER B 434 -41.35 25.83 -23.93
N MET B 435 -40.07 26.04 -24.23
CA MET B 435 -38.94 25.76 -23.31
C MET B 435 -39.05 26.65 -22.07
N GLY B 436 -39.34 27.94 -22.26
CA GLY B 436 -39.57 28.93 -21.18
C GLY B 436 -40.52 28.38 -20.11
N GLN B 437 -41.51 27.58 -20.52
CA GLN B 437 -42.55 27.00 -19.63
C GLN B 437 -41.99 25.83 -18.82
N ILE B 438 -41.15 24.98 -19.44
CA ILE B 438 -40.72 23.67 -18.86
C ILE B 438 -39.26 23.71 -18.38
N GLN B 439 -38.44 24.67 -18.86
CA GLN B 439 -36.97 24.69 -18.61
C GLN B 439 -36.70 24.66 -17.10
N GLY B 440 -37.49 25.38 -16.31
CA GLY B 440 -37.38 25.44 -14.84
C GLY B 440 -37.67 24.09 -14.19
N ALA B 441 -38.75 23.44 -14.62
CA ALA B 441 -39.22 22.13 -14.12
C ALA B 441 -38.17 21.04 -14.43
N LEU B 442 -37.66 21.02 -15.67
CA LEU B 442 -36.65 20.02 -16.14
C LEU B 442 -35.44 20.02 -15.21
N VAL B 443 -34.91 21.21 -14.88
CA VAL B 443 -33.78 21.40 -13.93
C VAL B 443 -34.21 20.89 -12.55
N GLY B 444 -35.43 21.23 -12.12
CA GLY B 444 -36.03 20.79 -10.85
C GLY B 444 -36.15 19.26 -10.78
N ILE B 445 -36.66 18.65 -11.85
CA ILE B 445 -36.87 17.18 -11.98
C ILE B 445 -35.53 16.46 -11.80
N ALA B 446 -34.45 17.04 -12.35
CA ALA B 446 -33.06 16.51 -12.26
C ALA B 446 -32.63 16.40 -10.80
N MET B 447 -32.85 17.47 -10.02
CA MET B 447 -32.44 17.56 -8.59
C MET B 447 -33.29 16.60 -7.75
N VAL B 448 -34.58 16.48 -8.05
CA VAL B 448 -35.54 15.57 -7.35
C VAL B 448 -35.10 14.12 -7.61
N LEU B 449 -34.92 13.75 -8.89
CA LEU B 449 -34.51 12.39 -9.30
C LEU B 449 -33.10 12.08 -8.75
N SER B 450 -32.21 13.07 -8.74
CA SER B 450 -30.88 12.99 -8.08
C SER B 450 -31.07 12.63 -6.60
N ALA B 451 -31.98 13.34 -5.92
CA ALA B 451 -32.29 13.17 -4.48
C ALA B 451 -32.94 11.81 -4.21
N VAL B 452 -33.50 11.15 -5.23
CA VAL B 452 -34.15 9.80 -5.12
C VAL B 452 -33.06 8.73 -5.26
N PHE B 453 -32.23 8.81 -6.30
CA PHE B 453 -31.33 7.71 -6.76
C PHE B 453 -29.95 7.80 -6.07
N VAL B 454 -29.40 9.01 -5.89
CA VAL B 454 -28.01 9.23 -5.37
C VAL B 454 -27.86 8.61 -3.98
N PRO B 455 -28.81 8.85 -3.03
CA PRO B 455 -28.65 8.37 -1.65
C PRO B 455 -28.38 6.86 -1.47
N MET B 456 -28.93 6.00 -2.34
CA MET B 456 -28.82 4.52 -2.22
C MET B 456 -27.41 4.05 -2.64
N ALA B 457 -26.62 4.93 -3.29
CA ALA B 457 -25.20 4.68 -3.62
C ALA B 457 -24.34 4.76 -2.35
N PHE B 458 -24.84 5.42 -1.30
CA PHE B 458 -24.15 5.64 -0.01
C PHE B 458 -24.55 4.56 1.01
N PHE B 459 -25.18 3.47 0.57
CA PHE B 459 -25.38 2.23 1.38
C PHE B 459 -24.00 1.58 1.58
N GLY B 460 -23.84 0.86 2.70
CA GLY B 460 -22.56 0.25 3.12
C GLY B 460 -22.46 -1.21 2.71
N GLY B 461 -21.24 -1.66 2.38
CA GLY B 461 -20.92 -3.07 2.13
C GLY B 461 -21.43 -3.56 0.78
N SER B 462 -21.89 -4.81 0.73
CA SER B 462 -22.30 -5.55 -0.50
C SER B 462 -23.57 -4.91 -1.11
N THR B 463 -24.54 -4.55 -0.27
CA THR B 463 -25.85 -3.97 -0.67
C THR B 463 -25.60 -2.64 -1.38
N GLY B 464 -24.74 -1.80 -0.81
CA GLY B 464 -24.34 -0.49 -1.36
C GLY B 464 -23.63 -0.62 -2.70
N ALA B 465 -22.73 -1.60 -2.81
CA ALA B 465 -21.95 -1.92 -4.04
C ALA B 465 -22.90 -2.24 -5.20
N ILE B 466 -24.01 -2.94 -4.91
CA ILE B 466 -25.05 -3.34 -5.90
C ILE B 466 -25.85 -2.10 -6.31
N TYR B 467 -26.37 -1.35 -5.33
CA TYR B 467 -27.20 -0.14 -5.54
C TYR B 467 -26.40 0.94 -6.28
N ARG B 468 -25.08 1.01 -6.02
CA ARG B 468 -24.15 1.99 -6.65
C ARG B 468 -24.20 1.85 -8.18
N GLN B 469 -24.30 0.62 -8.69
CA GLN B 469 -24.31 0.30 -10.14
C GLN B 469 -25.55 0.94 -10.79
N PHE B 470 -26.72 0.75 -10.18
CA PHE B 470 -28.02 1.29 -10.65
C PHE B 470 -28.04 2.82 -10.47
N SER B 471 -27.68 3.28 -9.27
CA SER B 471 -27.68 4.71 -8.85
C SER B 471 -26.93 5.56 -9.88
N ILE B 472 -25.62 5.31 -10.05
CA ILE B 472 -24.72 6.10 -10.94
C ILE B 472 -25.24 6.04 -12.38
N THR B 473 -25.66 4.87 -12.85
CA THR B 473 -26.16 4.63 -14.23
C THR B 473 -27.39 5.51 -14.49
N ILE B 474 -28.42 5.41 -13.65
CA ILE B 474 -29.74 6.09 -13.82
C ILE B 474 -29.56 7.60 -13.64
N VAL B 475 -28.80 8.03 -12.61
CA VAL B 475 -28.51 9.46 -12.32
C VAL B 475 -27.77 10.08 -13.51
N SER B 476 -26.78 9.37 -14.07
CA SER B 476 -25.96 9.80 -15.23
C SER B 476 -26.84 9.94 -16.47
N ALA B 477 -27.61 8.90 -16.78
CA ALA B 477 -28.56 8.84 -17.93
C ALA B 477 -29.60 9.96 -17.79
N MET B 478 -30.17 10.12 -16.59
CA MET B 478 -31.20 11.13 -16.25
C MET B 478 -30.59 12.54 -16.37
N ALA B 479 -29.43 12.77 -15.75
CA ALA B 479 -28.72 14.07 -15.71
C ALA B 479 -28.40 14.55 -17.13
N LEU B 480 -27.95 13.63 -18.00
CA LEU B 480 -27.59 13.93 -19.42
C LEU B 480 -28.86 14.16 -20.24
N SER B 481 -29.96 13.45 -19.93
CA SER B 481 -31.28 13.58 -20.59
C SER B 481 -31.76 15.03 -20.48
N VAL B 482 -31.57 15.64 -19.30
CA VAL B 482 -31.99 17.05 -18.99
C VAL B 482 -31.05 18.02 -19.71
N LEU B 483 -29.74 17.73 -19.73
CA LEU B 483 -28.72 18.54 -20.46
C LEU B 483 -29.05 18.54 -21.96
N VAL B 484 -29.31 17.36 -22.53
CA VAL B 484 -29.71 17.17 -23.95
C VAL B 484 -31.06 17.87 -24.19
N ALA B 485 -31.97 17.80 -23.22
CA ALA B 485 -33.33 18.39 -23.28
C ALA B 485 -33.26 19.93 -23.19
N LEU B 486 -32.15 20.48 -22.66
CA LEU B 486 -31.95 21.95 -22.47
C LEU B 486 -31.01 22.51 -23.54
N ILE B 487 -30.27 21.66 -24.26
CA ILE B 487 -29.21 22.07 -25.24
C ILE B 487 -29.63 21.63 -26.66
N LEU B 488 -29.81 20.33 -26.88
CA LEU B 488 -29.91 19.72 -28.23
C LEU B 488 -31.36 19.76 -28.75
N THR B 489 -32.29 19.09 -28.05
CA THR B 489 -33.69 18.84 -28.53
C THR B 489 -34.44 20.17 -28.73
N PRO B 490 -34.19 21.23 -27.94
CA PRO B 490 -34.73 22.56 -28.24
C PRO B 490 -34.27 23.07 -29.62
N ALA B 491 -32.96 23.05 -29.86
CA ALA B 491 -32.32 23.49 -31.12
C ALA B 491 -32.91 22.69 -32.30
N LEU B 492 -33.11 21.39 -32.12
CA LEU B 492 -33.71 20.48 -33.15
C LEU B 492 -35.15 20.92 -33.44
N CYS B 493 -35.94 21.17 -32.38
CA CYS B 493 -37.37 21.60 -32.46
C CYS B 493 -37.48 22.91 -33.26
N ALA B 494 -36.63 23.88 -32.97
CA ALA B 494 -36.67 25.26 -33.54
C ALA B 494 -36.30 25.26 -35.03
N THR B 495 -35.62 24.21 -35.50
CA THR B 495 -35.07 24.11 -36.88
C THR B 495 -35.85 23.10 -37.73
N MET B 496 -36.23 21.95 -37.15
CA MET B 496 -36.77 20.77 -37.90
C MET B 496 -38.32 20.84 -37.98
N LEU B 497 -39.00 21.27 -36.92
CA LEU B 497 -40.48 21.29 -36.85
C LEU B 497 -41.04 22.34 -37.81
N LYS B 498 -42.25 22.10 -38.34
CA LYS B 498 -42.94 22.95 -39.35
C LYS B 498 -44.02 23.78 -38.68
N PRO B 499 -44.32 24.99 -39.21
CA PRO B 499 -45.42 25.81 -38.68
C PRO B 499 -46.77 25.08 -38.66
N ILE B 500 -47.49 25.16 -37.54
CA ILE B 500 -48.91 24.70 -37.39
C ILE B 500 -49.78 25.94 -37.14
N ALA B 501 -50.86 26.08 -37.90
CA ALA B 501 -51.80 27.23 -37.86
C ALA B 501 -52.54 27.24 -36.52
N LYS B 502 -52.81 28.43 -35.98
CA LYS B 502 -53.53 28.63 -34.69
C LYS B 502 -54.91 27.96 -34.76
N GLY B 503 -55.13 26.94 -33.93
CA GLY B 503 -56.42 26.23 -33.81
C GLY B 503 -56.47 24.97 -34.67
N ASP B 504 -55.37 24.64 -35.37
CA ASP B 504 -55.26 23.41 -36.21
C ASP B 504 -54.90 22.24 -35.29
N HIS B 505 -55.92 21.48 -34.88
CA HIS B 505 -55.79 20.24 -34.05
C HIS B 505 -55.90 19.00 -34.95
N GLY B 506 -55.93 19.20 -36.28
CA GLY B 506 -55.94 18.12 -37.29
C GLY B 506 -57.29 17.43 -37.37
N GLU B 507 -58.36 18.10 -36.94
CA GLU B 507 -59.75 17.58 -36.97
C GLU B 507 -60.31 17.69 -38.40
N GLY B 508 -59.77 18.63 -39.18
CA GLY B 508 -60.13 18.86 -40.60
C GLY B 508 -59.53 17.82 -41.53
N LYS B 509 -58.59 17.00 -41.03
CA LYS B 509 -57.97 15.88 -41.79
C LYS B 509 -59.02 14.79 -42.07
N LYS B 510 -58.67 13.84 -42.95
CA LYS B 510 -59.53 12.67 -43.31
C LYS B 510 -58.76 11.38 -42.97
N GLY B 511 -59.40 10.23 -43.17
CA GLY B 511 -58.82 8.90 -42.90
C GLY B 511 -58.68 8.64 -41.40
N PHE B 512 -57.66 7.86 -41.02
CA PHE B 512 -57.42 7.39 -39.62
C PHE B 512 -57.03 8.57 -38.73
N PHE B 513 -56.09 9.40 -39.19
CA PHE B 513 -55.49 10.52 -38.42
C PHE B 513 -56.53 11.65 -38.22
N GLY B 514 -57.39 11.86 -39.22
CA GLY B 514 -58.54 12.79 -39.13
C GLY B 514 -59.53 12.35 -38.06
N TRP B 515 -59.84 11.05 -38.03
CA TRP B 515 -60.75 10.41 -37.04
C TRP B 515 -60.12 10.47 -35.64
N PHE B 516 -58.85 10.09 -35.53
CA PHE B 516 -58.09 9.98 -34.26
C PHE B 516 -58.08 11.34 -33.53
N ASN B 517 -57.83 12.42 -34.27
CA ASN B 517 -57.74 13.80 -33.73
C ASN B 517 -59.10 14.19 -33.13
N ARG B 518 -60.19 13.97 -33.87
CA ARG B 518 -61.58 14.21 -33.41
C ARG B 518 -61.87 13.31 -32.20
N MET B 519 -61.45 12.05 -32.24
CA MET B 519 -61.63 11.03 -31.18
C MET B 519 -60.89 11.46 -29.91
N PHE B 520 -59.62 11.87 -30.04
CA PHE B 520 -58.74 12.24 -28.90
C PHE B 520 -59.17 13.57 -28.29
N GLU B 521 -59.61 14.52 -29.13
CA GLU B 521 -60.12 15.85 -28.70
C GLU B 521 -61.39 15.65 -27.85
N LYS B 522 -62.25 14.69 -28.22
CA LYS B 522 -63.42 14.26 -27.41
C LYS B 522 -62.92 13.71 -26.06
N SER B 523 -62.00 12.75 -26.10
CA SER B 523 -61.43 12.04 -24.92
C SER B 523 -60.78 13.04 -23.97
N THR B 524 -60.12 14.08 -24.50
CA THR B 524 -59.47 15.17 -23.74
C THR B 524 -60.54 16.03 -23.05
N HIS B 525 -61.68 16.25 -23.73
CA HIS B 525 -62.84 17.03 -23.21
C HIS B 525 -63.56 16.21 -22.12
N HIS B 526 -63.80 14.92 -22.39
CA HIS B 526 -64.42 13.96 -21.43
C HIS B 526 -63.51 13.77 -20.21
N TYR B 527 -62.19 13.87 -20.41
CA TYR B 527 -61.17 13.76 -19.33
C TYR B 527 -61.28 14.98 -18.40
N THR B 528 -61.28 16.19 -18.96
CA THR B 528 -61.39 17.47 -18.20
C THR B 528 -62.77 17.55 -17.52
N ASP B 529 -63.81 17.03 -18.18
CA ASP B 529 -65.19 16.91 -17.63
C ASP B 529 -65.17 15.99 -16.41
N SER B 530 -64.43 14.87 -16.49
CA SER B 530 -64.28 13.86 -15.41
C SER B 530 -63.54 14.48 -14.21
N VAL B 531 -62.37 15.08 -14.47
CA VAL B 531 -61.51 15.75 -13.44
C VAL B 531 -62.31 16.90 -12.81
N GLY B 532 -63.12 17.60 -13.61
CA GLY B 532 -64.05 18.65 -13.13
C GLY B 532 -64.99 18.12 -12.06
N GLY B 533 -65.55 16.92 -12.28
CA GLY B 533 -66.45 16.22 -11.34
C GLY B 533 -65.70 15.72 -10.12
N ILE B 534 -64.46 15.26 -10.30
CA ILE B 534 -63.56 14.75 -9.22
C ILE B 534 -63.28 15.88 -8.22
N LEU B 535 -63.02 17.10 -8.72
CA LEU B 535 -62.58 18.27 -7.90
C LEU B 535 -63.76 18.90 -7.16
N ARG B 536 -65.01 18.53 -7.52
CA ARG B 536 -66.23 18.93 -6.77
C ARG B 536 -66.31 18.13 -5.47
N SER B 537 -65.95 16.84 -5.52
CA SER B 537 -65.99 15.88 -4.39
C SER B 537 -64.59 15.31 -4.13
N THR B 538 -63.68 16.13 -3.60
CA THR B 538 -62.26 15.77 -3.29
C THR B 538 -62.23 14.80 -2.10
N GLY B 539 -62.91 15.15 -1.01
CA GLY B 539 -62.96 14.40 0.26
C GLY B 539 -63.12 12.91 0.04
N ARG B 540 -64.04 12.52 -0.86
CA ARG B 540 -64.33 11.10 -1.22
C ARG B 540 -63.09 10.44 -1.80
N TYR B 541 -62.37 11.13 -2.69
CA TYR B 541 -61.18 10.60 -3.41
C TYR B 541 -59.98 10.51 -2.46
N LEU B 542 -59.90 11.42 -1.48
CA LEU B 542 -58.86 11.39 -0.41
C LEU B 542 -59.03 10.12 0.44
N VAL B 543 -60.28 9.67 0.64
CA VAL B 543 -60.60 8.39 1.35
C VAL B 543 -60.15 7.22 0.47
N LEU B 544 -60.41 7.29 -0.84
CA LEU B 544 -59.98 6.26 -1.84
C LEU B 544 -58.45 6.21 -1.92
N TYR B 545 -57.78 7.36 -1.71
CA TYR B 545 -56.30 7.47 -1.68
C TYR B 545 -55.75 6.72 -0.46
N LEU B 546 -56.32 6.95 0.72
CA LEU B 546 -55.91 6.31 2.00
C LEU B 546 -56.12 4.79 1.93
N ILE B 547 -57.11 4.34 1.15
CA ILE B 547 -57.37 2.89 0.89
C ILE B 547 -56.21 2.33 0.05
N ILE B 548 -55.67 3.13 -0.88
CA ILE B 548 -54.53 2.73 -1.76
C ILE B 548 -53.24 2.70 -0.93
N VAL B 549 -53.00 3.72 -0.08
CA VAL B 549 -51.79 3.84 0.78
C VAL B 549 -51.79 2.69 1.79
N VAL B 550 -52.96 2.37 2.36
CA VAL B 550 -53.18 1.20 3.26
C VAL B 550 -52.94 -0.08 2.45
N GLY B 551 -53.58 -0.19 1.28
CA GLY B 551 -53.42 -1.31 0.33
C GLY B 551 -51.96 -1.52 -0.03
N MET B 552 -51.25 -0.44 -0.37
CA MET B 552 -49.80 -0.42 -0.71
C MET B 552 -49.00 -0.99 0.46
N ALA B 553 -49.09 -0.34 1.63
CA ALA B 553 -48.32 -0.67 2.86
C ALA B 553 -48.49 -2.16 3.21
N TYR B 554 -49.74 -2.66 3.19
CA TYR B 554 -50.10 -4.07 3.45
C TYR B 554 -49.48 -4.98 2.39
N LEU B 555 -49.69 -4.64 1.11
CA LEU B 555 -49.27 -5.45 -0.07
C LEU B 555 -47.75 -5.41 -0.23
N PHE B 556 -47.09 -4.41 0.37
CA PHE B 556 -45.61 -4.25 0.39
C PHE B 556 -44.98 -5.29 1.33
N VAL B 557 -45.51 -5.37 2.56
CA VAL B 557 -45.02 -6.26 3.66
C VAL B 557 -45.26 -7.73 3.29
N ARG B 558 -46.46 -8.05 2.79
CA ARG B 558 -46.90 -9.43 2.48
C ARG B 558 -46.07 -10.03 1.33
N LEU B 559 -45.49 -9.19 0.47
CA LEU B 559 -44.63 -9.62 -0.67
C LEU B 559 -43.29 -10.09 -0.12
N PRO B 560 -42.80 -11.30 -0.52
CA PRO B 560 -41.55 -11.83 0.02
C PRO B 560 -40.31 -11.01 -0.40
N SER B 561 -39.34 -10.89 0.51
CA SER B 561 -38.14 -10.02 0.39
C SER B 561 -36.94 -10.84 -0.09
N SER B 562 -36.01 -10.20 -0.81
CA SER B 562 -34.73 -10.78 -1.31
C SER B 562 -33.84 -9.66 -1.88
N PHE B 563 -32.55 -9.93 -2.11
CA PHE B 563 -31.58 -9.02 -2.76
C PHE B 563 -31.49 -9.38 -4.25
N LEU B 564 -30.77 -10.46 -4.57
CA LEU B 564 -30.71 -11.08 -5.92
C LEU B 564 -31.41 -12.44 -5.85
N PRO B 565 -32.40 -12.72 -6.74
CA PRO B 565 -33.18 -13.95 -6.65
C PRO B 565 -32.43 -15.19 -7.16
N ASP B 566 -32.91 -16.38 -6.78
CA ASP B 566 -32.43 -17.69 -7.30
C ASP B 566 -33.05 -17.92 -8.68
N GLU B 567 -32.25 -17.79 -9.74
CA GLU B 567 -32.68 -17.91 -11.15
C GLU B 567 -32.11 -19.20 -11.76
N ASP B 568 -32.65 -19.64 -12.90
CA ASP B 568 -32.11 -20.76 -13.71
C ASP B 568 -30.83 -20.26 -14.39
N GLN B 569 -29.67 -20.68 -13.86
CA GLN B 569 -28.32 -20.27 -14.36
C GLN B 569 -27.76 -21.37 -15.27
N GLY B 570 -28.55 -22.43 -15.54
CA GLY B 570 -28.15 -23.59 -16.36
C GLY B 570 -27.20 -24.51 -15.62
N VAL B 571 -27.08 -24.35 -14.29
CA VAL B 571 -26.14 -25.12 -13.42
C VAL B 571 -26.75 -25.22 -12.02
N PHE B 572 -26.53 -26.35 -11.35
CA PHE B 572 -26.97 -26.62 -9.95
C PHE B 572 -26.17 -27.81 -9.40
N MET B 573 -25.83 -27.77 -8.10
CA MET B 573 -25.04 -28.83 -7.41
C MET B 573 -25.97 -29.94 -6.93
N THR B 574 -25.39 -31.09 -6.56
CA THR B 574 -26.06 -32.24 -5.89
C THR B 574 -25.09 -32.83 -4.86
N MET B 575 -25.24 -32.45 -3.59
CA MET B 575 -24.42 -32.95 -2.46
C MET B 575 -24.70 -34.44 -2.24
N VAL B 576 -23.64 -35.24 -2.06
CA VAL B 576 -23.69 -36.69 -1.74
C VAL B 576 -22.90 -36.92 -0.45
N GLN B 577 -23.61 -37.21 0.65
CA GLN B 577 -23.03 -37.32 2.02
C GLN B 577 -23.32 -38.71 2.58
N LEU B 578 -22.28 -39.58 2.64
CA LEU B 578 -22.35 -40.94 3.23
C LEU B 578 -22.02 -40.85 4.72
N PRO B 579 -22.37 -41.87 5.53
CA PRO B 579 -22.15 -41.82 6.98
C PRO B 579 -20.67 -41.82 7.37
N ALA B 580 -20.39 -41.50 8.64
CA ALA B 580 -19.03 -41.44 9.23
C ALA B 580 -18.31 -42.78 9.03
N GLY B 581 -17.14 -42.75 8.38
CA GLY B 581 -16.28 -43.93 8.16
C GLY B 581 -16.43 -44.52 6.77
N ALA B 582 -17.30 -43.94 5.93
CA ALA B 582 -17.57 -44.38 4.54
C ALA B 582 -16.36 -44.04 3.66
N THR B 583 -16.04 -44.93 2.71
CA THR B 583 -14.86 -44.84 1.80
C THR B 583 -15.28 -44.16 0.49
N GLN B 584 -14.31 -43.82 -0.36
CA GLN B 584 -14.54 -43.09 -1.63
C GLN B 584 -15.14 -44.04 -2.69
N GLU B 585 -14.92 -45.35 -2.53
CA GLU B 585 -15.51 -46.41 -3.41
C GLU B 585 -17.03 -46.43 -3.20
N ARG B 586 -17.48 -46.41 -1.95
CA ARG B 586 -18.92 -46.36 -1.55
C ARG B 586 -19.54 -45.07 -2.07
N THR B 587 -18.85 -43.94 -1.91
CA THR B 587 -19.29 -42.58 -2.33
C THR B 587 -19.44 -42.52 -3.86
N GLN B 588 -18.47 -43.12 -4.58
CA GLN B 588 -18.42 -43.11 -6.07
C GLN B 588 -19.66 -43.81 -6.64
N LYS B 589 -20.11 -44.90 -5.99
CA LYS B 589 -21.27 -45.72 -6.43
C LYS B 589 -22.55 -44.87 -6.35
N VAL B 590 -22.67 -44.01 -5.33
CA VAL B 590 -23.82 -43.08 -5.15
C VAL B 590 -23.71 -41.97 -6.21
N LEU B 591 -22.51 -41.43 -6.42
CA LEU B 591 -22.21 -40.40 -7.46
C LEU B 591 -22.56 -40.96 -8.84
N ASN B 592 -22.27 -42.24 -9.09
CA ASN B 592 -22.60 -42.96 -10.34
C ASN B 592 -24.13 -43.06 -10.48
N GLU B 593 -24.83 -43.38 -9.39
CA GLU B 593 -26.32 -43.45 -9.32
C GLU B 593 -26.91 -42.05 -9.59
N VAL B 594 -26.27 -41.01 -9.05
CA VAL B 594 -26.67 -39.58 -9.26
C VAL B 594 -26.41 -39.20 -10.72
N THR B 595 -25.22 -39.52 -11.24
CA THR B 595 -24.81 -39.27 -12.66
C THR B 595 -25.78 -39.98 -13.61
N HIS B 596 -26.00 -41.28 -13.38
CA HIS B 596 -26.91 -42.14 -14.19
C HIS B 596 -28.31 -41.51 -14.25
N TYR B 597 -28.87 -41.16 -13.10
CA TYR B 597 -30.23 -40.56 -12.95
C TYR B 597 -30.38 -39.39 -13.92
N TYR B 598 -29.49 -38.39 -13.81
CA TYR B 598 -29.55 -37.09 -14.56
C TYR B 598 -29.44 -37.34 -16.07
N LEU B 599 -28.59 -38.29 -16.49
CA LEU B 599 -28.32 -38.57 -17.93
C LEU B 599 -29.39 -39.51 -18.50
N THR B 600 -30.17 -40.18 -17.64
CA THR B 600 -31.24 -41.14 -18.03
C THR B 600 -32.60 -40.43 -17.99
N LYS B 601 -33.01 -39.93 -16.82
CA LYS B 601 -34.37 -39.36 -16.57
C LYS B 601 -34.45 -37.92 -17.07
N GLU B 602 -33.36 -37.14 -16.96
CA GLU B 602 -33.30 -35.71 -17.32
C GLU B 602 -32.40 -35.51 -18.54
N LYS B 603 -32.41 -36.46 -19.48
CA LYS B 603 -31.61 -36.43 -20.74
C LYS B 603 -31.99 -35.21 -21.58
N ASN B 604 -33.25 -34.75 -21.48
CA ASN B 604 -33.80 -33.61 -22.24
C ASN B 604 -33.24 -32.28 -21.71
N ASN B 605 -32.94 -32.20 -20.41
CA ASN B 605 -32.55 -30.95 -19.70
C ASN B 605 -31.04 -30.95 -19.40
N VAL B 606 -30.51 -32.06 -18.88
CA VAL B 606 -29.10 -32.17 -18.41
C VAL B 606 -28.18 -32.34 -19.61
N GLU B 607 -27.11 -31.54 -19.67
CA GLU B 607 -26.03 -31.61 -20.70
C GLU B 607 -24.93 -32.55 -20.19
N SER B 608 -24.39 -32.27 -19.01
CA SER B 608 -23.28 -33.04 -18.38
C SER B 608 -23.43 -33.05 -16.85
N VAL B 609 -22.77 -34.01 -16.20
CA VAL B 609 -22.67 -34.15 -14.72
C VAL B 609 -21.19 -34.25 -14.34
N PHE B 610 -20.64 -33.20 -13.73
CA PHE B 610 -19.23 -33.15 -13.23
C PHE B 610 -19.22 -33.71 -11.80
N ALA B 611 -19.08 -35.04 -11.68
CA ALA B 611 -19.11 -35.79 -10.41
C ALA B 611 -17.72 -35.76 -9.75
N VAL B 612 -17.58 -34.96 -8.68
CA VAL B 612 -16.30 -34.77 -7.93
C VAL B 612 -16.42 -35.49 -6.57
N ASN B 613 -15.83 -36.67 -6.47
CA ASN B 613 -15.76 -37.48 -5.22
C ASN B 613 -14.71 -36.86 -4.29
N GLY B 614 -15.00 -36.82 -2.99
CA GLY B 614 -14.11 -36.29 -1.94
C GLY B 614 -14.01 -34.77 -1.99
N PHE B 615 -15.11 -34.08 -2.30
CA PHE B 615 -15.16 -32.61 -2.50
C PHE B 615 -16.56 -32.08 -2.16
N GLY B 616 -16.60 -30.85 -1.64
CA GLY B 616 -17.83 -30.05 -1.43
C GLY B 616 -17.73 -28.73 -2.18
N PHE B 617 -17.42 -27.65 -1.48
CA PHE B 617 -16.91 -26.37 -2.06
C PHE B 617 -15.39 -26.30 -1.84
N ALA B 618 -14.89 -27.06 -0.86
CA ALA B 618 -13.46 -27.28 -0.56
C ALA B 618 -13.18 -28.78 -0.57
N PRO B 619 -11.90 -29.23 -0.51
CA PRO B 619 -11.60 -30.66 -0.36
C PRO B 619 -12.20 -31.23 0.93
N ARG B 620 -12.98 -32.31 0.79
CA ARG B 620 -13.70 -33.01 1.90
C ARG B 620 -13.18 -34.44 2.03
N GLY B 621 -13.63 -35.17 3.05
CA GLY B 621 -13.25 -36.58 3.32
C GLY B 621 -13.78 -37.51 2.25
N GLN B 622 -13.38 -38.80 2.31
CA GLN B 622 -13.77 -39.86 1.35
C GLN B 622 -15.30 -40.02 1.31
N ASN B 623 -15.99 -39.72 2.41
CA ASN B 623 -17.44 -40.00 2.61
C ASN B 623 -18.32 -38.91 2.00
N THR B 624 -17.73 -37.88 1.38
CA THR B 624 -18.45 -36.73 0.76
C THR B 624 -18.14 -36.66 -0.74
N GLY B 625 -19.10 -36.14 -1.52
CA GLY B 625 -18.95 -35.85 -2.96
C GLY B 625 -20.02 -34.87 -3.42
N ILE B 626 -19.73 -34.08 -4.45
CA ILE B 626 -20.67 -33.11 -5.06
C ILE B 626 -20.70 -33.34 -6.58
N ALA B 627 -21.86 -33.13 -7.21
CA ALA B 627 -22.08 -33.30 -8.67
C ALA B 627 -22.57 -31.97 -9.26
N PHE B 628 -21.72 -31.28 -10.01
CA PHE B 628 -22.03 -30.01 -10.73
C PHE B 628 -22.78 -30.36 -12.03
N VAL B 629 -24.11 -30.33 -11.98
CA VAL B 629 -25.01 -30.66 -13.13
C VAL B 629 -25.12 -29.42 -14.04
N SER B 630 -24.63 -29.53 -15.27
CA SER B 630 -24.73 -28.48 -16.32
C SER B 630 -25.91 -28.82 -17.24
N LEU B 631 -26.85 -27.88 -17.40
CA LEU B 631 -28.10 -28.06 -18.19
C LEU B 631 -27.87 -27.63 -19.64
N LYS B 632 -28.77 -28.00 -20.54
CA LYS B 632 -28.81 -27.54 -21.95
C LYS B 632 -29.31 -26.08 -21.98
N ASP B 633 -29.44 -25.50 -23.17
CA ASP B 633 -29.93 -24.11 -23.37
C ASP B 633 -31.37 -24.00 -22.87
N TRP B 634 -31.84 -22.78 -22.61
CA TRP B 634 -33.23 -22.46 -22.16
C TRP B 634 -34.19 -22.67 -23.32
N ALA B 635 -33.70 -22.57 -24.55
CA ALA B 635 -34.44 -22.80 -25.81
C ALA B 635 -34.76 -24.29 -25.99
N ASP B 636 -33.99 -25.17 -25.34
CA ASP B 636 -34.14 -26.65 -25.41
C ASP B 636 -34.93 -27.18 -24.21
N ARG B 637 -35.29 -26.31 -23.25
CA ARG B 637 -35.99 -26.69 -21.99
C ARG B 637 -37.18 -25.75 -21.75
N PRO B 638 -38.22 -25.77 -22.61
CA PRO B 638 -39.39 -24.90 -22.42
C PRO B 638 -40.29 -25.38 -21.28
N GLY B 639 -41.03 -24.46 -20.65
CA GLY B 639 -41.94 -24.74 -19.52
C GLY B 639 -41.24 -24.60 -18.18
N GLU B 640 -42.00 -24.25 -17.14
CA GLU B 640 -41.49 -24.05 -15.74
C GLU B 640 -41.05 -25.40 -15.16
N GLU B 641 -41.64 -26.50 -15.65
CA GLU B 641 -41.33 -27.91 -15.26
C GLU B 641 -39.85 -28.23 -15.50
N ASN B 642 -39.24 -27.66 -16.54
CA ASN B 642 -37.85 -27.96 -16.97
C ASN B 642 -36.90 -26.82 -16.58
N LYS B 643 -37.16 -26.15 -15.44
CA LYS B 643 -36.26 -25.14 -14.84
C LYS B 643 -35.67 -25.71 -13.54
N VAL B 644 -34.52 -25.19 -13.11
CA VAL B 644 -33.69 -25.74 -11.99
C VAL B 644 -34.59 -26.01 -10.78
N GLU B 645 -35.48 -25.06 -10.43
CA GLU B 645 -36.37 -25.13 -9.25
C GLU B 645 -37.11 -26.48 -9.22
N ALA B 646 -37.76 -26.85 -10.34
CA ALA B 646 -38.56 -28.08 -10.49
C ALA B 646 -37.62 -29.30 -10.61
N ILE B 647 -36.58 -29.19 -11.43
CA ILE B 647 -35.54 -30.26 -11.67
C ILE B 647 -34.88 -30.60 -10.32
N THR B 648 -34.53 -29.58 -9.53
CA THR B 648 -33.94 -29.69 -8.17
C THR B 648 -34.83 -30.56 -7.28
N MET B 649 -36.11 -30.18 -7.15
CA MET B 649 -37.09 -30.86 -6.26
C MET B 649 -37.33 -32.30 -6.74
N ARG B 650 -37.46 -32.50 -8.06
CA ARG B 650 -37.63 -33.84 -8.69
C ARG B 650 -36.43 -34.73 -8.34
N ALA B 651 -35.21 -34.21 -8.46
CA ALA B 651 -33.93 -34.91 -8.18
C ALA B 651 -33.86 -35.27 -6.70
N THR B 652 -34.03 -34.28 -5.82
CA THR B 652 -34.02 -34.42 -4.33
C THR B 652 -35.06 -35.47 -3.91
N ARG B 653 -36.24 -35.46 -4.55
CA ARG B 653 -37.38 -36.37 -4.26
C ARG B 653 -36.99 -37.81 -4.63
N ALA B 654 -36.37 -38.01 -5.79
CA ALA B 654 -35.95 -39.33 -6.33
C ALA B 654 -34.80 -39.91 -5.49
N PHE B 655 -33.94 -39.04 -4.93
CA PHE B 655 -32.72 -39.42 -4.18
C PHE B 655 -33.02 -39.64 -2.69
N SER B 656 -34.29 -39.46 -2.28
CA SER B 656 -34.79 -39.82 -0.92
C SER B 656 -34.81 -41.35 -0.76
N GLN B 657 -34.80 -42.08 -1.88
CA GLN B 657 -34.88 -43.57 -1.93
C GLN B 657 -33.51 -44.17 -1.55
N ILE B 658 -32.42 -43.50 -1.90
CA ILE B 658 -31.01 -44.00 -1.72
C ILE B 658 -30.76 -44.25 -0.23
N LYS B 659 -30.27 -45.44 0.12
CA LYS B 659 -29.92 -45.83 1.52
C LYS B 659 -28.47 -45.42 1.79
N ASP B 660 -28.16 -45.11 3.06
CA ASP B 660 -26.80 -44.76 3.56
C ASP B 660 -26.20 -43.63 2.70
N ALA B 661 -26.98 -42.58 2.43
CA ALA B 661 -26.55 -41.38 1.68
C ALA B 661 -27.60 -40.27 1.81
N MET B 662 -27.20 -39.10 2.32
CA MET B 662 -28.02 -37.86 2.35
C MET B 662 -27.79 -37.09 1.04
N VAL B 663 -28.48 -37.48 -0.03
CA VAL B 663 -28.32 -36.93 -1.41
C VAL B 663 -29.46 -35.92 -1.65
N PHE B 664 -29.11 -34.66 -1.95
CA PHE B 664 -30.06 -33.56 -2.20
C PHE B 664 -29.45 -32.55 -3.18
N ALA B 665 -30.23 -32.16 -4.20
CA ALA B 665 -29.89 -31.13 -5.21
C ALA B 665 -30.29 -29.74 -4.68
N PHE B 666 -29.55 -28.70 -5.06
CA PHE B 666 -29.82 -27.29 -4.71
C PHE B 666 -29.23 -26.35 -5.77
N ASN B 667 -29.91 -25.22 -6.01
CA ASN B 667 -29.57 -24.22 -7.05
C ASN B 667 -28.36 -23.39 -6.59
N LEU B 668 -27.61 -22.83 -7.55
CA LEU B 668 -26.49 -21.89 -7.29
C LEU B 668 -27.06 -20.52 -6.90
N PRO B 669 -26.47 -19.82 -5.91
CA PRO B 669 -26.79 -18.41 -5.67
C PRO B 669 -26.37 -17.53 -6.85
N ALA B 670 -27.08 -16.42 -7.07
CA ALA B 670 -26.81 -15.42 -8.14
C ALA B 670 -25.34 -14.98 -8.07
N ILE B 671 -24.88 -14.60 -6.87
CA ILE B 671 -23.46 -14.27 -6.55
C ILE B 671 -23.03 -15.17 -5.38
N VAL B 672 -22.23 -16.21 -5.68
CA VAL B 672 -21.81 -17.27 -4.72
C VAL B 672 -20.89 -16.65 -3.66
N GLU B 673 -20.03 -15.70 -4.08
CA GLU B 673 -18.97 -15.07 -3.26
C GLU B 673 -19.57 -14.50 -1.97
N LEU B 674 -20.85 -14.08 -2.00
CA LEU B 674 -21.62 -13.63 -0.81
C LEU B 674 -22.41 -14.81 -0.24
N GLY B 675 -23.08 -15.59 -1.11
CA GLY B 675 -23.95 -16.71 -0.72
C GLY B 675 -25.31 -16.25 -0.22
N THR B 676 -25.60 -14.94 -0.35
CA THR B 676 -26.87 -14.29 0.05
C THR B 676 -28.05 -15.08 -0.52
N ALA B 677 -28.85 -15.69 0.36
CA ALA B 677 -30.03 -16.53 0.00
C ALA B 677 -31.20 -16.18 0.92
N THR B 678 -31.20 -14.99 1.52
CA THR B 678 -32.04 -14.59 2.69
C THR B 678 -31.71 -15.52 3.87
N GLY B 679 -31.81 -15.01 5.09
CA GLY B 679 -31.47 -15.73 6.33
C GLY B 679 -30.22 -15.14 6.96
N PHE B 680 -29.49 -15.96 7.73
CA PHE B 680 -28.35 -15.50 8.56
C PHE B 680 -27.21 -16.52 8.54
N ASP B 681 -26.03 -16.07 8.98
CA ASP B 681 -24.77 -16.86 9.12
C ASP B 681 -24.25 -16.63 10.54
N PHE B 682 -24.68 -17.48 11.49
CA PHE B 682 -24.43 -17.37 12.95
C PHE B 682 -23.15 -18.13 13.30
N GLU B 683 -22.25 -17.49 14.07
CA GLU B 683 -21.01 -18.09 14.62
C GLU B 683 -21.17 -18.30 16.12
N LEU B 684 -20.98 -19.53 16.60
CA LEU B 684 -20.96 -19.89 18.04
C LEU B 684 -19.51 -20.07 18.48
N ILE B 685 -19.04 -19.26 19.44
CA ILE B 685 -17.60 -19.07 19.77
C ILE B 685 -17.31 -19.57 21.19
N ASP B 686 -16.22 -20.34 21.35
CA ASP B 686 -15.63 -20.74 22.65
C ASP B 686 -14.73 -19.60 23.14
N GLN B 687 -15.15 -18.89 24.20
CA GLN B 687 -14.53 -17.62 24.67
C GLN B 687 -13.73 -17.86 25.97
N ALA B 688 -13.71 -19.09 26.49
CA ALA B 688 -13.14 -19.42 27.83
C ALA B 688 -12.47 -20.80 27.82
N GLY B 689 -11.82 -21.17 26.71
CA GLY B 689 -11.08 -22.44 26.57
C GLY B 689 -11.87 -23.65 27.05
N LEU B 690 -13.18 -23.67 26.76
CA LEU B 690 -14.12 -24.75 27.15
C LEU B 690 -13.72 -26.07 26.46
N GLY B 691 -13.29 -25.99 25.20
CA GLY B 691 -12.91 -27.14 24.36
C GLY B 691 -13.95 -27.44 23.31
N HIS B 692 -13.65 -28.39 22.42
CA HIS B 692 -14.51 -28.79 21.27
C HIS B 692 -15.79 -29.47 21.77
N GLU B 693 -15.66 -30.40 22.73
CA GLU B 693 -16.78 -31.23 23.25
C GLU B 693 -17.83 -30.34 23.93
N LYS B 694 -17.40 -29.34 24.71
CA LYS B 694 -18.29 -28.40 25.44
C LYS B 694 -18.99 -27.47 24.44
N LEU B 695 -18.31 -27.05 23.37
CA LEU B 695 -18.87 -26.18 22.30
C LEU B 695 -19.90 -26.97 21.49
N THR B 696 -19.71 -28.29 21.35
CA THR B 696 -20.65 -29.22 20.66
C THR B 696 -21.96 -29.29 21.45
N GLN B 697 -21.88 -29.42 22.78
CA GLN B 697 -23.04 -29.49 23.70
C GLN B 697 -23.86 -28.20 23.59
N ALA B 698 -23.20 -27.04 23.61
CA ALA B 698 -23.81 -25.70 23.55
C ALA B 698 -24.51 -25.51 22.19
N ARG B 699 -23.91 -26.02 21.12
CA ARG B 699 -24.45 -25.98 19.73
C ARG B 699 -25.75 -26.79 19.68
N ASN B 700 -25.71 -28.04 20.17
CA ASN B 700 -26.87 -28.97 20.24
C ASN B 700 -27.99 -28.31 21.06
N GLN B 701 -27.62 -27.62 22.16
CA GLN B 701 -28.54 -26.92 23.08
C GLN B 701 -29.22 -25.75 22.36
N LEU B 702 -28.50 -25.04 21.48
CA LEU B 702 -29.02 -23.90 20.68
C LEU B 702 -29.91 -24.43 19.55
N LEU B 703 -29.47 -25.48 18.85
CA LEU B 703 -30.21 -26.14 17.74
C LEU B 703 -31.54 -26.69 18.25
N ALA B 704 -31.56 -27.17 19.51
CA ALA B 704 -32.75 -27.71 20.21
C ALA B 704 -33.77 -26.58 20.42
N GLU B 705 -33.32 -25.42 20.92
CA GLU B 705 -34.18 -24.24 21.21
C GLU B 705 -34.76 -23.68 19.90
N ALA B 706 -33.93 -23.55 18.86
CA ALA B 706 -34.32 -23.06 17.52
C ALA B 706 -35.42 -23.95 16.93
N ALA B 707 -35.33 -25.27 17.16
CA ALA B 707 -36.29 -26.29 16.67
C ALA B 707 -37.65 -26.13 17.38
N LYS B 708 -37.65 -25.48 18.55
CA LYS B 708 -38.88 -25.19 19.35
C LYS B 708 -39.45 -23.81 18.95
N HIS B 709 -39.02 -23.27 17.80
CA HIS B 709 -39.56 -22.01 17.20
C HIS B 709 -39.66 -22.16 15.68
N PRO B 710 -40.53 -23.04 15.15
CA PRO B 710 -40.79 -23.10 13.71
C PRO B 710 -41.46 -21.83 13.18
N ASP B 711 -42.21 -21.14 14.05
CA ASP B 711 -42.94 -19.87 13.76
C ASP B 711 -41.96 -18.74 13.44
N MET B 712 -40.72 -18.81 13.97
CA MET B 712 -39.69 -17.75 13.81
C MET B 712 -38.52 -18.24 12.93
N LEU B 713 -37.89 -19.35 13.32
CA LEU B 713 -36.66 -19.90 12.66
C LEU B 713 -36.99 -21.16 11.88
N THR B 714 -36.42 -21.31 10.68
CA THR B 714 -36.57 -22.49 9.79
C THR B 714 -35.21 -22.95 9.30
N SER B 715 -35.00 -24.27 9.23
CA SER B 715 -33.78 -24.94 8.70
C SER B 715 -32.53 -24.37 9.37
N VAL B 716 -32.52 -24.32 10.71
CA VAL B 716 -31.34 -23.88 11.52
C VAL B 716 -30.43 -25.10 11.73
N ARG B 717 -29.39 -25.23 10.91
CA ARG B 717 -28.42 -26.37 10.91
C ARG B 717 -27.00 -25.84 11.09
N PRO B 718 -26.05 -26.70 11.51
CA PRO B 718 -24.63 -26.34 11.51
C PRO B 718 -23.98 -26.53 10.12
N ASN B 719 -23.08 -25.62 9.75
CA ASN B 719 -22.22 -25.73 8.53
C ASN B 719 -20.89 -26.36 8.96
N GLY B 720 -20.95 -27.58 9.50
CA GLY B 720 -19.80 -28.33 10.01
C GLY B 720 -20.08 -29.82 10.06
N LEU B 721 -19.06 -30.62 10.38
CA LEU B 721 -19.13 -32.11 10.42
C LEU B 721 -19.25 -32.57 11.89
N GLU B 722 -19.96 -33.67 12.11
CA GLU B 722 -20.08 -34.33 13.44
C GLU B 722 -18.80 -35.14 13.69
N ASP B 723 -18.47 -35.40 14.94
CA ASP B 723 -17.26 -36.18 15.35
C ASP B 723 -17.39 -37.60 14.78
N THR B 724 -16.33 -38.07 14.10
CA THR B 724 -16.23 -39.42 13.48
C THR B 724 -15.27 -40.27 14.30
N PRO B 725 -15.42 -41.62 14.29
CA PRO B 725 -14.47 -42.50 14.97
C PRO B 725 -13.10 -42.47 14.28
N GLN B 726 -12.02 -42.45 15.08
CA GLN B 726 -10.62 -42.34 14.60
C GLN B 726 -9.74 -43.32 15.39
N PHE B 727 -8.65 -43.78 14.77
CA PHE B 727 -7.75 -44.85 15.25
C PHE B 727 -6.60 -44.23 16.07
N LYS B 728 -6.74 -44.23 17.39
CA LYS B 728 -5.69 -43.77 18.34
C LYS B 728 -4.64 -44.87 18.50
N ILE B 729 -3.35 -44.53 18.33
CA ILE B 729 -2.19 -45.46 18.52
C ILE B 729 -1.18 -44.80 19.47
N ASP B 730 -0.86 -45.49 20.57
CA ASP B 730 0.07 -44.99 21.62
C ASP B 730 1.38 -45.77 21.54
N ILE B 731 2.47 -45.09 21.18
CA ILE B 731 3.85 -45.64 21.15
C ILE B 731 4.37 -45.67 22.60
N ASP B 732 4.71 -46.85 23.11
CA ASP B 732 5.29 -47.03 24.47
C ASP B 732 6.77 -46.60 24.41
N GLN B 733 7.09 -45.47 25.04
CA GLN B 733 8.46 -44.85 25.02
C GLN B 733 9.44 -45.79 25.75
N GLU B 734 8.99 -46.44 26.82
CA GLU B 734 9.81 -47.38 27.64
C GLU B 734 10.20 -48.60 26.81
N LYS B 735 9.23 -49.21 26.13
CA LYS B 735 9.43 -50.44 25.32
C LYS B 735 10.28 -50.11 24.08
N ALA B 736 10.15 -48.90 23.55
CA ALA B 736 10.92 -48.38 22.40
C ALA B 736 12.39 -48.21 22.79
N GLN B 737 12.65 -47.51 23.90
CA GLN B 737 14.00 -47.21 24.42
C GLN B 737 14.69 -48.49 24.89
N ALA B 738 13.93 -49.43 25.47
CA ALA B 738 14.42 -50.71 26.02
C ALA B 738 14.91 -51.63 24.87
N LEU B 739 14.23 -51.59 23.72
CA LEU B 739 14.58 -52.42 22.53
C LEU B 739 15.63 -51.70 21.68
N GLY B 740 15.87 -50.40 21.93
CA GLY B 740 16.86 -49.58 21.21
C GLY B 740 16.31 -49.04 19.90
N VAL B 741 14.99 -48.77 19.85
CA VAL B 741 14.26 -48.23 18.68
C VAL B 741 13.90 -46.77 18.98
N SER B 742 14.41 -45.82 18.19
CA SER B 742 14.19 -44.36 18.36
C SER B 742 12.79 -43.98 17.90
N ILE B 743 12.11 -43.10 18.65
CA ILE B 743 10.72 -42.62 18.38
C ILE B 743 10.68 -41.89 17.04
N ASN B 744 11.76 -41.21 16.64
CA ASN B 744 11.87 -40.48 15.35
C ASN B 744 11.71 -41.48 14.20
N ASP B 745 12.44 -42.61 14.25
CA ASP B 745 12.37 -43.72 13.26
C ASP B 745 10.97 -44.34 13.28
N ILE B 746 10.36 -44.46 14.46
CA ILE B 746 8.99 -45.03 14.65
C ILE B 746 7.97 -44.11 13.99
N ASN B 747 7.93 -42.83 14.39
CA ASN B 747 6.93 -41.82 13.94
C ASN B 747 7.13 -41.52 12.44
N THR B 748 8.36 -41.64 11.93
CA THR B 748 8.69 -41.44 10.50
C THR B 748 8.12 -42.63 9.68
N THR B 749 8.36 -43.86 10.15
CA THR B 749 7.88 -45.11 9.51
C THR B 749 6.35 -45.05 9.35
N LEU B 750 5.64 -44.74 10.45
CA LEU B 750 4.16 -44.63 10.49
C LEU B 750 3.71 -43.49 9.57
N GLY B 751 4.27 -42.29 9.77
CA GLY B 751 3.92 -41.06 9.03
C GLY B 751 4.15 -41.22 7.53
N ALA B 752 5.30 -41.77 7.14
CA ALA B 752 5.73 -41.94 5.73
C ALA B 752 4.86 -43.02 5.06
N ALA B 753 4.74 -44.19 5.68
CA ALA B 753 4.02 -45.38 5.15
C ALA B 753 2.53 -45.05 4.97
N TRP B 754 1.83 -44.75 6.06
CA TRP B 754 0.34 -44.61 6.12
C TRP B 754 -0.10 -43.23 5.64
N GLY B 755 0.66 -42.18 5.98
CA GLY B 755 0.31 -40.78 5.69
C GLY B 755 0.85 -40.30 4.35
N GLY B 756 2.01 -40.82 3.93
CA GLY B 756 2.75 -40.35 2.74
C GLY B 756 3.68 -39.21 3.09
N SER B 757 4.94 -39.28 2.63
CA SER B 757 6.01 -38.28 2.90
C SER B 757 6.52 -37.69 1.58
N TYR B 758 6.33 -36.39 1.39
CA TYR B 758 6.90 -35.59 0.27
C TYR B 758 8.40 -35.39 0.53
N VAL B 759 9.24 -36.16 -0.16
CA VAL B 759 10.70 -36.27 0.11
C VAL B 759 11.42 -35.05 -0.49
N ASN B 760 11.42 -34.93 -1.82
CA ASN B 760 12.16 -33.87 -2.56
C ASN B 760 11.59 -33.77 -3.99
N ASP B 761 12.22 -32.98 -4.86
CA ASP B 761 11.77 -32.72 -6.25
C ASP B 761 12.63 -33.52 -7.23
N PHE B 762 12.02 -33.94 -8.34
CA PHE B 762 12.67 -34.54 -9.54
C PHE B 762 12.18 -33.79 -10.77
N ILE B 763 12.75 -34.06 -11.95
CA ILE B 763 12.48 -33.32 -13.22
C ILE B 763 11.92 -34.30 -14.26
N ASP B 764 10.59 -34.28 -14.47
CA ASP B 764 9.88 -35.10 -15.49
C ASP B 764 9.74 -34.28 -16.78
N ARG B 765 10.52 -34.62 -17.81
CA ARG B 765 10.46 -34.03 -19.17
C ARG B 765 10.52 -32.50 -19.08
N GLY B 766 11.45 -31.97 -18.28
CA GLY B 766 11.79 -30.53 -18.22
C GLY B 766 10.92 -29.75 -17.25
N ARG B 767 10.06 -30.42 -16.48
CA ARG B 767 9.18 -29.80 -15.45
C ARG B 767 9.50 -30.39 -14.07
N VAL B 768 9.86 -29.54 -13.11
CA VAL B 768 10.16 -29.92 -11.70
C VAL B 768 8.85 -30.41 -11.05
N LYS B 769 8.91 -31.55 -10.33
CA LYS B 769 7.73 -32.23 -9.74
C LYS B 769 8.12 -32.93 -8.43
N LYS B 770 7.12 -33.30 -7.63
CA LYS B 770 7.28 -33.83 -6.25
C LYS B 770 7.56 -35.33 -6.29
N VAL B 771 8.37 -35.82 -5.33
CA VAL B 771 8.64 -37.26 -5.08
C VAL B 771 7.95 -37.62 -3.75
N TYR B 772 7.04 -38.61 -3.78
CA TYR B 772 6.25 -39.07 -2.61
C TYR B 772 6.57 -40.54 -2.33
N VAL B 773 7.10 -40.84 -1.13
CA VAL B 773 7.18 -42.22 -0.58
C VAL B 773 5.93 -42.47 0.25
N MET B 774 5.31 -43.63 0.08
CA MET B 774 4.08 -44.07 0.81
C MET B 774 3.96 -45.58 0.70
N SER B 775 3.24 -46.21 1.64
CA SER B 775 2.93 -47.66 1.64
C SER B 775 2.03 -47.99 0.45
N GLU B 776 2.27 -49.14 -0.20
CA GLU B 776 1.35 -49.71 -1.23
C GLU B 776 0.01 -49.97 -0.54
N ALA B 777 -1.09 -49.55 -1.17
CA ALA B 777 -2.47 -49.54 -0.62
C ALA B 777 -2.66 -50.66 0.42
N LYS B 778 -2.40 -51.90 0.02
CA LYS B 778 -2.84 -53.15 0.71
C LYS B 778 -2.13 -53.34 2.06
N TYR B 779 -1.13 -52.51 2.41
CA TYR B 779 -0.35 -52.62 3.67
C TYR B 779 -0.68 -51.47 4.63
N ARG B 780 -1.55 -50.53 4.26
CA ARG B 780 -1.92 -49.35 5.09
C ARG B 780 -3.45 -49.16 5.10
N MET B 781 -4.20 -50.26 5.19
CA MET B 781 -5.69 -50.27 5.06
C MET B 781 -6.34 -50.41 6.44
N LEU B 782 -6.15 -51.54 7.11
CA LEU B 782 -6.84 -51.92 8.38
C LEU B 782 -5.84 -51.93 9.53
N PRO B 783 -6.31 -51.82 10.80
CA PRO B 783 -5.44 -51.83 11.97
C PRO B 783 -4.51 -53.04 12.13
N ASP B 784 -4.88 -54.18 11.53
CA ASP B 784 -4.09 -55.46 11.59
C ASP B 784 -2.77 -55.27 10.85
N ASP B 785 -2.73 -54.37 9.85
CA ASP B 785 -1.55 -54.11 8.99
C ASP B 785 -0.48 -53.30 9.75
N ILE B 786 -0.85 -52.69 10.89
CA ILE B 786 0.08 -51.89 11.75
C ILE B 786 1.30 -52.75 12.10
N GLY B 787 1.08 -53.99 12.55
CA GLY B 787 2.12 -54.91 13.04
C GLY B 787 2.97 -55.52 11.93
N ASP B 788 2.59 -55.30 10.66
CA ASP B 788 3.36 -55.76 9.46
C ASP B 788 4.55 -54.84 9.21
N TRP B 789 4.58 -53.65 9.83
CA TRP B 789 5.65 -52.63 9.68
C TRP B 789 6.70 -52.81 10.79
N TYR B 790 7.98 -52.87 10.39
CA TYR B 790 9.14 -53.11 11.28
C TYR B 790 10.06 -51.88 11.26
N VAL B 791 10.58 -51.51 12.44
CA VAL B 791 11.57 -50.41 12.64
C VAL B 791 12.86 -51.04 13.16
N ARG B 792 14.00 -50.69 12.56
CA ARG B 792 15.33 -51.25 12.93
C ARG B 792 15.79 -50.62 14.25
N ALA B 793 16.22 -51.45 15.20
CA ALA B 793 16.81 -51.02 16.50
C ALA B 793 18.27 -50.64 16.29
N ALA B 794 18.91 -50.10 17.34
CA ALA B 794 20.34 -49.71 17.35
C ALA B 794 21.23 -50.94 17.17
N ASP B 795 20.81 -52.09 17.72
CA ASP B 795 21.57 -53.38 17.68
C ASP B 795 21.46 -54.00 16.27
N GLY B 796 20.43 -53.62 15.50
CA GLY B 796 20.24 -54.05 14.10
C GLY B 796 19.03 -54.95 13.92
N GLN B 797 18.40 -55.38 15.01
CA GLN B 797 17.17 -56.24 14.98
C GLN B 797 15.99 -55.43 14.46
N MET B 798 15.10 -56.08 13.71
CA MET B 798 13.86 -55.47 13.14
C MET B 798 12.68 -55.76 14.09
N VAL B 799 12.19 -54.73 14.78
CA VAL B 799 11.09 -54.81 15.79
C VAL B 799 9.78 -54.47 15.11
N PRO B 800 8.73 -55.34 15.20
CA PRO B 800 7.43 -55.02 14.62
C PRO B 800 6.72 -53.93 15.43
N PHE B 801 5.75 -53.24 14.81
CA PHE B 801 5.05 -52.06 15.38
C PHE B 801 4.17 -52.50 16.57
N SER B 802 3.66 -53.74 16.52
CA SER B 802 2.82 -54.36 17.57
C SER B 802 3.59 -54.50 18.89
N ALA B 803 4.93 -54.57 18.83
CA ALA B 803 5.83 -54.81 19.97
C ALA B 803 5.87 -53.59 20.91
N PHE B 804 5.80 -52.37 20.37
CA PHE B 804 5.99 -51.10 21.12
C PHE B 804 4.81 -50.13 20.91
N SER B 805 3.66 -50.63 20.44
CA SER B 805 2.43 -49.83 20.22
C SER B 805 1.23 -50.50 20.91
N SER B 806 0.14 -49.74 21.08
CA SER B 806 -1.14 -50.19 21.68
C SER B 806 -2.26 -49.23 21.24
N SER B 807 -3.21 -49.71 20.43
CA SER B 807 -4.22 -48.89 19.73
C SER B 807 -5.61 -49.08 20.34
N ARG B 808 -6.46 -48.06 20.22
CA ARG B 808 -7.90 -48.05 20.66
C ARG B 808 -8.69 -47.12 19.74
N TRP B 809 -10.02 -47.23 19.75
CA TRP B 809 -10.94 -46.32 19.03
C TRP B 809 -11.31 -45.14 19.94
N GLU B 810 -11.41 -43.93 19.36
CA GLU B 810 -11.94 -42.71 20.03
C GLU B 810 -12.67 -41.87 18.99
N TYR B 811 -13.30 -40.78 19.42
CA TYR B 811 -14.04 -39.82 18.55
C TYR B 811 -13.31 -38.47 18.55
N GLY B 812 -13.15 -37.89 17.35
CA GLY B 812 -12.55 -36.56 17.14
C GLY B 812 -13.15 -35.88 15.92
N SER B 813 -13.03 -34.55 15.86
CA SER B 813 -13.59 -33.70 14.77
C SER B 813 -12.82 -33.96 13.47
N PRO B 814 -13.51 -34.25 12.35
CA PRO B 814 -12.86 -34.31 11.04
C PRO B 814 -12.73 -32.93 10.37
N ARG B 815 -13.18 -31.87 11.05
CA ARG B 815 -13.16 -30.47 10.55
C ARG B 815 -13.43 -29.52 11.73
N LEU B 816 -12.38 -28.86 12.25
CA LEU B 816 -12.44 -27.91 13.40
C LEU B 816 -12.48 -26.48 12.86
N GLU B 817 -13.55 -25.74 13.20
CA GLU B 817 -13.79 -24.34 12.75
C GLU B 817 -13.27 -23.37 13.82
N ARG B 818 -12.76 -22.22 13.38
CA ARG B 818 -12.36 -21.10 14.28
C ARG B 818 -12.82 -19.77 13.66
N TYR B 819 -13.25 -18.82 14.49
CA TYR B 819 -13.70 -17.46 14.08
C TYR B 819 -13.03 -16.42 14.99
N ASN B 820 -12.27 -15.49 14.39
CA ASN B 820 -11.48 -14.45 15.07
C ASN B 820 -10.50 -15.12 16.05
N GLY B 821 -9.85 -16.20 15.61
CA GLY B 821 -8.77 -16.91 16.32
C GLY B 821 -9.25 -17.66 17.55
N LEU B 822 -10.57 -17.92 17.64
CA LEU B 822 -11.21 -18.66 18.77
C LEU B 822 -11.99 -19.84 18.21
N PRO B 823 -12.00 -21.01 18.88
CA PRO B 823 -12.75 -22.17 18.40
C PRO B 823 -14.23 -21.81 18.24
N SER B 824 -14.79 -22.04 17.04
CA SER B 824 -16.16 -21.63 16.65
C SER B 824 -16.90 -22.80 16.00
N MET B 825 -18.21 -22.62 15.77
CA MET B 825 -19.08 -23.54 14.99
C MET B 825 -20.11 -22.70 14.23
N GLU B 826 -19.94 -22.60 12.90
CA GLU B 826 -20.85 -21.86 11.99
C GLU B 826 -22.21 -22.55 11.98
N ILE B 827 -23.28 -21.77 12.15
CA ILE B 827 -24.70 -22.25 12.20
C ILE B 827 -25.50 -21.43 11.18
N LEU B 828 -26.05 -22.09 10.17
CA LEU B 828 -26.90 -21.48 9.11
C LEU B 828 -28.37 -21.60 9.51
N GLY B 829 -29.22 -20.72 8.98
CA GLY B 829 -30.66 -20.68 9.26
C GLY B 829 -31.32 -19.48 8.59
N GLN B 830 -32.66 -19.46 8.57
CA GLN B 830 -33.47 -18.42 7.88
C GLN B 830 -34.74 -18.14 8.69
N ALA B 831 -35.33 -16.96 8.48
CA ALA B 831 -36.63 -16.54 9.06
C ALA B 831 -37.75 -17.40 8.47
N ALA B 832 -38.77 -17.71 9.28
CA ALA B 832 -39.95 -18.53 8.89
C ALA B 832 -40.83 -17.73 7.94
N PRO B 833 -41.72 -18.39 7.15
CA PRO B 833 -42.59 -17.68 6.22
C PRO B 833 -43.37 -16.54 6.89
N GLY B 834 -43.30 -15.34 6.29
CA GLY B 834 -43.97 -14.12 6.78
C GLY B 834 -43.21 -13.45 7.91
N LYS B 835 -41.92 -13.74 8.06
CA LYS B 835 -41.02 -13.15 9.09
C LYS B 835 -39.80 -12.53 8.41
N SER B 836 -39.31 -11.41 8.94
CA SER B 836 -38.06 -10.72 8.51
C SER B 836 -36.86 -11.40 9.16
N THR B 837 -35.68 -11.27 8.55
CA THR B 837 -34.39 -11.82 9.05
C THR B 837 -34.02 -11.09 10.35
N GLY B 838 -34.26 -9.78 10.41
CA GLY B 838 -34.03 -8.92 11.59
C GLY B 838 -34.68 -9.50 12.84
N GLU B 839 -35.92 -9.99 12.72
CA GLU B 839 -36.68 -10.66 13.82
C GLU B 839 -36.01 -11.99 14.18
N ALA B 840 -35.75 -12.83 13.18
CA ALA B 840 -35.13 -14.18 13.32
C ALA B 840 -33.79 -14.06 14.04
N MET B 841 -32.94 -13.11 13.62
CA MET B 841 -31.61 -12.83 14.23
C MET B 841 -31.78 -12.48 15.70
N GLU B 842 -32.77 -11.63 16.02
CA GLU B 842 -33.02 -11.11 17.40
C GLU B 842 -33.38 -12.26 18.34
N LEU B 843 -34.04 -13.31 17.83
CA LEU B 843 -34.37 -14.54 18.60
C LEU B 843 -33.10 -15.38 18.80
N MET B 844 -32.30 -15.55 17.75
CA MET B 844 -31.01 -16.30 17.79
C MET B 844 -30.08 -15.68 18.84
N GLU B 845 -30.08 -14.35 18.96
CA GLU B 845 -29.35 -13.59 20.00
C GLU B 845 -29.92 -13.93 21.39
N GLN B 846 -31.26 -13.99 21.50
CA GLN B 846 -32.01 -14.31 22.74
C GLN B 846 -31.67 -15.75 23.18
N LEU B 847 -31.81 -16.72 22.27
CA LEU B 847 -31.56 -18.16 22.54
C LEU B 847 -30.09 -18.38 22.92
N ALA B 848 -29.18 -17.63 22.30
CA ALA B 848 -27.71 -17.73 22.47
C ALA B 848 -27.28 -17.25 23.86
N SER B 849 -28.05 -16.33 24.46
CA SER B 849 -27.78 -15.74 25.80
C SER B 849 -28.01 -16.77 26.92
N LYS B 850 -28.82 -17.80 26.65
CA LYS B 850 -29.21 -18.85 27.64
C LYS B 850 -28.23 -20.03 27.60
N LEU B 851 -27.18 -19.95 26.76
CA LEU B 851 -26.17 -21.03 26.59
C LEU B 851 -25.18 -20.99 27.74
N PRO B 852 -24.39 -22.07 27.98
CA PRO B 852 -23.46 -22.13 29.11
C PRO B 852 -22.45 -20.97 29.16
N THR B 853 -21.86 -20.74 30.33
CA THR B 853 -20.87 -19.67 30.60
C THR B 853 -19.61 -19.92 29.75
N GLY B 854 -19.10 -18.87 29.08
CA GLY B 854 -17.89 -18.92 28.24
C GLY B 854 -18.23 -19.16 26.77
N VAL B 855 -19.51 -19.39 26.44
CA VAL B 855 -20.01 -19.61 25.05
C VAL B 855 -20.59 -18.30 24.52
N GLY B 856 -19.85 -17.61 23.65
CA GLY B 856 -20.27 -16.37 22.98
C GLY B 856 -20.77 -16.64 21.58
N TYR B 857 -21.09 -15.59 20.82
CA TYR B 857 -21.57 -15.67 19.42
C TYR B 857 -21.20 -14.39 18.66
N ASP B 858 -21.38 -14.41 17.33
CA ASP B 858 -21.12 -13.27 16.42
C ASP B 858 -21.83 -13.52 15.08
N TRP B 859 -22.06 -12.46 14.31
CA TRP B 859 -22.66 -12.49 12.96
C TRP B 859 -21.57 -12.28 11.90
N THR B 860 -21.55 -13.11 10.86
CA THR B 860 -20.56 -13.07 9.74
C THR B 860 -21.29 -13.07 8.41
N GLY B 861 -20.57 -12.81 7.32
CA GLY B 861 -21.09 -12.83 5.93
C GLY B 861 -22.30 -11.94 5.76
N MET B 862 -23.37 -12.45 5.14
CA MET B 862 -24.61 -11.70 4.80
C MET B 862 -25.23 -11.09 6.07
N SER B 863 -25.14 -11.79 7.21
CA SER B 863 -25.65 -11.32 8.54
C SER B 863 -24.97 -10.00 8.89
N TYR B 864 -23.63 -10.00 8.94
CA TYR B 864 -22.76 -8.82 9.21
C TYR B 864 -23.13 -7.68 8.25
N GLN B 865 -23.26 -7.99 6.96
CA GLN B 865 -23.59 -7.03 5.87
C GLN B 865 -24.98 -6.44 6.12
N GLU B 866 -25.98 -7.29 6.33
CA GLU B 866 -27.41 -6.92 6.54
C GLU B 866 -27.55 -6.18 7.88
N ARG B 867 -26.75 -6.55 8.89
CA ARG B 867 -26.78 -5.96 10.26
C ARG B 867 -26.41 -4.48 10.19
N LEU B 868 -25.34 -4.15 9.44
CA LEU B 868 -24.76 -2.78 9.37
C LEU B 868 -25.51 -1.93 8.33
N SER B 869 -25.73 -2.47 7.13
CA SER B 869 -26.39 -1.80 5.99
C SER B 869 -27.85 -1.44 6.35
N GLY B 870 -28.52 -2.30 7.13
CA GLY B 870 -29.91 -2.12 7.57
C GLY B 870 -30.10 -0.89 8.45
N ASN B 871 -29.07 -0.55 9.24
CA ASN B 871 -29.08 0.61 10.19
C ASN B 871 -28.97 1.92 9.42
N GLN B 872 -28.43 1.89 8.20
CA GLN B 872 -28.19 3.09 7.34
C GLN B 872 -29.50 3.49 6.64
N ALA B 873 -30.37 2.52 6.34
CA ALA B 873 -31.59 2.69 5.52
C ALA B 873 -32.40 3.91 5.99
N PRO B 874 -32.82 3.99 7.27
CA PRO B 874 -33.66 5.09 7.74
C PRO B 874 -33.06 6.47 7.45
N SER B 875 -31.75 6.62 7.67
CA SER B 875 -30.97 7.87 7.46
C SER B 875 -31.02 8.29 5.98
N LEU B 876 -31.01 7.32 5.07
CA LEU B 876 -30.95 7.56 3.59
C LEU B 876 -32.35 7.90 3.07
N TYR B 877 -33.40 7.24 3.58
CA TYR B 877 -34.82 7.53 3.27
C TYR B 877 -35.15 8.97 3.70
N ALA B 878 -34.65 9.38 4.88
CA ALA B 878 -34.83 10.73 5.45
C ALA B 878 -34.25 11.77 4.49
N ILE B 879 -32.96 11.65 4.16
CA ILE B 879 -32.22 12.57 3.24
C ILE B 879 -32.96 12.61 1.90
N SER B 880 -33.28 11.44 1.34
CA SER B 880 -33.99 11.27 0.05
C SER B 880 -35.26 12.11 0.03
N LEU B 881 -36.10 11.98 1.07
CA LEU B 881 -37.41 12.68 1.19
C LEU B 881 -37.17 14.18 1.48
N ILE B 882 -36.30 14.50 2.44
CA ILE B 882 -35.99 15.89 2.89
C ILE B 882 -35.50 16.71 1.69
N VAL B 883 -34.58 16.16 0.89
CA VAL B 883 -33.93 16.88 -0.25
C VAL B 883 -34.94 16.99 -1.40
N VAL B 884 -35.71 15.93 -1.67
CA VAL B 884 -36.79 15.92 -2.71
C VAL B 884 -37.76 17.07 -2.41
N PHE B 885 -38.21 17.18 -1.16
CA PHE B 885 -39.11 18.25 -0.66
C PHE B 885 -38.46 19.63 -0.90
N LEU B 886 -37.22 19.79 -0.44
CA LEU B 886 -36.46 21.08 -0.49
C LEU B 886 -36.31 21.55 -1.94
N CYS B 887 -36.01 20.62 -2.86
CA CYS B 887 -35.83 20.89 -4.31
C CYS B 887 -37.12 21.47 -4.90
N LEU B 888 -38.26 20.83 -4.62
CA LEU B 888 -39.60 21.23 -5.12
C LEU B 888 -40.02 22.57 -4.50
N ALA B 889 -39.59 22.85 -3.27
CA ALA B 889 -39.87 24.11 -2.54
C ALA B 889 -39.24 25.30 -3.27
N ALA B 890 -37.99 25.14 -3.73
CA ALA B 890 -37.23 26.15 -4.51
C ALA B 890 -37.85 26.30 -5.90
N LEU B 891 -38.34 25.19 -6.48
CA LEU B 891 -38.97 25.15 -7.83
C LEU B 891 -40.29 25.92 -7.81
N TYR B 892 -41.16 25.67 -6.82
CA TYR B 892 -42.54 26.21 -6.72
C TYR B 892 -42.59 27.45 -5.82
N GLU B 893 -41.48 27.79 -5.14
CA GLU B 893 -41.41 28.96 -4.22
C GLU B 893 -42.57 28.84 -3.22
N SER B 894 -42.62 27.73 -2.49
CA SER B 894 -43.72 27.36 -1.56
C SER B 894 -43.31 26.13 -0.73
N TRP B 895 -43.57 26.17 0.59
CA TRP B 895 -43.36 25.04 1.52
C TRP B 895 -44.52 24.04 1.42
N SER B 896 -45.67 24.49 0.89
CA SER B 896 -46.96 23.75 0.87
C SER B 896 -47.10 22.91 -0.39
N ILE B 897 -46.85 23.50 -1.57
CA ILE B 897 -47.12 22.90 -2.90
C ILE B 897 -46.35 21.59 -3.07
N PRO B 898 -45.06 21.51 -2.67
CA PRO B 898 -44.27 20.27 -2.83
C PRO B 898 -45.02 18.98 -2.46
N PHE B 899 -45.83 19.01 -1.40
CA PHE B 899 -46.63 17.86 -0.88
C PHE B 899 -47.53 17.30 -1.99
N SER B 900 -48.12 18.18 -2.81
CA SER B 900 -49.04 17.83 -3.92
C SER B 900 -48.34 16.86 -4.89
N VAL B 901 -47.04 17.05 -5.13
CA VAL B 901 -46.19 16.19 -6.01
C VAL B 901 -45.84 14.90 -5.26
N MET B 902 -45.31 15.03 -4.03
CA MET B 902 -44.77 13.91 -3.20
C MET B 902 -45.86 12.90 -2.87
N LEU B 903 -47.14 13.32 -2.91
CA LEU B 903 -48.32 12.46 -2.59
C LEU B 903 -48.58 11.46 -3.73
N VAL B 904 -47.88 11.57 -4.87
CA VAL B 904 -48.05 10.68 -6.06
C VAL B 904 -47.34 9.34 -5.83
N VAL B 905 -46.37 9.30 -4.90
CA VAL B 905 -45.46 8.13 -4.67
C VAL B 905 -46.26 6.84 -4.63
N PRO B 906 -47.31 6.70 -3.77
CA PRO B 906 -48.06 5.45 -3.65
C PRO B 906 -48.78 5.02 -4.93
N LEU B 907 -49.12 5.97 -5.81
CA LEU B 907 -49.89 5.71 -7.07
C LEU B 907 -49.01 4.93 -8.05
N GLY B 908 -47.70 5.21 -8.06
CA GLY B 908 -46.70 4.48 -8.87
C GLY B 908 -46.45 3.07 -8.35
N VAL B 909 -46.34 2.94 -7.02
CA VAL B 909 -45.93 1.68 -6.32
C VAL B 909 -47.04 0.64 -6.43
N ILE B 910 -48.28 1.02 -6.09
CA ILE B 910 -49.46 0.10 -5.93
C ILE B 910 -49.57 -0.84 -7.13
N GLY B 911 -49.39 -0.34 -8.35
CA GLY B 911 -49.50 -1.12 -9.60
C GLY B 911 -48.49 -2.25 -9.65
N ALA B 912 -47.22 -1.96 -9.36
CA ALA B 912 -46.09 -2.92 -9.35
C ALA B 912 -46.34 -4.01 -8.30
N LEU B 913 -46.82 -3.63 -7.11
CA LEU B 913 -47.11 -4.55 -5.98
C LEU B 913 -48.21 -5.55 -6.39
N LEU B 914 -49.30 -5.05 -6.98
CA LEU B 914 -50.43 -5.88 -7.47
C LEU B 914 -49.91 -6.87 -8.52
N ALA B 915 -49.11 -6.38 -9.48
CA ALA B 915 -48.49 -7.17 -10.57
C ALA B 915 -47.58 -8.26 -9.97
N ALA B 916 -46.71 -7.88 -9.03
CA ALA B 916 -45.76 -8.77 -8.33
C ALA B 916 -46.52 -9.81 -7.49
N THR B 917 -47.55 -9.37 -6.77
CA THR B 917 -48.37 -10.21 -5.85
C THR B 917 -49.05 -11.34 -6.64
N PHE B 918 -49.72 -11.00 -7.75
CA PHE B 918 -50.57 -11.93 -8.54
C PHE B 918 -49.70 -12.81 -9.46
N ARG B 919 -48.56 -12.30 -9.93
CA ARG B 919 -47.55 -13.09 -10.72
C ARG B 919 -46.68 -13.90 -9.75
N GLY B 920 -46.64 -13.50 -8.48
CA GLY B 920 -45.92 -14.22 -7.41
C GLY B 920 -44.42 -13.98 -7.47
N LEU B 921 -44.00 -12.73 -7.72
CA LEU B 921 -42.58 -12.31 -7.75
C LEU B 921 -42.14 -11.91 -6.34
N THR B 922 -40.85 -11.61 -6.18
CA THR B 922 -40.20 -11.20 -4.91
C THR B 922 -39.81 -9.72 -4.99
N ASN B 923 -39.49 -9.10 -3.85
CA ASN B 923 -39.05 -7.69 -3.73
C ASN B 923 -37.52 -7.65 -3.88
N ASP B 924 -37.01 -8.09 -5.03
CA ASP B 924 -35.55 -8.15 -5.34
C ASP B 924 -35.07 -6.76 -5.75
N VAL B 925 -33.75 -6.55 -5.79
CA VAL B 925 -33.10 -5.24 -6.07
C VAL B 925 -33.65 -4.66 -7.38
N TYR B 926 -33.71 -5.48 -8.44
CA TYR B 926 -34.21 -5.09 -9.79
C TYR B 926 -35.59 -4.45 -9.67
N PHE B 927 -36.47 -5.06 -8.86
CA PHE B 927 -37.86 -4.59 -8.60
C PHE B 927 -37.83 -3.27 -7.82
N GLN B 928 -36.99 -3.18 -6.78
CA GLN B 928 -36.88 -2.00 -5.89
C GLN B 928 -36.46 -0.76 -6.69
N VAL B 929 -35.47 -0.91 -7.58
CA VAL B 929 -35.00 0.18 -8.49
C VAL B 929 -36.12 0.45 -9.50
N GLY B 930 -36.84 -0.60 -9.92
CA GLY B 930 -38.04 -0.51 -10.78
C GLY B 930 -39.09 0.41 -10.18
N LEU B 931 -39.28 0.36 -8.86
CA LEU B 931 -40.23 1.23 -8.11
C LEU B 931 -39.73 2.68 -8.14
N LEU B 932 -38.43 2.89 -7.92
CA LEU B 932 -37.79 4.24 -7.88
C LEU B 932 -37.96 4.95 -9.23
N THR B 933 -37.83 4.20 -10.34
CA THR B 933 -37.99 4.72 -11.73
C THR B 933 -39.48 4.97 -12.03
N THR B 934 -40.36 4.13 -11.50
CA THR B 934 -41.85 4.28 -11.61
C THR B 934 -42.29 5.52 -10.82
N ILE B 935 -41.79 5.67 -9.59
CA ILE B 935 -42.03 6.86 -8.70
C ILE B 935 -41.47 8.10 -9.39
N GLY B 936 -40.25 8.01 -9.93
CA GLY B 936 -39.55 9.11 -10.62
C GLY B 936 -40.36 9.65 -11.79
N LEU B 937 -40.84 8.77 -12.67
CA LEU B 937 -41.62 9.12 -13.89
C LEU B 937 -42.99 9.65 -13.47
N SER B 938 -43.57 9.09 -12.39
CA SER B 938 -44.86 9.53 -11.80
C SER B 938 -44.73 10.95 -11.24
N ALA B 939 -43.66 11.22 -10.50
CA ALA B 939 -43.31 12.54 -9.93
C ALA B 939 -43.10 13.56 -11.06
N LYS B 940 -42.41 13.14 -12.12
CA LYS B 940 -42.10 13.96 -13.33
C LYS B 940 -43.41 14.48 -13.95
N ASN B 941 -44.38 13.58 -14.13
CA ASN B 941 -45.74 13.90 -14.65
C ASN B 941 -46.39 14.96 -13.76
N ALA B 942 -46.48 14.68 -12.46
CA ALA B 942 -47.13 15.54 -11.43
C ALA B 942 -46.42 16.90 -11.35
N ILE B 943 -45.08 16.90 -11.42
CA ILE B 943 -44.23 18.13 -11.33
C ILE B 943 -44.66 19.12 -12.42
N LEU B 944 -44.82 18.64 -13.66
CA LEU B 944 -45.15 19.47 -14.85
C LEU B 944 -46.64 19.90 -14.79
N ILE B 945 -47.52 19.04 -14.27
CA ILE B 945 -48.96 19.35 -14.07
C ILE B 945 -49.08 20.50 -13.07
N VAL B 946 -48.39 20.39 -11.92
CA VAL B 946 -48.41 21.37 -10.80
C VAL B 946 -47.74 22.67 -11.27
N GLU B 947 -46.60 22.58 -11.95
CA GLU B 947 -45.84 23.74 -12.49
C GLU B 947 -46.76 24.56 -13.40
N PHE B 948 -47.36 23.91 -14.40
CA PHE B 948 -48.32 24.51 -15.37
C PHE B 948 -49.49 25.14 -14.62
N ALA B 949 -50.08 24.39 -13.67
CA ALA B 949 -51.23 24.82 -12.83
C ALA B 949 -50.85 26.09 -12.06
N LYS B 950 -49.71 26.06 -11.34
CA LYS B 950 -49.24 27.18 -10.49
C LYS B 950 -48.85 28.37 -11.37
N ASP B 951 -48.22 28.12 -12.52
CA ASP B 951 -47.79 29.16 -13.49
C ASP B 951 -49.01 29.93 -14.00
N LEU B 952 -50.10 29.22 -14.32
CA LEU B 952 -51.37 29.83 -14.81
C LEU B 952 -51.96 30.74 -13.73
N MET B 953 -51.94 30.28 -12.47
CA MET B 953 -52.46 31.05 -11.29
C MET B 953 -51.57 32.28 -11.04
N ASP B 954 -50.24 32.12 -11.15
CA ASP B 954 -49.24 33.19 -10.87
C ASP B 954 -49.22 34.19 -12.03
N LYS B 955 -48.93 33.73 -13.25
CA LYS B 955 -48.68 34.57 -14.44
C LYS B 955 -50.01 35.13 -14.97
N GLU B 956 -50.91 34.25 -15.41
CA GLU B 956 -52.17 34.61 -16.13
C GLU B 956 -53.30 34.95 -15.14
N GLY B 957 -53.09 34.69 -13.84
CA GLY B 957 -54.02 35.07 -12.77
C GLY B 957 -55.34 34.31 -12.84
N LYS B 958 -55.28 33.02 -13.19
CA LYS B 958 -56.46 32.13 -13.30
C LYS B 958 -56.83 31.60 -11.91
N GLY B 959 -58.04 31.06 -11.75
CA GLY B 959 -58.53 30.42 -10.51
C GLY B 959 -57.87 29.07 -10.30
N LEU B 960 -57.96 28.53 -9.08
CA LEU B 960 -57.33 27.24 -8.68
C LEU B 960 -57.81 26.13 -9.59
N ILE B 961 -59.14 25.98 -9.74
CA ILE B 961 -59.79 24.84 -10.46
C ILE B 961 -59.59 25.04 -11.97
N GLU B 962 -59.77 26.27 -12.46
CA GLU B 962 -59.57 26.67 -13.88
C GLU B 962 -58.15 26.31 -14.31
N ALA B 963 -57.16 26.78 -13.55
CA ALA B 963 -55.71 26.58 -13.79
C ALA B 963 -55.37 25.08 -13.79
N THR B 964 -55.93 24.33 -12.83
CA THR B 964 -55.74 22.86 -12.66
C THR B 964 -56.28 22.12 -13.89
N LEU B 965 -57.53 22.39 -14.26
CA LEU B 965 -58.23 21.75 -15.41
C LEU B 965 -57.50 22.07 -16.71
N ASP B 966 -57.04 23.32 -16.86
CA ASP B 966 -56.29 23.81 -18.05
C ASP B 966 -54.92 23.13 -18.11
N ALA B 967 -54.30 22.89 -16.94
CA ALA B 967 -52.95 22.29 -16.80
C ALA B 967 -53.00 20.80 -17.18
N VAL B 968 -53.87 20.02 -16.52
CA VAL B 968 -53.99 18.54 -16.72
C VAL B 968 -54.38 18.25 -18.18
N ARG B 969 -55.13 19.15 -18.81
CA ARG B 969 -55.52 19.07 -20.25
C ARG B 969 -54.27 19.09 -21.13
N MET B 970 -53.42 20.12 -20.94
CA MET B 970 -52.17 20.34 -21.70
C MET B 970 -51.23 19.14 -21.53
N ARG B 971 -51.24 18.51 -20.34
CA ARG B 971 -50.27 17.46 -19.93
C ARG B 971 -50.83 16.05 -20.18
N LEU B 972 -52.07 15.92 -20.67
CA LEU B 972 -52.72 14.61 -20.91
C LEU B 972 -51.99 13.87 -22.05
N ARG B 973 -51.81 14.54 -23.19
CA ARG B 973 -51.24 13.95 -24.43
C ARG B 973 -49.83 13.41 -24.18
N PRO B 974 -48.87 14.22 -23.66
CA PRO B 974 -47.50 13.75 -23.48
C PRO B 974 -47.37 12.60 -22.46
N ILE B 975 -48.21 12.61 -21.42
CA ILE B 975 -48.27 11.54 -20.38
C ILE B 975 -48.77 10.24 -21.04
N LEU B 976 -49.83 10.32 -21.85
CA LEU B 976 -50.43 9.17 -22.56
C LEU B 976 -49.44 8.64 -23.63
N MET B 977 -48.72 9.54 -24.30
CA MET B 977 -47.71 9.20 -25.35
C MET B 977 -46.61 8.34 -24.73
N THR B 978 -46.01 8.82 -23.64
CA THR B 978 -44.99 8.08 -22.84
C THR B 978 -45.57 6.74 -22.41
N SER B 979 -46.78 6.76 -21.83
CA SER B 979 -47.50 5.59 -21.25
C SER B 979 -47.84 4.57 -22.34
N LEU B 980 -48.27 5.04 -23.53
CA LEU B 980 -48.65 4.18 -24.68
C LEU B 980 -47.41 3.41 -25.16
N ALA B 981 -46.26 4.07 -25.21
CA ALA B 981 -44.95 3.49 -25.63
C ALA B 981 -44.61 2.27 -24.75
N PHE B 982 -44.97 2.31 -23.48
CA PHE B 982 -44.80 1.20 -22.50
C PHE B 982 -45.86 0.11 -22.77
N ILE B 983 -47.12 0.52 -22.94
CA ILE B 983 -48.28 -0.38 -23.20
C ILE B 983 -48.00 -1.25 -24.44
N LEU B 984 -47.33 -0.68 -25.46
CA LEU B 984 -46.99 -1.39 -26.72
C LEU B 984 -45.88 -2.42 -26.45
N GLY B 985 -44.97 -2.15 -25.50
CA GLY B 985 -43.94 -3.10 -25.05
C GLY B 985 -42.77 -2.44 -24.37
N VAL B 986 -41.73 -2.08 -25.14
CA VAL B 986 -40.43 -1.48 -24.68
C VAL B 986 -39.98 -2.18 -23.39
N SER B 997 -34.68 -15.81 -17.68
CA SER B 997 -35.35 -14.49 -17.84
C SER B 997 -36.08 -14.12 -16.54
N GLY B 998 -35.38 -14.23 -15.40
CA GLY B 998 -35.90 -13.90 -14.05
C GLY B 998 -35.70 -12.42 -13.73
N ALA B 999 -34.55 -11.86 -14.13
CA ALA B 999 -34.21 -10.43 -13.99
C ALA B 999 -35.12 -9.60 -14.91
N GLN B 1000 -35.29 -10.04 -16.16
CA GLN B 1000 -36.16 -9.40 -17.19
C GLN B 1000 -37.59 -9.26 -16.65
N ASN B 1001 -38.08 -10.26 -15.92
CA ASN B 1001 -39.42 -10.25 -15.26
C ASN B 1001 -39.42 -9.19 -14.16
N ALA B 1002 -38.48 -9.28 -13.21
CA ALA B 1002 -38.31 -8.35 -12.07
C ALA B 1002 -38.21 -6.90 -12.58
N VAL B 1003 -37.54 -6.70 -13.72
CA VAL B 1003 -37.33 -5.36 -14.36
C VAL B 1003 -38.63 -4.92 -15.05
N GLY B 1004 -39.17 -5.76 -15.94
CA GLY B 1004 -40.40 -5.50 -16.71
C GLY B 1004 -41.63 -5.38 -15.81
N THR B 1005 -41.78 -6.29 -14.86
CA THR B 1005 -42.93 -6.38 -13.91
C THR B 1005 -42.77 -5.35 -12.80
N GLY B 1006 -41.54 -4.92 -12.51
CA GLY B 1006 -41.23 -3.81 -11.56
C GLY B 1006 -41.65 -2.46 -12.12
N VAL B 1007 -42.25 -2.43 -13.32
CA VAL B 1007 -42.63 -1.20 -14.07
C VAL B 1007 -44.04 -1.37 -14.67
N MET B 1008 -44.24 -2.42 -15.48
CA MET B 1008 -45.48 -2.68 -16.26
C MET B 1008 -46.72 -2.40 -15.40
N GLY B 1009 -46.94 -3.18 -14.35
CA GLY B 1009 -48.08 -3.07 -13.43
C GLY B 1009 -48.21 -1.67 -12.87
N GLY B 1010 -47.10 -1.09 -12.40
CA GLY B 1010 -47.00 0.30 -11.95
C GLY B 1010 -47.60 1.26 -12.95
N MET B 1011 -47.10 1.24 -14.19
CA MET B 1011 -47.46 2.18 -15.29
C MET B 1011 -48.95 2.04 -15.65
N VAL B 1012 -49.45 0.81 -15.81
CA VAL B 1012 -50.86 0.51 -16.22
C VAL B 1012 -51.83 1.25 -15.29
N THR B 1013 -51.53 1.29 -13.98
CA THR B 1013 -52.36 1.95 -12.94
C THR B 1013 -51.89 3.40 -12.74
N ALA B 1014 -50.59 3.61 -12.49
CA ALA B 1014 -49.96 4.91 -12.16
C ALA B 1014 -50.43 5.98 -13.16
N THR B 1015 -50.38 5.67 -14.46
CA THR B 1015 -50.85 6.56 -15.56
C THR B 1015 -52.30 6.97 -15.29
N VAL B 1016 -53.19 6.00 -15.06
CA VAL B 1016 -54.66 6.22 -14.85
C VAL B 1016 -54.87 6.98 -13.54
N LEU B 1017 -54.20 6.55 -12.47
CA LEU B 1017 -54.32 7.14 -11.10
C LEU B 1017 -53.81 8.59 -11.11
N ALA B 1018 -52.60 8.80 -11.64
CA ALA B 1018 -51.88 10.11 -11.62
C ALA B 1018 -52.74 11.20 -12.27
N ILE B 1019 -53.24 10.96 -13.49
CA ILE B 1019 -53.97 11.97 -14.31
C ILE B 1019 -55.22 12.45 -13.56
N PHE B 1020 -55.79 11.62 -12.68
CA PHE B 1020 -57.04 11.91 -11.92
C PHE B 1020 -56.70 12.40 -10.50
N PHE B 1021 -55.60 11.95 -9.89
CA PHE B 1021 -55.28 12.18 -8.46
C PHE B 1021 -54.34 13.37 -8.27
N VAL B 1022 -53.42 13.62 -9.20
CA VAL B 1022 -52.48 14.78 -9.15
C VAL B 1022 -53.28 16.08 -9.02
N PRO B 1023 -54.28 16.34 -9.89
CA PRO B 1023 -55.10 17.55 -9.76
C PRO B 1023 -55.81 17.66 -8.39
N VAL B 1024 -56.21 16.52 -7.81
CA VAL B 1024 -56.85 16.47 -6.47
C VAL B 1024 -55.84 16.97 -5.43
N PHE B 1025 -54.63 16.40 -5.42
CA PHE B 1025 -53.55 16.72 -4.46
C PHE B 1025 -53.26 18.22 -4.47
N PHE B 1026 -53.12 18.82 -5.66
CA PHE B 1026 -52.79 20.24 -5.87
C PHE B 1026 -53.89 21.14 -5.29
N VAL B 1027 -55.15 20.87 -5.66
CA VAL B 1027 -56.35 21.65 -5.22
C VAL B 1027 -56.50 21.52 -3.69
N VAL B 1028 -56.44 20.30 -3.17
CA VAL B 1028 -56.60 19.97 -1.72
C VAL B 1028 -55.52 20.69 -0.91
N VAL B 1029 -54.26 20.61 -1.35
CA VAL B 1029 -53.07 21.21 -0.66
C VAL B 1029 -53.17 22.74 -0.72
N ARG B 1030 -53.49 23.29 -1.90
CA ARG B 1030 -53.60 24.76 -2.13
C ARG B 1030 -54.68 25.35 -1.20
N ARG B 1031 -55.81 24.64 -1.06
CA ARG B 1031 -56.95 25.04 -0.19
C ARG B 1031 -56.52 25.01 1.28
N ARG B 1032 -55.77 23.97 1.68
CA ARG B 1032 -55.29 23.76 3.08
C ARG B 1032 -54.36 24.92 3.46
N PHE B 1033 -53.34 25.18 2.65
CA PHE B 1033 -52.34 26.27 2.86
C PHE B 1033 -52.51 27.33 1.76
N MET C 1 -15.51 42.78 -21.63
CA MET C 1 -14.24 42.51 -20.89
C MET C 1 -13.11 43.40 -21.41
N PRO C 2 -12.92 43.56 -22.74
CA PRO C 2 -11.95 44.53 -23.24
C PRO C 2 -12.28 45.98 -22.86
N ASN C 3 -13.53 46.40 -23.08
CA ASN C 3 -14.03 47.77 -22.79
C ASN C 3 -13.85 48.08 -21.29
N PHE C 4 -14.04 47.08 -20.43
CA PHE C 4 -13.93 47.18 -18.95
C PHE C 4 -12.50 47.56 -18.55
N PHE C 5 -11.49 46.86 -19.11
CA PHE C 5 -10.06 46.98 -18.74
C PHE C 5 -9.39 48.14 -19.49
N ILE C 6 -9.99 48.60 -20.60
CA ILE C 6 -9.54 49.82 -21.33
C ILE C 6 -9.70 51.04 -20.40
N ASP C 7 -10.78 51.07 -19.62
CA ASP C 7 -11.09 52.16 -18.65
C ASP C 7 -10.35 51.90 -17.33
N ARG C 8 -10.08 50.63 -16.99
CA ARG C 8 -9.36 50.21 -15.76
C ARG C 8 -8.02 49.58 -16.16
N PRO C 9 -7.02 50.39 -16.55
CA PRO C 9 -5.69 49.86 -16.90
C PRO C 9 -4.90 49.32 -15.71
N ILE C 10 -5.15 49.83 -14.50
CA ILE C 10 -4.46 49.41 -13.24
C ILE C 10 -4.89 47.99 -12.89
N PHE C 11 -6.19 47.72 -12.92
CA PHE C 11 -6.80 46.38 -12.72
C PHE C 11 -6.13 45.38 -13.68
N ALA C 12 -6.07 45.73 -14.97
CA ALA C 12 -5.44 44.94 -16.05
C ALA C 12 -3.98 44.62 -15.67
N TRP C 13 -3.25 45.62 -15.16
CA TRP C 13 -1.84 45.48 -14.69
C TRP C 13 -1.80 44.56 -13.46
N VAL C 14 -2.70 44.77 -12.49
CA VAL C 14 -2.79 43.99 -11.22
C VAL C 14 -2.88 42.49 -11.56
N ILE C 15 -3.79 42.12 -12.46
CA ILE C 15 -4.00 40.71 -12.91
C ILE C 15 -2.69 40.18 -13.50
N ALA C 16 -2.06 40.96 -14.38
CA ALA C 16 -0.80 40.59 -15.08
C ALA C 16 0.33 40.38 -14.06
N ILE C 17 0.46 41.27 -13.07
CA ILE C 17 1.55 41.24 -12.05
C ILE C 17 1.36 40.01 -11.15
N ILE C 18 0.14 39.76 -10.68
CA ILE C 18 -0.21 38.63 -9.77
C ILE C 18 0.10 37.29 -10.48
N ILE C 19 -0.25 37.18 -11.76
CA ILE C 19 0.04 35.99 -12.62
C ILE C 19 1.56 35.79 -12.69
N MET C 20 2.33 36.88 -12.83
CA MET C 20 3.81 36.86 -12.94
C MET C 20 4.44 36.50 -11.58
N LEU C 21 3.89 37.04 -10.48
CA LEU C 21 4.36 36.74 -9.09
C LEU C 21 4.27 35.24 -8.84
N ALA C 22 3.07 34.66 -9.01
CA ALA C 22 2.79 33.21 -8.86
C ALA C 22 3.76 32.40 -9.71
N GLY C 23 4.03 32.86 -10.94
CA GLY C 23 4.98 32.23 -11.88
C GLY C 23 6.41 32.29 -11.37
N GLY C 24 6.83 33.46 -10.85
CA GLY C 24 8.16 33.67 -10.25
C GLY C 24 8.40 32.75 -9.06
N LEU C 25 7.38 32.59 -8.21
CA LEU C 25 7.42 31.75 -6.99
C LEU C 25 7.38 30.26 -7.39
N ALA C 26 6.63 29.93 -8.44
CA ALA C 26 6.51 28.56 -9.01
C ALA C 26 7.89 28.09 -9.49
N ILE C 27 8.57 28.91 -10.29
CA ILE C 27 9.93 28.65 -10.85
C ILE C 27 10.86 28.17 -9.73
N LEU C 28 10.83 28.84 -8.57
CA LEU C 28 11.76 28.62 -7.44
C LEU C 28 11.50 27.24 -6.79
N LYS C 29 10.23 26.80 -6.76
CA LYS C 29 9.80 25.52 -6.13
C LYS C 29 9.59 24.43 -7.19
N LEU C 30 9.72 24.75 -8.48
CA LEU C 30 9.55 23.79 -9.60
C LEU C 30 10.78 22.87 -9.67
N PRO C 31 10.60 21.54 -9.80
CA PRO C 31 11.73 20.63 -10.01
C PRO C 31 12.34 20.85 -11.40
N VAL C 32 13.61 20.45 -11.57
CA VAL C 32 14.34 20.51 -12.87
C VAL C 32 14.84 19.11 -13.21
N ALA C 33 14.58 18.65 -14.42
CA ALA C 33 15.04 17.36 -15.00
C ALA C 33 15.27 17.54 -16.50
N GLN C 34 15.75 16.49 -17.19
CA GLN C 34 15.90 16.45 -18.66
C GLN C 34 14.57 16.01 -19.28
N TYR C 35 13.97 14.96 -18.70
CA TYR C 35 12.66 14.37 -19.10
C TYR C 35 11.84 14.06 -17.84
N PRO C 36 10.51 13.85 -17.98
CA PRO C 36 9.71 13.27 -16.90
C PRO C 36 9.81 11.74 -16.92
N THR C 37 9.02 11.06 -16.08
CA THR C 37 8.92 9.58 -16.05
C THR C 37 8.21 9.12 -17.32
N ILE C 38 8.96 8.94 -18.41
CA ILE C 38 8.43 8.54 -19.75
C ILE C 38 8.63 7.03 -19.94
N ALA C 39 9.76 6.48 -19.50
CA ALA C 39 10.07 5.03 -19.52
C ALA C 39 9.06 4.30 -18.66
N PRO C 40 8.46 3.18 -19.15
CA PRO C 40 7.41 2.48 -18.40
C PRO C 40 7.96 1.75 -17.18
N PRO C 41 7.14 1.57 -16.12
CA PRO C 41 7.60 0.88 -14.90
C PRO C 41 7.98 -0.58 -15.18
N ALA C 42 9.04 -1.06 -14.52
CA ALA C 42 9.55 -2.44 -14.63
C ALA C 42 9.83 -3.00 -13.23
N VAL C 43 9.55 -4.30 -13.02
CA VAL C 43 9.78 -5.03 -11.75
C VAL C 43 10.57 -6.31 -12.07
N THR C 44 11.78 -6.45 -11.51
CA THR C 44 12.69 -7.60 -11.72
C THR C 44 12.61 -8.55 -10.51
N ILE C 45 12.39 -9.84 -10.79
CA ILE C 45 12.47 -10.95 -9.78
C ILE C 45 13.84 -11.61 -9.92
N SER C 46 14.73 -11.41 -8.94
CA SER C 46 16.13 -11.91 -8.92
C SER C 46 16.23 -13.11 -7.97
N ALA C 47 16.48 -14.31 -8.52
CA ALA C 47 16.72 -15.57 -7.77
C ALA C 47 18.17 -16.02 -8.01
N SER C 48 18.60 -17.09 -7.33
CA SER C 48 19.96 -17.66 -7.43
C SER C 48 19.96 -19.13 -6.99
N TYR C 49 20.44 -20.02 -7.86
CA TYR C 49 20.64 -21.47 -7.59
C TYR C 49 22.12 -21.79 -7.73
N PRO C 50 22.92 -21.67 -6.64
CA PRO C 50 24.37 -21.91 -6.71
C PRO C 50 24.73 -23.28 -7.28
N GLY C 51 25.66 -23.31 -8.25
CA GLY C 51 26.18 -24.52 -8.90
C GLY C 51 25.10 -25.26 -9.66
N ALA C 52 24.35 -24.54 -10.50
CA ALA C 52 23.25 -25.08 -11.36
C ALA C 52 23.33 -24.41 -12.74
N ASP C 53 23.38 -25.21 -13.80
CA ASP C 53 23.43 -24.74 -15.21
C ASP C 53 22.08 -24.10 -15.56
N ALA C 54 22.07 -23.25 -16.60
CA ALA C 54 20.90 -22.47 -17.07
C ALA C 54 19.65 -23.35 -17.15
N LYS C 55 19.78 -24.57 -17.68
CA LYS C 55 18.64 -25.49 -17.95
C LYS C 55 18.01 -25.94 -16.62
N THR C 56 18.82 -26.46 -15.69
CA THR C 56 18.40 -26.86 -14.31
C THR C 56 17.72 -25.65 -13.64
N VAL C 57 18.36 -24.49 -13.71
CA VAL C 57 17.87 -23.19 -13.14
C VAL C 57 16.51 -22.86 -13.76
N GLN C 58 16.38 -22.97 -15.09
CA GLN C 58 15.17 -22.59 -15.86
C GLN C 58 13.99 -23.49 -15.47
N ASP C 59 14.23 -24.81 -15.36
CA ASP C 59 13.19 -25.84 -15.12
C ASP C 59 12.66 -25.76 -13.68
N THR C 60 13.55 -25.54 -12.71
CA THR C 60 13.24 -25.63 -11.25
C THR C 60 12.88 -24.26 -10.67
N VAL C 61 13.26 -23.15 -11.33
CA VAL C 61 13.09 -21.76 -10.79
C VAL C 61 12.26 -20.92 -11.76
N THR C 62 12.81 -20.62 -12.94
CA THR C 62 12.28 -19.60 -13.90
C THR C 62 10.87 -19.99 -14.35
N GLN C 63 10.68 -21.22 -14.84
CA GLN C 63 9.38 -21.78 -15.30
C GLN C 63 8.36 -21.71 -14.15
N VAL C 64 8.79 -22.08 -12.95
CA VAL C 64 7.93 -22.17 -11.72
C VAL C 64 7.44 -20.77 -11.33
N ILE C 65 8.30 -19.75 -11.45
CA ILE C 65 7.96 -18.33 -11.13
C ILE C 65 7.07 -17.77 -12.24
N GLU C 66 7.51 -17.90 -13.50
CA GLU C 66 6.87 -17.30 -14.70
C GLU C 66 5.42 -17.81 -14.85
N GLN C 67 5.16 -19.08 -14.55
CA GLN C 67 3.83 -19.73 -14.73
C GLN C 67 2.83 -19.13 -13.72
N ASN C 68 3.32 -18.56 -12.61
CA ASN C 68 2.51 -17.94 -11.54
C ASN C 68 2.39 -16.42 -11.77
N MET C 69 2.93 -15.89 -12.87
CA MET C 69 2.90 -14.43 -13.21
C MET C 69 1.69 -14.11 -14.10
N ASN C 70 0.58 -14.84 -13.92
CA ASN C 70 -0.75 -14.53 -14.51
C ASN C 70 -1.52 -13.65 -13.54
N GLY C 71 -2.51 -12.91 -14.03
CA GLY C 71 -3.39 -12.05 -13.21
C GLY C 71 -2.64 -10.89 -12.58
N ILE C 72 -1.80 -10.20 -13.36
CA ILE C 72 -1.08 -8.95 -12.96
C ILE C 72 -1.54 -7.84 -13.90
N ASP C 73 -2.00 -6.72 -13.33
CA ASP C 73 -2.66 -5.60 -14.07
C ASP C 73 -1.60 -4.79 -14.83
N ASN C 74 -1.92 -4.36 -16.05
CA ASN C 74 -1.13 -3.43 -16.89
C ASN C 74 0.25 -4.04 -17.22
N LEU C 75 0.31 -5.36 -17.45
CA LEU C 75 1.55 -6.06 -17.86
C LEU C 75 1.66 -6.03 -19.40
N MET C 76 2.65 -5.31 -19.93
CA MET C 76 2.90 -5.19 -21.39
C MET C 76 3.59 -6.46 -21.89
N TYR C 77 4.65 -6.90 -21.20
CA TYR C 77 5.43 -8.13 -21.54
C TYR C 77 6.31 -8.52 -20.35
N MET C 78 6.91 -9.71 -20.43
CA MET C 78 7.75 -10.33 -19.37
C MET C 78 8.93 -11.05 -20.01
N SER C 79 10.16 -10.59 -19.76
CA SER C 79 11.44 -11.20 -20.24
C SER C 79 12.23 -11.74 -19.05
N SER C 80 12.87 -12.91 -19.21
CA SER C 80 13.64 -13.61 -18.15
C SER C 80 14.96 -14.15 -18.71
N ASN C 81 16.02 -14.13 -17.90
CA ASN C 81 17.35 -14.71 -18.21
C ASN C 81 17.65 -15.82 -17.20
N SER C 82 17.97 -17.03 -17.69
CA SER C 82 18.44 -18.19 -16.89
C SER C 82 19.89 -18.48 -17.27
N ASP C 83 20.83 -18.19 -16.36
CA ASP C 83 22.30 -18.22 -16.61
C ASP C 83 22.92 -19.47 -15.99
N SER C 84 24.11 -19.85 -16.44
CA SER C 84 24.90 -21.00 -15.93
C SER C 84 25.63 -20.62 -14.64
N THR C 85 25.60 -19.34 -14.26
CA THR C 85 26.02 -18.84 -12.91
C THR C 85 25.09 -19.42 -11.85
N GLY C 86 23.82 -19.64 -12.20
CA GLY C 86 22.75 -20.07 -11.27
C GLY C 86 21.65 -19.03 -11.16
N THR C 87 21.92 -17.80 -11.61
CA THR C 87 21.06 -16.60 -11.44
C THR C 87 19.84 -16.69 -12.36
N VAL C 88 18.71 -16.13 -11.89
CA VAL C 88 17.49 -15.84 -12.71
C VAL C 88 17.13 -14.37 -12.50
N GLN C 89 16.66 -13.69 -13.56
CA GLN C 89 16.16 -12.30 -13.49
C GLN C 89 14.95 -12.17 -14.44
N ILE C 90 13.75 -12.33 -13.87
CA ILE C 90 12.45 -12.19 -14.59
C ILE C 90 11.97 -10.74 -14.44
N THR C 91 12.13 -9.93 -15.49
CA THR C 91 11.74 -8.50 -15.54
C THR C 91 10.33 -8.38 -16.15
N LEU C 92 9.38 -7.81 -15.40
CA LEU C 92 8.00 -7.51 -15.85
C LEU C 92 7.88 -6.01 -16.11
N THR C 93 7.72 -5.62 -17.38
CA THR C 93 7.53 -4.21 -17.82
C THR C 93 6.03 -3.94 -17.95
N PHE C 94 5.55 -2.83 -17.36
CA PHE C 94 4.12 -2.48 -17.21
C PHE C 94 3.76 -1.31 -18.13
N GLU C 95 2.46 -1.08 -18.34
CA GLU C 95 1.92 0.03 -19.17
C GLU C 95 2.40 1.36 -18.56
N SER C 96 2.72 2.35 -19.41
CA SER C 96 3.16 3.70 -18.98
C SER C 96 2.00 4.39 -18.26
N GLY C 97 2.22 4.79 -17.00
CA GLY C 97 1.20 5.41 -16.13
C GLY C 97 0.81 4.51 -14.96
N THR C 98 1.21 3.23 -15.00
CA THR C 98 0.99 2.22 -13.92
C THR C 98 1.73 2.68 -12.65
N ASP C 99 1.06 2.59 -11.49
CA ASP C 99 1.68 2.81 -10.16
C ASP C 99 2.69 1.67 -9.93
N ALA C 100 3.98 1.99 -9.96
CA ALA C 100 5.11 1.03 -9.86
C ALA C 100 5.06 0.30 -8.51
N ASP C 101 4.57 0.97 -7.46
CA ASP C 101 4.44 0.40 -6.08
C ASP C 101 3.40 -0.72 -6.09
N ILE C 102 2.25 -0.50 -6.74
CA ILE C 102 1.13 -1.50 -6.87
C ILE C 102 1.61 -2.65 -7.76
N ALA C 103 2.31 -2.33 -8.85
CA ALA C 103 2.90 -3.30 -9.81
C ALA C 103 3.84 -4.26 -9.06
N GLN C 104 4.71 -3.71 -8.20
CA GLN C 104 5.66 -4.49 -7.35
C GLN C 104 4.85 -5.42 -6.42
N VAL C 105 3.85 -4.86 -5.73
CA VAL C 105 2.97 -5.58 -4.76
C VAL C 105 2.28 -6.75 -5.47
N GLN C 106 1.65 -6.50 -6.61
CA GLN C 106 0.89 -7.52 -7.40
C GLN C 106 1.82 -8.67 -7.80
N VAL C 107 3.05 -8.35 -8.21
CA VAL C 107 4.10 -9.34 -8.60
C VAL C 107 4.53 -10.13 -7.36
N GLN C 108 4.76 -9.44 -6.24
CA GLN C 108 5.21 -10.03 -4.96
C GLN C 108 4.17 -11.03 -4.46
N ASN C 109 2.88 -10.68 -4.59
CA ASN C 109 1.73 -11.53 -4.15
C ASN C 109 1.69 -12.83 -4.98
N LYS C 110 1.93 -12.73 -6.29
CA LYS C 110 1.86 -13.87 -7.25
C LYS C 110 3.15 -14.70 -7.17
N LEU C 111 4.29 -14.08 -6.85
CA LEU C 111 5.59 -14.77 -6.66
C LEU C 111 5.50 -15.70 -5.44
N GLN C 112 4.78 -15.29 -4.40
CA GLN C 112 4.68 -15.99 -3.09
C GLN C 112 4.07 -17.39 -3.29
N LEU C 113 3.27 -17.58 -4.34
CA LEU C 113 2.72 -18.90 -4.73
C LEU C 113 3.86 -19.82 -5.18
N ALA C 114 4.80 -19.29 -5.96
CA ALA C 114 5.97 -20.02 -6.52
C ALA C 114 7.03 -20.24 -5.45
N MET C 115 7.24 -19.26 -4.56
CA MET C 115 8.34 -19.21 -3.55
C MET C 115 8.59 -20.60 -2.95
N PRO C 116 7.59 -21.27 -2.33
CA PRO C 116 7.83 -22.56 -1.68
C PRO C 116 8.06 -23.74 -2.65
N LEU C 117 7.60 -23.61 -3.90
CA LEU C 117 7.79 -24.64 -4.97
C LEU C 117 9.25 -24.62 -5.46
N LEU C 118 9.98 -23.52 -5.21
CA LEU C 118 11.41 -23.38 -5.59
C LEU C 118 12.26 -24.31 -4.72
N PRO C 119 13.50 -24.65 -5.14
CA PRO C 119 14.41 -25.43 -4.31
C PRO C 119 14.75 -24.72 -2.99
N GLN C 120 15.06 -25.48 -1.94
CA GLN C 120 15.39 -24.97 -0.59
C GLN C 120 16.65 -24.09 -0.66
N GLU C 121 17.60 -24.45 -1.52
CA GLU C 121 18.89 -23.73 -1.71
C GLU C 121 18.62 -22.35 -2.32
N VAL C 122 17.62 -22.24 -3.20
CA VAL C 122 17.23 -20.99 -3.91
C VAL C 122 16.49 -20.07 -2.92
N GLN C 123 15.69 -20.65 -2.03
CA GLN C 123 14.96 -19.93 -0.95
C GLN C 123 15.96 -19.40 0.09
N GLN C 124 17.04 -20.15 0.34
CA GLN C 124 18.13 -19.76 1.28
C GLN C 124 18.81 -18.47 0.80
N GLN C 125 19.12 -18.39 -0.50
CA GLN C 125 19.77 -17.21 -1.14
C GLN C 125 18.84 -15.99 -1.07
N GLY C 126 17.52 -16.23 -1.09
CA GLY C 126 16.48 -15.18 -1.07
C GLY C 126 16.09 -14.79 -2.48
N VAL C 127 14.81 -14.42 -2.67
CA VAL C 127 14.23 -13.98 -3.97
C VAL C 127 13.70 -12.56 -3.79
N SER C 128 14.33 -11.58 -4.44
CA SER C 128 14.01 -10.13 -4.34
C SER C 128 12.99 -9.73 -5.42
N VAL C 129 12.10 -8.79 -5.09
CA VAL C 129 11.12 -8.17 -6.03
C VAL C 129 11.27 -6.64 -5.90
N GLU C 130 11.95 -6.02 -6.87
CA GLU C 130 12.34 -4.59 -6.85
C GLU C 130 11.89 -3.90 -8.14
N LYS C 131 11.55 -2.62 -8.06
CA LYS C 131 11.34 -1.71 -9.23
C LYS C 131 12.70 -1.46 -9.88
N SER C 132 12.91 -1.97 -11.10
CA SER C 132 14.24 -2.08 -11.75
C SER C 132 14.37 -1.10 -12.93
N SER C 133 15.53 -0.46 -13.03
CA SER C 133 16.03 0.23 -14.25
C SER C 133 17.16 -0.61 -14.87
N SER C 134 17.41 -0.46 -16.17
CA SER C 134 18.38 -1.27 -16.95
C SER C 134 19.73 -0.53 -17.08
N SER C 135 19.70 0.80 -17.05
CA SER C 135 20.87 1.68 -17.32
C SER C 135 21.44 2.27 -16.02
N PHE C 136 22.75 2.54 -16.01
CA PHE C 136 23.49 3.20 -14.90
C PHE C 136 23.39 4.73 -15.06
N LEU C 137 22.91 5.42 -14.02
CA LEU C 137 22.92 6.90 -13.91
C LEU C 137 24.37 7.39 -14.03
N MET C 138 25.28 6.76 -13.28
CA MET C 138 26.74 7.06 -13.28
C MET C 138 27.51 5.84 -12.78
N VAL C 139 28.82 5.80 -13.04
CA VAL C 139 29.79 4.87 -12.41
C VAL C 139 30.78 5.69 -11.60
N VAL C 140 30.71 5.61 -10.26
CA VAL C 140 31.64 6.28 -9.32
C VAL C 140 32.88 5.39 -9.16
N GLY C 141 33.99 5.78 -9.79
CA GLY C 141 35.28 5.05 -9.71
C GLY C 141 36.09 5.46 -8.49
N VAL C 142 36.92 4.56 -7.98
CA VAL C 142 37.83 4.78 -6.82
C VAL C 142 39.21 4.21 -7.17
N ILE C 143 40.26 5.02 -7.02
CA ILE C 143 41.68 4.65 -7.30
C ILE C 143 42.52 4.96 -6.06
N ASN C 144 43.80 4.54 -6.08
CA ASN C 144 44.79 4.82 -5.02
C ASN C 144 46.02 5.48 -5.64
N THR C 145 46.33 6.71 -5.24
CA THR C 145 47.34 7.60 -5.86
C THR C 145 48.63 7.64 -5.02
N ASP C 146 48.94 6.56 -4.30
CA ASP C 146 50.24 6.39 -3.57
C ASP C 146 50.63 4.91 -3.49
N GLY C 147 49.99 4.04 -4.29
CA GLY C 147 50.30 2.60 -4.39
C GLY C 147 50.47 1.90 -3.05
N THR C 148 49.69 2.31 -2.03
CA THR C 148 49.65 1.69 -0.69
C THR C 148 48.57 0.61 -0.65
N MET C 149 47.45 0.83 -1.34
CA MET C 149 46.30 -0.09 -1.44
C MET C 149 46.25 -0.74 -2.84
N THR C 150 46.13 -2.07 -2.90
CA THR C 150 45.98 -2.86 -4.13
C THR C 150 44.59 -2.62 -4.74
N GLN C 151 44.30 -3.26 -5.88
CA GLN C 151 43.00 -3.21 -6.60
C GLN C 151 41.88 -3.72 -5.67
N GLU C 152 42.11 -4.87 -5.01
CA GLU C 152 41.10 -5.55 -4.15
C GLU C 152 41.04 -4.87 -2.77
N ASP C 153 42.09 -4.17 -2.35
CA ASP C 153 42.11 -3.35 -1.10
C ASP C 153 41.09 -2.21 -1.25
N ILE C 154 41.06 -1.56 -2.42
CA ILE C 154 40.12 -0.44 -2.74
C ILE C 154 38.70 -1.01 -2.73
N SER C 155 38.47 -2.11 -3.45
CA SER C 155 37.15 -2.80 -3.58
C SER C 155 36.56 -3.10 -2.20
N ASP C 156 37.39 -3.60 -1.27
CA ASP C 156 36.98 -3.94 0.12
C ASP C 156 36.48 -2.68 0.83
N TYR C 157 37.23 -1.57 0.73
CA TYR C 157 36.88 -0.27 1.37
C TYR C 157 35.57 0.24 0.78
N VAL C 158 35.43 0.22 -0.55
CA VAL C 158 34.21 0.66 -1.29
C VAL C 158 33.02 -0.17 -0.81
N ALA C 159 33.18 -1.49 -0.74
CA ALA C 159 32.13 -2.47 -0.34
C ALA C 159 31.71 -2.23 1.11
N ALA C 160 32.68 -2.08 2.02
CA ALA C 160 32.50 -2.09 3.49
C ALA C 160 32.12 -0.69 4.01
N ASN C 161 32.71 0.38 3.45
CA ASN C 161 32.63 1.75 4.02
C ASN C 161 31.75 2.67 3.17
N MET C 162 31.61 2.41 1.86
CA MET C 162 30.96 3.35 0.89
C MET C 162 29.63 2.79 0.37
N LYS C 163 29.63 1.52 -0.10
CA LYS C 163 28.53 0.93 -0.91
C LYS C 163 27.19 1.03 -0.17
N ASP C 164 27.13 0.58 1.08
CA ASP C 164 25.89 0.51 1.91
C ASP C 164 25.30 1.92 2.05
N ALA C 165 26.12 2.90 2.43
CA ALA C 165 25.72 4.32 2.63
C ALA C 165 25.18 4.90 1.31
N ILE C 166 25.83 4.58 0.18
CA ILE C 166 25.46 5.05 -1.18
C ILE C 166 24.14 4.39 -1.61
N SER C 167 23.96 3.10 -1.29
CA SER C 167 22.79 2.29 -1.72
C SER C 167 21.51 2.76 -1.01
N ARG C 168 21.64 3.46 0.11
CA ARG C 168 20.49 4.01 0.89
C ARG C 168 20.33 5.52 0.62
N THR C 169 21.11 6.10 -0.30
CA THR C 169 21.09 7.54 -0.64
C THR C 169 19.81 7.85 -1.43
N SER C 170 19.30 9.07 -1.28
CA SER C 170 18.04 9.57 -1.90
C SER C 170 18.09 9.39 -3.42
N GLY C 171 17.22 8.53 -3.97
CA GLY C 171 17.02 8.37 -5.42
C GLY C 171 17.82 7.22 -6.01
N VAL C 172 18.75 6.63 -5.25
CA VAL C 172 19.61 5.50 -5.70
C VAL C 172 18.74 4.25 -5.81
N GLY C 173 18.72 3.60 -6.98
CA GLY C 173 17.94 2.39 -7.26
C GLY C 173 18.72 1.13 -6.89
N ASP C 174 19.69 0.77 -7.72
CA ASP C 174 20.56 -0.43 -7.56
C ASP C 174 22.02 0.02 -7.63
N VAL C 175 22.89 -0.61 -6.83
CA VAL C 175 24.35 -0.30 -6.75
C VAL C 175 25.15 -1.57 -7.05
N GLN C 176 25.91 -1.55 -8.15
CA GLN C 176 26.78 -2.67 -8.60
C GLN C 176 28.24 -2.34 -8.25
N LEU C 177 28.84 -3.12 -7.36
CA LEU C 177 30.28 -3.01 -6.97
C LEU C 177 31.13 -3.63 -8.07
N PHE C 178 32.04 -2.84 -8.66
CA PHE C 178 33.05 -3.31 -9.65
C PHE C 178 34.29 -3.78 -8.89
N GLY C 179 34.16 -4.97 -8.30
CA GLY C 179 35.10 -5.57 -7.34
C GLY C 179 34.38 -6.55 -6.43
N SER C 180 34.91 -6.81 -5.24
CA SER C 180 34.33 -7.72 -4.23
C SER C 180 34.83 -7.36 -2.84
N GLN C 181 33.93 -7.40 -1.84
CA GLN C 181 34.25 -7.20 -0.40
C GLN C 181 35.18 -8.34 0.05
N TYR C 182 36.13 -8.05 0.95
CA TYR C 182 37.07 -9.05 1.52
C TYR C 182 36.28 -10.06 2.35
N ALA C 183 36.51 -11.35 2.09
CA ALA C 183 36.08 -12.49 2.92
C ALA C 183 37.32 -13.18 3.49
N MET C 184 37.15 -13.98 4.54
CA MET C 184 38.24 -14.81 5.12
C MET C 184 38.44 -16.03 4.21
N ARG C 185 39.44 -15.97 3.33
CA ARG C 185 39.75 -17.03 2.33
C ARG C 185 40.62 -18.11 3.00
N ILE C 186 40.09 -19.33 3.07
CA ILE C 186 40.80 -20.55 3.57
C ILE C 186 41.19 -21.39 2.36
N TRP C 187 42.37 -21.15 1.79
CA TRP C 187 42.87 -21.82 0.56
C TRP C 187 43.45 -23.20 0.93
N MET C 188 42.64 -24.25 0.75
CA MET C 188 42.96 -25.64 1.20
C MET C 188 44.02 -26.26 0.29
N ASN C 189 44.94 -27.03 0.87
CA ASN C 189 46.04 -27.76 0.17
C ASN C 189 45.77 -29.26 0.31
N PRO C 190 45.33 -29.96 -0.76
CA PRO C 190 44.90 -31.35 -0.66
C PRO C 190 46.01 -32.33 -0.26
N ASN C 191 47.27 -31.97 -0.58
CA ASN C 191 48.48 -32.76 -0.22
C ASN C 191 48.64 -32.76 1.30
N GLU C 192 48.60 -31.57 1.92
CA GLU C 192 48.66 -31.37 3.40
C GLU C 192 47.39 -31.92 4.05
N LEU C 193 46.25 -31.70 3.39
CA LEU C 193 44.90 -32.16 3.84
C LEU C 193 44.88 -33.70 3.92
N ASN C 194 45.51 -34.36 2.94
CA ASN C 194 45.60 -35.84 2.84
C ASN C 194 46.65 -36.37 3.83
N LYS C 195 47.73 -35.62 4.04
CA LYS C 195 48.89 -36.03 4.90
C LYS C 195 48.41 -36.24 6.34
N PHE C 196 47.48 -35.41 6.83
CA PHE C 196 46.92 -35.45 8.20
C PHE C 196 45.58 -36.21 8.21
N GLN C 197 45.27 -36.92 7.11
CA GLN C 197 44.05 -37.75 6.95
C GLN C 197 42.80 -36.91 7.30
N LEU C 198 42.64 -35.77 6.62
CA LEU C 198 41.53 -34.80 6.81
C LEU C 198 40.88 -34.49 5.47
N THR C 199 39.74 -33.78 5.48
CA THR C 199 38.94 -33.40 4.29
C THR C 199 38.44 -31.96 4.45
N PRO C 200 37.98 -31.31 3.36
CA PRO C 200 37.26 -30.03 3.48
C PRO C 200 36.07 -30.07 4.44
N VAL C 201 35.47 -31.25 4.65
CA VAL C 201 34.35 -31.49 5.61
C VAL C 201 34.86 -31.18 7.02
N ASP C 202 36.04 -31.69 7.38
CA ASP C 202 36.67 -31.53 8.72
C ASP C 202 37.07 -30.06 8.92
N VAL C 203 37.43 -29.36 7.84
CA VAL C 203 37.86 -27.93 7.86
C VAL C 203 36.62 -27.05 8.11
N ILE C 204 35.50 -27.34 7.45
CA ILE C 204 34.21 -26.60 7.59
C ILE C 204 33.67 -26.79 9.01
N THR C 205 33.66 -28.04 9.50
CA THR C 205 33.17 -28.44 10.84
C THR C 205 33.91 -27.64 11.93
N ALA C 206 35.24 -27.55 11.80
CA ALA C 206 36.14 -26.88 12.78
C ALA C 206 35.91 -25.36 12.76
N ILE C 207 35.77 -24.76 11.57
CA ILE C 207 35.54 -23.30 11.38
C ILE C 207 34.20 -22.92 12.03
N LYS C 208 33.16 -23.72 11.83
CA LYS C 208 31.80 -23.49 12.40
C LYS C 208 31.88 -23.51 13.94
N ALA C 209 32.65 -24.43 14.51
CA ALA C 209 32.78 -24.66 15.97
C ALA C 209 33.64 -23.57 16.62
N GLN C 210 34.69 -23.12 15.93
CA GLN C 210 35.76 -22.25 16.50
C GLN C 210 35.63 -20.80 16.02
N ASN C 211 34.90 -20.55 14.93
CA ASN C 211 34.45 -19.19 14.51
C ASN C 211 32.95 -19.09 14.77
N ALA C 212 32.56 -19.19 16.04
CA ALA C 212 31.15 -19.21 16.51
C ALA C 212 30.85 -17.94 17.32
N GLN C 213 29.59 -17.51 17.33
CA GLN C 213 29.07 -16.42 18.21
C GLN C 213 27.92 -17.00 19.04
N VAL C 214 28.20 -17.33 20.30
CA VAL C 214 27.31 -18.13 21.21
C VAL C 214 26.45 -17.17 22.04
N ALA C 215 25.17 -17.49 22.19
CA ALA C 215 24.23 -16.86 23.15
C ALA C 215 24.23 -17.69 24.44
N ALA C 216 25.10 -17.33 25.39
CA ALA C 216 25.47 -18.15 26.58
C ALA C 216 24.65 -17.76 27.81
N GLY C 217 23.80 -16.74 27.72
CA GLY C 217 22.85 -16.34 28.78
C GLY C 217 23.41 -15.29 29.71
N GLN C 218 22.98 -15.29 30.98
CA GLN C 218 23.30 -14.26 31.99
C GLN C 218 23.50 -14.91 33.37
N LEU C 219 24.26 -14.23 34.24
CA LEU C 219 24.28 -14.44 35.71
C LEU C 219 23.24 -13.51 36.35
N GLY C 220 22.42 -14.04 37.25
CA GLY C 220 21.36 -13.29 37.95
C GLY C 220 20.30 -12.78 36.99
N GLY C 221 20.01 -13.55 35.93
CA GLY C 221 18.97 -13.25 34.93
C GLY C 221 17.58 -13.60 35.45
N THR C 222 16.53 -13.05 34.83
CA THR C 222 15.12 -13.26 35.22
C THR C 222 14.67 -14.64 34.76
N PRO C 223 13.90 -15.41 35.59
CA PRO C 223 13.58 -15.03 36.97
C PRO C 223 14.74 -15.29 37.93
N PRO C 224 15.11 -14.32 38.80
CA PRO C 224 16.23 -14.50 39.72
C PRO C 224 15.82 -15.09 41.07
N VAL C 225 16.81 -15.47 41.88
CA VAL C 225 16.66 -15.71 43.34
C VAL C 225 16.64 -14.34 44.02
N LYS C 226 15.51 -13.96 44.62
CA LYS C 226 15.30 -12.64 45.25
C LYS C 226 16.40 -12.41 46.30
N GLY C 227 17.16 -11.33 46.16
CA GLY C 227 18.36 -11.02 46.97
C GLY C 227 19.63 -10.96 46.13
N GLN C 228 19.56 -11.46 44.89
CA GLN C 228 20.65 -11.41 43.88
C GLN C 228 21.11 -9.96 43.71
N GLN C 229 22.43 -9.74 43.70
CA GLN C 229 23.08 -8.40 43.56
C GLN C 229 23.68 -8.25 42.15
N LEU C 230 24.25 -9.34 41.60
CA LEU C 230 24.94 -9.36 40.28
C LEU C 230 23.94 -9.63 39.16
N ASN C 231 24.02 -8.87 38.08
CA ASN C 231 23.35 -9.15 36.77
C ASN C 231 24.37 -8.96 35.65
N ALA C 232 25.09 -10.04 35.31
CA ALA C 232 26.22 -10.04 34.33
C ALA C 232 25.88 -10.92 33.13
N SER C 233 26.11 -10.41 31.92
CA SER C 233 26.02 -11.17 30.65
C SER C 233 27.17 -12.19 30.59
N ILE C 234 26.87 -13.45 30.26
CA ILE C 234 27.88 -14.51 30.02
C ILE C 234 28.30 -14.45 28.56
N ILE C 235 29.59 -14.16 28.31
CA ILE C 235 30.19 -14.06 26.95
C ILE C 235 31.06 -15.31 26.73
N ALA C 236 30.62 -16.20 25.82
CA ALA C 236 31.37 -17.40 25.39
C ALA C 236 32.14 -17.07 24.11
N GLN C 237 32.23 -18.01 23.17
CA GLN C 237 32.96 -17.85 21.88
C GLN C 237 32.39 -16.64 21.12
N THR C 238 33.28 -15.83 20.53
CA THR C 238 32.95 -14.70 19.63
C THR C 238 33.56 -14.96 18.25
N ARG C 239 33.00 -14.35 17.20
CA ARG C 239 33.52 -14.43 15.80
C ARG C 239 35.00 -14.04 15.79
N LEU C 240 35.83 -14.80 15.07
CA LEU C 240 37.28 -14.51 14.87
C LEU C 240 37.37 -13.24 14.00
N THR C 241 38.41 -12.42 14.22
CA THR C 241 38.52 -11.04 13.64
C THR C 241 39.81 -10.88 12.82
N SER C 242 40.64 -11.92 12.71
CA SER C 242 41.99 -11.86 12.08
C SER C 242 42.35 -13.20 11.43
N THR C 243 43.24 -13.17 10.43
CA THR C 243 43.80 -14.37 9.74
C THR C 243 44.60 -15.21 10.74
N GLU C 244 45.24 -14.57 11.72
CA GLU C 244 46.06 -15.22 12.78
C GLU C 244 45.16 -16.14 13.62
N GLU C 245 43.95 -15.69 13.94
CA GLU C 245 42.96 -16.43 14.77
C GLU C 245 42.45 -17.66 14.00
N PHE C 246 42.12 -17.48 12.72
CA PHE C 246 41.65 -18.57 11.81
C PHE C 246 42.77 -19.59 11.61
N GLY C 247 44.01 -19.11 11.45
CA GLY C 247 45.22 -19.94 11.25
C GLY C 247 45.39 -20.98 12.34
N LYS C 248 45.17 -20.59 13.60
CA LYS C 248 45.43 -21.45 14.79
C LYS C 248 44.16 -22.19 15.22
N ILE C 249 43.16 -22.31 14.33
CA ILE C 249 41.98 -23.21 14.51
C ILE C 249 42.50 -24.65 14.60
N LEU C 250 42.22 -25.34 15.71
CA LEU C 250 42.69 -26.72 15.99
C LEU C 250 41.78 -27.72 15.28
N LEU C 251 42.27 -28.29 14.17
CA LEU C 251 41.53 -29.30 13.36
C LEU C 251 41.49 -30.64 14.09
N LYS C 252 42.64 -31.10 14.61
CA LYS C 252 42.75 -32.37 15.38
C LYS C 252 44.07 -32.39 16.15
N VAL C 253 44.14 -33.21 17.21
CA VAL C 253 45.37 -33.53 17.98
C VAL C 253 45.77 -34.98 17.66
N ASN C 254 47.03 -35.21 17.29
CA ASN C 254 47.58 -36.55 16.95
C ASN C 254 47.85 -37.33 18.25
N GLN C 255 48.06 -38.64 18.13
CA GLN C 255 48.29 -39.57 19.27
C GLN C 255 49.59 -39.22 20.00
N ASP C 256 50.57 -38.66 19.29
CA ASP C 256 51.92 -38.32 19.83
C ASP C 256 51.92 -36.91 20.44
N GLY C 257 50.74 -36.30 20.65
CA GLY C 257 50.57 -35.03 21.37
C GLY C 257 50.53 -33.83 20.44
N SER C 258 51.28 -33.87 19.33
CA SER C 258 51.34 -32.81 18.28
C SER C 258 49.94 -32.55 17.73
N ARG C 259 49.66 -31.30 17.35
CA ARG C 259 48.31 -30.83 16.94
C ARG C 259 48.37 -30.18 15.54
N VAL C 260 47.38 -30.49 14.70
CA VAL C 260 47.23 -29.98 13.31
C VAL C 260 46.36 -28.72 13.34
N LEU C 261 46.95 -27.55 13.06
CA LEU C 261 46.23 -26.26 12.96
C LEU C 261 45.77 -26.06 11.51
N LEU C 262 44.85 -25.11 11.28
CA LEU C 262 44.26 -24.83 9.94
C LEU C 262 45.33 -24.22 9.01
N ARG C 263 46.32 -23.52 9.58
CA ARG C 263 47.42 -22.86 8.82
C ARG C 263 48.40 -23.91 8.28
N ASP C 264 48.31 -25.16 8.75
CA ASP C 264 49.20 -26.29 8.35
C ASP C 264 48.67 -26.96 7.08
N VAL C 265 47.35 -26.86 6.82
CA VAL C 265 46.67 -27.54 5.67
C VAL C 265 46.06 -26.50 4.72
N ALA C 266 46.20 -25.19 5.01
CA ALA C 266 45.57 -24.10 4.23
C ALA C 266 46.37 -22.79 4.40
N LYS C 267 46.23 -21.90 3.41
CA LYS C 267 46.76 -20.50 3.45
C LYS C 267 45.62 -19.56 3.84
N ILE C 268 45.83 -18.75 4.88
CA ILE C 268 44.82 -17.84 5.48
C ILE C 268 45.14 -16.41 5.05
N GLU C 269 44.23 -15.75 4.31
CA GLU C 269 44.38 -14.34 3.86
C GLU C 269 42.98 -13.71 3.69
N LEU C 270 42.91 -12.38 3.80
CA LEU C 270 41.73 -11.58 3.39
C LEU C 270 41.72 -11.47 1.86
N GLY C 271 40.64 -11.90 1.22
CA GLY C 271 40.47 -11.89 -0.24
C GLY C 271 39.00 -11.77 -0.61
N GLY C 272 38.72 -11.32 -1.84
CA GLY C 272 37.36 -11.07 -2.35
C GLY C 272 36.45 -12.29 -2.20
N GLU C 273 35.17 -12.06 -1.94
CA GLU C 273 34.11 -13.12 -1.93
C GLU C 273 34.14 -13.83 -3.30
N ASN C 274 34.34 -13.07 -4.37
CA ASN C 274 34.40 -13.55 -5.77
C ASN C 274 35.47 -12.74 -6.53
N TYR C 275 36.32 -13.42 -7.30
CA TYR C 275 37.51 -12.84 -7.99
C TYR C 275 37.24 -12.64 -9.49
N ASP C 276 36.00 -12.84 -9.94
CA ASP C 276 35.61 -12.75 -11.38
C ASP C 276 35.69 -11.30 -11.86
N ILE C 277 35.20 -10.35 -11.04
CA ILE C 277 35.04 -8.91 -11.42
C ILE C 277 36.31 -8.14 -11.03
N ILE C 278 36.97 -7.54 -12.03
CA ILE C 278 38.18 -6.69 -11.89
C ILE C 278 38.03 -5.49 -12.83
N ALA C 279 38.29 -4.27 -12.34
CA ALA C 279 38.08 -2.99 -13.06
C ALA C 279 39.39 -2.20 -13.15
N GLU C 280 39.51 -1.34 -14.16
CA GLU C 280 40.66 -0.44 -14.39
C GLU C 280 40.14 0.93 -14.87
N PHE C 281 40.67 2.02 -14.30
CA PHE C 281 40.38 3.43 -14.68
C PHE C 281 41.59 4.02 -15.41
N ASN C 282 41.49 4.19 -16.72
CA ASN C 282 42.58 4.66 -17.61
C ASN C 282 43.78 3.70 -17.47
N GLY C 283 43.52 2.40 -17.52
CA GLY C 283 44.53 1.32 -17.47
C GLY C 283 45.22 1.22 -16.12
N GLN C 284 44.63 1.79 -15.07
CA GLN C 284 45.18 1.82 -13.68
C GLN C 284 44.26 1.01 -12.78
N PRO C 285 44.80 0.10 -11.93
CA PRO C 285 43.97 -0.69 -11.01
C PRO C 285 42.99 0.19 -10.24
N ALA C 286 41.71 -0.19 -10.22
CA ALA C 286 40.60 0.61 -9.64
C ALA C 286 39.43 -0.29 -9.23
N SER C 287 38.58 0.23 -8.35
CA SER C 287 37.20 -0.27 -8.06
C SER C 287 36.20 0.84 -8.40
N GLY C 288 34.90 0.57 -8.26
CA GLY C 288 33.85 1.57 -8.53
C GLY C 288 32.47 1.08 -8.15
N LEU C 289 31.47 1.97 -8.23
CA LEU C 289 30.03 1.69 -7.95
C LEU C 289 29.19 2.07 -9.16
N GLY C 290 28.60 1.09 -9.84
CA GLY C 290 27.60 1.29 -10.90
C GLY C 290 26.25 1.63 -10.31
N ILE C 291 25.92 2.92 -10.22
CA ILE C 291 24.69 3.45 -9.54
C ILE C 291 23.58 3.61 -10.59
N LYS C 292 22.47 2.90 -10.40
CA LYS C 292 21.22 3.03 -11.21
C LYS C 292 20.28 4.01 -10.51
N LEU C 293 19.53 4.80 -11.29
CA LEU C 293 18.51 5.77 -10.79
C LEU C 293 17.22 5.01 -10.46
N ALA C 294 16.62 5.29 -9.30
CA ALA C 294 15.36 4.67 -8.82
C ALA C 294 14.19 5.14 -9.69
N THR C 295 13.16 4.31 -9.84
CA THR C 295 11.92 4.60 -10.61
C THR C 295 11.25 5.84 -10.02
N GLY C 296 11.12 6.91 -10.81
CA GLY C 296 10.42 8.15 -10.45
C GLY C 296 11.32 9.14 -9.71
N ALA C 297 12.60 8.82 -9.53
CA ALA C 297 13.60 9.68 -8.86
C ALA C 297 14.14 10.70 -9.86
N ASN C 298 14.58 11.86 -9.35
CA ASN C 298 15.11 12.99 -10.16
C ASN C 298 16.63 12.81 -10.32
N ALA C 299 17.10 12.64 -11.56
CA ALA C 299 18.50 12.33 -11.93
C ALA C 299 19.45 13.37 -11.33
N LEU C 300 19.11 14.66 -11.44
CA LEU C 300 19.95 15.80 -10.98
C LEU C 300 20.03 15.83 -9.45
N ASP C 301 18.90 15.59 -8.76
CA ASP C 301 18.82 15.55 -7.27
C ASP C 301 19.60 14.34 -6.75
N THR C 302 19.43 13.18 -7.39
CA THR C 302 20.07 11.88 -7.02
C THR C 302 21.59 12.01 -7.11
N ALA C 303 22.10 12.55 -8.21
CA ALA C 303 23.55 12.78 -8.45
C ALA C 303 24.09 13.75 -7.40
N ALA C 304 23.34 14.79 -7.07
CA ALA C 304 23.68 15.83 -6.06
C ALA C 304 23.69 15.19 -4.67
N ALA C 305 22.82 14.22 -4.42
CA ALA C 305 22.72 13.45 -3.15
C ALA C 305 23.93 12.52 -3.03
N ILE C 306 24.32 11.85 -4.12
CA ILE C 306 25.52 10.96 -4.20
C ILE C 306 26.77 11.79 -3.93
N ARG C 307 26.84 12.99 -4.53
CA ARG C 307 27.95 13.97 -4.34
C ARG C 307 28.06 14.34 -2.85
N ALA C 308 26.95 14.72 -2.23
CA ALA C 308 26.83 15.12 -0.81
C ALA C 308 27.24 13.95 0.09
N GLU C 309 26.88 12.72 -0.29
CA GLU C 309 27.09 11.48 0.53
C GLU C 309 28.56 11.05 0.44
N LEU C 310 29.18 11.17 -0.73
CA LEU C 310 30.64 10.86 -0.94
C LEU C 310 31.48 11.94 -0.24
N ALA C 311 31.03 13.20 -0.29
CA ALA C 311 31.70 14.37 0.34
C ALA C 311 31.85 14.13 1.85
N LYS C 312 30.90 13.43 2.47
CA LYS C 312 30.90 13.09 3.93
C LYS C 312 31.91 11.98 4.21
N MET C 313 32.16 11.09 3.25
CA MET C 313 33.05 9.90 3.42
C MET C 313 34.52 10.31 3.19
N GLU C 314 34.77 11.27 2.31
CA GLU C 314 36.13 11.66 1.82
C GLU C 314 37.07 11.97 3.00
N PRO C 315 36.64 12.73 4.03
CA PRO C 315 37.52 13.05 5.17
C PRO C 315 38.02 11.83 5.96
N PHE C 316 37.29 10.71 5.93
CA PHE C 316 37.58 9.47 6.70
C PHE C 316 38.22 8.41 5.78
N PHE C 317 38.61 8.78 4.56
CA PHE C 317 39.36 7.94 3.60
C PHE C 317 40.78 7.72 4.11
N PRO C 318 41.41 6.56 3.80
CA PRO C 318 42.83 6.37 4.09
C PRO C 318 43.73 7.11 3.10
N SER C 319 45.06 6.98 3.25
CA SER C 319 46.10 7.63 2.43
C SER C 319 45.97 7.20 0.95
N GLY C 320 45.87 8.17 0.04
CA GLY C 320 45.93 7.94 -1.42
C GLY C 320 44.56 7.81 -2.05
N LEU C 321 43.61 7.17 -1.36
CA LEU C 321 42.26 6.84 -1.91
C LEU C 321 41.61 8.11 -2.47
N LYS C 322 41.19 8.06 -3.74
CA LYS C 322 40.64 9.21 -4.51
C LYS C 322 39.47 8.73 -5.36
N ILE C 323 38.34 9.44 -5.29
CA ILE C 323 37.13 9.19 -6.15
C ILE C 323 37.37 9.83 -7.52
N VAL C 324 36.98 9.13 -8.58
CA VAL C 324 37.00 9.61 -10.00
C VAL C 324 35.58 9.45 -10.56
N TYR C 325 35.28 10.18 -11.64
CA TYR C 325 33.93 10.24 -12.27
C TYR C 325 34.04 9.88 -13.74
N PRO C 326 34.33 8.61 -14.06
CA PRO C 326 34.57 8.17 -15.44
C PRO C 326 33.34 7.94 -16.34
N TYR C 327 32.13 8.09 -15.79
CA TYR C 327 30.86 7.84 -16.52
C TYR C 327 29.70 8.48 -15.74
N ASP C 328 29.07 9.51 -16.31
CA ASP C 328 27.94 10.25 -15.70
C ASP C 328 27.07 10.83 -16.83
N THR C 329 25.75 10.64 -16.73
CA THR C 329 24.74 11.16 -17.70
C THR C 329 24.33 12.57 -17.32
N THR C 330 24.45 12.94 -16.03
CA THR C 330 23.92 14.21 -15.46
C THR C 330 24.66 15.41 -16.07
N PRO C 331 25.99 15.37 -16.32
CA PRO C 331 26.66 16.45 -17.04
C PRO C 331 25.91 16.85 -18.33
N PHE C 332 25.42 15.86 -19.09
CA PHE C 332 24.61 16.06 -20.32
C PHE C 332 23.25 16.67 -19.94
N VAL C 333 22.60 16.14 -18.90
CA VAL C 333 21.27 16.59 -18.40
C VAL C 333 21.33 18.10 -18.10
N LYS C 334 22.42 18.55 -17.46
CA LYS C 334 22.65 19.96 -17.06
C LYS C 334 22.77 20.83 -18.32
N ILE C 335 23.69 20.49 -19.22
CA ILE C 335 24.04 21.31 -20.43
C ILE C 335 22.89 21.24 -21.45
N SER C 336 22.23 20.09 -21.59
CA SER C 336 21.06 19.90 -22.49
C SER C 336 19.98 20.92 -22.14
N ILE C 337 19.70 21.10 -20.85
CA ILE C 337 18.74 22.11 -20.31
C ILE C 337 19.26 23.52 -20.64
N HIS C 338 20.52 23.80 -20.29
CA HIS C 338 21.21 25.11 -20.49
C HIS C 338 21.04 25.58 -21.95
N GLU C 339 21.18 24.67 -22.90
CA GLU C 339 21.13 24.96 -24.37
C GLU C 339 19.68 25.26 -24.79
N VAL C 340 18.69 24.74 -24.08
CA VAL C 340 17.23 24.99 -24.35
C VAL C 340 16.85 26.33 -23.72
N VAL C 341 17.39 26.65 -22.54
CA VAL C 341 17.22 27.97 -21.86
C VAL C 341 17.84 29.05 -22.77
N LYS C 342 19.01 28.75 -23.35
CA LYS C 342 19.71 29.61 -24.33
C LYS C 342 18.81 29.78 -25.57
N THR C 343 18.27 28.67 -26.09
CA THR C 343 17.34 28.62 -27.25
C THR C 343 16.08 29.46 -26.95
N LEU C 344 15.56 29.35 -25.72
CA LEU C 344 14.33 30.06 -25.26
C LEU C 344 14.60 31.56 -25.20
N VAL C 345 15.69 31.98 -24.54
CA VAL C 345 16.11 33.41 -24.39
C VAL C 345 16.37 33.98 -25.79
N GLU C 346 16.99 33.20 -26.69
CA GLU C 346 17.29 33.60 -28.09
C GLU C 346 15.98 33.79 -28.86
N ALA C 347 15.01 32.89 -28.67
CA ALA C 347 13.67 32.91 -29.32
C ALA C 347 12.93 34.20 -28.96
N ILE C 348 12.97 34.59 -27.68
CA ILE C 348 12.30 35.81 -27.14
C ILE C 348 12.91 37.06 -27.79
N ILE C 349 14.24 37.09 -27.92
CA ILE C 349 15.01 38.21 -28.54
C ILE C 349 14.62 38.34 -30.02
N LEU C 350 14.57 37.23 -30.75
CA LEU C 350 14.26 37.20 -32.20
C LEU C 350 12.81 37.64 -32.43
N VAL C 351 11.85 37.06 -31.70
CA VAL C 351 10.40 37.38 -31.78
C VAL C 351 10.20 38.88 -31.53
N PHE C 352 10.86 39.42 -30.50
CA PHE C 352 10.87 40.86 -30.13
C PHE C 352 11.30 41.70 -31.34
N LEU C 353 12.41 41.30 -31.98
CA LEU C 353 13.01 42.03 -33.15
C LEU C 353 12.09 41.93 -34.36
N VAL C 354 11.38 40.81 -34.54
CA VAL C 354 10.39 40.59 -35.63
C VAL C 354 9.23 41.58 -35.43
N MET C 355 8.81 41.79 -34.19
CA MET C 355 7.72 42.74 -33.83
C MET C 355 8.22 44.18 -33.97
N TYR C 356 9.47 44.45 -33.60
CA TYR C 356 10.14 45.77 -33.75
C TYR C 356 10.23 46.14 -35.23
N LEU C 357 10.53 45.16 -36.10
CA LEU C 357 10.67 45.34 -37.57
C LEU C 357 9.40 45.96 -38.16
N PHE C 358 8.22 45.48 -37.73
CA PHE C 358 6.89 45.89 -38.27
C PHE C 358 6.36 47.11 -37.51
N LEU C 359 6.35 47.05 -36.17
CA LEU C 359 5.75 48.12 -35.31
C LEU C 359 6.68 49.33 -35.26
N GLN C 360 7.98 49.11 -35.05
CA GLN C 360 9.06 50.14 -35.18
C GLN C 360 9.06 51.09 -33.98
N ASN C 361 7.90 51.64 -33.62
CA ASN C 361 7.70 52.41 -32.37
C ASN C 361 7.95 51.48 -31.17
N PHE C 362 8.85 51.87 -30.26
CA PHE C 362 9.30 51.04 -29.11
C PHE C 362 8.13 50.81 -28.15
N ARG C 363 7.32 51.84 -27.91
CA ARG C 363 6.08 51.78 -27.10
C ARG C 363 5.17 50.66 -27.65
N ALA C 364 4.91 50.70 -28.96
CA ALA C 364 4.05 49.74 -29.70
C ALA C 364 4.64 48.33 -29.59
N THR C 365 5.96 48.20 -29.75
CA THR C 365 6.71 46.91 -29.74
C THR C 365 6.71 46.30 -28.34
N LEU C 366 6.64 47.13 -27.29
CA LEU C 366 6.74 46.70 -25.87
C LEU C 366 5.41 46.06 -25.43
N ILE C 367 4.28 46.52 -25.96
CA ILE C 367 2.90 46.06 -25.58
C ILE C 367 2.79 44.55 -25.73
N PRO C 368 3.06 43.96 -26.93
CA PRO C 368 2.99 42.51 -27.10
C PRO C 368 4.19 41.76 -26.51
N THR C 369 5.30 42.47 -26.25
CA THR C 369 6.52 41.93 -25.59
C THR C 369 6.21 41.65 -24.11
N ILE C 370 5.39 42.50 -23.48
CA ILE C 370 4.93 42.38 -22.07
C ILE C 370 4.10 41.10 -21.91
N ALA C 371 3.55 40.56 -23.01
CA ALA C 371 2.76 39.31 -23.04
C ALA C 371 3.67 38.10 -22.74
N VAL C 372 4.97 38.18 -23.09
CA VAL C 372 5.94 37.05 -22.97
C VAL C 372 6.16 36.70 -21.50
N PRO C 373 6.51 37.67 -20.62
CA PRO C 373 6.63 37.39 -19.18
C PRO C 373 5.33 36.84 -18.57
N VAL C 374 4.20 37.52 -18.81
CA VAL C 374 2.88 37.26 -18.17
C VAL C 374 2.44 35.81 -18.47
N VAL C 375 2.58 35.37 -19.72
CA VAL C 375 2.11 34.04 -20.21
C VAL C 375 3.09 32.96 -19.75
N LEU C 376 4.40 33.16 -19.93
CA LEU C 376 5.44 32.17 -19.58
C LEU C 376 5.42 31.91 -18.07
N LEU C 377 5.48 32.97 -17.26
CA LEU C 377 5.38 32.88 -15.77
C LEU C 377 4.00 32.33 -15.40
N GLY C 378 2.94 32.79 -16.08
CA GLY C 378 1.59 32.23 -15.97
C GLY C 378 1.59 30.73 -16.21
N THR C 379 2.30 30.28 -17.25
CA THR C 379 2.41 28.85 -17.66
C THR C 379 3.19 28.08 -16.59
N PHE C 380 4.29 28.64 -16.08
CA PHE C 380 5.14 28.07 -15.01
C PHE C 380 4.29 27.78 -13.76
N ALA C 381 3.38 28.71 -13.43
CA ALA C 381 2.44 28.59 -12.29
C ALA C 381 1.51 27.39 -12.50
N VAL C 382 1.06 27.16 -13.73
CA VAL C 382 0.14 26.03 -14.10
C VAL C 382 0.93 24.72 -14.06
N LEU C 383 2.15 24.71 -14.60
CA LEU C 383 3.07 23.53 -14.55
C LEU C 383 3.21 23.07 -13.08
N ALA C 384 3.56 24.00 -12.19
CA ALA C 384 3.72 23.78 -10.74
C ALA C 384 2.41 23.29 -10.14
N ALA C 385 1.28 23.89 -10.53
CA ALA C 385 -0.08 23.60 -10.02
C ALA C 385 -0.47 22.16 -10.34
N PHE C 386 -0.18 21.68 -11.55
CA PHE C 386 -0.54 20.33 -12.04
C PHE C 386 0.66 19.38 -11.91
N GLY C 387 1.66 19.76 -11.10
CA GLY C 387 2.77 18.89 -10.64
C GLY C 387 3.69 18.46 -11.76
N PHE C 388 3.90 19.33 -12.77
CA PHE C 388 4.90 19.15 -13.85
C PHE C 388 6.22 19.78 -13.42
N SER C 389 7.28 19.61 -14.22
CA SER C 389 8.66 20.09 -13.93
C SER C 389 9.23 20.86 -15.14
N ILE C 390 10.26 21.66 -14.88
CA ILE C 390 11.09 22.32 -15.93
C ILE C 390 11.99 21.24 -16.56
N ASN C 391 11.56 20.68 -17.68
CA ASN C 391 12.32 19.67 -18.47
C ASN C 391 12.37 20.12 -19.93
N THR C 392 13.21 19.50 -20.75
CA THR C 392 13.46 19.86 -22.17
C THR C 392 12.13 19.88 -22.95
N LEU C 393 11.23 18.95 -22.66
CA LEU C 393 9.94 18.78 -23.39
C LEU C 393 9.01 19.95 -23.06
N THR C 394 8.86 20.29 -21.77
CA THR C 394 8.07 21.46 -21.29
C THR C 394 8.73 22.76 -21.75
N MET C 395 10.07 22.77 -21.83
CA MET C 395 10.86 23.94 -22.29
C MET C 395 10.68 24.12 -23.80
N PHE C 396 10.73 23.03 -24.57
CA PHE C 396 10.47 23.03 -26.04
C PHE C 396 9.07 23.58 -26.29
N GLY C 397 8.08 23.15 -25.49
CA GLY C 397 6.69 23.62 -25.54
C GLY C 397 6.60 25.13 -25.42
N MET C 398 7.42 25.74 -24.55
CA MET C 398 7.48 27.21 -24.32
C MET C 398 8.16 27.89 -25.51
N VAL C 399 9.24 27.31 -26.04
CA VAL C 399 10.01 27.85 -27.20
C VAL C 399 9.07 27.95 -28.41
N LEU C 400 8.23 26.93 -28.63
CA LEU C 400 7.17 26.93 -29.68
C LEU C 400 6.16 28.05 -29.38
N ALA C 401 5.74 28.17 -28.12
CA ALA C 401 4.67 29.09 -27.64
C ALA C 401 5.11 30.55 -27.80
N ILE C 402 6.40 30.86 -27.70
CA ILE C 402 6.94 32.25 -27.73
C ILE C 402 6.32 32.98 -28.93
N GLY C 403 6.37 32.36 -30.11
CA GLY C 403 5.87 32.93 -31.38
C GLY C 403 4.36 32.85 -31.50
N LEU C 404 3.71 32.03 -30.67
CA LEU C 404 2.23 31.77 -30.70
C LEU C 404 1.51 32.62 -29.64
N LEU C 405 2.10 32.80 -28.47
CA LEU C 405 1.46 33.48 -27.31
C LEU C 405 1.43 35.00 -27.52
N VAL C 406 2.22 35.52 -28.46
CA VAL C 406 2.26 36.98 -28.82
C VAL C 406 1.35 37.22 -30.03
N ASP C 407 0.80 36.16 -30.64
CA ASP C 407 -0.06 36.25 -31.86
C ASP C 407 -1.26 37.16 -31.57
N ASP C 408 -2.08 36.80 -30.58
CA ASP C 408 -3.31 37.54 -30.20
C ASP C 408 -2.95 39.00 -29.86
N ALA C 409 -1.85 39.20 -29.12
CA ALA C 409 -1.35 40.55 -28.71
C ALA C 409 -1.00 41.38 -29.94
N ILE C 410 -0.29 40.79 -30.91
CA ILE C 410 0.09 41.43 -32.21
C ILE C 410 -1.18 41.83 -32.96
N VAL C 411 -2.13 40.90 -33.09
CA VAL C 411 -3.43 41.09 -33.82
C VAL C 411 -4.11 42.36 -33.30
N VAL C 412 -4.09 42.59 -31.99
CA VAL C 412 -4.71 43.78 -31.33
C VAL C 412 -3.91 45.03 -31.73
N VAL C 413 -2.62 45.07 -31.38
CA VAL C 413 -1.72 46.24 -31.56
C VAL C 413 -1.74 46.66 -33.04
N GLU C 414 -1.66 45.70 -33.96
CA GLU C 414 -1.65 45.93 -35.43
C GLU C 414 -2.99 46.54 -35.86
N ASN C 415 -4.10 46.00 -35.34
CA ASN C 415 -5.49 46.45 -35.70
C ASN C 415 -5.72 47.86 -35.14
N VAL C 416 -5.17 48.17 -33.96
CA VAL C 416 -5.21 49.54 -33.35
C VAL C 416 -4.42 50.49 -34.24
N GLU C 417 -3.19 50.11 -34.63
CA GLU C 417 -2.28 50.89 -35.49
C GLU C 417 -2.95 51.14 -36.86
N ARG C 418 -3.63 50.12 -37.39
CA ARG C 418 -4.31 50.14 -38.73
C ARG C 418 -5.49 51.14 -38.68
N VAL C 419 -6.33 51.05 -37.65
CA VAL C 419 -7.53 51.93 -37.46
C VAL C 419 -7.08 53.39 -37.33
N MET C 420 -6.05 53.64 -36.54
CA MET C 420 -5.47 55.01 -36.30
C MET C 420 -4.96 55.59 -37.62
N ALA C 421 -4.33 54.76 -38.47
CA ALA C 421 -3.72 55.18 -39.76
C ALA C 421 -4.81 55.41 -40.81
N GLU C 422 -5.94 54.70 -40.71
CA GLU C 422 -7.06 54.77 -41.68
C GLU C 422 -8.00 55.93 -41.32
N GLU C 423 -8.41 56.02 -40.05
CA GLU C 423 -9.50 56.91 -39.58
C GLU C 423 -8.93 58.15 -38.86
N GLY C 424 -7.72 58.05 -38.30
CA GLY C 424 -7.06 59.15 -37.57
C GLY C 424 -7.59 59.29 -36.15
N LEU C 425 -8.20 58.23 -35.61
CA LEU C 425 -8.82 58.22 -34.25
C LEU C 425 -7.72 58.19 -33.19
N PRO C 426 -7.97 58.71 -31.97
CA PRO C 426 -7.03 58.56 -30.86
C PRO C 426 -6.89 57.10 -30.43
N PRO C 427 -5.76 56.71 -29.79
CA PRO C 427 -5.52 55.32 -29.43
C PRO C 427 -6.69 54.61 -28.72
N LYS C 428 -7.34 55.29 -27.78
CA LYS C 428 -8.44 54.73 -26.94
C LYS C 428 -9.64 54.36 -27.82
N GLU C 429 -10.16 55.32 -28.58
CA GLU C 429 -11.32 55.14 -29.50
C GLU C 429 -10.98 54.08 -30.55
N ALA C 430 -9.72 54.07 -31.03
CA ALA C 430 -9.18 53.10 -32.01
C ALA C 430 -9.16 51.70 -31.40
N THR C 431 -8.70 51.58 -30.14
CA THR C 431 -8.61 50.31 -29.38
C THR C 431 -10.03 49.77 -29.13
N ARG C 432 -10.91 50.61 -28.57
CA ARG C 432 -12.31 50.24 -28.23
C ARG C 432 -13.01 49.71 -29.49
N LYS C 433 -12.72 50.31 -30.65
CA LYS C 433 -13.24 49.89 -31.99
C LYS C 433 -12.59 48.56 -32.39
N SER C 434 -11.25 48.53 -32.39
CA SER C 434 -10.42 47.37 -32.84
C SER C 434 -10.87 46.08 -32.15
N MET C 435 -11.06 46.12 -30.83
CA MET C 435 -11.45 44.95 -29.99
C MET C 435 -12.79 44.38 -30.46
N GLY C 436 -13.69 45.22 -30.98
CA GLY C 436 -15.02 44.84 -31.48
C GLY C 436 -14.95 43.98 -32.74
N GLN C 437 -13.87 44.07 -33.52
CA GLN C 437 -13.69 43.40 -34.83
C GLN C 437 -12.91 42.09 -34.66
N ILE C 438 -11.83 42.13 -33.88
CA ILE C 438 -10.77 41.08 -33.81
C ILE C 438 -11.16 39.96 -32.82
N GLN C 439 -11.98 40.27 -31.82
CA GLN C 439 -12.29 39.36 -30.66
C GLN C 439 -12.57 37.94 -31.18
N GLY C 440 -13.31 37.81 -32.30
CA GLY C 440 -13.62 36.53 -32.96
C GLY C 440 -12.36 35.77 -33.36
N ALA C 441 -11.36 36.49 -33.90
CA ALA C 441 -10.06 35.94 -34.33
C ALA C 441 -9.20 35.62 -33.10
N LEU C 442 -9.16 36.52 -32.12
CA LEU C 442 -8.36 36.37 -30.86
C LEU C 442 -8.71 35.03 -30.20
N VAL C 443 -10.00 34.76 -30.02
CA VAL C 443 -10.53 33.51 -29.38
C VAL C 443 -10.28 32.32 -30.32
N GLY C 444 -10.49 32.53 -31.63
CA GLY C 444 -10.31 31.50 -32.67
C GLY C 444 -8.88 30.98 -32.72
N ILE C 445 -7.90 31.88 -32.77
CA ILE C 445 -6.44 31.58 -32.80
C ILE C 445 -6.09 30.72 -31.58
N ALA C 446 -6.43 31.21 -30.38
CA ALA C 446 -6.11 30.60 -29.07
C ALA C 446 -6.76 29.21 -28.96
N MET C 447 -7.94 29.02 -29.57
CA MET C 447 -8.76 27.78 -29.48
C MET C 447 -8.07 26.66 -30.28
N VAL C 448 -7.81 26.88 -31.57
CA VAL C 448 -7.30 25.84 -32.52
C VAL C 448 -5.85 25.49 -32.19
N LEU C 449 -5.09 26.42 -31.59
CA LEU C 449 -3.70 26.19 -31.14
C LEU C 449 -3.69 25.64 -29.70
N SER C 450 -4.86 25.50 -29.08
CA SER C 450 -5.09 24.77 -27.80
C SER C 450 -5.70 23.40 -28.10
N ALA C 451 -6.87 23.39 -28.75
CA ALA C 451 -7.72 22.21 -29.02
C ALA C 451 -6.91 21.10 -29.73
N VAL C 452 -5.95 21.48 -30.58
CA VAL C 452 -5.14 20.51 -31.39
C VAL C 452 -4.14 19.78 -30.47
N PHE C 453 -3.82 20.34 -29.31
CA PHE C 453 -2.85 19.77 -28.33
C PHE C 453 -3.58 19.08 -27.17
N VAL C 454 -4.92 19.02 -27.20
CA VAL C 454 -5.75 18.40 -26.12
C VAL C 454 -5.80 16.88 -26.32
N PRO C 455 -6.26 16.36 -27.48
CA PRO C 455 -6.37 14.91 -27.68
C PRO C 455 -5.09 14.11 -27.42
N MET C 456 -3.92 14.66 -27.79
CA MET C 456 -2.59 13.97 -27.71
C MET C 456 -2.30 13.58 -26.26
N ALA C 457 -2.77 14.38 -25.28
CA ALA C 457 -2.53 14.21 -23.83
C ALA C 457 -3.11 12.86 -23.35
N PHE C 458 -4.18 12.38 -23.99
CA PHE C 458 -4.95 11.19 -23.56
C PHE C 458 -4.34 9.89 -24.10
N PHE C 459 -3.41 9.99 -25.07
CA PHE C 459 -2.72 8.82 -25.68
C PHE C 459 -1.71 8.23 -24.68
N GLY C 460 -1.43 6.93 -24.82
CA GLY C 460 -0.62 6.14 -23.88
C GLY C 460 0.79 5.90 -24.37
N GLY C 461 1.54 5.01 -23.69
CA GLY C 461 2.94 4.68 -23.98
C GLY C 461 3.89 5.79 -23.53
N SER C 462 5.17 5.67 -23.88
CA SER C 462 6.23 6.69 -23.64
C SER C 462 5.91 7.95 -24.47
N THR C 463 5.38 7.75 -25.68
CA THR C 463 4.95 8.80 -26.63
C THR C 463 3.95 9.74 -25.94
N GLY C 464 2.95 9.15 -25.25
CA GLY C 464 1.91 9.87 -24.50
C GLY C 464 2.49 10.73 -23.40
N ALA C 465 3.48 10.20 -22.66
CA ALA C 465 4.19 10.91 -21.57
C ALA C 465 4.88 12.17 -22.13
N ILE C 466 5.48 12.05 -23.33
CA ILE C 466 6.16 13.17 -24.05
C ILE C 466 5.10 14.17 -24.51
N TYR C 467 4.02 13.68 -25.13
CA TYR C 467 2.91 14.51 -25.70
C TYR C 467 2.36 15.47 -24.64
N ARG C 468 2.11 14.96 -23.43
CA ARG C 468 1.45 15.71 -22.31
C ARG C 468 2.31 16.92 -21.89
N GLN C 469 3.63 16.86 -22.08
CA GLN C 469 4.58 17.93 -21.67
C GLN C 469 4.38 19.17 -22.54
N PHE C 470 4.34 18.99 -23.88
CA PHE C 470 4.06 20.05 -24.87
C PHE C 470 2.64 20.58 -24.67
N SER C 471 1.68 19.66 -24.43
CA SER C 471 0.23 19.93 -24.29
C SER C 471 -0.03 20.92 -23.14
N ILE C 472 0.27 20.51 -21.90
CA ILE C 472 0.05 21.34 -20.66
C ILE C 472 0.68 22.72 -20.87
N THR C 473 1.87 22.79 -21.47
CA THR C 473 2.65 24.04 -21.69
C THR C 473 1.92 24.95 -22.69
N ILE C 474 1.63 24.43 -23.89
CA ILE C 474 1.07 25.21 -25.02
C ILE C 474 -0.39 25.59 -24.71
N VAL C 475 -1.22 24.62 -24.29
CA VAL C 475 -2.67 24.82 -24.00
C VAL C 475 -2.81 25.92 -22.94
N SER C 476 -1.97 25.89 -21.89
CA SER C 476 -1.91 26.91 -20.81
C SER C 476 -1.47 28.26 -21.41
N ALA C 477 -0.41 28.26 -22.21
CA ALA C 477 0.21 29.45 -22.84
C ALA C 477 -0.81 30.15 -23.75
N MET C 478 -1.53 29.38 -24.57
CA MET C 478 -2.53 29.89 -25.55
C MET C 478 -3.80 30.37 -24.82
N ALA C 479 -4.19 29.69 -23.74
CA ALA C 479 -5.34 30.07 -22.87
C ALA C 479 -5.01 31.37 -22.13
N LEU C 480 -3.74 31.56 -21.76
CA LEU C 480 -3.24 32.78 -21.06
C LEU C 480 -3.06 33.92 -22.07
N SER C 481 -2.64 33.62 -23.30
CA SER C 481 -2.38 34.59 -24.39
C SER C 481 -3.65 35.39 -24.70
N VAL C 482 -4.79 34.70 -24.81
CA VAL C 482 -6.11 35.31 -25.15
C VAL C 482 -6.58 36.20 -23.99
N LEU C 483 -6.32 35.78 -22.74
CA LEU C 483 -6.67 36.56 -21.52
C LEU C 483 -5.85 37.86 -21.50
N VAL C 484 -4.55 37.79 -21.77
CA VAL C 484 -3.63 38.96 -21.87
C VAL C 484 -4.14 39.89 -22.98
N ALA C 485 -4.59 39.32 -24.11
CA ALA C 485 -5.04 40.03 -25.32
C ALA C 485 -6.40 40.71 -25.08
N LEU C 486 -7.19 40.19 -24.14
CA LEU C 486 -8.56 40.72 -23.81
C LEU C 486 -8.48 41.65 -22.59
N ILE C 487 -7.53 41.43 -21.66
CA ILE C 487 -7.41 42.19 -20.39
C ILE C 487 -6.34 43.29 -20.55
N LEU C 488 -5.08 42.90 -20.73
CA LEU C 488 -3.90 43.80 -20.61
C LEU C 488 -3.68 44.58 -21.92
N THR C 489 -3.51 43.88 -23.04
CA THR C 489 -3.11 44.46 -24.35
C THR C 489 -4.00 45.65 -24.72
N PRO C 490 -5.34 45.56 -24.55
CA PRO C 490 -6.22 46.71 -24.82
C PRO C 490 -5.90 47.91 -23.92
N ALA C 491 -5.77 47.66 -22.61
CA ALA C 491 -5.46 48.67 -21.57
C ALA C 491 -4.15 49.40 -21.92
N LEU C 492 -3.15 48.67 -22.44
CA LEU C 492 -1.83 49.23 -22.86
C LEU C 492 -2.01 50.05 -24.14
N CYS C 493 -2.67 49.47 -25.16
CA CYS C 493 -2.91 50.09 -26.49
C CYS C 493 -3.57 51.47 -26.34
N ALA C 494 -4.49 51.60 -25.37
CA ALA C 494 -5.25 52.85 -25.10
C ALA C 494 -4.34 53.89 -24.43
N THR C 495 -3.55 53.47 -23.44
CA THR C 495 -2.81 54.36 -22.50
C THR C 495 -1.42 54.69 -23.04
N MET C 496 -0.62 53.69 -23.42
CA MET C 496 0.82 53.86 -23.75
C MET C 496 1.08 53.57 -25.24
N LEU C 497 0.36 54.24 -26.15
CA LEU C 497 0.58 54.12 -27.62
C LEU C 497 0.54 55.50 -28.29
N LYS C 498 1.60 55.80 -29.06
CA LYS C 498 1.76 56.99 -29.92
C LYS C 498 0.53 57.17 -30.81
N PRO C 499 -0.18 58.33 -30.76
CA PRO C 499 -1.24 58.62 -31.73
C PRO C 499 -0.68 58.75 -33.16
N ILE C 500 -1.25 58.00 -34.11
CA ILE C 500 -0.87 58.03 -35.55
C ILE C 500 -1.89 58.91 -36.29
N ALA C 501 -1.39 59.81 -37.16
CA ALA C 501 -2.19 60.70 -38.03
C ALA C 501 -2.84 59.89 -39.16
N LYS C 502 -3.99 60.34 -39.66
CA LYS C 502 -4.76 59.68 -40.75
C LYS C 502 -3.91 59.72 -42.03
N GLY C 503 -3.71 58.56 -42.68
CA GLY C 503 -2.96 58.41 -43.93
C GLY C 503 -1.53 57.94 -43.71
N ASP C 504 -0.95 58.24 -42.54
CA ASP C 504 0.45 57.90 -42.17
C ASP C 504 0.59 56.39 -41.99
N HIS C 505 1.24 55.72 -42.95
CA HIS C 505 1.58 54.27 -42.92
C HIS C 505 3.09 54.08 -42.75
N GLY C 506 3.80 55.12 -42.31
CA GLY C 506 5.26 55.12 -42.08
C GLY C 506 6.03 55.01 -43.39
N GLU C 507 5.43 55.40 -44.52
CA GLU C 507 6.08 55.39 -45.86
C GLU C 507 7.09 56.53 -45.95
N GLY C 508 6.89 57.60 -45.16
CA GLY C 508 7.78 58.77 -45.07
C GLY C 508 8.65 58.73 -43.82
N LYS C 509 9.04 57.53 -43.37
CA LYS C 509 9.97 57.33 -42.22
C LYS C 509 11.41 57.41 -42.77
N LYS C 510 12.39 57.66 -41.89
CA LYS C 510 13.81 57.89 -42.28
C LYS C 510 14.61 56.61 -42.06
N GLY C 511 15.47 56.25 -43.04
CA GLY C 511 16.39 55.12 -42.97
C GLY C 511 15.79 53.84 -43.52
N PHE C 512 16.04 52.71 -42.84
CA PHE C 512 15.66 51.34 -43.26
C PHE C 512 14.16 51.12 -43.08
N PHE C 513 13.59 51.63 -41.98
CA PHE C 513 12.14 51.50 -41.65
C PHE C 513 11.30 52.20 -42.73
N GLY C 514 11.79 53.32 -43.25
CA GLY C 514 11.19 54.03 -44.40
C GLY C 514 11.08 53.13 -45.62
N TRP C 515 12.17 52.43 -45.95
CA TRP C 515 12.25 51.49 -47.12
C TRP C 515 11.32 50.29 -46.89
N PHE C 516 11.41 49.66 -45.72
CA PHE C 516 10.65 48.42 -45.36
C PHE C 516 9.14 48.68 -45.43
N ASN C 517 8.69 49.82 -44.91
CA ASN C 517 7.26 50.23 -44.91
C ASN C 517 6.80 50.40 -46.38
N ARG C 518 7.53 51.20 -47.16
CA ARG C 518 7.26 51.42 -48.61
C ARG C 518 7.26 50.08 -49.35
N MET C 519 8.28 49.24 -49.08
CA MET C 519 8.44 47.88 -49.66
C MET C 519 7.19 47.05 -49.35
N PHE C 520 6.76 47.03 -48.09
CA PHE C 520 5.63 46.20 -47.58
C PHE C 520 4.30 46.73 -48.14
N GLU C 521 4.11 48.06 -48.13
CA GLU C 521 2.90 48.74 -48.65
C GLU C 521 2.72 48.41 -50.13
N LYS C 522 3.82 48.27 -50.88
CA LYS C 522 3.80 47.86 -52.31
C LYS C 522 3.52 46.35 -52.39
N SER C 523 4.17 45.55 -51.55
CA SER C 523 4.01 44.07 -51.48
C SER C 523 2.55 43.68 -51.22
N THR C 524 1.85 44.48 -50.40
CA THR C 524 0.42 44.29 -50.04
C THR C 524 -0.46 44.48 -51.29
N HIS C 525 -0.21 45.55 -52.06
CA HIS C 525 -0.91 45.88 -53.33
C HIS C 525 -0.75 44.73 -54.33
N HIS C 526 0.47 44.21 -54.48
CA HIS C 526 0.82 43.09 -55.39
C HIS C 526 0.02 41.84 -55.00
N TYR C 527 -0.11 41.58 -53.70
CA TYR C 527 -0.80 40.39 -53.11
C TYR C 527 -2.32 40.51 -53.32
N THR C 528 -2.90 41.67 -52.98
CA THR C 528 -4.35 41.95 -53.05
C THR C 528 -4.83 41.85 -54.51
N ASP C 529 -4.09 42.48 -55.44
CA ASP C 529 -4.37 42.44 -56.90
C ASP C 529 -4.22 41.01 -57.41
N SER C 530 -3.19 40.29 -56.93
CA SER C 530 -2.88 38.88 -57.27
C SER C 530 -4.04 37.96 -56.84
N VAL C 531 -4.49 38.08 -55.59
CA VAL C 531 -5.64 37.31 -55.03
C VAL C 531 -6.86 37.53 -55.92
N GLY C 532 -7.13 38.80 -56.29
CA GLY C 532 -8.21 39.18 -57.21
C GLY C 532 -8.22 38.31 -58.46
N GLY C 533 -7.04 38.11 -59.07
CA GLY C 533 -6.85 37.25 -60.25
C GLY C 533 -7.09 35.78 -59.95
N ILE C 534 -6.71 35.32 -58.76
CA ILE C 534 -6.88 33.91 -58.29
C ILE C 534 -8.37 33.61 -58.15
N LEU C 535 -9.17 34.57 -57.68
CA LEU C 535 -10.63 34.43 -57.45
C LEU C 535 -11.40 34.47 -58.79
N ARG C 536 -10.73 34.90 -59.88
CA ARG C 536 -11.30 34.93 -61.25
C ARG C 536 -10.96 33.63 -61.99
N SER C 537 -10.18 32.74 -61.38
CA SER C 537 -9.77 31.43 -61.93
C SER C 537 -9.53 30.43 -60.79
N THR C 538 -10.55 30.19 -59.97
CA THR C 538 -10.48 29.36 -58.73
C THR C 538 -10.32 27.88 -59.09
N GLY C 539 -11.04 27.41 -60.12
CA GLY C 539 -11.00 26.02 -60.61
C GLY C 539 -9.58 25.55 -60.87
N ARG C 540 -8.72 26.46 -61.36
CA ARG C 540 -7.28 26.20 -61.65
C ARG C 540 -6.55 25.79 -60.37
N TYR C 541 -6.81 26.49 -59.26
CA TYR C 541 -6.08 26.34 -57.97
C TYR C 541 -6.63 25.14 -57.18
N LEU C 542 -7.86 24.71 -57.44
CA LEU C 542 -8.44 23.47 -56.88
C LEU C 542 -7.67 22.25 -57.43
N VAL C 543 -7.16 22.36 -58.66
CA VAL C 543 -6.31 21.31 -59.31
C VAL C 543 -4.92 21.34 -58.66
N LEU C 544 -4.34 22.52 -58.47
CA LEU C 544 -3.02 22.72 -57.81
C LEU C 544 -3.08 22.14 -56.38
N TYR C 545 -4.15 22.45 -55.64
CA TYR C 545 -4.40 21.98 -54.26
C TYR C 545 -4.38 20.44 -54.23
N LEU C 546 -5.00 19.79 -55.22
CA LEU C 546 -5.07 18.31 -55.34
C LEU C 546 -3.66 17.75 -55.56
N ILE C 547 -2.80 18.44 -56.34
CA ILE C 547 -1.39 18.03 -56.59
C ILE C 547 -0.61 18.13 -55.26
N ILE C 548 -0.80 19.22 -54.52
CA ILE C 548 -0.15 19.47 -53.21
C ILE C 548 -0.60 18.39 -52.21
N VAL C 549 -1.89 18.03 -52.23
CA VAL C 549 -2.49 16.97 -51.37
C VAL C 549 -1.86 15.62 -51.74
N VAL C 550 -1.73 15.32 -53.03
CA VAL C 550 -1.10 14.06 -53.55
C VAL C 550 0.41 14.10 -53.25
N GLY C 551 1.05 15.25 -53.45
CA GLY C 551 2.48 15.47 -53.16
C GLY C 551 2.76 15.30 -51.67
N MET C 552 1.88 15.82 -50.82
CA MET C 552 1.94 15.67 -49.34
C MET C 552 1.87 14.18 -48.98
N ALA C 553 0.90 13.46 -49.54
CA ALA C 553 0.65 12.01 -49.30
C ALA C 553 1.90 11.20 -49.69
N TYR C 554 2.54 11.54 -50.82
CA TYR C 554 3.75 10.87 -51.35
C TYR C 554 4.93 11.11 -50.38
N LEU C 555 5.22 12.37 -50.08
CA LEU C 555 6.34 12.79 -49.18
C LEU C 555 6.20 12.11 -47.82
N PHE C 556 4.96 11.94 -47.33
CA PHE C 556 4.62 11.39 -45.99
C PHE C 556 5.01 9.90 -45.92
N VAL C 557 4.45 9.07 -46.80
CA VAL C 557 4.66 7.60 -46.82
C VAL C 557 6.13 7.29 -47.13
N ARG C 558 6.80 8.19 -47.87
CA ARG C 558 8.20 8.04 -48.35
C ARG C 558 9.20 8.47 -47.27
N LEU C 559 8.78 9.33 -46.33
CA LEU C 559 9.60 9.82 -45.20
C LEU C 559 9.84 8.68 -44.21
N PRO C 560 11.11 8.28 -43.94
CA PRO C 560 11.41 7.27 -42.93
C PRO C 560 11.00 7.72 -41.52
N SER C 561 10.69 6.75 -40.65
CA SER C 561 10.23 6.97 -39.24
C SER C 561 11.30 6.47 -38.26
N SER C 562 11.37 7.10 -37.09
CA SER C 562 12.19 6.69 -35.92
C SER C 562 11.39 6.98 -34.64
N PHE C 563 12.02 6.96 -33.46
CA PHE C 563 11.37 7.28 -32.16
C PHE C 563 11.86 8.64 -31.67
N LEU C 564 13.11 8.74 -31.22
CA LEU C 564 13.71 9.98 -30.67
C LEU C 564 15.14 10.11 -31.18
N PRO C 565 15.56 11.30 -31.66
CA PRO C 565 16.93 11.52 -32.12
C PRO C 565 17.97 11.08 -31.06
N ASP C 566 18.94 10.27 -31.48
CA ASP C 566 20.12 9.88 -30.65
C ASP C 566 20.97 11.13 -30.43
N GLU C 567 21.47 11.32 -29.20
CA GLU C 567 22.26 12.51 -28.79
C GLU C 567 23.68 12.07 -28.43
N ASP C 568 24.66 12.96 -28.64
CA ASP C 568 25.99 12.90 -27.97
C ASP C 568 25.77 13.32 -26.51
N GLN C 569 25.89 12.37 -25.58
CA GLN C 569 25.63 12.60 -24.13
C GLN C 569 26.96 12.66 -23.37
N GLY C 570 28.07 12.91 -24.09
CA GLY C 570 29.44 13.01 -23.53
C GLY C 570 29.92 11.69 -22.96
N VAL C 571 29.18 10.60 -23.20
CA VAL C 571 29.47 9.24 -22.67
C VAL C 571 28.95 8.20 -23.67
N PHE C 572 29.58 7.02 -23.69
CA PHE C 572 29.10 5.81 -24.41
C PHE C 572 29.73 4.58 -23.77
N MET C 573 29.30 3.39 -24.19
CA MET C 573 29.74 2.09 -23.61
C MET C 573 30.22 1.16 -24.72
N THR C 574 31.12 0.23 -24.38
CA THR C 574 31.66 -0.82 -25.28
C THR C 574 31.54 -2.17 -24.58
N MET C 575 30.79 -3.11 -25.19
CA MET C 575 30.65 -4.51 -24.69
C MET C 575 31.82 -5.35 -25.23
N VAL C 576 32.24 -6.35 -24.46
CA VAL C 576 33.29 -7.33 -24.82
C VAL C 576 32.81 -8.73 -24.43
N GLN C 577 32.53 -9.58 -25.42
CA GLN C 577 32.08 -10.99 -25.22
C GLN C 577 33.04 -11.92 -25.97
N LEU C 578 33.72 -12.81 -25.24
CA LEU C 578 34.67 -13.81 -25.79
C LEU C 578 33.96 -15.15 -25.92
N PRO C 579 34.55 -16.15 -26.61
CA PRO C 579 33.88 -17.43 -26.84
C PRO C 579 33.62 -18.24 -25.56
N ALA C 580 33.01 -19.42 -25.72
CA ALA C 580 32.73 -20.40 -24.65
C ALA C 580 34.06 -20.87 -24.05
N GLY C 581 34.16 -20.83 -22.71
CA GLY C 581 35.32 -21.35 -21.95
C GLY C 581 36.47 -20.36 -21.90
N ALA C 582 36.29 -19.15 -22.45
CA ALA C 582 37.31 -18.07 -22.46
C ALA C 582 37.60 -17.64 -21.02
N THR C 583 38.89 -17.40 -20.71
CA THR C 583 39.40 -17.14 -19.34
C THR C 583 39.52 -15.63 -19.10
N GLN C 584 39.68 -15.23 -17.84
CA GLN C 584 39.81 -13.82 -17.37
C GLN C 584 41.00 -13.15 -18.06
N GLU C 585 42.09 -13.91 -18.26
CA GLU C 585 43.35 -13.45 -18.91
C GLU C 585 43.04 -13.03 -20.36
N ARG C 586 42.36 -13.90 -21.11
CA ARG C 586 41.97 -13.67 -22.53
C ARG C 586 41.08 -12.43 -22.65
N THR C 587 40.15 -12.25 -21.70
CA THR C 587 39.17 -11.13 -21.67
C THR C 587 39.90 -9.81 -21.40
N GLN C 588 40.92 -9.84 -20.53
CA GLN C 588 41.73 -8.65 -20.15
C GLN C 588 42.57 -8.20 -21.35
N LYS C 589 43.08 -9.13 -22.14
CA LYS C 589 43.85 -8.87 -23.39
C LYS C 589 42.98 -8.05 -24.35
N VAL C 590 41.71 -8.43 -24.51
CA VAL C 590 40.72 -7.76 -25.41
C VAL C 590 40.41 -6.37 -24.83
N LEU C 591 40.13 -6.31 -23.53
CA LEU C 591 39.80 -5.04 -22.80
C LEU C 591 40.97 -4.07 -22.94
N ASN C 592 42.21 -4.56 -22.82
CA ASN C 592 43.46 -3.78 -23.05
C ASN C 592 43.42 -3.18 -24.46
N GLU C 593 43.14 -4.02 -25.47
CA GLU C 593 43.05 -3.65 -26.90
C GLU C 593 41.98 -2.58 -27.10
N VAL C 594 40.85 -2.70 -26.38
CA VAL C 594 39.70 -1.74 -26.42
C VAL C 594 40.11 -0.44 -25.72
N THR C 595 40.60 -0.55 -24.47
CA THR C 595 41.07 0.58 -23.63
C THR C 595 42.17 1.35 -24.39
N HIS C 596 43.09 0.62 -25.03
CA HIS C 596 44.22 1.16 -25.83
C HIS C 596 43.70 2.12 -26.90
N TYR C 597 42.76 1.65 -27.73
CA TYR C 597 42.17 2.40 -28.88
C TYR C 597 41.70 3.79 -28.42
N TYR C 598 41.04 3.85 -27.26
CA TYR C 598 40.42 5.08 -26.70
C TYR C 598 41.49 6.02 -26.12
N LEU C 599 42.58 5.45 -25.58
CA LEU C 599 43.67 6.22 -24.93
C LEU C 599 44.76 6.59 -25.96
N THR C 600 44.69 6.08 -27.19
CA THR C 600 45.69 6.34 -28.26
C THR C 600 45.03 7.06 -29.45
N LYS C 601 44.15 6.37 -30.18
CA LYS C 601 43.53 6.89 -31.44
C LYS C 601 42.54 8.01 -31.11
N GLU C 602 41.69 7.83 -30.09
CA GLU C 602 40.61 8.78 -29.71
C GLU C 602 40.98 9.50 -28.41
N LYS C 603 42.27 9.79 -28.21
CA LYS C 603 42.79 10.45 -26.96
C LYS C 603 42.34 11.93 -26.93
N ASN C 604 42.06 12.52 -28.10
CA ASN C 604 41.60 13.93 -28.24
C ASN C 604 40.13 14.05 -27.82
N ASN C 605 39.34 13.00 -28.04
CA ASN C 605 37.87 12.97 -27.78
C ASN C 605 37.58 12.29 -26.43
N VAL C 606 38.26 11.19 -26.12
CA VAL C 606 38.05 10.39 -24.88
C VAL C 606 38.80 11.05 -23.72
N GLU C 607 38.12 11.26 -22.58
CA GLU C 607 38.68 11.83 -21.33
C GLU C 607 39.12 10.68 -20.42
N SER C 608 38.21 9.73 -20.13
CA SER C 608 38.43 8.60 -19.20
C SER C 608 37.77 7.32 -19.72
N VAL C 609 38.36 6.17 -19.40
CA VAL C 609 37.88 4.81 -19.79
C VAL C 609 37.88 3.92 -18.53
N PHE C 610 36.70 3.55 -18.03
CA PHE C 610 36.49 2.59 -16.91
C PHE C 610 36.10 1.23 -17.49
N ALA C 611 37.08 0.32 -17.62
CA ALA C 611 36.92 -1.05 -18.16
C ALA C 611 36.74 -2.02 -17.00
N VAL C 612 35.84 -3.01 -17.16
CA VAL C 612 35.52 -4.04 -16.13
C VAL C 612 35.61 -5.42 -16.79
N ASN C 613 36.45 -6.31 -16.24
CA ASN C 613 36.57 -7.73 -16.62
C ASN C 613 35.67 -8.55 -15.68
N GLY C 614 34.75 -9.35 -16.23
CA GLY C 614 33.88 -10.27 -15.47
C GLY C 614 32.46 -9.74 -15.33
N PHE C 615 32.18 -8.54 -15.84
CA PHE C 615 30.85 -7.89 -15.83
C PHE C 615 30.56 -7.28 -17.21
N GLY C 616 29.30 -7.32 -17.64
CA GLY C 616 28.85 -6.75 -18.93
C GLY C 616 27.42 -7.11 -19.25
N PHE C 617 27.13 -7.39 -20.52
CA PHE C 617 25.78 -7.72 -21.06
C PHE C 617 25.68 -9.22 -21.29
N ALA C 618 26.13 -10.01 -20.32
CA ALA C 618 26.14 -11.49 -20.33
C ALA C 618 26.28 -11.99 -18.89
N PRO C 619 26.03 -13.30 -18.63
CA PRO C 619 26.25 -13.86 -17.29
C PRO C 619 27.62 -13.49 -16.71
N ARG C 620 27.64 -12.90 -15.51
CA ARG C 620 28.86 -12.68 -14.68
C ARG C 620 29.81 -13.86 -14.86
N GLY C 621 30.94 -13.64 -15.54
CA GLY C 621 31.92 -14.71 -15.82
C GLY C 621 33.19 -14.16 -16.45
N GLN C 622 34.19 -15.03 -16.65
CA GLN C 622 35.55 -14.67 -17.09
C GLN C 622 35.54 -14.22 -18.57
N ASN C 623 34.51 -14.61 -19.34
CA ASN C 623 34.47 -14.45 -20.83
C ASN C 623 33.68 -13.20 -21.24
N THR C 624 33.29 -12.35 -20.29
CA THR C 624 32.50 -11.11 -20.56
C THR C 624 33.22 -9.90 -19.94
N GLY C 625 33.06 -8.73 -20.58
CA GLY C 625 33.64 -7.45 -20.13
C GLY C 625 32.84 -6.27 -20.64
N ILE C 626 33.04 -5.09 -20.05
CA ILE C 626 32.39 -3.80 -20.45
C ILE C 626 33.39 -2.66 -20.23
N ALA C 627 33.30 -1.61 -21.04
CA ALA C 627 34.13 -0.38 -20.95
C ALA C 627 33.22 0.84 -20.97
N PHE C 628 33.20 1.61 -19.88
CA PHE C 628 32.49 2.91 -19.75
C PHE C 628 33.43 4.02 -20.22
N VAL C 629 33.11 4.67 -21.34
CA VAL C 629 33.92 5.74 -21.98
C VAL C 629 33.17 7.08 -21.87
N SER C 630 33.72 8.03 -21.12
CA SER C 630 33.24 9.44 -21.07
C SER C 630 34.19 10.32 -21.90
N LEU C 631 33.62 11.14 -22.79
CA LEU C 631 34.38 12.02 -23.72
C LEU C 631 34.67 13.35 -23.01
N LYS C 632 35.52 14.18 -23.64
CA LYS C 632 35.84 15.55 -23.17
C LYS C 632 34.63 16.45 -23.43
N ASP C 633 34.70 17.72 -23.00
CA ASP C 633 33.58 18.69 -23.12
C ASP C 633 33.20 18.83 -24.60
N TRP C 634 31.92 19.06 -24.88
CA TRP C 634 31.31 19.15 -26.24
C TRP C 634 32.01 20.25 -27.04
N ALA C 635 32.35 21.37 -26.38
CA ALA C 635 33.02 22.55 -26.95
C ALA C 635 34.42 22.17 -27.48
N ASP C 636 35.10 21.23 -26.81
CA ASP C 636 36.49 20.80 -27.13
C ASP C 636 36.47 19.69 -28.19
N ARG C 637 35.28 19.26 -28.64
CA ARG C 637 35.09 18.23 -29.69
C ARG C 637 34.25 18.81 -30.84
N PRO C 638 34.78 19.80 -31.60
CA PRO C 638 34.08 20.35 -32.75
C PRO C 638 34.10 19.40 -33.95
N GLY C 639 33.09 19.47 -34.82
CA GLY C 639 32.95 18.64 -36.02
C GLY C 639 32.10 17.41 -35.75
N GLU C 640 31.48 16.86 -36.81
CA GLU C 640 30.56 15.69 -36.75
C GLU C 640 31.38 14.42 -36.44
N GLU C 641 32.63 14.35 -36.91
CA GLU C 641 33.52 13.17 -36.80
C GLU C 641 34.03 13.01 -35.36
N ASN C 642 33.92 14.06 -34.53
CA ASN C 642 34.41 14.09 -33.13
C ASN C 642 33.25 13.84 -32.14
N LYS C 643 32.08 13.46 -32.64
CA LYS C 643 30.88 13.17 -31.81
C LYS C 643 30.71 11.65 -31.67
N VAL C 644 29.95 11.21 -30.67
CA VAL C 644 29.80 9.79 -30.22
C VAL C 644 29.48 8.91 -31.44
N GLU C 645 28.53 9.32 -32.28
CA GLU C 645 28.05 8.55 -33.45
C GLU C 645 29.25 8.08 -34.29
N ALA C 646 30.10 9.02 -34.68
CA ALA C 646 31.30 8.79 -35.54
C ALA C 646 32.36 7.98 -34.77
N ILE C 647 32.58 8.31 -33.49
CA ILE C 647 33.59 7.66 -32.60
C ILE C 647 33.24 6.18 -32.46
N THR C 648 31.99 5.88 -32.09
CA THR C 648 31.45 4.51 -31.88
C THR C 648 31.49 3.73 -33.21
N MET C 649 31.22 4.41 -34.33
CA MET C 649 31.25 3.84 -35.71
C MET C 649 32.67 3.37 -36.03
N ARG C 650 33.65 4.27 -35.86
CA ARG C 650 35.10 4.01 -36.12
C ARG C 650 35.61 2.91 -35.17
N ALA C 651 35.25 3.02 -33.88
CA ALA C 651 35.67 2.10 -32.80
C ALA C 651 35.22 0.66 -33.12
N THR C 652 33.92 0.49 -33.40
CA THR C 652 33.28 -0.82 -33.74
C THR C 652 33.98 -1.44 -34.95
N ARG C 653 34.26 -0.62 -35.98
CA ARG C 653 34.95 -1.03 -37.22
C ARG C 653 36.37 -1.51 -36.88
N ALA C 654 37.07 -0.76 -36.01
CA ALA C 654 38.45 -1.05 -35.56
C ALA C 654 38.46 -2.34 -34.72
N PHE C 655 37.47 -2.53 -33.86
CA PHE C 655 37.36 -3.67 -32.92
C PHE C 655 36.91 -4.94 -33.65
N SER C 656 36.40 -4.81 -34.88
CA SER C 656 36.02 -5.95 -35.76
C SER C 656 37.26 -6.80 -36.06
N GLN C 657 38.46 -6.18 -36.07
CA GLN C 657 39.76 -6.85 -36.35
C GLN C 657 40.12 -7.77 -35.18
N ILE C 658 39.74 -7.41 -33.95
CA ILE C 658 40.06 -8.17 -32.71
C ILE C 658 39.48 -9.59 -32.86
N LYS C 659 40.35 -10.60 -32.87
CA LYS C 659 39.99 -12.02 -33.20
C LYS C 659 39.46 -12.71 -31.95
N ASP C 660 38.48 -13.62 -32.13
CA ASP C 660 37.87 -14.45 -31.06
C ASP C 660 37.36 -13.54 -29.94
N ALA C 661 36.46 -12.61 -30.27
CA ALA C 661 35.80 -11.66 -29.34
C ALA C 661 34.74 -10.83 -30.10
N MET C 662 33.52 -10.78 -29.58
CA MET C 662 32.47 -9.82 -30.00
C MET C 662 32.70 -8.50 -29.25
N VAL C 663 33.14 -7.45 -29.95
CA VAL C 663 33.40 -6.10 -29.39
C VAL C 663 32.63 -5.06 -30.21
N PHE C 664 31.70 -4.35 -29.56
CA PHE C 664 30.83 -3.32 -30.18
C PHE C 664 30.80 -2.06 -29.30
N ALA C 665 31.23 -0.93 -29.84
CA ALA C 665 31.07 0.43 -29.26
C ALA C 665 29.74 1.01 -29.76
N PHE C 666 28.85 1.40 -28.86
CA PHE C 666 27.47 1.87 -29.16
C PHE C 666 27.13 3.09 -28.32
N ASN C 667 26.33 4.00 -28.90
CA ASN C 667 25.77 5.21 -28.24
C ASN C 667 24.62 4.80 -27.32
N LEU C 668 24.26 5.67 -26.37
CA LEU C 668 23.04 5.52 -25.53
C LEU C 668 21.85 6.04 -26.32
N PRO C 669 20.63 5.47 -26.11
CA PRO C 669 19.41 6.07 -26.66
C PRO C 669 19.07 7.35 -25.90
N ALA C 670 18.30 8.26 -26.53
CA ALA C 670 17.82 9.52 -25.91
C ALA C 670 17.26 9.22 -24.51
N ILE C 671 16.45 8.17 -24.40
CA ILE C 671 15.84 7.67 -23.13
C ILE C 671 16.61 6.42 -22.69
N VAL C 672 17.57 6.58 -21.77
CA VAL C 672 18.54 5.51 -21.35
C VAL C 672 17.82 4.47 -20.49
N GLU C 673 16.71 4.84 -19.84
CA GLU C 673 15.96 3.97 -18.89
C GLU C 673 15.36 2.77 -19.62
N LEU C 674 15.03 2.92 -20.91
CA LEU C 674 14.40 1.85 -21.75
C LEU C 674 15.48 0.87 -22.24
N GLY C 675 16.27 1.27 -23.24
CA GLY C 675 17.31 0.43 -23.86
C GLY C 675 18.70 0.76 -23.31
N THR C 676 19.55 -0.25 -23.17
CA THR C 676 20.97 -0.12 -22.73
C THR C 676 21.79 0.50 -23.87
N ALA C 677 21.44 0.17 -25.13
CA ALA C 677 22.13 0.63 -26.36
C ALA C 677 21.11 1.22 -27.34
N THR C 678 21.58 1.98 -28.33
CA THR C 678 20.78 2.60 -29.43
C THR C 678 20.39 1.51 -30.44
N GLY C 679 19.62 1.88 -31.47
CA GLY C 679 19.15 0.98 -32.54
C GLY C 679 17.80 0.37 -32.21
N PHE C 680 17.65 -0.93 -32.46
CA PHE C 680 16.39 -1.70 -32.25
C PHE C 680 16.63 -2.88 -31.31
N ASP C 681 15.55 -3.39 -30.71
CA ASP C 681 15.56 -4.52 -29.74
C ASP C 681 14.53 -5.57 -30.21
N PHE C 682 15.00 -6.56 -30.98
CA PHE C 682 14.19 -7.61 -31.63
C PHE C 682 14.17 -8.86 -30.75
N GLU C 683 13.01 -9.54 -30.67
CA GLU C 683 12.82 -10.81 -29.92
C GLU C 683 12.35 -11.89 -30.89
N LEU C 684 13.01 -13.05 -30.88
CA LEU C 684 12.66 -14.26 -31.69
C LEU C 684 12.10 -15.33 -30.75
N ILE C 685 10.80 -15.62 -30.83
CA ILE C 685 10.03 -16.43 -29.84
C ILE C 685 9.73 -17.81 -30.45
N ASP C 686 9.91 -18.87 -29.64
CA ASP C 686 9.51 -20.27 -29.96
C ASP C 686 8.05 -20.44 -29.52
N GLN C 687 7.12 -20.49 -30.49
CA GLN C 687 5.65 -20.47 -30.25
C GLN C 687 5.03 -21.83 -30.64
N ALA C 688 5.85 -22.82 -30.98
CA ALA C 688 5.40 -24.16 -31.45
C ALA C 688 6.25 -25.28 -30.81
N GLY C 689 6.74 -25.05 -29.59
CA GLY C 689 7.55 -26.02 -28.82
C GLY C 689 8.55 -26.76 -29.69
N LEU C 690 9.29 -26.02 -30.53
CA LEU C 690 10.29 -26.57 -31.48
C LEU C 690 11.50 -27.10 -30.71
N GLY C 691 12.00 -26.33 -29.74
CA GLY C 691 13.18 -26.67 -28.92
C GLY C 691 14.26 -25.61 -29.05
N HIS C 692 15.25 -25.62 -28.15
CA HIS C 692 16.38 -24.66 -28.09
C HIS C 692 17.20 -24.74 -29.38
N GLU C 693 17.43 -25.96 -29.90
CA GLU C 693 18.28 -26.24 -31.08
C GLU C 693 17.63 -25.64 -32.34
N LYS C 694 16.37 -25.97 -32.61
CA LYS C 694 15.61 -25.49 -33.80
C LYS C 694 15.49 -23.96 -33.76
N LEU C 695 15.38 -23.38 -32.55
CA LEU C 695 15.31 -21.91 -32.33
C LEU C 695 16.68 -21.28 -32.62
N THR C 696 17.77 -21.94 -32.18
CA THR C 696 19.18 -21.52 -32.41
C THR C 696 19.46 -21.44 -33.92
N GLN C 697 19.04 -22.46 -34.67
CA GLN C 697 19.20 -22.55 -36.15
C GLN C 697 18.46 -21.40 -36.83
N ALA C 698 17.24 -21.10 -36.36
CA ALA C 698 16.37 -20.02 -36.88
C ALA C 698 17.00 -18.64 -36.61
N ARG C 699 17.63 -18.47 -35.44
CA ARG C 699 18.33 -17.23 -35.05
C ARG C 699 19.55 -17.00 -35.97
N ASN C 700 20.37 -18.03 -36.14
CA ASN C 700 21.60 -18.01 -36.99
C ASN C 700 21.20 -17.73 -38.44
N GLN C 701 20.07 -18.29 -38.89
CA GLN C 701 19.50 -18.10 -40.25
C GLN C 701 19.14 -16.63 -40.46
N LEU C 702 18.52 -15.99 -39.46
CA LEU C 702 18.10 -14.57 -39.50
C LEU C 702 19.33 -13.66 -39.46
N LEU C 703 20.28 -13.95 -38.58
CA LEU C 703 21.56 -13.18 -38.43
C LEU C 703 22.37 -13.26 -39.73
N ALA C 704 22.35 -14.41 -40.40
CA ALA C 704 23.03 -14.66 -41.70
C ALA C 704 22.42 -13.78 -42.79
N GLU C 705 21.09 -13.67 -42.82
CA GLU C 705 20.33 -12.82 -43.78
C GLU C 705 20.59 -11.34 -43.47
N ALA C 706 20.57 -10.97 -42.19
CA ALA C 706 20.78 -9.58 -41.70
C ALA C 706 22.19 -9.09 -42.08
N ALA C 707 23.16 -10.00 -42.15
CA ALA C 707 24.57 -9.71 -42.53
C ALA C 707 24.65 -9.37 -44.03
N LYS C 708 23.77 -9.93 -44.85
CA LYS C 708 23.73 -9.71 -46.33
C LYS C 708 23.22 -8.30 -46.65
N HIS C 709 22.61 -7.61 -45.68
CA HIS C 709 22.10 -6.22 -45.80
C HIS C 709 22.90 -5.29 -44.88
N PRO C 710 24.20 -5.03 -45.15
CA PRO C 710 24.97 -4.06 -44.37
C PRO C 710 24.60 -2.60 -44.67
N ASP C 711 23.90 -2.37 -45.79
CA ASP C 711 23.40 -1.05 -46.24
C ASP C 711 22.26 -0.57 -45.33
N MET C 712 21.62 -1.50 -44.60
CA MET C 712 20.47 -1.20 -43.71
C MET C 712 20.84 -1.49 -42.24
N LEU C 713 21.33 -2.71 -41.95
CA LEU C 713 21.58 -3.21 -40.57
C LEU C 713 23.09 -3.28 -40.33
N THR C 714 23.56 -2.73 -39.20
CA THR C 714 24.96 -2.80 -38.72
C THR C 714 24.97 -3.06 -37.21
N SER C 715 26.05 -3.65 -36.69
CA SER C 715 26.24 -4.01 -35.26
C SER C 715 25.08 -4.89 -34.78
N VAL C 716 24.70 -5.88 -35.59
CA VAL C 716 23.62 -6.86 -35.27
C VAL C 716 24.25 -8.03 -34.51
N ARG C 717 23.86 -8.22 -33.24
CA ARG C 717 24.40 -9.29 -32.35
C ARG C 717 23.28 -9.83 -31.46
N PRO C 718 23.30 -11.13 -31.12
CA PRO C 718 22.33 -11.70 -30.19
C PRO C 718 22.70 -11.43 -28.72
N ASN C 719 21.71 -11.40 -27.83
CA ASN C 719 21.87 -11.24 -26.36
C ASN C 719 22.55 -12.50 -25.80
N GLY C 720 21.99 -13.68 -26.11
CA GLY C 720 22.49 -14.99 -25.66
C GLY C 720 23.88 -15.29 -26.20
N LEU C 721 24.64 -16.14 -25.49
CA LEU C 721 26.02 -16.54 -25.85
C LEU C 721 25.97 -17.89 -26.56
N GLU C 722 27.13 -18.44 -26.94
CA GLU C 722 27.25 -19.78 -27.58
C GLU C 722 27.30 -20.84 -26.49
N ASP C 723 26.89 -22.07 -26.80
CA ASP C 723 26.88 -23.23 -25.86
C ASP C 723 28.30 -23.42 -25.28
N THR C 724 28.41 -23.54 -23.95
CA THR C 724 29.69 -23.63 -23.21
C THR C 724 29.98 -25.09 -22.86
N PRO C 725 31.27 -25.47 -22.72
CA PRO C 725 31.63 -26.83 -22.29
C PRO C 725 31.41 -27.00 -20.78
N GLN C 726 30.90 -28.16 -20.38
CA GLN C 726 30.60 -28.52 -18.97
C GLN C 726 31.36 -29.80 -18.61
N PHE C 727 32.23 -29.74 -17.61
CA PHE C 727 33.02 -30.90 -17.10
C PHE C 727 32.12 -31.73 -16.17
N LYS C 728 31.46 -32.74 -16.74
CA LYS C 728 30.53 -33.65 -16.01
C LYS C 728 31.33 -34.74 -15.31
N ILE C 729 31.38 -34.71 -13.98
CA ILE C 729 32.04 -35.73 -13.11
C ILE C 729 30.95 -36.60 -12.48
N ASP C 730 31.03 -37.92 -12.68
CA ASP C 730 30.03 -38.93 -12.23
C ASP C 730 30.57 -39.63 -10.97
N ILE C 731 29.80 -39.57 -9.87
CA ILE C 731 30.11 -40.28 -8.59
C ILE C 731 29.46 -41.67 -8.64
N ASP C 732 30.28 -42.72 -8.63
CA ASP C 732 29.80 -44.14 -8.58
C ASP C 732 29.31 -44.41 -7.15
N GLN C 733 27.98 -44.39 -6.97
CA GLN C 733 27.29 -44.52 -5.65
C GLN C 733 27.67 -45.84 -4.98
N GLU C 734 27.65 -46.94 -5.75
CA GLU C 734 27.96 -48.32 -5.29
C GLU C 734 29.43 -48.42 -4.87
N LYS C 735 30.34 -47.94 -5.73
CA LYS C 735 31.82 -48.03 -5.54
C LYS C 735 32.22 -47.27 -4.27
N ALA C 736 31.54 -46.15 -3.98
CA ALA C 736 31.73 -45.31 -2.78
C ALA C 736 31.27 -46.06 -1.53
N GLN C 737 30.05 -46.62 -1.57
CA GLN C 737 29.44 -47.41 -0.46
C GLN C 737 30.32 -48.63 -0.16
N ALA C 738 30.89 -49.25 -1.20
CA ALA C 738 31.78 -50.43 -1.10
C ALA C 738 33.06 -50.09 -0.33
N LEU C 739 33.60 -48.88 -0.56
CA LEU C 739 34.87 -48.38 0.06
C LEU C 739 34.57 -47.77 1.44
N GLY C 740 33.32 -47.39 1.70
CA GLY C 740 32.86 -46.88 3.00
C GLY C 740 32.99 -45.36 3.12
N VAL C 741 32.85 -44.64 2.01
CA VAL C 741 32.85 -43.15 1.94
C VAL C 741 31.41 -42.69 1.67
N SER C 742 30.90 -41.75 2.46
CA SER C 742 29.55 -41.13 2.31
C SER C 742 29.60 -40.09 1.19
N ILE C 743 28.54 -40.00 0.38
CA ILE C 743 28.47 -39.07 -0.79
C ILE C 743 28.31 -37.62 -0.30
N ASN C 744 27.88 -37.43 0.95
CA ASN C 744 27.83 -36.11 1.61
C ASN C 744 29.26 -35.54 1.73
N ASP C 745 30.22 -36.38 2.08
CA ASP C 745 31.66 -36.03 2.20
C ASP C 745 32.25 -35.83 0.80
N ILE C 746 31.85 -36.66 -0.16
CA ILE C 746 32.28 -36.55 -1.60
C ILE C 746 31.78 -35.21 -2.15
N ASN C 747 30.45 -34.99 -2.09
CA ASN C 747 29.77 -33.78 -2.64
C ASN C 747 30.34 -32.51 -1.99
N THR C 748 30.64 -32.56 -0.69
CA THR C 748 31.18 -31.40 0.09
C THR C 748 32.64 -31.14 -0.32
N THR C 749 33.47 -32.18 -0.33
CA THR C 749 34.91 -32.12 -0.72
C THR C 749 35.02 -31.53 -2.14
N LEU C 750 34.31 -32.13 -3.10
CA LEU C 750 34.24 -31.67 -4.51
C LEU C 750 33.71 -30.23 -4.55
N GLY C 751 32.53 -30.00 -3.95
CA GLY C 751 31.84 -28.70 -3.93
C GLY C 751 32.70 -27.59 -3.34
N ALA C 752 33.25 -27.82 -2.14
CA ALA C 752 34.05 -26.84 -1.38
C ALA C 752 35.35 -26.53 -2.12
N ALA C 753 36.03 -27.55 -2.64
CA ALA C 753 37.35 -27.44 -3.32
C ALA C 753 37.24 -26.58 -4.57
N TRP C 754 36.49 -27.05 -5.57
CA TRP C 754 36.47 -26.47 -6.95
C TRP C 754 35.57 -25.23 -7.01
N GLY C 755 34.45 -25.23 -6.27
CA GLY C 755 33.43 -24.17 -6.29
C GLY C 755 33.64 -23.11 -5.22
N GLY C 756 34.15 -23.53 -4.06
CA GLY C 756 34.17 -22.71 -2.82
C GLY C 756 32.93 -22.96 -1.99
N SER C 757 33.02 -22.77 -0.67
CA SER C 757 31.92 -23.01 0.30
C SER C 757 31.83 -21.86 1.30
N TYR C 758 30.69 -21.16 1.33
CA TYR C 758 30.33 -20.12 2.33
C TYR C 758 29.94 -20.83 3.63
N VAL C 759 30.86 -20.83 4.61
CA VAL C 759 30.75 -21.60 5.88
C VAL C 759 29.93 -20.80 6.89
N ASN C 760 30.41 -19.60 7.26
CA ASN C 760 29.74 -18.67 8.21
C ASN C 760 30.37 -17.28 8.05
N ASP C 761 29.93 -16.32 8.86
CA ASP C 761 30.44 -14.92 8.85
C ASP C 761 31.57 -14.78 9.87
N PHE C 762 32.30 -13.66 9.79
CA PHE C 762 33.32 -13.20 10.77
C PHE C 762 33.31 -11.67 10.79
N ILE C 763 33.91 -11.06 11.82
CA ILE C 763 33.91 -9.58 12.01
C ILE C 763 35.27 -9.01 11.59
N ASP C 764 35.30 -8.27 10.48
CA ASP C 764 36.52 -7.59 9.94
C ASP C 764 36.42 -6.10 10.25
N ARG C 765 37.20 -5.62 11.21
CA ARG C 765 37.22 -4.20 11.68
C ARG C 765 35.79 -3.74 12.00
N GLY C 766 35.06 -4.56 12.76
CA GLY C 766 33.70 -4.26 13.28
C GLY C 766 32.64 -4.30 12.19
N ARG C 767 32.80 -5.17 11.19
CA ARG C 767 31.80 -5.37 10.10
C ARG C 767 31.69 -6.86 9.77
N VAL C 768 30.46 -7.34 9.58
CA VAL C 768 30.13 -8.76 9.23
C VAL C 768 30.59 -9.00 7.78
N LYS C 769 31.49 -9.97 7.59
CA LYS C 769 31.99 -10.41 6.26
C LYS C 769 32.00 -11.94 6.24
N LYS C 770 31.99 -12.54 5.05
CA LYS C 770 31.82 -14.01 4.85
C LYS C 770 33.16 -14.72 5.09
N VAL C 771 33.10 -16.03 5.35
CA VAL C 771 34.27 -16.95 5.46
C VAL C 771 34.12 -18.02 4.38
N TYR C 772 35.09 -18.12 3.46
CA TYR C 772 35.10 -19.09 2.33
C TYR C 772 36.26 -20.07 2.50
N VAL C 773 35.96 -21.38 2.45
CA VAL C 773 36.95 -22.47 2.26
C VAL C 773 36.91 -22.86 0.77
N MET C 774 38.07 -23.00 0.14
CA MET C 774 38.19 -23.33 -1.30
C MET C 774 39.59 -23.91 -1.57
N SER C 775 39.73 -24.69 -2.64
CA SER C 775 41.02 -25.24 -3.14
C SER C 775 41.94 -24.09 -3.53
N GLU C 776 43.25 -24.25 -3.31
CA GLU C 776 44.29 -23.31 -3.79
C GLU C 776 44.38 -23.45 -5.32
N ALA C 777 44.32 -22.33 -6.04
CA ALA C 777 44.23 -22.23 -7.52
C ALA C 777 44.76 -23.50 -8.19
N LYS C 778 46.04 -23.82 -7.96
CA LYS C 778 46.84 -24.82 -8.73
C LYS C 778 46.19 -26.22 -8.67
N TYR C 779 45.41 -26.52 -7.63
CA TYR C 779 44.83 -27.87 -7.36
C TYR C 779 43.42 -27.99 -7.97
N ARG C 780 42.91 -26.96 -8.63
CA ARG C 780 41.54 -26.94 -9.21
C ARG C 780 41.55 -26.28 -10.60
N MET C 781 42.58 -26.55 -11.41
CA MET C 781 42.75 -25.97 -12.76
C MET C 781 42.42 -27.01 -13.83
N LEU C 782 43.01 -28.21 -13.75
CA LEU C 782 42.98 -29.24 -14.81
C LEU C 782 42.03 -30.39 -14.42
N PRO C 783 41.39 -31.06 -15.40
CA PRO C 783 40.56 -32.23 -15.12
C PRO C 783 41.21 -33.36 -14.30
N ASP C 784 42.52 -33.56 -14.47
CA ASP C 784 43.30 -34.65 -13.82
C ASP C 784 43.45 -34.38 -12.31
N ASP C 785 43.24 -33.13 -11.88
CA ASP C 785 43.41 -32.70 -10.45
C ASP C 785 42.24 -33.20 -9.60
N ILE C 786 41.17 -33.75 -10.22
CA ILE C 786 40.01 -34.35 -9.51
C ILE C 786 40.50 -35.44 -8.55
N GLY C 787 41.38 -36.33 -9.04
CA GLY C 787 41.89 -37.50 -8.32
C GLY C 787 42.93 -37.17 -7.26
N ASP C 788 43.36 -35.90 -7.18
CA ASP C 788 44.32 -35.40 -6.15
C ASP C 788 43.60 -35.24 -4.80
N TRP C 789 42.27 -35.17 -4.82
CA TRP C 789 41.43 -34.95 -3.61
C TRP C 789 41.02 -36.30 -3.01
N TYR C 790 41.18 -36.44 -1.69
CA TYR C 790 40.92 -37.68 -0.91
C TYR C 790 39.80 -37.43 0.10
N VAL C 791 38.85 -38.38 0.18
CA VAL C 791 37.73 -38.40 1.18
C VAL C 791 38.00 -39.56 2.14
N ARG C 792 37.89 -39.32 3.45
CA ARG C 792 38.15 -40.33 4.51
C ARG C 792 36.93 -41.26 4.62
N ALA C 793 37.17 -42.57 4.58
CA ALA C 793 36.15 -43.64 4.70
C ALA C 793 35.87 -43.92 6.19
N ALA C 794 34.85 -44.72 6.47
CA ALA C 794 34.38 -45.10 7.83
C ALA C 794 35.53 -45.75 8.61
N ASP C 795 36.25 -46.68 7.99
CA ASP C 795 37.37 -47.44 8.61
C ASP C 795 38.54 -46.50 8.93
N GLY C 796 38.72 -45.43 8.13
CA GLY C 796 39.73 -44.38 8.37
C GLY C 796 40.68 -44.20 7.19
N GLN C 797 40.71 -45.15 6.26
CA GLN C 797 41.59 -45.10 5.05
C GLN C 797 41.15 -43.96 4.13
N MET C 798 42.11 -43.14 3.68
CA MET C 798 41.88 -42.02 2.73
C MET C 798 41.75 -42.59 1.31
N VAL C 799 40.68 -42.20 0.60
CA VAL C 799 40.27 -42.76 -0.73
C VAL C 799 40.34 -41.65 -1.76
N PRO C 800 41.06 -41.84 -2.90
CA PRO C 800 41.10 -40.85 -3.97
C PRO C 800 39.81 -40.85 -4.81
N PHE C 801 39.46 -39.69 -5.38
CA PHE C 801 38.25 -39.50 -6.24
C PHE C 801 38.29 -40.47 -7.42
N SER C 802 39.48 -40.71 -7.98
CA SER C 802 39.73 -41.61 -9.13
C SER C 802 39.21 -43.03 -8.84
N ALA C 803 39.15 -43.42 -7.56
CA ALA C 803 38.71 -44.76 -7.10
C ALA C 803 37.21 -44.95 -7.36
N PHE C 804 36.38 -43.91 -7.15
CA PHE C 804 34.90 -44.00 -7.11
C PHE C 804 34.24 -43.00 -8.06
N SER C 805 35.00 -42.34 -8.95
CA SER C 805 34.47 -41.27 -9.85
C SER C 805 35.13 -41.35 -11.24
N SER C 806 34.34 -41.07 -12.28
CA SER C 806 34.76 -40.90 -13.69
C SER C 806 34.21 -39.58 -14.22
N SER C 807 34.86 -38.99 -15.24
CA SER C 807 34.52 -37.66 -15.82
C SER C 807 34.32 -37.75 -17.33
N ARG C 808 33.65 -36.74 -17.90
CA ARG C 808 33.39 -36.60 -19.36
C ARG C 808 32.91 -35.16 -19.64
N TRP C 809 32.89 -34.76 -20.92
CA TRP C 809 32.53 -33.39 -21.36
C TRP C 809 31.10 -33.37 -21.90
N GLU C 810 30.27 -32.44 -21.41
CA GLU C 810 28.91 -32.14 -21.91
C GLU C 810 28.89 -30.70 -22.45
N TYR C 811 27.77 -30.27 -23.02
CA TYR C 811 27.55 -28.90 -23.56
C TYR C 811 26.14 -28.43 -23.21
N GLY C 812 26.02 -27.19 -22.71
CA GLY C 812 24.75 -26.53 -22.36
C GLY C 812 24.82 -25.03 -22.59
N SER C 813 23.68 -24.40 -22.89
CA SER C 813 23.55 -22.94 -23.12
C SER C 813 23.89 -22.20 -21.83
N PRO C 814 24.83 -21.23 -21.86
CA PRO C 814 25.19 -20.47 -20.66
C PRO C 814 24.18 -19.38 -20.27
N ARG C 815 23.24 -19.07 -21.17
CA ARG C 815 22.11 -18.13 -20.94
C ARG C 815 20.91 -18.57 -21.78
N LEU C 816 19.85 -19.08 -21.13
CA LEU C 816 18.55 -19.42 -21.76
C LEU C 816 17.58 -18.24 -21.55
N GLU C 817 17.06 -17.69 -22.65
CA GLU C 817 16.19 -16.49 -22.65
C GLU C 817 14.73 -16.93 -22.73
N ARG C 818 13.80 -16.04 -22.38
CA ARG C 818 12.34 -16.28 -22.42
C ARG C 818 11.61 -14.94 -22.56
N TYR C 819 10.58 -14.88 -23.41
CA TYR C 819 9.72 -13.68 -23.64
C TYR C 819 8.25 -14.10 -23.54
N ASN C 820 7.55 -13.56 -22.55
CA ASN C 820 6.13 -13.89 -22.21
C ASN C 820 6.03 -15.39 -21.90
N GLY C 821 7.04 -15.96 -21.25
CA GLY C 821 7.05 -17.35 -20.75
C GLY C 821 7.25 -18.38 -21.85
N LEU C 822 7.77 -17.98 -23.01
CA LEU C 822 8.11 -18.87 -24.16
C LEU C 822 9.61 -18.76 -24.44
N PRO C 823 10.28 -19.87 -24.86
CA PRO C 823 11.71 -19.81 -25.21
C PRO C 823 11.95 -18.75 -26.30
N SER C 824 12.81 -17.76 -26.02
CA SER C 824 13.08 -16.60 -26.91
C SER C 824 14.59 -16.47 -27.18
N MET C 825 14.96 -15.53 -28.05
CA MET C 825 16.35 -15.10 -28.33
C MET C 825 16.35 -13.64 -28.77
N GLU C 826 16.78 -12.75 -27.87
CA GLU C 826 16.86 -11.28 -28.10
C GLU C 826 17.98 -11.00 -29.11
N ILE C 827 17.66 -10.27 -30.18
CA ILE C 827 18.62 -9.82 -31.23
C ILE C 827 18.69 -8.29 -31.21
N LEU C 828 19.83 -7.74 -30.77
CA LEU C 828 20.11 -6.28 -30.77
C LEU C 828 20.75 -5.91 -32.10
N GLY C 829 20.60 -4.66 -32.53
CA GLY C 829 21.14 -4.14 -33.80
C GLY C 829 20.90 -2.65 -33.97
N GLN C 830 21.56 -2.04 -34.96
CA GLN C 830 21.46 -0.59 -35.29
C GLN C 830 21.07 -0.44 -36.77
N ALA C 831 20.57 0.74 -37.14
CA ALA C 831 20.35 1.16 -38.55
C ALA C 831 21.66 1.74 -39.10
N ALA C 832 22.01 1.43 -40.35
CA ALA C 832 23.26 1.84 -41.01
C ALA C 832 23.25 3.35 -41.25
N PRO C 833 24.43 4.00 -41.40
CA PRO C 833 24.48 5.44 -41.68
C PRO C 833 23.58 5.86 -42.84
N GLY C 834 22.72 6.87 -42.61
CA GLY C 834 21.77 7.40 -43.61
C GLY C 834 20.38 6.79 -43.46
N LYS C 835 20.25 5.66 -42.74
CA LYS C 835 18.98 4.92 -42.53
C LYS C 835 18.42 5.27 -41.14
N SER C 836 17.10 5.08 -40.97
CA SER C 836 16.38 5.24 -39.68
C SER C 836 16.11 3.86 -39.06
N THR C 837 15.80 3.83 -37.76
CA THR C 837 15.48 2.59 -37.00
C THR C 837 14.22 1.95 -37.59
N GLY C 838 13.25 2.77 -38.02
CA GLY C 838 12.01 2.31 -38.67
C GLY C 838 12.28 1.46 -39.90
N GLU C 839 13.22 1.90 -40.75
CA GLU C 839 13.65 1.19 -41.98
C GLU C 839 14.34 -0.14 -41.60
N ALA C 840 15.15 -0.13 -40.54
CA ALA C 840 15.85 -1.31 -40.00
C ALA C 840 14.83 -2.30 -39.41
N MET C 841 13.89 -1.80 -38.61
CA MET C 841 12.75 -2.57 -38.04
C MET C 841 11.93 -3.17 -39.19
N GLU C 842 11.62 -2.35 -40.20
CA GLU C 842 10.84 -2.75 -41.41
C GLU C 842 11.51 -3.97 -42.07
N LEU C 843 12.84 -3.96 -42.20
CA LEU C 843 13.63 -5.04 -42.85
C LEU C 843 13.67 -6.27 -41.94
N MET C 844 13.98 -6.09 -40.66
CA MET C 844 14.06 -7.20 -39.65
C MET C 844 12.76 -8.00 -39.65
N GLU C 845 11.61 -7.31 -39.79
CA GLU C 845 10.26 -7.93 -39.88
C GLU C 845 10.17 -8.78 -41.15
N GLN C 846 10.65 -8.25 -42.29
CA GLN C 846 10.66 -8.94 -43.61
C GLN C 846 11.51 -10.22 -43.52
N LEU C 847 12.72 -10.11 -42.95
CA LEU C 847 13.68 -11.24 -42.82
C LEU C 847 13.10 -12.31 -41.88
N ALA C 848 12.41 -11.88 -40.83
CA ALA C 848 11.81 -12.74 -39.79
C ALA C 848 10.65 -13.57 -40.37
N SER C 849 9.96 -13.04 -41.38
CA SER C 849 8.78 -13.68 -42.03
C SER C 849 9.20 -14.87 -42.89
N LYS C 850 10.50 -14.96 -43.25
CA LYS C 850 11.06 -16.05 -44.08
C LYS C 850 11.58 -17.19 -43.19
N LEU C 851 11.46 -17.07 -41.87
CA LEU C 851 11.91 -18.08 -40.88
C LEU C 851 10.88 -19.19 -40.75
N PRO C 852 11.26 -20.38 -40.20
CA PRO C 852 10.33 -21.50 -40.08
C PRO C 852 8.98 -21.16 -39.47
N THR C 853 7.91 -21.79 -39.97
CA THR C 853 6.54 -21.73 -39.40
C THR C 853 6.59 -22.39 -38.01
N GLY C 854 6.30 -21.61 -36.96
CA GLY C 854 6.47 -21.99 -35.55
C GLY C 854 7.41 -21.04 -34.82
N VAL C 855 8.29 -20.35 -35.55
CA VAL C 855 9.21 -19.29 -35.03
C VAL C 855 8.57 -17.93 -35.30
N GLY C 856 7.96 -17.33 -34.28
CA GLY C 856 7.40 -15.97 -34.32
C GLY C 856 8.41 -14.94 -33.83
N TYR C 857 8.02 -13.66 -33.80
CA TYR C 857 8.87 -12.53 -33.33
C TYR C 857 8.00 -11.46 -32.67
N ASP C 858 8.66 -10.50 -32.00
CA ASP C 858 8.03 -9.30 -31.38
C ASP C 858 9.11 -8.26 -31.09
N TRP C 859 8.71 -6.99 -30.91
CA TRP C 859 9.60 -5.86 -30.53
C TRP C 859 9.43 -5.58 -29.04
N THR C 860 10.54 -5.30 -28.33
CA THR C 860 10.58 -5.08 -26.87
C THR C 860 11.25 -3.74 -26.57
N GLY C 861 11.05 -3.22 -25.35
CA GLY C 861 11.67 -1.99 -24.83
C GLY C 861 11.51 -0.81 -25.77
N MET C 862 12.62 -0.32 -26.33
CA MET C 862 12.69 0.92 -27.14
C MET C 862 11.93 0.72 -28.47
N SER C 863 12.09 -0.44 -29.10
CA SER C 863 11.44 -0.82 -30.37
C SER C 863 9.92 -0.93 -30.20
N TYR C 864 9.47 -1.45 -29.05
CA TYR C 864 8.05 -1.59 -28.68
C TYR C 864 7.40 -0.19 -28.68
N GLN C 865 8.04 0.78 -28.02
CA GLN C 865 7.55 2.18 -27.87
C GLN C 865 7.56 2.88 -29.23
N GLU C 866 8.54 2.55 -30.09
CA GLU C 866 8.68 3.13 -31.46
C GLU C 866 7.53 2.65 -32.35
N ARG C 867 7.28 1.33 -32.36
CA ARG C 867 6.15 0.70 -33.11
C ARG C 867 4.83 1.32 -32.64
N LEU C 868 4.63 1.40 -31.32
CA LEU C 868 3.42 1.96 -30.67
C LEU C 868 3.23 3.40 -31.11
N SER C 869 4.28 4.23 -30.98
CA SER C 869 4.32 5.67 -31.36
C SER C 869 3.77 5.86 -32.78
N GLY C 870 4.27 5.06 -33.74
CA GLY C 870 3.89 5.13 -35.16
C GLY C 870 2.50 4.59 -35.42
N ASN C 871 2.11 3.52 -34.72
CA ASN C 871 0.82 2.80 -34.95
C ASN C 871 -0.37 3.65 -34.50
N GLN C 872 -0.18 4.52 -33.49
CA GLN C 872 -1.27 5.35 -32.90
C GLN C 872 -1.25 6.76 -33.49
N ALA C 873 -0.25 7.09 -34.31
CA ALA C 873 -0.04 8.43 -34.92
C ALA C 873 -1.17 8.78 -35.88
N PRO C 874 -1.64 7.86 -36.74
CA PRO C 874 -2.75 8.14 -37.66
C PRO C 874 -4.03 8.59 -36.95
N SER C 875 -4.50 7.81 -35.97
CA SER C 875 -5.73 8.06 -35.17
C SER C 875 -5.57 9.35 -34.34
N LEU C 876 -4.34 9.67 -33.93
CA LEU C 876 -3.97 10.92 -33.21
C LEU C 876 -4.27 12.13 -34.10
N TYR C 877 -3.82 12.09 -35.36
CA TYR C 877 -4.03 13.17 -36.37
C TYR C 877 -5.52 13.29 -36.69
N ALA C 878 -6.20 12.15 -36.84
CA ALA C 878 -7.64 12.04 -37.20
C ALA C 878 -8.50 12.79 -36.17
N ILE C 879 -8.40 12.40 -34.90
CA ILE C 879 -9.21 12.97 -33.78
C ILE C 879 -8.81 14.43 -33.54
N SER C 880 -7.53 14.77 -33.73
CA SER C 880 -6.97 16.14 -33.58
C SER C 880 -7.64 17.09 -34.59
N LEU C 881 -7.81 16.63 -35.84
CA LEU C 881 -8.48 17.39 -36.93
C LEU C 881 -9.97 17.54 -36.60
N ILE C 882 -10.62 16.44 -36.23
CA ILE C 882 -12.09 16.38 -35.88
C ILE C 882 -12.36 17.39 -34.76
N VAL C 883 -11.56 17.37 -33.69
CA VAL C 883 -11.73 18.24 -32.48
C VAL C 883 -11.60 19.71 -32.90
N VAL C 884 -10.55 20.06 -33.66
CA VAL C 884 -10.27 21.45 -34.14
C VAL C 884 -11.43 21.90 -35.03
N PHE C 885 -11.92 21.03 -35.92
CA PHE C 885 -13.06 21.27 -36.83
C PHE C 885 -14.33 21.59 -36.02
N LEU C 886 -14.68 20.69 -35.09
CA LEU C 886 -15.90 20.80 -34.23
C LEU C 886 -15.82 22.08 -33.38
N CYS C 887 -14.62 22.43 -32.90
CA CYS C 887 -14.35 23.64 -32.08
C CYS C 887 -14.64 24.91 -32.89
N LEU C 888 -14.29 24.92 -34.17
CA LEU C 888 -14.56 26.05 -35.10
C LEU C 888 -16.06 26.13 -35.41
N ALA C 889 -16.70 24.98 -35.64
CA ALA C 889 -18.15 24.86 -35.95
C ALA C 889 -18.97 25.51 -34.83
N ALA C 890 -18.63 25.22 -33.57
CA ALA C 890 -19.33 25.70 -32.36
C ALA C 890 -19.10 27.20 -32.17
N LEU C 891 -17.83 27.64 -32.25
CA LEU C 891 -17.40 29.03 -31.98
C LEU C 891 -18.04 29.99 -33.00
N TYR C 892 -17.96 29.65 -34.30
CA TYR C 892 -18.36 30.53 -35.43
C TYR C 892 -19.78 30.20 -35.90
N GLU C 893 -20.43 29.19 -35.31
CA GLU C 893 -21.82 28.80 -35.63
C GLU C 893 -21.95 28.65 -37.15
N SER C 894 -21.14 27.78 -37.75
CA SER C 894 -21.07 27.55 -39.22
C SER C 894 -20.51 26.15 -39.51
N TRP C 895 -20.86 25.58 -40.66
CA TRP C 895 -20.28 24.33 -41.22
C TRP C 895 -19.32 24.66 -42.37
N SER C 896 -19.39 25.88 -42.90
CA SER C 896 -18.58 26.38 -44.05
C SER C 896 -17.23 26.89 -43.56
N ILE C 897 -17.22 27.77 -42.55
CA ILE C 897 -16.00 28.39 -41.96
C ILE C 897 -15.05 27.27 -41.53
N PRO C 898 -15.50 26.27 -40.72
CA PRO C 898 -14.67 25.12 -40.37
C PRO C 898 -14.04 24.42 -41.59
N PHE C 899 -14.85 24.08 -42.59
CA PHE C 899 -14.42 23.31 -43.80
C PHE C 899 -13.45 24.16 -44.64
N SER C 900 -13.78 25.45 -44.84
CA SER C 900 -12.94 26.44 -45.56
C SER C 900 -11.55 26.53 -44.90
N VAL C 901 -11.52 26.50 -43.57
CA VAL C 901 -10.28 26.58 -42.74
C VAL C 901 -9.52 25.24 -42.86
N MET C 902 -10.13 24.13 -42.43
CA MET C 902 -9.47 22.80 -42.29
C MET C 902 -8.78 22.37 -43.58
N LEU C 903 -9.22 22.89 -44.74
CA LEU C 903 -8.61 22.60 -46.07
C LEU C 903 -7.19 23.17 -46.16
N VAL C 904 -6.81 24.10 -45.27
CA VAL C 904 -5.46 24.73 -45.23
C VAL C 904 -4.42 23.72 -44.73
N VAL C 905 -4.83 22.74 -43.93
CA VAL C 905 -3.94 21.80 -43.19
C VAL C 905 -2.90 21.21 -44.14
N PRO C 906 -3.30 20.57 -45.27
CA PRO C 906 -2.33 20.05 -46.24
C PRO C 906 -1.24 21.03 -46.72
N LEU C 907 -1.57 22.33 -46.81
CA LEU C 907 -0.63 23.39 -47.27
C LEU C 907 0.51 23.54 -46.25
N GLY C 908 0.22 23.33 -44.96
CA GLY C 908 1.22 23.35 -43.88
C GLY C 908 2.00 22.05 -43.81
N VAL C 909 1.29 20.91 -43.84
CA VAL C 909 1.86 19.54 -43.62
C VAL C 909 2.96 19.29 -44.65
N ILE C 910 2.73 19.63 -45.92
CA ILE C 910 3.70 19.47 -47.04
C ILE C 910 4.99 20.23 -46.70
N GLY C 911 4.87 21.42 -46.10
CA GLY C 911 6.01 22.26 -45.67
C GLY C 911 6.90 21.54 -44.67
N ALA C 912 6.29 20.92 -43.66
CA ALA C 912 6.98 20.15 -42.59
C ALA C 912 7.67 18.92 -43.18
N LEU C 913 6.98 18.21 -44.09
CA LEU C 913 7.49 17.02 -44.80
C LEU C 913 8.69 17.41 -45.66
N LEU C 914 8.59 18.53 -46.40
CA LEU C 914 9.66 19.05 -47.29
C LEU C 914 10.90 19.40 -46.48
N ALA C 915 10.73 20.11 -45.36
CA ALA C 915 11.81 20.57 -44.46
C ALA C 915 12.51 19.36 -43.83
N ALA C 916 11.74 18.38 -43.35
CA ALA C 916 12.24 17.14 -42.69
C ALA C 916 12.97 16.27 -43.73
N THR C 917 12.42 16.17 -44.95
CA THR C 917 12.98 15.39 -46.08
C THR C 917 14.29 16.01 -46.56
N PHE C 918 14.28 17.34 -46.81
CA PHE C 918 15.42 18.12 -47.38
C PHE C 918 16.58 18.16 -46.38
N ARG C 919 16.29 18.13 -45.07
CA ARG C 919 17.32 18.13 -43.99
C ARG C 919 17.82 16.70 -43.76
N GLY C 920 16.94 15.70 -43.90
CA GLY C 920 17.25 14.28 -43.65
C GLY C 920 16.84 13.84 -42.26
N LEU C 921 15.83 14.50 -41.67
CA LEU C 921 15.19 14.10 -40.40
C LEU C 921 14.13 13.02 -40.70
N THR C 922 13.57 12.41 -39.66
CA THR C 922 12.63 11.26 -39.74
C THR C 922 11.29 11.64 -39.12
N ASN C 923 10.26 10.81 -39.36
CA ASN C 923 8.91 10.93 -38.73
C ASN C 923 9.01 10.38 -37.31
N ASP C 924 9.64 11.15 -36.41
CA ASP C 924 9.87 10.78 -34.99
C ASP C 924 8.76 11.40 -34.13
N VAL C 925 8.86 11.25 -32.80
CA VAL C 925 7.84 11.74 -31.82
C VAL C 925 7.74 13.27 -31.92
N TYR C 926 8.88 13.95 -32.10
CA TYR C 926 8.97 15.44 -32.18
C TYR C 926 8.29 15.94 -33.46
N PHE C 927 8.37 15.16 -34.55
CA PHE C 927 7.72 15.46 -35.85
C PHE C 927 6.21 15.28 -35.71
N GLN C 928 5.77 14.25 -34.98
CA GLN C 928 4.34 13.98 -34.67
C GLN C 928 3.76 15.18 -33.92
N VAL C 929 4.49 15.68 -32.91
CA VAL C 929 4.15 16.94 -32.17
C VAL C 929 4.12 18.10 -33.17
N GLY C 930 5.08 18.14 -34.09
CA GLY C 930 5.22 19.18 -35.13
C GLY C 930 4.03 19.24 -36.06
N LEU C 931 3.59 18.08 -36.58
CA LEU C 931 2.44 17.97 -37.52
C LEU C 931 1.17 18.48 -36.84
N LEU C 932 1.00 18.21 -35.55
CA LEU C 932 -0.16 18.71 -34.74
C LEU C 932 -0.07 20.23 -34.59
N THR C 933 1.14 20.76 -34.33
CA THR C 933 1.42 22.22 -34.27
C THR C 933 1.06 22.85 -35.62
N THR C 934 1.48 22.20 -36.72
CA THR C 934 1.28 22.67 -38.12
C THR C 934 -0.22 22.83 -38.42
N ILE C 935 -1.05 21.89 -37.95
CA ILE C 935 -2.54 21.93 -38.11
C ILE C 935 -3.06 23.23 -37.49
N GLY C 936 -2.58 23.58 -36.30
CA GLY C 936 -2.94 24.82 -35.57
C GLY C 936 -2.34 26.05 -36.24
N LEU C 937 -1.07 25.98 -36.63
CA LEU C 937 -0.33 27.07 -37.33
C LEU C 937 -1.08 27.46 -38.61
N SER C 938 -1.54 26.45 -39.37
CA SER C 938 -2.24 26.62 -40.68
C SER C 938 -3.64 27.19 -40.44
N ALA C 939 -4.39 26.61 -39.51
CA ALA C 939 -5.76 27.02 -39.11
C ALA C 939 -5.73 28.47 -38.60
N LYS C 940 -4.72 28.81 -37.78
CA LYS C 940 -4.47 30.18 -37.25
C LYS C 940 -4.49 31.19 -38.40
N ASN C 941 -3.71 30.95 -39.45
CA ASN C 941 -3.58 31.83 -40.64
C ASN C 941 -4.90 31.85 -41.42
N ALA C 942 -5.55 30.69 -41.56
CA ALA C 942 -6.83 30.51 -42.29
C ALA C 942 -7.94 31.31 -41.59
N ILE C 943 -8.02 31.19 -40.25
CA ILE C 943 -9.01 31.91 -39.39
C ILE C 943 -8.89 33.42 -39.61
N LEU C 944 -7.66 33.95 -39.58
CA LEU C 944 -7.38 35.41 -39.68
C LEU C 944 -8.04 36.00 -40.94
N ILE C 945 -8.02 35.26 -42.06
CA ILE C 945 -8.66 35.67 -43.35
C ILE C 945 -10.17 35.36 -43.28
N VAL C 946 -10.53 34.10 -43.04
CA VAL C 946 -11.91 33.56 -43.16
C VAL C 946 -12.85 34.24 -42.16
N GLU C 947 -12.44 34.32 -40.89
CA GLU C 947 -13.23 34.94 -39.78
C GLU C 947 -13.61 36.38 -40.16
N PHE C 948 -12.64 37.14 -40.68
CA PHE C 948 -12.78 38.59 -41.01
C PHE C 948 -13.61 38.76 -42.28
N ALA C 949 -13.58 37.78 -43.19
CA ALA C 949 -14.33 37.78 -44.47
C ALA C 949 -15.83 37.62 -44.19
N LYS C 950 -16.22 36.56 -43.49
CA LYS C 950 -17.61 36.30 -43.05
C LYS C 950 -18.12 37.49 -42.22
N ASP C 951 -17.24 38.07 -41.40
CA ASP C 951 -17.55 39.21 -40.49
C ASP C 951 -18.02 40.41 -41.31
N LEU C 952 -17.30 40.73 -42.40
CA LEU C 952 -17.60 41.87 -43.31
C LEU C 952 -18.89 41.59 -44.10
N MET C 953 -19.13 40.32 -44.46
CA MET C 953 -20.34 39.88 -45.22
C MET C 953 -21.58 39.98 -44.32
N ASP C 954 -21.41 39.89 -42.99
CA ASP C 954 -22.52 39.92 -41.99
C ASP C 954 -22.73 41.35 -41.49
N LYS C 955 -21.69 41.96 -40.93
CA LYS C 955 -21.77 43.22 -40.14
C LYS C 955 -21.71 44.46 -41.07
N GLU C 956 -21.31 44.29 -42.33
CA GLU C 956 -21.26 45.38 -43.34
C GLU C 956 -21.94 44.97 -44.65
N GLY C 957 -22.57 43.78 -44.70
CA GLY C 957 -23.36 43.28 -45.84
C GLY C 957 -22.63 43.44 -47.18
N LYS C 958 -21.34 43.09 -47.22
CA LYS C 958 -20.47 43.21 -48.42
C LYS C 958 -20.55 41.92 -49.25
N GLY C 959 -20.14 41.99 -50.52
CA GLY C 959 -20.10 40.85 -51.46
C GLY C 959 -19.03 39.84 -51.07
N LEU C 960 -19.15 38.60 -51.55
CA LEU C 960 -18.23 37.46 -51.26
C LEU C 960 -16.80 37.84 -51.67
N ILE C 961 -16.64 38.40 -52.87
CA ILE C 961 -15.32 38.78 -53.46
C ILE C 961 -14.77 40.01 -52.72
N GLU C 962 -15.58 41.05 -52.57
CA GLU C 962 -15.22 42.34 -51.91
C GLU C 962 -14.73 42.06 -50.48
N ALA C 963 -15.48 41.25 -49.72
CA ALA C 963 -15.21 40.90 -48.31
C ALA C 963 -13.89 40.15 -48.20
N THR C 964 -13.69 39.13 -49.06
CA THR C 964 -12.46 38.29 -49.10
C THR C 964 -11.25 39.17 -49.43
N LEU C 965 -11.36 40.03 -50.46
CA LEU C 965 -10.27 40.93 -50.93
C LEU C 965 -9.98 42.01 -49.87
N ASP C 966 -11.01 42.47 -49.15
CA ASP C 966 -10.87 43.45 -48.03
C ASP C 966 -10.15 42.76 -46.86
N ALA C 967 -10.56 41.53 -46.52
CA ALA C 967 -10.01 40.73 -45.41
C ALA C 967 -8.50 40.53 -45.60
N VAL C 968 -8.11 39.93 -46.73
CA VAL C 968 -6.69 39.57 -47.04
C VAL C 968 -5.80 40.83 -46.98
N ARG C 969 -6.29 41.97 -47.48
CA ARG C 969 -5.56 43.27 -47.50
C ARG C 969 -5.17 43.66 -46.07
N MET C 970 -6.17 43.70 -45.17
CA MET C 970 -6.03 44.20 -43.77
C MET C 970 -5.36 43.15 -42.89
N ARG C 971 -5.38 41.87 -43.29
CA ARG C 971 -4.96 40.72 -42.45
C ARG C 971 -3.61 40.15 -42.91
N LEU C 972 -2.99 40.70 -43.96
CA LEU C 972 -1.65 40.23 -44.43
C LEU C 972 -0.60 40.59 -43.36
N ARG C 973 -0.54 41.87 -42.96
CA ARG C 973 0.45 42.41 -42.00
C ARG C 973 0.45 41.58 -40.72
N PRO C 974 -0.70 41.36 -40.03
CA PRO C 974 -0.72 40.55 -38.82
C PRO C 974 -0.38 39.07 -39.06
N ILE C 975 -0.79 38.49 -40.19
CA ILE C 975 -0.48 37.09 -40.57
C ILE C 975 1.04 36.93 -40.65
N LEU C 976 1.71 37.78 -41.43
CA LEU C 976 3.18 37.72 -41.69
C LEU C 976 3.95 38.05 -40.41
N MET C 977 3.47 39.00 -39.61
CA MET C 977 4.06 39.37 -38.29
C MET C 977 4.05 38.14 -37.38
N THR C 978 2.88 37.54 -37.18
CA THR C 978 2.64 36.39 -36.27
C THR C 978 3.26 35.11 -36.86
N SER C 979 3.44 35.06 -38.19
CA SER C 979 4.05 33.91 -38.91
C SER C 979 5.58 33.95 -38.78
N LEU C 980 6.20 35.10 -39.09
CA LEU C 980 7.67 35.32 -38.98
C LEU C 980 8.09 35.24 -37.51
N ALA C 981 7.21 35.66 -36.59
CA ALA C 981 7.41 35.56 -35.12
C ALA C 981 7.72 34.11 -34.75
N PHE C 982 6.88 33.16 -35.18
CA PHE C 982 7.04 31.71 -34.92
C PHE C 982 8.28 31.18 -35.65
N ILE C 983 8.41 31.49 -36.95
CA ILE C 983 9.51 31.01 -37.84
C ILE C 983 10.86 31.32 -37.21
N LEU C 984 11.10 32.59 -36.83
CA LEU C 984 12.34 33.04 -36.15
C LEU C 984 12.33 32.60 -34.68
N GLY C 985 11.14 32.41 -34.10
CA GLY C 985 10.95 31.88 -32.74
C GLY C 985 11.53 30.48 -32.58
N VAL C 986 11.42 29.65 -33.62
CA VAL C 986 11.83 28.21 -33.61
C VAL C 986 13.10 28.02 -34.44
N MET C 987 13.70 29.09 -34.97
CA MET C 987 14.97 29.02 -35.76
C MET C 987 16.12 28.63 -34.86
N PRO C 988 16.24 29.19 -33.63
CA PRO C 988 17.28 28.74 -32.68
C PRO C 988 17.33 27.22 -32.50
N LEU C 989 16.17 26.56 -32.47
CA LEU C 989 16.04 25.08 -32.40
C LEU C 989 16.63 24.46 -33.67
N VAL C 990 16.33 25.05 -34.83
CA VAL C 990 16.72 24.52 -36.19
C VAL C 990 18.24 24.62 -36.37
N ILE C 991 18.84 25.75 -36.00
CA ILE C 991 20.29 26.06 -36.26
C ILE C 991 21.15 25.61 -35.07
N SER C 992 20.56 24.93 -34.08
CA SER C 992 21.27 24.44 -32.87
C SER C 992 22.24 23.31 -33.27
N THR C 993 23.49 23.37 -32.79
CA THR C 993 24.53 22.33 -32.97
C THR C 993 25.22 22.04 -31.62
N GLY C 994 24.59 22.43 -30.51
CA GLY C 994 25.12 22.24 -29.14
C GLY C 994 24.73 20.89 -28.57
N ALA C 995 24.85 20.72 -27.25
CA ALA C 995 24.47 19.49 -26.51
C ALA C 995 22.95 19.32 -26.56
N GLY C 996 22.48 18.17 -27.02
CA GLY C 996 21.04 17.83 -27.13
C GLY C 996 20.38 18.55 -28.31
N SER C 997 21.15 18.93 -29.32
CA SER C 997 20.68 19.65 -30.54
C SER C 997 19.83 18.70 -31.40
N GLY C 998 20.13 17.40 -31.37
CA GLY C 998 19.38 16.36 -32.11
C GLY C 998 17.89 16.45 -31.85
N ALA C 999 17.49 16.66 -30.60
CA ALA C 999 16.09 16.86 -30.17
C ALA C 999 15.59 18.22 -30.65
N GLN C 1000 16.36 19.28 -30.39
CA GLN C 1000 16.03 20.68 -30.79
C GLN C 1000 15.76 20.74 -32.30
N ASN C 1001 16.67 20.18 -33.10
CA ASN C 1001 16.60 20.14 -34.59
C ASN C 1001 15.31 19.43 -35.02
N ALA C 1002 14.94 18.35 -34.33
CA ALA C 1002 13.76 17.51 -34.62
C ALA C 1002 12.47 18.28 -34.35
N VAL C 1003 12.43 19.08 -33.27
CA VAL C 1003 11.24 19.88 -32.84
C VAL C 1003 11.03 21.03 -33.83
N GLY C 1004 12.10 21.79 -34.12
CA GLY C 1004 12.05 23.07 -34.85
C GLY C 1004 11.84 22.89 -36.34
N THR C 1005 12.68 22.07 -36.99
CA THR C 1005 12.76 21.90 -38.47
C THR C 1005 11.37 21.63 -39.06
N GLY C 1006 10.61 20.71 -38.46
CA GLY C 1006 9.26 20.33 -38.90
C GLY C 1006 8.31 21.53 -38.93
N VAL C 1007 8.09 22.16 -37.79
CA VAL C 1007 7.10 23.27 -37.60
C VAL C 1007 7.58 24.55 -38.32
N MET C 1008 8.89 24.74 -38.47
CA MET C 1008 9.47 25.94 -39.14
C MET C 1008 9.07 25.92 -40.62
N GLY C 1009 9.37 24.82 -41.33
CA GLY C 1009 8.98 24.58 -42.72
C GLY C 1009 7.47 24.51 -42.88
N GLY C 1010 6.78 24.02 -41.84
CA GLY C 1010 5.31 23.97 -41.78
C GLY C 1010 4.69 25.36 -41.82
N MET C 1011 5.17 26.26 -40.94
CA MET C 1011 4.69 27.66 -40.83
C MET C 1011 4.99 28.42 -42.13
N VAL C 1012 6.16 28.16 -42.73
CA VAL C 1012 6.62 28.80 -44.00
C VAL C 1012 5.55 28.62 -45.07
N THR C 1013 5.19 27.37 -45.40
CA THR C 1013 4.19 27.02 -46.44
C THR C 1013 2.78 27.42 -45.96
N ALA C 1014 2.46 27.15 -44.68
CA ALA C 1014 1.17 27.48 -44.04
C ALA C 1014 0.97 29.00 -43.96
N THR C 1015 1.98 29.78 -44.35
CA THR C 1015 1.90 31.25 -44.57
C THR C 1015 1.89 31.55 -46.07
N VAL C 1016 2.94 31.12 -46.77
CA VAL C 1016 3.19 31.42 -48.22
C VAL C 1016 2.01 30.91 -49.06
N LEU C 1017 1.68 29.62 -48.96
CA LEU C 1017 0.59 28.98 -49.76
C LEU C 1017 -0.78 29.44 -49.26
N ALA C 1018 -0.98 29.49 -47.94
CA ALA C 1018 -2.27 29.77 -47.27
C ALA C 1018 -2.86 31.09 -47.77
N ILE C 1019 -2.11 32.19 -47.69
CA ILE C 1019 -2.58 33.58 -48.00
C ILE C 1019 -3.17 33.62 -49.41
N PHE C 1020 -2.74 32.74 -50.32
CA PHE C 1020 -3.22 32.64 -51.73
C PHE C 1020 -4.39 31.65 -51.82
N PHE C 1021 -4.31 30.52 -51.11
CA PHE C 1021 -5.23 29.35 -51.25
C PHE C 1021 -6.45 29.49 -50.34
N VAL C 1022 -6.30 30.05 -49.14
CA VAL C 1022 -7.39 30.20 -48.13
C VAL C 1022 -8.54 30.98 -48.76
N PRO C 1023 -8.29 32.14 -49.40
CA PRO C 1023 -9.35 32.88 -50.10
C PRO C 1023 -10.13 32.03 -51.12
N VAL C 1024 -9.44 31.13 -51.82
CA VAL C 1024 -10.05 30.19 -52.82
C VAL C 1024 -11.05 29.30 -52.08
N PHE C 1025 -10.59 28.60 -51.04
CA PHE C 1025 -11.41 27.67 -50.22
C PHE C 1025 -12.71 28.36 -49.79
N PHE C 1026 -12.56 29.52 -49.14
CA PHE C 1026 -13.68 30.35 -48.59
C PHE C 1026 -14.70 30.64 -49.70
N VAL C 1027 -14.24 31.24 -50.82
CA VAL C 1027 -15.09 31.64 -51.98
C VAL C 1027 -15.73 30.39 -52.59
N VAL C 1028 -14.94 29.36 -52.89
CA VAL C 1028 -15.39 28.08 -53.51
C VAL C 1028 -16.46 27.44 -52.62
N VAL C 1029 -16.20 27.33 -51.31
CA VAL C 1029 -17.09 26.68 -50.31
C VAL C 1029 -18.38 27.51 -50.18
N ARG C 1030 -18.27 28.79 -49.83
CA ARG C 1030 -19.41 29.70 -49.56
C ARG C 1030 -20.37 29.71 -50.76
N ARG C 1031 -19.84 29.73 -52.00
CA ARG C 1031 -20.62 29.64 -53.25
C ARG C 1031 -21.30 28.27 -53.34
N ARG C 1032 -20.50 27.20 -53.27
CA ARG C 1032 -20.91 25.78 -53.44
C ARG C 1032 -22.13 25.47 -52.55
N PHE C 1033 -22.10 25.90 -51.29
CA PHE C 1033 -23.09 25.51 -50.24
C PHE C 1033 -24.09 26.64 -50.00
N SER C 1034 -23.66 27.71 -49.30
CA SER C 1034 -24.52 28.84 -48.87
C SER C 1034 -24.97 29.64 -50.09
N ASP D 13 -31.54 -48.76 9.49
CA ASP D 13 -32.64 -47.78 9.23
C ASP D 13 -32.81 -46.88 10.46
N LEU D 14 -33.45 -47.40 11.52
CA LEU D 14 -33.62 -46.72 12.82
C LEU D 14 -32.38 -46.95 13.69
N GLY D 15 -31.60 -47.99 13.38
CA GLY D 15 -30.34 -48.33 14.06
C GLY D 15 -29.29 -47.24 13.89
N LYS D 16 -29.17 -46.69 12.67
CA LYS D 16 -28.23 -45.59 12.31
C LYS D 16 -28.76 -44.27 12.89
N LYS D 17 -30.05 -44.23 13.21
CA LYS D 17 -30.75 -43.05 13.81
C LYS D 17 -30.55 -43.08 15.34
N LEU D 18 -30.56 -44.27 15.93
CA LEU D 18 -30.35 -44.52 17.39
C LEU D 18 -28.88 -44.19 17.75
N LEU D 19 -27.94 -44.64 16.93
CA LEU D 19 -26.48 -44.40 17.10
C LEU D 19 -26.21 -42.89 17.21
N GLU D 20 -26.86 -42.08 16.38
CA GLU D 20 -26.73 -40.60 16.38
C GLU D 20 -27.40 -40.02 17.64
N ALA D 21 -28.60 -40.52 17.97
CA ALA D 21 -29.40 -40.08 19.15
C ALA D 21 -28.63 -40.39 20.44
N ALA D 22 -28.04 -41.59 20.54
CA ALA D 22 -27.24 -42.07 21.69
C ALA D 22 -26.01 -41.17 21.88
N ARG D 23 -25.33 -40.82 20.78
CA ARG D 23 -24.10 -39.98 20.76
C ARG D 23 -24.44 -38.55 21.19
N ALA D 24 -25.49 -37.97 20.61
CA ALA D 24 -25.94 -36.56 20.83
C ALA D 24 -26.44 -36.40 22.27
N GLY D 25 -27.14 -37.41 22.80
CA GLY D 25 -27.72 -37.40 24.17
C GLY D 25 -29.20 -37.08 24.16
N ARG D 26 -29.88 -37.27 23.01
CA ARG D 26 -31.32 -36.97 22.83
C ARG D 26 -32.15 -38.08 23.50
N ASP D 27 -32.43 -37.93 24.79
CA ASP D 27 -33.14 -38.92 25.65
C ASP D 27 -34.52 -39.23 25.03
N ASP D 28 -35.29 -38.20 24.70
CA ASP D 28 -36.68 -38.29 24.17
C ASP D 28 -36.69 -39.13 22.89
N GLU D 29 -35.73 -38.89 21.99
CA GLU D 29 -35.66 -39.55 20.66
C GLU D 29 -35.31 -41.03 20.84
N VAL D 30 -34.33 -41.34 21.70
CA VAL D 30 -33.91 -42.73 22.03
C VAL D 30 -35.12 -43.50 22.55
N ARG D 31 -35.86 -42.90 23.51
CA ARG D 31 -37.09 -43.46 24.10
C ARG D 31 -38.10 -43.79 22.99
N ILE D 32 -38.34 -42.83 22.08
CA ILE D 32 -39.29 -42.98 20.93
C ILE D 32 -38.79 -44.10 20.01
N LEU D 33 -37.48 -44.18 19.80
CA LEU D 33 -36.83 -45.20 18.92
C LEU D 33 -36.93 -46.59 19.56
N MET D 34 -36.81 -46.67 20.89
CA MET D 34 -36.94 -47.94 21.67
C MET D 34 -38.35 -48.50 21.50
N ALA D 35 -39.37 -47.63 21.46
CA ALA D 35 -40.80 -47.98 21.25
C ALA D 35 -40.99 -48.52 19.82
N ASN D 36 -40.37 -47.86 18.82
CA ASN D 36 -40.47 -48.22 17.38
C ASN D 36 -39.69 -49.53 17.12
N GLY D 37 -38.77 -49.89 18.02
CA GLY D 37 -37.99 -51.14 17.95
C GLY D 37 -36.67 -50.96 17.21
N ALA D 38 -35.98 -49.84 17.46
CA ALA D 38 -34.64 -49.53 16.91
C ALA D 38 -33.65 -50.57 17.43
N ASP D 39 -32.84 -51.15 16.53
CA ASP D 39 -31.85 -52.21 16.85
C ASP D 39 -30.80 -51.64 17.82
N VAL D 40 -30.72 -52.21 19.03
CA VAL D 40 -29.79 -51.78 20.11
C VAL D 40 -28.41 -52.43 19.91
N ASN D 41 -28.31 -53.40 18.99
CA ASN D 41 -27.04 -54.05 18.59
C ASN D 41 -26.47 -53.38 17.35
N ALA D 42 -27.14 -52.33 16.85
CA ALA D 42 -26.70 -51.51 15.69
C ALA D 42 -25.40 -50.78 16.05
N ALA D 43 -24.31 -51.07 15.33
CA ALA D 43 -22.96 -50.52 15.55
C ALA D 43 -22.52 -49.69 14.34
N ASP D 44 -21.52 -48.84 14.54
CA ASP D 44 -20.84 -48.04 13.47
C ASP D 44 -19.72 -48.89 12.87
N VAL D 45 -18.84 -48.29 12.06
CA VAL D 45 -17.77 -48.98 11.29
C VAL D 45 -16.74 -49.60 12.25
N VAL D 46 -16.59 -49.06 13.47
CA VAL D 46 -15.57 -49.50 14.47
C VAL D 46 -16.19 -50.51 15.45
N GLY D 47 -17.51 -50.73 15.40
CA GLY D 47 -18.23 -51.72 16.21
C GLY D 47 -18.71 -51.16 17.54
N TRP D 48 -19.02 -49.85 17.57
CA TRP D 48 -19.55 -49.14 18.76
C TRP D 48 -21.08 -49.13 18.71
N THR D 49 -21.72 -49.93 19.57
CA THR D 49 -23.19 -49.98 19.77
C THR D 49 -23.62 -48.67 20.44
N PRO D 50 -24.93 -48.33 20.49
CA PRO D 50 -25.38 -47.07 21.09
C PRO D 50 -24.97 -46.96 22.56
N LEU D 51 -24.84 -48.11 23.25
CA LEU D 51 -24.39 -48.21 24.67
C LEU D 51 -22.94 -47.72 24.77
N HIS D 52 -22.06 -48.15 23.86
CA HIS D 52 -20.67 -47.67 23.73
C HIS D 52 -20.65 -46.14 23.68
N LEU D 53 -21.41 -45.58 22.73
CA LEU D 53 -21.47 -44.11 22.45
C LEU D 53 -22.03 -43.38 23.68
N ALA D 54 -23.15 -43.85 24.22
CA ALA D 54 -23.82 -43.29 25.42
C ALA D 54 -22.86 -43.30 26.61
N ALA D 55 -22.08 -44.38 26.77
CA ALA D 55 -21.08 -44.56 27.84
C ALA D 55 -19.89 -43.61 27.62
N TYR D 56 -19.50 -43.41 26.36
CA TYR D 56 -18.35 -42.57 25.93
C TYR D 56 -18.66 -41.09 26.20
N TRP D 57 -19.89 -40.66 25.87
CA TRP D 57 -20.33 -39.23 25.89
C TRP D 57 -21.00 -38.88 27.23
N GLY D 58 -21.18 -39.86 28.12
CA GLY D 58 -21.66 -39.65 29.50
C GLY D 58 -23.15 -39.36 29.55
N HIS D 59 -23.96 -40.11 28.80
CA HIS D 59 -25.45 -40.01 28.76
C HIS D 59 -26.05 -41.14 29.60
N LEU D 60 -26.23 -40.89 30.90
CA LEU D 60 -26.62 -41.91 31.92
C LEU D 60 -28.01 -42.48 31.61
N GLU D 61 -29.00 -41.63 31.34
CA GLU D 61 -30.41 -42.04 31.11
C GLU D 61 -30.46 -43.02 29.92
N ILE D 62 -29.79 -42.67 28.82
CA ILE D 62 -29.74 -43.50 27.58
C ILE D 62 -29.10 -44.85 27.88
N VAL D 63 -28.01 -44.87 28.68
CA VAL D 63 -27.31 -46.11 29.11
C VAL D 63 -28.33 -47.02 29.83
N GLU D 64 -29.10 -46.46 30.76
CA GLU D 64 -30.14 -47.19 31.54
C GLU D 64 -31.25 -47.66 30.59
N VAL D 65 -31.71 -46.79 29.69
CA VAL D 65 -32.82 -47.06 28.73
C VAL D 65 -32.40 -48.18 27.76
N LEU D 66 -31.15 -48.15 27.28
CA LEU D 66 -30.60 -49.14 26.32
C LEU D 66 -30.51 -50.52 26.98
N LEU D 67 -29.95 -50.59 28.19
CA LEU D 67 -29.80 -51.84 28.98
C LEU D 67 -31.19 -52.45 29.26
N LYS D 68 -32.18 -51.60 29.56
CA LYS D 68 -33.60 -52.00 29.74
C LYS D 68 -34.12 -52.67 28.45
N ASN D 69 -33.73 -52.13 27.29
CA ASN D 69 -34.20 -52.58 25.95
C ASN D 69 -33.23 -53.62 25.36
N GLY D 70 -32.65 -54.48 26.22
CA GLY D 70 -31.90 -55.69 25.81
C GLY D 70 -30.63 -55.36 25.05
N ALA D 71 -29.91 -54.32 25.44
CA ALA D 71 -28.58 -53.95 24.88
C ALA D 71 -27.50 -54.82 25.55
N ASP D 72 -26.47 -55.19 24.79
CA ASP D 72 -25.33 -56.02 25.27
C ASP D 72 -24.37 -55.14 26.07
N VAL D 73 -24.22 -55.42 27.36
CA VAL D 73 -23.37 -54.64 28.32
C VAL D 73 -21.89 -55.01 28.10
N ASN D 74 -21.62 -56.24 27.64
CA ASN D 74 -20.24 -56.77 27.42
C ASN D 74 -19.89 -56.73 25.93
N ALA D 75 -20.70 -56.04 25.11
CA ALA D 75 -20.42 -55.78 23.67
C ALA D 75 -19.02 -55.18 23.56
N TYR D 76 -18.23 -55.61 22.56
CA TYR D 76 -16.83 -55.16 22.35
C TYR D 76 -16.67 -54.64 20.91
N ASP D 77 -15.91 -53.55 20.76
CA ASP D 77 -15.55 -52.94 19.45
C ASP D 77 -14.57 -53.89 18.72
N THR D 78 -14.10 -53.51 17.53
CA THR D 78 -13.20 -54.34 16.69
C THR D 78 -11.78 -54.38 17.28
N LEU D 79 -11.53 -53.68 18.39
CA LEU D 79 -10.26 -53.72 19.15
C LEU D 79 -10.48 -54.23 20.58
N GLY D 80 -11.68 -54.74 20.89
CA GLY D 80 -11.98 -55.51 22.12
C GLY D 80 -12.43 -54.65 23.30
N SER D 81 -12.60 -53.34 23.09
CA SER D 81 -12.99 -52.36 24.15
C SER D 81 -14.51 -52.39 24.36
N THR D 82 -14.95 -52.57 25.61
CA THR D 82 -16.37 -52.65 26.04
C THR D 82 -16.83 -51.27 26.54
N PRO D 83 -18.14 -51.05 26.74
CA PRO D 83 -18.63 -49.77 27.26
C PRO D 83 -18.03 -49.37 28.62
N LEU D 84 -17.73 -50.36 29.48
CA LEU D 84 -17.12 -50.12 30.82
C LEU D 84 -15.73 -49.50 30.65
N HIS D 85 -14.96 -49.97 29.65
CA HIS D 85 -13.65 -49.37 29.25
C HIS D 85 -13.83 -47.86 29.02
N LEU D 86 -14.82 -47.48 28.21
CA LEU D 86 -15.10 -46.07 27.81
C LEU D 86 -15.56 -45.29 29.03
N ALA D 87 -16.56 -45.81 29.75
CA ALA D 87 -17.17 -45.17 30.96
C ALA D 87 -16.10 -44.97 32.03
N ALA D 88 -15.24 -45.96 32.25
CA ALA D 88 -14.14 -45.95 33.26
C ALA D 88 -13.07 -44.92 32.87
N HIS D 89 -12.78 -44.80 31.57
CA HIS D 89 -11.69 -43.96 31.02
C HIS D 89 -12.09 -42.48 31.07
N PHE D 90 -13.36 -42.16 30.79
CA PHE D 90 -13.86 -40.76 30.59
C PHE D 90 -14.58 -40.25 31.84
N GLY D 91 -14.47 -40.96 32.97
CA GLY D 91 -14.86 -40.47 34.31
C GLY D 91 -16.36 -40.33 34.48
N HIS D 92 -17.14 -41.33 34.05
CA HIS D 92 -18.62 -41.38 34.19
C HIS D 92 -18.98 -42.39 35.28
N LEU D 93 -18.88 -41.96 36.54
CA LEU D 93 -19.02 -42.81 37.76
C LEU D 93 -20.39 -43.49 37.79
N GLU D 94 -21.46 -42.72 37.53
CA GLU D 94 -22.87 -43.20 37.57
C GLU D 94 -23.05 -44.33 36.54
N ILE D 95 -22.54 -44.13 35.32
CA ILE D 95 -22.64 -45.10 34.19
C ILE D 95 -21.85 -46.36 34.53
N VAL D 96 -20.61 -46.21 35.02
CA VAL D 96 -19.71 -47.33 35.45
C VAL D 96 -20.48 -48.24 36.41
N GLU D 97 -21.19 -47.65 37.38
CA GLU D 97 -21.99 -48.37 38.41
C GLU D 97 -23.16 -49.10 37.72
N VAL D 98 -23.95 -48.37 36.92
CA VAL D 98 -25.15 -48.90 36.20
C VAL D 98 -24.73 -50.11 35.35
N LEU D 99 -23.61 -50.01 34.64
CA LEU D 99 -23.07 -51.09 33.76
C LEU D 99 -22.70 -52.31 34.61
N LEU D 100 -21.98 -52.11 35.71
CA LEU D 100 -21.49 -53.19 36.61
C LEU D 100 -22.67 -53.90 37.28
N LYS D 101 -23.73 -53.16 37.65
CA LYS D 101 -24.98 -53.72 38.24
C LYS D 101 -25.66 -54.62 37.21
N ASN D 102 -25.65 -54.24 35.93
CA ASN D 102 -26.31 -54.98 34.82
C ASN D 102 -25.39 -56.08 34.28
N GLY D 103 -24.27 -56.36 34.96
CA GLY D 103 -23.42 -57.54 34.74
C GLY D 103 -22.30 -57.27 33.74
N ALA D 104 -21.64 -56.12 33.83
CA ALA D 104 -20.48 -55.75 33.00
C ALA D 104 -19.24 -56.49 33.50
N ASP D 105 -18.46 -57.08 32.58
CA ASP D 105 -17.20 -57.82 32.88
C ASP D 105 -16.16 -56.80 33.35
N VAL D 106 -15.89 -56.75 34.66
CA VAL D 106 -15.00 -55.76 35.33
C VAL D 106 -13.54 -56.04 34.93
N ASN D 107 -13.20 -57.30 34.65
CA ASN D 107 -11.81 -57.75 34.31
C ASN D 107 -11.67 -57.90 32.79
N ALA D 108 -12.59 -57.32 32.02
CA ALA D 108 -12.60 -57.36 30.53
C ALA D 108 -11.30 -56.76 30.00
N LYS D 109 -10.59 -57.51 29.14
CA LYS D 109 -9.35 -57.06 28.44
C LYS D 109 -9.71 -56.69 27.00
N ASP D 110 -9.16 -55.58 26.49
CA ASP D 110 -9.20 -55.22 25.05
C ASP D 110 -8.05 -55.95 24.35
N ASP D 111 -7.78 -55.64 23.09
CA ASP D 111 -6.75 -56.33 22.26
C ASP D 111 -5.34 -56.02 22.78
N ASN D 112 -5.19 -54.97 23.60
CA ASN D 112 -3.90 -54.53 24.19
C ASN D 112 -3.72 -55.14 25.59
N GLY D 113 -4.70 -55.90 26.08
CA GLY D 113 -4.71 -56.46 27.44
C GLY D 113 -5.04 -55.43 28.50
N ILE D 114 -5.58 -54.27 28.07
CA ILE D 114 -5.93 -53.12 28.95
C ILE D 114 -7.37 -53.32 29.47
N THR D 115 -7.60 -52.99 30.75
CA THR D 115 -8.88 -53.20 31.46
C THR D 115 -9.45 -51.85 31.90
N PRO D 116 -10.75 -51.76 32.27
CA PRO D 116 -11.33 -50.52 32.78
C PRO D 116 -10.54 -49.89 33.95
N LEU D 117 -9.90 -50.71 34.78
CA LEU D 117 -9.08 -50.27 35.95
C LEU D 117 -7.85 -49.51 35.44
N HIS D 118 -7.14 -50.07 34.47
CA HIS D 118 -5.95 -49.45 33.80
C HIS D 118 -6.30 -48.05 33.30
N LEU D 119 -7.43 -47.92 32.60
CA LEU D 119 -7.87 -46.65 31.94
C LEU D 119 -8.27 -45.62 33.00
N ALA D 120 -9.08 -46.02 33.98
CA ALA D 120 -9.54 -45.17 35.12
C ALA D 120 -8.33 -44.70 35.93
N ALA D 121 -7.36 -45.59 36.16
CA ALA D 121 -6.10 -45.30 36.88
C ALA D 121 -5.27 -44.27 36.11
N ASN D 122 -5.27 -44.36 34.78
CA ASN D 122 -4.45 -43.50 33.87
C ASN D 122 -4.94 -42.05 33.95
N ARG D 123 -6.24 -41.83 33.80
CA ARG D 123 -6.89 -40.49 33.84
C ARG D 123 -7.10 -40.06 35.30
N GLY D 124 -6.96 -40.99 36.25
CA GLY D 124 -6.91 -40.70 37.70
C GLY D 124 -8.29 -40.48 38.29
N HIS D 125 -9.26 -41.32 37.93
CA HIS D 125 -10.65 -41.31 38.47
C HIS D 125 -10.70 -42.19 39.72
N LEU D 126 -10.34 -41.63 40.88
CA LEU D 126 -10.17 -42.35 42.16
C LEU D 126 -11.50 -43.01 42.57
N GLU D 127 -12.60 -42.27 42.43
CA GLU D 127 -13.99 -42.73 42.76
C GLU D 127 -14.32 -43.98 41.93
N ILE D 128 -14.09 -43.93 40.62
CA ILE D 128 -14.37 -45.05 39.67
C ILE D 128 -13.50 -46.26 40.02
N VAL D 129 -12.21 -46.04 40.29
CA VAL D 129 -11.23 -47.11 40.65
C VAL D 129 -11.79 -47.89 41.84
N GLU D 130 -12.29 -47.19 42.87
CA GLU D 130 -12.87 -47.80 44.10
C GLU D 130 -14.10 -48.65 43.74
N VAL D 131 -14.94 -48.16 42.81
CA VAL D 131 -16.17 -48.88 42.34
C VAL D 131 -15.76 -50.17 41.63
N LEU D 132 -14.73 -50.11 40.76
CA LEU D 132 -14.22 -51.27 39.99
C LEU D 132 -13.63 -52.32 40.94
N LEU D 133 -12.89 -51.87 41.96
CA LEU D 133 -12.29 -52.75 43.02
C LEU D 133 -13.41 -53.43 43.82
N LYS D 134 -14.48 -52.68 44.14
CA LYS D 134 -15.67 -53.17 44.89
C LYS D 134 -16.29 -54.37 44.16
N TYR D 135 -16.39 -54.29 42.82
CA TYR D 135 -17.05 -55.30 41.95
C TYR D 135 -16.03 -56.37 41.52
N GLY D 136 -14.81 -56.34 42.07
CA GLY D 136 -13.81 -57.41 41.95
C GLY D 136 -12.90 -57.25 40.73
N ALA D 137 -12.24 -56.10 40.62
CA ALA D 137 -11.24 -55.79 39.57
C ALA D 137 -9.88 -56.37 40.00
N ASP D 138 -9.27 -57.20 39.15
CA ASP D 138 -7.91 -57.77 39.36
C ASP D 138 -6.90 -56.62 39.34
N VAL D 139 -6.47 -56.18 40.54
CA VAL D 139 -5.48 -55.08 40.73
C VAL D 139 -4.14 -55.48 40.12
N ASN D 140 -3.84 -56.78 40.07
CA ASN D 140 -2.56 -57.35 39.56
C ASN D 140 -2.67 -57.69 38.07
N ALA D 141 -3.77 -57.30 37.41
CA ALA D 141 -3.99 -57.46 35.94
C ALA D 141 -2.95 -56.62 35.19
N GLN D 142 -2.19 -57.25 34.28
CA GLN D 142 -1.10 -56.62 33.49
C GLN D 142 -1.57 -56.46 32.04
N ASP D 143 -1.10 -55.38 31.36
CA ASP D 143 -1.37 -55.11 29.92
C ASP D 143 -0.30 -55.85 29.09
N LYS D 144 -0.22 -55.57 27.79
CA LYS D 144 0.72 -56.24 26.84
C LYS D 144 2.17 -55.89 27.18
N PHE D 145 2.40 -54.83 27.97
CA PHE D 145 3.74 -54.35 28.42
C PHE D 145 4.04 -54.84 29.84
N GLY D 146 3.15 -55.64 30.43
CA GLY D 146 3.30 -56.22 31.78
C GLY D 146 3.12 -55.19 32.88
N LYS D 147 2.33 -54.15 32.63
CA LYS D 147 2.13 -52.99 33.55
C LYS D 147 0.72 -53.03 34.14
N THR D 148 0.62 -52.87 35.47
CA THR D 148 -0.65 -52.86 36.25
C THR D 148 -1.14 -51.42 36.40
N ALA D 149 -2.31 -51.23 37.03
CA ALA D 149 -2.91 -49.92 37.37
C ALA D 149 -2.02 -49.20 38.38
N PHE D 150 -1.31 -49.95 39.22
CA PHE D 150 -0.32 -49.44 40.21
C PHE D 150 0.89 -48.83 39.46
N ASP D 151 1.42 -49.56 38.48
CA ASP D 151 2.58 -49.15 37.64
C ASP D 151 2.25 -47.85 36.90
N ILE D 152 0.97 -47.63 36.59
CA ILE D 152 0.45 -46.38 35.94
C ILE D 152 0.48 -45.24 36.97
N SER D 153 -0.08 -45.48 38.15
CA SER D 153 -0.27 -44.47 39.24
C SER D 153 1.08 -43.87 39.65
N ILE D 154 2.12 -44.70 39.78
CA ILE D 154 3.50 -44.27 40.16
C ILE D 154 4.11 -43.45 39.01
N ASN D 155 3.82 -43.81 37.75
CA ASN D 155 4.34 -43.13 36.54
C ASN D 155 3.67 -41.76 36.40
N ASN D 156 2.35 -41.68 36.63
CA ASN D 156 1.56 -40.42 36.60
C ASN D 156 1.88 -39.59 37.85
N GLY D 157 2.34 -40.23 38.93
CA GLY D 157 2.70 -39.58 40.20
C GLY D 157 1.47 -39.22 41.02
N ASN D 158 0.44 -40.06 40.98
CA ASN D 158 -0.84 -39.90 41.71
C ASN D 158 -0.68 -40.56 43.09
N GLU D 159 -0.63 -39.74 44.14
CA GLU D 159 -0.38 -40.18 45.55
C GLU D 159 -1.61 -40.93 46.09
N ASP D 160 -2.80 -40.35 45.90
CA ASP D 160 -4.10 -40.88 46.37
C ASP D 160 -4.36 -42.25 45.72
N LEU D 161 -4.19 -42.33 44.40
CA LEU D 161 -4.42 -43.55 43.58
C LEU D 161 -3.43 -44.65 43.99
N ALA D 162 -2.16 -44.29 44.19
CA ALA D 162 -1.05 -45.20 44.56
C ALA D 162 -1.37 -45.92 45.87
N GLU D 163 -1.97 -45.21 46.83
CA GLU D 163 -2.33 -45.75 48.17
C GLU D 163 -3.43 -46.80 48.04
N ILE D 164 -4.46 -46.52 47.22
CA ILE D 164 -5.65 -47.40 47.00
C ILE D 164 -5.18 -48.74 46.42
N LEU D 165 -4.27 -48.71 45.44
CA LEU D 165 -3.76 -49.89 44.71
C LEU D 165 -2.49 -50.41 45.42
N ASP E 13 28.64 5.19 51.65
CA ASP E 13 28.82 5.21 50.17
C ASP E 13 29.87 6.26 49.80
N LEU E 14 31.12 6.04 50.20
CA LEU E 14 32.30 6.90 49.89
C LEU E 14 33.30 6.11 49.04
N GLY E 15 33.59 4.87 49.42
CA GLY E 15 34.43 3.93 48.65
C GLY E 15 33.80 3.52 47.34
N LYS E 16 32.47 3.66 47.23
CA LYS E 16 31.68 3.36 46.00
C LYS E 16 31.87 4.50 44.98
N LYS E 17 31.93 5.75 45.46
CA LYS E 17 32.19 6.96 44.63
C LYS E 17 33.62 6.91 44.08
N LEU E 18 34.55 6.34 44.86
CA LEU E 18 35.98 6.20 44.49
C LEU E 18 36.10 5.25 43.29
N LEU E 19 35.42 4.10 43.34
CA LEU E 19 35.37 3.10 42.24
C LEU E 19 34.91 3.77 40.94
N GLU E 20 33.81 4.51 40.99
CA GLU E 20 33.21 5.22 39.83
C GLU E 20 34.19 6.27 39.30
N ALA E 21 34.88 6.98 40.21
CA ALA E 21 35.86 8.04 39.89
C ALA E 21 37.11 7.43 39.26
N ALA E 22 37.58 6.31 39.80
CA ALA E 22 38.79 5.57 39.35
C ALA E 22 38.60 5.07 37.91
N ARG E 23 37.41 4.52 37.61
CA ARG E 23 37.03 4.00 36.27
C ARG E 23 36.90 5.16 35.28
N ALA E 24 36.21 6.24 35.69
CA ALA E 24 35.90 7.42 34.85
C ALA E 24 37.20 8.12 34.41
N GLY E 25 38.23 8.09 35.26
CA GLY E 25 39.53 8.75 35.01
C GLY E 25 39.59 10.14 35.61
N ARG E 26 38.73 10.42 36.60
CA ARG E 26 38.64 11.73 37.30
C ARG E 26 39.78 11.82 38.32
N ASP E 27 40.97 12.22 37.87
CA ASP E 27 42.21 12.35 38.68
C ASP E 27 41.95 13.14 39.96
N ASP E 28 41.34 14.33 39.82
CA ASP E 28 41.07 15.28 40.93
C ASP E 28 40.15 14.62 41.96
N GLU E 29 38.97 14.16 41.53
CA GLU E 29 37.90 13.61 42.41
C GLU E 29 38.45 12.45 43.26
N VAL E 30 39.38 11.66 42.72
CA VAL E 30 40.04 10.53 43.44
C VAL E 30 40.83 11.10 44.62
N ARG E 31 41.66 12.13 44.36
CA ARG E 31 42.46 12.84 45.39
C ARG E 31 41.54 13.49 46.43
N ILE E 32 40.39 14.02 46.00
CA ILE E 32 39.38 14.69 46.88
C ILE E 32 38.75 13.63 47.79
N LEU E 33 38.37 12.47 47.24
CA LEU E 33 37.76 11.33 47.98
C LEU E 33 38.82 10.67 48.87
N MET E 34 40.11 10.80 48.52
CA MET E 34 41.25 10.24 49.27
C MET E 34 41.52 11.12 50.51
N ALA E 35 41.37 12.43 50.37
CA ALA E 35 41.52 13.44 51.45
C ALA E 35 40.44 13.23 52.52
N ASN E 36 39.20 12.96 52.10
CA ASN E 36 38.04 12.72 53.00
C ASN E 36 38.14 11.33 53.63
N GLY E 37 39.03 10.46 53.12
CA GLY E 37 39.40 9.18 53.75
C GLY E 37 38.46 8.05 53.35
N ALA E 38 38.32 7.80 52.05
CA ALA E 38 37.50 6.71 51.46
C ALA E 38 38.31 5.42 51.44
N ASP E 39 37.64 4.27 51.54
CA ASP E 39 38.26 2.92 51.54
C ASP E 39 38.94 2.70 50.17
N VAL E 40 40.27 2.63 50.16
CA VAL E 40 41.11 2.51 48.93
C VAL E 40 40.97 1.11 48.33
N ASN E 41 40.53 0.13 49.13
CA ASN E 41 40.31 -1.29 48.71
C ASN E 41 38.80 -1.59 48.67
N ALA E 42 37.97 -0.58 48.44
CA ALA E 42 36.49 -0.70 48.27
C ALA E 42 36.20 -1.53 47.02
N ALA E 43 35.68 -2.75 47.19
CA ALA E 43 35.42 -3.73 46.11
C ALA E 43 33.96 -3.60 45.64
N ASP E 44 33.72 -3.80 44.34
CA ASP E 44 32.38 -3.78 43.70
C ASP E 44 31.79 -5.20 43.75
N VAL E 45 30.76 -5.48 42.93
CA VAL E 45 30.00 -6.77 42.93
C VAL E 45 30.93 -7.90 42.47
N VAL E 46 31.82 -7.63 41.51
CA VAL E 46 32.72 -8.63 40.87
C VAL E 46 34.07 -8.68 41.61
N GLY E 47 34.26 -7.81 42.62
CA GLY E 47 35.45 -7.81 43.50
C GLY E 47 36.58 -6.94 42.96
N TRP E 48 36.26 -5.98 42.09
CA TRP E 48 37.23 -5.02 41.49
C TRP E 48 37.40 -3.82 42.43
N THR E 49 38.63 -3.54 42.84
CA THR E 49 39.04 -2.34 43.64
C THR E 49 39.19 -1.15 42.69
N PRO E 50 39.40 0.09 43.21
CA PRO E 50 39.70 1.23 42.34
C PRO E 50 40.96 0.99 41.49
N LEU E 51 41.95 0.29 42.06
CA LEU E 51 43.25 -0.04 41.40
C LEU E 51 42.99 -0.99 40.21
N HIS E 52 42.05 -1.93 40.35
CA HIS E 52 41.61 -2.85 39.28
C HIS E 52 41.09 -2.05 38.08
N LEU E 53 40.12 -1.17 38.31
CA LEU E 53 39.43 -0.36 37.28
C LEU E 53 40.44 0.54 36.55
N ALA E 54 41.31 1.21 37.32
CA ALA E 54 42.37 2.12 36.80
C ALA E 54 43.33 1.34 35.89
N ALA E 55 43.65 0.09 36.25
CA ALA E 55 44.56 -0.80 35.51
C ALA E 55 43.91 -1.26 34.20
N TYR E 56 42.62 -1.61 34.24
CA TYR E 56 41.82 -2.10 33.09
C TYR E 56 41.64 -0.97 32.06
N TRP E 57 41.12 0.17 32.52
CA TRP E 57 40.81 1.36 31.68
C TRP E 57 42.07 2.18 31.42
N GLY E 58 43.15 1.93 32.17
CA GLY E 58 44.50 2.46 31.91
C GLY E 58 44.64 3.92 32.33
N HIS E 59 44.27 4.23 33.58
CA HIS E 59 44.45 5.57 34.21
C HIS E 59 45.69 5.54 35.11
N LEU E 60 46.87 5.64 34.49
CA LEU E 60 48.21 5.56 35.15
C LEU E 60 48.31 6.59 36.28
N GLU E 61 47.89 7.83 36.01
CA GLU E 61 48.00 8.97 36.96
C GLU E 61 47.22 8.64 38.24
N ILE E 62 46.11 7.91 38.12
CA ILE E 62 45.24 7.46 39.25
C ILE E 62 45.91 6.27 39.96
N VAL E 63 46.46 5.31 39.20
CA VAL E 63 47.14 4.09 39.73
C VAL E 63 48.25 4.52 40.71
N GLU E 64 49.00 5.57 40.35
CA GLU E 64 50.09 6.14 41.19
C GLU E 64 49.49 6.72 42.48
N VAL E 65 48.41 7.51 42.37
CA VAL E 65 47.70 8.16 43.51
C VAL E 65 47.20 7.08 44.47
N LEU E 66 46.55 6.04 43.95
CA LEU E 66 45.94 4.92 44.72
C LEU E 66 47.04 4.19 45.51
N LEU E 67 48.14 3.82 44.84
CA LEU E 67 49.29 3.07 45.43
C LEU E 67 49.98 3.94 46.50
N LYS E 68 49.97 5.27 46.34
CA LYS E 68 50.60 6.23 47.28
C LYS E 68 49.82 6.25 48.60
N ASN E 69 48.50 6.02 48.54
CA ASN E 69 47.60 5.98 49.73
C ASN E 69 47.36 4.53 50.15
N GLY E 70 48.24 3.62 49.76
CA GLY E 70 48.29 2.22 50.24
C GLY E 70 47.16 1.37 49.67
N ALA E 71 46.96 1.40 48.35
CA ALA E 71 46.02 0.53 47.61
C ALA E 71 46.65 -0.86 47.47
N ASP E 72 46.00 -1.89 48.03
CA ASP E 72 46.46 -3.30 48.00
C ASP E 72 46.79 -3.68 46.54
N VAL E 73 48.08 -3.75 46.21
CA VAL E 73 48.61 -4.00 44.83
C VAL E 73 48.31 -5.46 44.44
N ASN E 74 48.25 -6.37 45.41
CA ASN E 74 47.99 -7.82 45.21
C ASN E 74 46.53 -8.15 45.54
N ALA E 75 45.65 -7.15 45.56
CA ALA E 75 44.17 -7.32 45.64
C ALA E 75 43.71 -8.14 44.45
N TYR E 76 42.91 -9.18 44.68
CA TYR E 76 42.41 -10.12 43.63
C TYR E 76 40.88 -10.16 43.68
N ASP E 77 40.24 -10.24 42.50
CA ASP E 77 38.77 -10.21 42.32
C ASP E 77 38.19 -11.58 42.69
N THR E 78 36.91 -11.82 42.36
CA THR E 78 36.17 -13.05 42.72
C THR E 78 36.59 -14.24 41.83
N LEU E 79 37.44 -13.99 40.82
CA LEU E 79 38.02 -15.03 39.92
C LEU E 79 39.55 -15.09 40.08
N GLY E 80 40.12 -14.34 41.04
CA GLY E 80 41.55 -14.41 41.41
C GLY E 80 42.44 -13.55 40.52
N SER E 81 41.86 -12.65 39.73
CA SER E 81 42.57 -11.72 38.81
C SER E 81 42.94 -10.43 39.56
N THR E 82 44.19 -9.97 39.40
CA THR E 82 44.77 -8.77 40.07
C THR E 82 44.81 -7.61 39.07
N PRO E 83 45.12 -6.37 39.51
CA PRO E 83 45.32 -5.25 38.57
C PRO E 83 46.46 -5.49 37.57
N LEU E 84 47.49 -6.26 37.96
CA LEU E 84 48.65 -6.60 37.10
C LEU E 84 48.18 -7.49 35.94
N HIS E 85 47.28 -8.44 36.20
CA HIS E 85 46.63 -9.30 35.17
C HIS E 85 46.00 -8.41 34.09
N LEU E 86 45.22 -7.41 34.51
CA LEU E 86 44.46 -6.50 33.61
C LEU E 86 45.45 -5.59 32.86
N ALA E 87 46.37 -4.94 33.58
CA ALA E 87 47.38 -4.01 33.04
C ALA E 87 48.20 -4.70 31.94
N ALA E 88 48.69 -5.91 32.21
CA ALA E 88 49.57 -6.70 31.31
C ALA E 88 48.76 -7.23 30.12
N HIS E 89 47.46 -7.48 30.31
CA HIS E 89 46.55 -8.09 29.30
C HIS E 89 46.17 -7.06 28.23
N PHE E 90 45.91 -5.80 28.64
CA PHE E 90 45.40 -4.71 27.77
C PHE E 90 46.52 -3.70 27.45
N GLY E 91 47.77 -4.15 27.51
CA GLY E 91 48.94 -3.43 26.95
C GLY E 91 49.16 -2.06 27.57
N HIS E 92 49.05 -1.95 28.89
CA HIS E 92 49.30 -0.70 29.67
C HIS E 92 50.71 -0.77 30.28
N LEU E 93 51.73 -0.63 29.42
CA LEU E 93 53.17 -0.84 29.74
C LEU E 93 53.58 -0.02 30.97
N GLU E 94 53.26 1.29 30.99
CA GLU E 94 53.63 2.23 32.08
C GLU E 94 53.05 1.74 33.42
N ILE E 95 51.80 1.27 33.41
CA ILE E 95 51.06 0.82 34.63
C ILE E 95 51.65 -0.50 35.15
N VAL E 96 52.05 -1.40 34.24
CA VAL E 96 52.66 -2.72 34.59
C VAL E 96 53.94 -2.47 35.40
N GLU E 97 54.75 -1.50 34.98
CA GLU E 97 56.02 -1.10 35.66
C GLU E 97 55.70 -0.53 37.05
N VAL E 98 54.83 0.49 37.11
CA VAL E 98 54.41 1.20 38.36
C VAL E 98 53.89 0.17 39.38
N LEU E 99 53.10 -0.80 38.91
CA LEU E 99 52.56 -1.91 39.75
C LEU E 99 53.72 -2.77 40.28
N LEU E 100 54.55 -3.29 39.37
CA LEU E 100 55.70 -4.17 39.69
C LEU E 100 56.67 -3.46 40.64
N LYS E 101 56.92 -2.16 40.40
CA LYS E 101 57.83 -1.30 41.22
C LYS E 101 57.27 -1.16 42.64
N ASN E 102 55.94 -1.21 42.80
CA ASN E 102 55.24 -1.12 44.11
C ASN E 102 54.92 -2.53 44.63
N GLY E 103 55.74 -3.53 44.26
CA GLY E 103 55.72 -4.89 44.83
C GLY E 103 54.48 -5.67 44.45
N ALA E 104 54.21 -5.79 43.15
CA ALA E 104 53.11 -6.60 42.56
C ALA E 104 53.62 -8.02 42.29
N ASP E 105 52.88 -9.04 42.75
CA ASP E 105 53.21 -10.48 42.55
C ASP E 105 53.18 -10.77 41.04
N VAL E 106 54.36 -10.92 40.42
CA VAL E 106 54.53 -11.14 38.96
C VAL E 106 54.13 -12.57 38.60
N ASN E 107 54.22 -13.50 39.56
CA ASN E 107 53.88 -14.95 39.38
C ASN E 107 52.44 -15.21 39.82
N ALA E 108 51.66 -14.15 40.08
CA ALA E 108 50.25 -14.22 40.54
C ALA E 108 49.42 -15.07 39.57
N LYS E 109 48.84 -16.16 40.07
CA LYS E 109 47.95 -17.08 39.30
C LYS E 109 46.49 -16.83 39.71
N ASP E 110 45.59 -16.66 38.74
CA ASP E 110 44.13 -16.51 38.96
C ASP E 110 43.53 -17.91 39.15
N ASP E 111 42.20 -18.02 39.24
CA ASP E 111 41.46 -19.30 39.50
C ASP E 111 41.75 -20.31 38.40
N ASN E 112 42.14 -19.85 37.19
CA ASN E 112 42.40 -20.70 36.00
C ASN E 112 43.89 -21.03 35.90
N GLY E 113 44.73 -20.46 36.78
CA GLY E 113 46.19 -20.62 36.77
C GLY E 113 46.88 -19.68 35.79
N ILE E 114 46.13 -18.73 35.23
CA ILE E 114 46.64 -17.73 34.23
C ILE E 114 47.41 -16.64 34.99
N THR E 115 48.61 -16.30 34.50
CA THR E 115 49.53 -15.28 35.08
C THR E 115 49.57 -14.06 34.15
N PRO E 116 50.04 -12.89 34.63
CA PRO E 116 50.14 -11.69 33.80
C PRO E 116 50.98 -11.91 32.52
N LEU E 117 51.98 -12.80 32.60
CA LEU E 117 52.85 -13.16 31.45
C LEU E 117 52.03 -13.92 30.39
N HIS E 118 51.19 -14.87 30.83
CA HIS E 118 50.26 -15.63 29.96
C HIS E 118 49.40 -14.66 29.14
N LEU E 119 48.83 -13.65 29.81
CA LEU E 119 47.92 -12.63 29.19
C LEU E 119 48.74 -11.70 28.28
N ALA E 120 49.93 -11.28 28.73
CA ALA E 120 50.87 -10.43 27.97
C ALA E 120 51.32 -11.16 26.69
N ALA E 121 51.62 -12.46 26.81
CA ALA E 121 52.05 -13.34 25.70
C ALA E 121 50.89 -13.57 24.73
N ASN E 122 49.67 -13.75 25.25
CA ASN E 122 48.45 -14.09 24.48
C ASN E 122 48.12 -12.95 23.50
N ARG E 123 48.06 -11.71 23.99
CA ARG E 123 47.72 -10.50 23.19
C ARG E 123 48.96 -10.00 22.44
N GLY E 124 50.15 -10.50 22.79
CA GLY E 124 51.40 -10.23 22.06
C GLY E 124 52.01 -8.89 22.41
N HIS E 125 51.86 -8.44 23.66
CA HIS E 125 52.47 -7.20 24.20
C HIS E 125 53.95 -7.46 24.51
N LEU E 126 54.79 -7.46 23.47
CA LEU E 126 56.21 -7.92 23.50
C LEU E 126 57.00 -7.11 24.54
N GLU E 127 56.70 -5.83 24.68
CA GLU E 127 57.41 -4.89 25.61
C GLU E 127 57.13 -5.31 27.06
N ILE E 128 55.85 -5.53 27.38
CA ILE E 128 55.36 -5.90 28.75
C ILE E 128 55.93 -7.26 29.15
N VAL E 129 56.00 -8.22 28.21
CA VAL E 129 56.54 -9.59 28.45
C VAL E 129 57.97 -9.47 28.99
N GLU E 130 58.79 -8.60 28.39
CA GLU E 130 60.21 -8.35 28.79
C GLU E 130 60.26 -7.73 30.19
N VAL E 131 59.33 -6.83 30.51
CA VAL E 131 59.24 -6.12 31.82
C VAL E 131 58.88 -7.14 32.92
N LEU E 132 57.95 -8.06 32.63
CA LEU E 132 57.53 -9.13 33.57
C LEU E 132 58.71 -10.08 33.83
N LEU E 133 59.36 -10.55 32.76
CA LEU E 133 60.56 -11.44 32.82
C LEU E 133 61.66 -10.80 33.66
N LYS E 134 61.85 -9.48 33.50
CA LYS E 134 62.88 -8.67 34.22
C LYS E 134 62.66 -8.78 35.73
N TYR E 135 61.40 -8.82 36.18
CA TYR E 135 61.00 -8.87 37.61
C TYR E 135 60.83 -10.32 38.08
N GLY E 136 61.35 -11.29 37.32
CA GLY E 136 61.41 -12.72 37.70
C GLY E 136 60.09 -13.44 37.45
N ALA E 137 59.45 -13.19 36.30
CA ALA E 137 58.22 -13.88 35.85
C ALA E 137 58.58 -15.30 35.42
N ASP E 138 58.01 -16.30 36.09
CA ASP E 138 58.28 -17.75 35.85
C ASP E 138 57.81 -18.10 34.44
N VAL E 139 58.74 -18.49 33.55
CA VAL E 139 58.48 -18.85 32.13
C VAL E 139 57.86 -20.25 32.07
N ASN E 140 58.27 -21.14 32.98
CA ASN E 140 57.79 -22.55 33.06
C ASN E 140 56.39 -22.60 33.69
N ALA E 141 55.92 -21.49 34.26
CA ALA E 141 54.57 -21.33 34.87
C ALA E 141 53.51 -21.85 33.89
N GLN E 142 52.75 -22.86 34.31
CA GLN E 142 51.61 -23.45 33.54
C GLN E 142 50.29 -22.92 34.12
N ASP E 143 49.22 -23.02 33.33
CA ASP E 143 47.82 -22.73 33.77
C ASP E 143 47.15 -24.06 34.09
N LYS E 144 45.81 -24.12 34.09
CA LYS E 144 45.02 -25.34 34.42
C LYS E 144 45.10 -26.35 33.27
N PHE E 145 45.54 -25.94 32.08
CA PHE E 145 45.63 -26.77 30.85
C PHE E 145 47.08 -27.19 30.57
N GLY E 146 48.01 -26.84 31.47
CA GLY E 146 49.44 -27.18 31.35
C GLY E 146 50.09 -26.47 30.17
N LYS E 147 49.71 -25.22 29.92
CA LYS E 147 50.23 -24.37 28.81
C LYS E 147 51.07 -23.25 29.41
N THR E 148 52.30 -23.08 28.92
CA THR E 148 53.24 -21.98 29.29
C THR E 148 53.01 -20.79 28.36
N ALA E 149 53.65 -19.65 28.65
CA ALA E 149 53.59 -18.41 27.85
C ALA E 149 54.25 -18.65 26.49
N PHE E 150 55.19 -19.59 26.41
CA PHE E 150 55.90 -20.00 25.17
C PHE E 150 54.96 -20.85 24.30
N ASP E 151 54.18 -21.76 24.91
CA ASP E 151 53.17 -22.61 24.23
C ASP E 151 52.14 -21.70 23.54
N ILE E 152 51.81 -20.56 24.15
CA ILE E 152 50.90 -19.53 23.59
C ILE E 152 51.51 -18.94 22.30
N SER E 153 52.78 -18.53 22.37
CA SER E 153 53.51 -17.84 21.26
C SER E 153 53.61 -18.75 20.03
N ILE E 154 53.85 -20.05 20.23
CA ILE E 154 53.97 -21.08 19.15
C ILE E 154 52.60 -21.30 18.50
N ASN E 155 51.54 -21.36 19.30
CA ASN E 155 50.14 -21.57 18.85
C ASN E 155 49.64 -20.30 18.14
N ASN E 156 49.96 -19.12 18.69
CA ASN E 156 49.62 -17.80 18.10
C ASN E 156 50.45 -17.57 16.84
N GLY E 157 51.60 -18.24 16.71
CA GLY E 157 52.51 -18.13 15.56
C GLY E 157 53.31 -16.83 15.61
N ASN E 158 53.60 -16.35 16.82
CA ASN E 158 54.38 -15.11 17.07
C ASN E 158 55.87 -15.46 17.01
N GLU E 159 56.59 -14.86 16.06
CA GLU E 159 58.04 -15.09 15.81
C GLU E 159 58.86 -14.38 16.89
N ASP E 160 58.56 -13.09 17.10
CA ASP E 160 59.29 -12.17 18.02
C ASP E 160 59.16 -12.66 19.46
N LEU E 161 57.94 -13.08 19.86
CA LEU E 161 57.62 -13.50 21.25
C LEU E 161 58.30 -14.82 21.59
N ALA E 162 58.24 -15.79 20.67
CA ALA E 162 58.78 -17.16 20.83
C ALA E 162 60.30 -17.11 21.09
N GLU E 163 61.01 -16.18 20.45
CA GLU E 163 62.49 -16.03 20.55
C GLU E 163 62.86 -15.49 21.94
N ILE E 164 62.00 -14.65 22.53
CA ILE E 164 62.23 -14.02 23.87
C ILE E 164 62.09 -15.08 24.96
N LEU E 165 61.22 -16.06 24.77
CA LEU E 165 60.85 -17.10 25.78
C LEU E 165 61.62 -18.40 25.50
N GLN E 166 62.82 -18.32 24.91
CA GLN E 166 63.77 -19.44 24.75
C GLN E 166 65.20 -18.89 24.64
C1B LMT F . -17.21 48.60 -9.40
C2B LMT F . -18.40 48.08 -10.19
C3B LMT F . -18.30 48.53 -11.64
C4B LMT F . -18.14 50.05 -11.72
C5B LMT F . -17.03 50.57 -10.81
C6B LMT F . -17.08 52.09 -10.71
O1B LMT F . -16.03 47.98 -9.90
O2B LMT F . -18.43 46.65 -10.14
O3B LMT F . -19.49 48.13 -12.35
O4' LMT F . -17.84 50.41 -13.08
O5B LMT F . -17.13 50.03 -9.49
O6B LMT F . -15.77 52.62 -10.50
C1' LMT F . -13.36 45.20 -8.25
C2' LMT F . -14.76 45.22 -7.65
C3' LMT F . -15.73 45.95 -8.56
C4' LMT F . -15.20 47.33 -8.92
C5' LMT F . -13.79 47.21 -9.48
C6' LMT F . -13.20 48.57 -9.86
O1' LMT F . -12.44 44.60 -7.32
O2' LMT F . -15.22 43.88 -7.43
O3' LMT F . -17.00 46.04 -7.90
O5' LMT F . -12.95 46.54 -8.53
O6' LMT F . -11.89 48.44 -10.41
C1 LMT F . -12.15 43.23 -7.61
C2 LMT F . -11.07 42.70 -6.67
C3 LMT F . -9.68 42.71 -7.29
C4 LMT F . -8.79 41.59 -6.75
C5 LMT F . -8.76 40.39 -7.69
C6 LMT F . -7.77 40.57 -8.85
C7 LMT F . -6.74 39.44 -8.94
C8 LMT F . -7.22 38.31 -9.85
C9 LMT F . -6.14 37.26 -10.05
C10 LMT F . -6.36 36.49 -11.35
C11 LMT F . -5.48 35.25 -11.41
C12 LMT F . -6.19 34.03 -10.85
C1B LMT G . -21.69 9.40 15.08
C2B LMT G . -22.79 9.40 16.15
C3B LMT G . -24.01 8.62 15.68
C4B LMT G . -24.07 8.51 14.17
C5B LMT G . -22.80 7.85 13.61
C6B LMT G . -22.52 8.30 12.17
O1B LMT G . -20.42 9.67 15.68
O2B LMT G . -22.28 8.81 17.36
O3B LMT G . -25.20 9.26 16.17
O4' LMT G . -25.22 7.73 13.78
O5B LMT G . -21.65 8.14 14.41
O6B LMT G . -23.61 7.92 11.32
C1' LMT G . -18.22 13.05 16.49
C2' LMT G . -19.66 13.34 16.10
C3' LMT G . -20.49 12.06 16.09
C4' LMT G . -19.81 10.93 15.33
C5' LMT G . -18.31 10.83 15.63
C6' LMT G . -17.59 9.90 14.67
O1' LMT G . -17.46 14.26 16.44
O2' LMT G . -20.24 14.27 17.01
O3' LMT G . -21.75 12.39 15.52
O5' LMT G . -17.67 12.10 15.56
O6' LMT G . -18.21 8.60 14.66
C1 LMT G . -17.20 14.83 17.72
C2 LMT G . -16.21 16.00 17.60
C3 LMT G . -16.47 16.87 16.37
C4 LMT G . -17.85 17.51 16.41
C5 LMT G . -17.81 18.92 15.84
C6 LMT G . -19.16 19.61 15.97
C7 LMT G . -19.15 20.93 15.20
C8 LMT G . -20.41 21.74 15.45
C9 LMT G . -20.18 23.21 15.11
C10 LMT G . -21.47 23.86 14.61
C11 LMT G . -21.41 25.38 14.78
C12 LMT G . -22.39 26.06 13.85
C1B LMT H . -9.67 70.52 18.77
C2B LMT H . -10.74 71.56 18.45
C3B LMT H . -10.71 71.95 16.99
C4B LMT H . -9.30 72.39 16.57
C5B LMT H . -8.26 71.35 16.98
C6B LMT H . -6.85 71.88 16.73
O1B LMT H . -9.98 69.29 18.10
O2B LMT H . -12.04 71.03 18.77
O3B LMT H . -11.63 73.01 16.75
O4' LMT H . -9.27 72.57 15.15
O5B LMT H . -8.39 71.01 18.36
O6B LMT H . -6.01 70.82 16.26
C1' LMT H . -9.90 65.24 19.18
C2' LMT H . -10.98 66.11 19.82
C3' LMT H . -11.17 67.41 19.06
C4' LMT H . -9.82 68.11 18.89
C5' LMT H . -8.82 67.16 18.24
C6' LMT H . -7.47 67.84 18.06
O1' LMT H . -9.66 64.09 19.99
O2' LMT H . -12.22 65.39 19.83
O3' LMT H . -12.08 68.26 19.75
O5' LMT H . -8.69 65.99 19.05
O6' LMT H . -6.47 66.87 17.71
C1 LMT H . -9.25 62.95 19.25
C2 LMT H . -8.50 61.95 20.15
C3 LMT H . -9.02 60.53 19.96
C4 LMT H . -8.05 59.51 20.55
C5 LMT H . -7.06 58.99 19.49
C6 LMT H . -6.29 57.78 19.99
C7 LMT H . -4.79 58.07 20.13
C8 LMT H . -4.09 56.98 20.95
C9 LMT H . -2.64 57.35 21.22
C10 LMT H . -2.09 56.55 22.40
C11 LMT H . -2.40 57.23 23.73
C12 LMT H . -1.31 58.21 24.12
C1 D10 I . 5.24 45.12 -8.31
C2 D10 I . 4.79 46.49 -7.87
C3 D10 I . 4.19 47.32 -8.98
C4 D10 I . 4.23 48.82 -8.75
C5 D10 I . 3.50 49.63 -9.78
C6 D10 I . 4.05 51.03 -10.00
C7 D10 I . 2.99 52.09 -10.20
C8 D10 I . 3.42 53.22 -11.11
C9 D10 I . 2.72 54.53 -10.85
C10 D10 I . 2.65 55.46 -12.05
C1 EDO J . 3.99 -20.21 19.79
O1 EDO J . 3.75 -18.95 20.37
C2 EDO J . 3.43 -20.34 18.42
O2 EDO J . 4.35 -19.98 17.41
C1B LMT K . 9.66 30.10 13.04
C2B LMT K . 11.19 30.05 12.86
C3B LMT K . 11.70 28.62 12.76
C4B LMT K . 10.91 27.71 13.67
C5B LMT K . 9.43 27.70 13.32
C6B LMT K . 8.55 27.56 14.55
O1B LMT K . 9.13 31.18 12.29
O2B LMT K . 11.58 30.78 11.69
O3B LMT K . 13.09 28.58 13.08
O4' LMT K . 11.43 26.37 13.59
O5B LMT K . 9.06 28.88 12.59
O6B LMT K . 8.69 26.24 15.08
C1' LMT K . 7.48 34.93 13.16
C2' LMT K . 8.76 34.57 13.90
C3' LMT K . 9.46 33.33 13.34
C4' LMT K . 8.47 32.21 13.03
C5' LMT K . 7.29 32.75 12.23
C6' LMT K . 6.27 31.65 11.92
O1' LMT K . 6.75 35.89 13.92
O2' LMT K . 9.66 35.68 13.83
O3' LMT K . 10.43 32.87 14.28
O5' LMT K . 6.65 33.78 12.97
O6' LMT K . 5.15 32.22 11.22
C1 LMT K . 6.14 36.92 13.17
C2 LMT K . 4.97 36.39 12.33
C3 LMT K . 3.91 37.48 12.14
C4 LMT K . 3.23 37.34 10.78
C5 LMT K . 2.20 38.45 10.56
C6 LMT K . 2.86 39.79 10.26
C7 LMT K . 1.87 40.77 9.64
C8 LMT K . 1.84 40.64 8.12
C9 LMT K . 0.54 41.16 7.54
C10 LMT K . 0.40 40.77 6.07
C11 LMT K . -0.97 41.15 5.52
C12 LMT K . -0.97 42.57 4.98
C1 EDO L . -11.61 -38.39 8.14
O1 EDO L . -11.92 -37.53 7.06
C2 EDO L . -12.76 -38.69 9.03
O2 EDO L . -13.16 -40.04 9.00
C1 EDO M . 9.48 -23.83 17.09
O1 EDO M . 10.56 -24.65 17.45
C2 EDO M . 8.19 -24.24 17.72
O2 EDO M . 7.88 -25.61 17.49
C1 3YI N . 15.19 7.21 24.45
N1 3YI N . 16.67 6.39 26.21
O1 3YI N . 16.13 6.82 23.53
C2 3YI N . 15.45 6.98 25.79
O2 3YI N . 14.62 7.68 21.76
C3 3YI N . 14.47 7.40 26.75
O3 3YI N . 10.39 9.68 22.92
C4 3YI N . 13.28 8.00 26.39
O4 3YI N . 10.37 9.26 26.42
C5 3YI N . 11.84 8.84 24.56
O5 3YI N . 10.09 11.56 24.17
C6 3YI N . 11.59 9.06 23.22
O6 3YI N . 13.78 13.45 24.67
C7 3YI N . 12.53 8.68 22.23
O7 3YI N . 14.07 13.01 28.66
C8 3YI N . 13.69 8.07 22.67
O8 3YI N . 15.41 14.80 28.99
C9 3YI N . 13.99 7.83 24.05
O9 3YI N . 17.82 12.17 27.71
C10 3YI N . 13.00 8.24 25.00
O10 3YI N . 18.70 9.73 27.69
C11 3YI N . 10.69 9.36 25.26
O11 3YI N . 15.54 4.49 26.90
C12 3YI N . 9.90 10.14 24.19
O12 3YI N . 12.40 8.38 27.35
C13 3YI N . 8.43 9.76 24.23
O13 3YI N . 13.84 6.57 28.85
C14 3YI N . 12.27 8.91 20.80
C15 3YI N . 16.62 5.07 26.78
C16 3YI N . 17.91 4.45 27.17
C17 3YI N . 18.75 5.03 28.07
C18 3YI N . 18.48 6.29 28.75
C19 3YI N . 19.41 7.21 29.00
C20 3YI N . 19.11 8.47 29.75
C21 3YI N . 18.17 9.40 28.92
C22 3YI N . 17.91 10.75 29.70
C23 3YI N . 17.09 11.79 28.84
C24 3YI N . 15.72 11.22 28.34
C25 3YI N . 14.88 12.36 27.66
C26 3YI N . 13.95 11.83 26.52
C27 3YI N . 13.14 13.02 25.88
C28 3YI N . 11.73 12.56 25.58
C29 3YI N . 11.40 11.98 24.43
C30 3YI N . 18.31 3.18 26.55
C31 3YI N . 18.47 8.22 31.12
C32 3YI N . 19.21 11.40 30.14
C33 3YI N . 14.92 10.55 29.45
C34 3YI N . 14.77 11.11 25.44
C35 3YI N . 14.28 14.33 28.97
C36 3YI N . 13.06 15.14 29.27
C37 3YI N . 14.43 14.70 24.79
C38 3YI N . 14.63 7.21 28.20
C1B LMT O . -35.38 33.53 -14.20
C2B LMT O . -35.89 34.95 -13.94
C3B LMT O . -34.88 36.01 -14.39
C4B LMT O . -33.49 35.43 -14.55
C5B LMT O . -33.48 34.26 -15.54
C6B LMT O . -32.27 33.35 -15.37
O1B LMT O . -36.46 32.59 -14.20
O2B LMT O . -37.13 35.16 -14.63
O3B LMT O . -34.85 37.09 -13.44
O4' LMT O . -32.60 36.45 -15.02
O5B LMT O . -34.70 33.50 -15.46
O6B LMT O . -32.15 32.89 -14.02
C1' LMT O . -36.70 28.83 -12.23
C2' LMT O . -37.42 30.02 -11.60
C3' LMT O . -37.65 31.14 -12.61
C4' LMT O . -36.32 31.48 -13.30
C5' LMT O . -35.85 30.22 -13.99
C6' LMT O . -34.63 30.41 -14.89
O1' LMT O . -36.30 27.91 -11.20
O2' LMT O . -38.68 29.59 -11.06
O3' LMT O . -38.20 32.30 -11.96
O5' LMT O . -35.54 29.27 -12.97
O6' LMT O . -34.17 29.14 -15.36
C1 LMT O . -35.27 26.98 -11.58
C2 LMT O . -35.63 25.59 -11.09
C3 LMT O . -35.47 25.46 -9.57
C4 LMT O . -34.23 24.67 -9.16
C5 LMT O . -34.59 23.67 -8.07
C6 LMT O . -33.34 23.06 -7.44
C7 LMT O . -33.05 23.70 -6.08
C8 LMT O . -31.78 23.13 -5.47
C9 LMT O . -30.54 23.98 -5.79
C10 LMT O . -29.56 24.06 -4.62
C11 LMT O . -28.52 22.96 -4.65
C12 LMT O . -27.34 23.30 -3.77
C1 EDO P . 10.20 7.21 -5.62
O1 EDO P . 11.39 7.99 -5.68
C2 EDO P . 9.18 7.78 -4.72
O2 EDO P . 8.25 6.83 -4.24
C1B LMT Q . -70.12 12.92 -10.04
C2B LMT Q . -71.25 13.53 -10.86
C3B LMT Q . -71.19 15.05 -10.84
C4B LMT Q . -71.14 15.55 -9.40
C5B LMT Q . -69.98 14.90 -8.66
C6B LMT Q . -69.88 15.35 -7.20
O1B LMT Q . -68.86 13.17 -10.69
O2B LMT Q . -71.17 13.05 -12.21
O3B LMT Q . -72.33 15.59 -11.51
O4' LMT Q . -70.99 16.98 -9.39
O5B LMT Q . -70.11 13.47 -8.72
O6B LMT Q . -71.15 15.25 -6.56
C1' LMT Q . -65.80 10.75 -12.21
C2' LMT Q . -66.93 11.12 -13.16
C3' LMT Q . -67.69 12.33 -12.63
C4' LMT Q . -68.20 12.03 -11.24
C5' LMT Q . -67.03 11.63 -10.33
C6' LMT Q . -67.52 11.28 -8.93
O1' LMT Q . -65.15 9.58 -12.69
O2' LMT Q . -66.40 11.39 -14.47
O3' LMT Q . -68.80 12.64 -13.50
O5' LMT Q . -66.33 10.51 -10.90
O6' LMT Q . -66.55 10.52 -8.21
C1 LMT Q . -63.72 9.62 -12.60
C2 LMT Q . -63.15 8.22 -12.77
C3 LMT Q . -62.00 7.95 -11.81
C4 LMT Q . -61.57 6.49 -11.89
C5 LMT Q . -60.17 6.26 -11.32
C6 LMT Q . -60.19 6.15 -9.79
C7 LMT Q . -60.61 4.76 -9.32
C8 LMT Q . -59.44 3.98 -8.74
C9 LMT Q . -59.85 2.54 -8.43
C10 LMT Q . -58.71 1.76 -7.77
C11 LMT Q . -58.57 0.36 -8.34
C12 LMT Q . -59.70 -0.54 -7.92
C1 GOL R . 14.75 -29.82 -1.86
O1 GOL R . 15.46 -28.67 -2.29
C2 GOL R . 13.57 -30.12 -2.76
O2 GOL R . 13.85 -29.70 -4.09
C3 GOL R . 12.28 -29.49 -2.29
O3 GOL R . 11.59 -30.31 -1.35
C1 HEX S . -25.99 31.05 -21.60
C2 HEX S . -24.76 30.34 -22.12
C3 HEX S . -24.76 28.85 -21.83
C4 HEX S . -23.57 28.11 -22.39
C5 HEX S . -23.39 26.72 -21.83
C6 HEX S . -22.48 25.82 -22.65
C1B LMT T . -62.05 5.00 -38.54
C2B LMT T . -60.92 3.97 -38.37
C3B LMT T . -61.18 3.02 -37.20
C4B LMT T . -62.66 2.96 -36.84
C5B LMT T . -63.53 3.10 -38.09
C6B LMT T . -65.01 2.96 -37.76
O1B LMT T . -61.72 5.89 -39.62
O2B LMT T . -60.77 3.22 -39.58
O3B LMT T . -60.43 3.43 -36.05
O4' LMT T . -62.92 1.72 -36.19
O5B LMT T . -63.31 4.35 -38.75
O6B LMT T . -65.80 3.10 -38.95
C1' LMT T . -62.72 7.90 -42.82
C2' LMT T . -63.55 7.93 -41.52
C3' LMT T . -63.70 6.56 -40.85
C4' LMT T . -62.42 5.70 -40.85
C5' LMT T . -61.48 6.05 -42.01
C6' LMT T . -60.69 4.84 -42.52
O1' LMT T . -63.52 8.36 -43.91
O2' LMT T . -62.97 8.85 -40.60
O3' LMT T . -64.75 5.84 -41.50
O5' LMT T . -62.26 6.58 -43.09
O6' LMT T . -59.30 4.98 -42.17
C1 LMT T . -62.77 8.57 -45.12
C2 LMT T . -63.24 9.86 -45.80
C3 LMT T . -63.15 11.06 -44.87
C4 LMT T . -64.50 11.37 -44.21
C5 LMT T . -64.34 12.08 -42.87
C6 LMT T . -65.63 11.92 -42.05
C7 LMT T . -66.03 13.10 -41.14
C8 LMT T . -65.60 14.48 -41.61
C9 LMT T . -66.42 15.60 -40.98
C10 LMT T . -66.43 15.51 -39.45
C11 LMT T . -66.79 16.84 -38.79
C12 LMT T . -68.12 16.76 -38.07
C1 EDO U . -60.38 23.00 -20.20
O1 EDO U . -60.97 23.04 -18.93
C2 EDO U . -61.34 22.71 -21.30
O2 EDO U . -61.28 21.39 -21.77
C1 3YI V . -20.31 -24.60 2.24
N1 3YI V . -20.51 -26.63 3.54
O1 3YI V . -19.81 -23.94 3.31
C2 3YI V . -20.60 -25.95 2.36
O2 3YI V . -19.70 -21.89 1.86
C3 3YI V . -21.17 -26.63 1.25
O3 3YI V . -21.22 -22.18 -2.73
C4 3YI V . -21.39 -26.05 0.04
O4 3YI V . -22.02 -25.58 -2.98
C5 3YI V . -21.26 -24.01 -1.31
O5 3YI V . -23.38 -22.72 -3.36
C6 3YI V . -20.95 -22.69 -1.48
O6 3YI V . -25.50 -22.05 0.22
C7 3YI V . -20.42 -21.92 -0.41
O7 3YI V . -27.02 -25.61 0.66
C8 3YI V . -20.22 -22.57 0.79
O8 3YI V . -28.91 -26.59 1.39
C9 3YI V . -20.53 -23.96 0.99
O9 3YI V . -25.85 -25.75 4.54
C10 3YI V . -21.07 -24.67 -0.13
O10 3YI V . -24.25 -27.27 5.92
C11 3YI V . -21.79 -24.48 -2.58
O11 3YI V . -18.79 -28.07 2.87
C12 3YI V . -22.02 -23.20 -3.38
O12 3YI V . -21.91 -26.77 -0.98
C13 3YI V . -21.44 -23.36 -4.78
O13 3YI V . -20.75 -28.92 1.02
C14 3YI V . -20.07 -20.50 -0.56
C15 3YI V . -19.58 -27.72 3.74
C16 3YI V . -19.74 -28.34 5.05
C17 3YI V . -21.03 -28.76 5.20
C18 3YI V . -21.61 -29.39 6.36
C19 3YI V . -22.88 -29.79 6.49
C20 3YI V . -23.94 -29.70 5.36
C21 3YI V . -24.31 -28.22 4.90
C22 3YI V . -25.76 -28.19 4.29
C23 3YI V . -26.15 -26.78 3.66
C24 3YI V . -25.39 -26.46 2.30
C25 3YI V . -26.00 -25.20 1.58
C26 3YI V . -24.91 -24.40 0.77
C27 3YI V . -25.58 -23.38 -0.28
C28 3YI V . -24.89 -23.49 -1.64
C29 3YI V . -23.98 -22.60 -2.08
C30 3YI V . -18.66 -28.46 6.05
C31 3YI V . -23.58 -30.53 4.10
C32 3YI V . -26.80 -28.58 5.35
C33 3YI V . -25.36 -27.65 1.36
C34 3YI V . -23.99 -23.64 1.74
C35 3YI V . -28.32 -25.56 1.07
C36 3YI V . -28.97 -24.22 1.10
C37 3YI V . -26.61 -21.65 0.98
C38 3YI V . -21.55 -28.04 1.28
S SO4 W . -43.41 15.65 -42.65
O1 SO4 W . -42.73 16.19 -43.81
O2 SO4 W . -44.75 16.17 -42.61
O3 SO4 W . -43.47 14.21 -42.77
O4 SO4 W . -42.70 16.01 -41.46
C1 PTY X . -25.98 24.34 -43.74
C2 PTY X . -23.55 30.35 -42.53
C3 PTY X . -22.54 29.56 -43.31
O4 PTY X . -26.43 23.44 -42.69
C5 PTY X . -23.84 25.09 -44.86
C6 PTY X . -24.53 24.02 -44.06
O7 PTY X . -24.51 22.78 -44.82
C8 PTY X . -23.47 21.95 -44.64
O10 PTY X . -22.45 22.06 -45.27
C11 PTY X . -23.74 20.89 -43.60
C12 PTY X . -22.87 19.68 -43.72
C13 PTY X . -23.01 18.74 -42.54
C14 PTY X . -21.83 18.72 -41.60
C15 PTY X . -21.64 17.42 -40.86
C16 PTY X . -20.62 17.48 -39.74
C17 PTY X . -19.75 16.25 -39.62
C18 PTY X . -19.02 16.13 -38.31
C19 PTY X . -17.95 15.07 -38.29
C20 PTY X . -18.03 14.11 -37.13
C21 PTY X . -16.92 13.10 -37.07
C22 PTY X . -17.37 11.67 -36.87
C23 PTY X . -16.26 10.67 -36.74
C24 PTY X . -16.66 9.24 -37.02
C25 PTY X . -15.82 8.21 -36.31
C26 PTY X . -14.39 8.11 -36.79
C27 PTY X . -13.34 8.24 -35.71
C28 PTY X . -11.93 7.96 -36.15
C29 PTY X . -10.88 8.34 -35.13
C30 PTY X . -27.70 23.55 -42.32
C31 PTY X . -27.81 23.82 -40.84
O30 PTY X . -28.63 23.43 -43.06
C32 PTY X . -27.33 22.69 -39.96
C33 PTY X . -28.43 21.70 -39.61
C34 PTY X . -28.10 20.26 -39.96
C35 PTY X . -26.93 19.68 -39.20
C36 PTY X . -26.88 18.18 -39.20
C37 PTY X . -25.58 17.60 -38.67
C38 PTY X . -25.65 16.12 -38.34
C39 PTY X . -24.39 15.57 -37.72
C40 PTY X . -24.43 14.07 -37.47
C41 PTY X . -23.07 13.43 -37.33
C42 PTY X . -23.08 12.08 -36.65
C43 PTY X . -21.70 11.52 -36.36
C44 PTY X . -21.70 10.47 -35.27
P1 PTY X . -23.75 27.20 -43.26
O11 PTY X . -22.52 28.16 -42.88
O12 PTY X . -24.62 27.89 -44.28
O13 PTY X . -24.36 26.72 -41.97
O14 PTY X . -23.05 25.94 -43.98
N1 PTY X . -23.74 31.70 -43.07
C1B LMT Y . -4.54 37.08 -64.10
C2B LMT Y . -5.73 37.97 -64.45
C3B LMT Y . -7.03 37.20 -64.25
C4B LMT Y . -7.08 35.96 -65.13
C5B LMT Y . -5.70 35.44 -65.57
C6B LMT Y . -5.28 35.96 -66.95
O1B LMT Y . -4.41 37.01 -62.68
O2B LMT Y . -5.72 39.15 -63.62
O3B LMT Y . -8.14 38.05 -64.53
O4' LMT Y . -7.76 34.92 -64.43
O5B LMT Y . -4.68 35.75 -64.61
O6B LMT Y . -5.48 34.94 -67.93
C1' LMT Y . -1.52 35.75 -59.96
C2' LMT Y . -1.22 37.06 -60.70
C3' LMT Y . -2.48 37.59 -61.37
C4' LMT Y . -3.15 36.51 -62.21
C5' LMT Y . -3.36 35.24 -61.38
C6' LMT Y . -3.95 34.10 -62.22
O1' LMT Y . -0.30 35.20 -59.44
O2' LMT Y . -0.71 38.03 -59.78
O3' LMT Y . -2.14 38.72 -62.19
O5' LMT Y . -2.10 34.81 -60.85
O6' LMT Y . -3.88 32.87 -61.49
C1 LMT Y . -0.39 34.67 -58.12
C2 LMT Y . 0.04 33.21 -58.08
C3 LMT Y . 1.01 32.94 -56.93
C4 LMT Y . 0.91 31.50 -56.46
C5 LMT Y . 2.27 30.94 -56.05
C6 LMT Y . 2.17 29.77 -55.07
C7 LMT Y . 1.19 28.68 -55.51
C8 LMT Y . 1.66 27.89 -56.72
C9 LMT Y . 2.59 26.74 -56.32
C10 LMT Y . 1.81 25.50 -55.90
C11 LMT Y . 2.74 24.31 -55.66
C12 LMT Y . 2.47 23.19 -56.64
C1 D12 Z . -18.59 43.53 -18.19
C2 D12 Z . -17.54 43.47 -17.10
C3 D12 Z . -16.61 42.29 -17.22
C4 D12 Z . -15.63 42.15 -16.07
C5 D12 Z . -14.81 40.88 -16.12
C6 D12 Z . -13.91 40.68 -14.91
C7 D12 Z . -13.38 39.27 -14.75
C8 D12 Z . -11.91 39.13 -14.99
C9 D12 Z . -11.43 37.71 -15.17
C10 D12 Z . -9.98 37.48 -14.82
C11 D12 Z . -9.47 36.10 -15.14
C12 D12 Z . -8.05 35.85 -14.66
C1 D12 AA . 6.88 42.45 -11.97
C2 D12 AA . 6.44 43.87 -11.68
C3 D12 AA . 6.08 44.66 -12.91
C4 D12 AA . 5.52 46.04 -12.64
C5 D12 AA . 4.91 46.72 -13.83
C6 D12 AA . 4.78 48.22 -13.69
C7 D12 AA . 3.53 48.81 -14.32
C8 D12 AA . 3.56 50.31 -14.49
C9 D12 AA . 2.22 50.92 -14.81
C10 D12 AA . 2.28 52.18 -15.65
C11 D12 AA . 0.95 52.67 -16.14
C12 D12 AA . 0.04 53.18 -15.06
C1B LMT BA . 27.22 26.51 -29.30
C2B LMT BA . 28.30 25.45 -29.49
C3B LMT BA . 28.98 25.08 -28.18
C4B LMT BA . 28.93 26.24 -27.19
C5B LMT BA . 27.48 26.65 -26.89
C6B LMT BA . 27.39 28.12 -26.51
O1B LMT BA . 26.21 26.38 -30.31
O2B LMT BA . 27.73 24.27 -30.07
O3B LMT BA . 30.34 24.70 -28.42
O4' LMT BA . 29.59 25.86 -25.98
O5B LMT BA . 26.61 26.37 -28.00
O6B LMT BA . 28.39 28.45 -25.54
C1' LMT BA . 25.69 27.51 -34.18
C2' LMT BA . 27.09 27.83 -33.67
C3' LMT BA . 27.34 27.21 -32.29
C4' LMT BA . 26.18 27.40 -31.32
C5' LMT BA . 24.79 27.32 -31.97
C6' LMT BA . 23.73 27.92 -31.05
O1' LMT BA . 25.45 28.13 -35.45
O2' LMT BA . 28.08 27.34 -34.59
O3' LMT BA . 28.53 27.80 -31.77
O5' LMT BA . 24.75 28.01 -33.22
O6' LMT BA . 22.42 27.63 -31.55
C1 LMT BA . 25.82 27.36 -36.60
C2 LMT BA . 24.59 27.09 -37.47
C3 LMT BA . 24.67 27.82 -38.80
C4 LMT BA . 23.43 27.58 -39.65
C5 LMT BA . 23.10 28.77 -40.54
C6 LMT BA . 21.83 28.54 -41.35
C7 LMT BA . 21.43 29.78 -42.13
C8 LMT BA . 21.48 29.56 -43.64
C9 LMT BA . 21.33 30.87 -44.42
C10 LMT BA . 19.92 31.03 -45.00
C11 LMT BA . 19.81 30.43 -46.40
C12 LMT BA . 18.53 30.86 -47.08
C1 PTY CA . -19.34 34.52 -29.94
C2 PTY CA . -20.44 34.90 -37.07
C3 PTY CA . -19.33 34.17 -36.36
O4 PTY CA . -20.77 34.38 -30.12
C5 PTY CA . -17.93 35.43 -31.83
C6 PTY CA . -18.87 35.75 -30.69
O7 PTY CA . -18.24 36.60 -29.68
C8 PTY CA . -17.13 37.29 -30.00
O10 PTY CA . -17.17 38.33 -30.59
C11 PTY CA . -15.83 36.63 -29.55
C12 PTY CA . -16.03 35.39 -28.72
C13 PTY CA . -16.39 35.71 -27.28
C14 PTY CA . -16.99 34.54 -26.53
C15 PTY CA . -16.25 33.24 -26.66
C16 PTY CA . -16.44 32.28 -25.52
C17 PTY CA . -15.19 32.01 -24.71
C18 PTY CA . -14.19 31.09 -25.37
C19 PTY CA . -14.54 29.62 -25.28
C20 PTY CA . -13.47 28.77 -24.61
C21 PTY CA . -13.61 27.29 -24.89
C22 PTY CA . -12.99 26.40 -23.83
C23 PTY CA . -13.12 24.92 -24.11
C24 PTY CA . -13.43 24.09 -22.89
C25 PTY CA . -13.65 22.63 -23.18
C26 PTY CA . -13.48 21.72 -21.99
C27 PTY CA . -13.50 20.24 -22.32
C28 PTY CA . -13.32 19.33 -21.13
C29 PTY CA . -12.10 18.44 -21.23
C30 PTY CA . -21.54 34.76 -29.11
C31 PTY CA . -21.49 33.77 -27.96
O30 PTY CA . -22.18 35.77 -29.11
C32 PTY CA . -21.28 32.35 -28.38
C33 PTY CA . -19.96 31.77 -27.88
C34 PTY CA . -19.58 30.45 -28.51
C35 PTY CA . -18.67 29.60 -27.63
C36 PTY CA . -17.83 28.61 -28.39
C37 PTY CA . -17.23 27.52 -27.54
C38 PTY CA . -17.01 26.21 -28.27
C39 PTY CA . -16.32 25.14 -27.46
C40 PTY CA . -16.27 23.79 -28.12
C41 PTY CA . -16.11 22.64 -27.16
C42 PTY CA . -17.42 22.14 -26.57
C43 PTY CA . -17.28 21.22 -25.39
C44 PTY CA . -18.34 21.40 -24.33
P1 PTY CA . -19.55 35.17 -33.91
O11 PTY CA . -19.69 33.97 -34.96
O12 PTY CA . -18.83 36.32 -34.57
O13 PTY CA . -20.91 35.39 -33.29
O14 PTY CA . -18.59 34.55 -32.78
N1 PTY CA . -20.20 34.97 -38.52
C27 R16 DA . -11.12 15.24 -26.96
C28 R16 DA . -10.32 14.14 -26.29
C29 R16 DA . -10.04 12.96 -27.18
C30 R16 DA . -9.53 11.73 -26.45
C31 R16 DA . -9.17 10.57 -27.34
C32 R16 DA . -8.16 9.63 -26.74
C33 R16 DA . -8.25 8.20 -27.24
C34 R16 DA . -7.29 7.25 -26.54
C35 R16 DA . -6.84 6.10 -27.40
C36 R16 DA . -5.48 5.54 -27.02
C37 R16 DA . -5.11 4.25 -27.72
C38 R16 DA . -5.52 4.18 -29.18
C39 R16 DA . -4.76 3.17 -30.01
C40 R16 DA . -5.10 3.21 -31.47
C41 R16 DA . -4.73 1.98 -32.25
C42 R16 DA . -5.49 1.79 -33.54
CL CL EA . 23.24 -6.89 31.51
C1 EDO FA . 41.56 -0.48 4.13
O1 EDO FA . 42.54 0.54 4.08
C2 EDO FA . 41.96 -1.71 3.39
O2 EDO FA . 40.87 -2.50 2.98
C1 GOL GA . 18.92 -14.71 30.28
O1 GOL GA . 19.27 -13.97 29.11
C2 GOL GA . 17.50 -14.40 30.72
O2 GOL GA . 17.35 -14.72 32.10
C3 GOL GA . 17.08 -12.96 30.48
O3 GOL GA . 16.57 -12.78 29.16
N1 DDQ HA . 1.51 13.38 -15.76
O1 DDQ HA . 1.16 12.26 -14.99
CM1 DDQ HA . 2.64 13.01 -16.66
CM2 DDQ HA . 1.95 14.47 -14.83
C1 DDQ HA . 0.32 13.80 -16.58
C2 DDQ HA . -0.86 14.32 -15.76
C3 DDQ HA . -2.17 14.21 -16.50
C4 DDQ HA . -2.87 15.54 -16.78
C5 DDQ HA . -3.01 15.88 -18.24
C6 DDQ HA . -2.17 17.06 -18.69
C7 DDQ HA . -2.60 17.69 -20.00
C8 DDQ HA . -3.92 18.43 -19.93
C9 DDQ HA . -4.16 19.37 -21.08
C10 DDQ HA . -4.38 20.81 -20.65
C1B LMT IA . 17.43 53.32 -48.51
C2B LMT IA . 16.92 53.55 -49.94
C3B LMT IA . 16.42 54.97 -50.19
C4B LMT IA . 16.06 55.65 -48.88
C5B LMT IA . 17.27 55.71 -47.96
C6B LMT IA . 16.86 55.99 -46.51
O1B LMT IA . 18.37 52.25 -48.46
O2B LMT IA . 17.97 53.25 -50.88
O3B LMT IA . 15.29 54.93 -51.06
O4' LMT IA . 15.58 56.97 -49.14
O5B LMT IA . 18.06 54.51 -48.02
O6B LMT IA . 17.56 57.13 -46.00
C1' LMT IA . 18.40 48.03 -48.55
C2' LMT IA . 17.91 48.74 -49.81
C3' LMT IA . 18.13 50.26 -49.80
C4' LMT IA . 17.84 50.91 -48.46
C5' LMT IA . 18.49 50.09 -47.33
C6' LMT IA . 18.17 50.64 -45.95
O1' LMT IA . 17.83 46.71 -48.47
O2' LMT IA . 18.58 48.22 -50.96
O3' LMT IA . 17.30 50.79 -50.83
O5' LMT IA . 18.01 48.75 -47.38
O6' LMT IA . 18.57 52.01 -45.84
C1 LMT IA . 18.47 45.70 -49.25
C2 LMT IA . 17.57 45.28 -50.42
C3 LMT IA . 17.67 43.79 -50.71
C4 LMT IA . 19.05 43.40 -51.24
C5 LMT IA . 18.98 42.82 -52.66
C6 LMT IA . 18.51 41.37 -52.65
C7 LMT IA . 17.51 41.08 -53.78
C8 LMT IA . 18.14 41.22 -55.16
C9 LMT IA . 18.31 39.87 -55.86
C10 LMT IA . 17.03 39.43 -56.57
C11 LMT IA . 17.28 38.30 -57.55
C12 LMT IA . 16.49 37.05 -57.19
C1 EDO JA . 45.92 -18.06 -3.87
O1 EDO JA . 45.98 -16.68 -3.58
C2 EDO JA . 44.67 -18.45 -4.57
O2 EDO JA . 44.43 -19.85 -4.55
NA NA KA . 4.73 51.31 -38.80
C1 GOL LA . 31.12 1.74 38.58
O1 GOL LA . 31.75 2.77 37.83
C2 GOL LA . 31.90 0.44 38.52
O2 GOL LA . 32.52 0.30 37.25
C3 GOL LA . 31.03 -0.78 38.79
O3 GOL LA . 31.64 -1.67 39.71
C1 EDO MA . 45.38 -20.87 26.85
O1 EDO MA . 45.78 -22.23 26.94
C2 EDO MA . 44.77 -20.36 28.11
O2 EDO MA . 43.56 -19.67 27.88
#